data_8EOE
#
_entry.id   8EOE
#
_cell.length_a   1.00
_cell.length_b   1.00
_cell.length_c   1.00
_cell.angle_alpha   90.00
_cell.angle_beta   90.00
_cell.angle_gamma   90.00
#
_symmetry.space_group_name_H-M   'P 1'
#
loop_
_entity.id
_entity.type
_entity.pdbx_description
1 polymer 'DNA-directed RNA polymerase subunit alpha'
2 polymer 'DNA-directed RNA polymerase subunit beta'
3 polymer "DNA-directed RNA polymerase subunit beta'"
4 polymer 'DNA-directed RNA polymerase subunit omega'
5 polymer 'Transcription termination/antitermination protein NusG'
6 polymer 'DNA (38-MER)'
7 polymer 'DNA (35-MER)'
8 polymer RNA
9 non-polymer 'MAGNESIUM ION'
10 non-polymer 'ZINC ION'
#
loop_
_entity_poly.entity_id
_entity_poly.type
_entity_poly.pdbx_seq_one_letter_code
_entity_poly.pdbx_strand_id
1 'polypeptide(L)'
;MLISQRPTLSEDVLTDNRSQFVIEPLEPGFGYTLGNSLRRTLLSSIPGAAVTSIRIDGVLHEFTTVPGVKEDVTEIILNL
KSLVVSSEEDEPVTMYLRKQGPGEVTAGDIVPPAGVTVHNPGMHIATLNDKGKLEVELVVERGRGYVPAVQNRASGAEIG
RIPVDSIYSPVLKVTYKVDATRVEQRTDFDKLILDVETKNSISPRDALASAGKTLVELFGLARELNVEAEGIEIGPSPAE
ADHIASFALPIDDLDLTVRSYNCLKREGVHTVGELVARTESDLLDIRNFGQKSIDEVKIKLHQLGLSLKDSPPSFDPSEV
AGYDVATGTWSTEGAYDEQDYAETEQL
;
A,B
2 'polypeptide(L)'
;MLEGCILADSRQSKTAASPSPSRPQSSSNNSVPGAPNRVSFAKLREPLEVPGLLDVQTDSFEWLIGSPRWRESAAERGDV
NPVGGLEEVLYELSPIEDFSGSMSLSFSDPRFDDVKAPVDECKDKDMTYAAPLFVTAEFINNNTGEIKSQTVFMGDFPMM
TEKGTFIINGTERVVVSQLVRSPGVYFDETIDKSTDKTLHSVKVIPSRGAWLEFDVDKRDTVGVRIDRKRRQPVTVLLKA
LGWTSEQIVERFGFSEIMRSTLEKDNTVGTDEALLDIYRKLRPGEPPTKESAQTLLENLFFKEKRYDLARVGRYKVNKKL
GLHVGEPITSSTLTEEDVVATIEYLVRLHEGQTTMTVPGGVEVPVETDDIDHFGNRRLRTVGELIQNQIRVGMSRMERVV
RERMTTQDVEAITPQTLINIRPVVAAIKEFFGTSQLSQFMDQNNPLSGLTHKRRLSALGPGGLSRERAGLEVRDVHPSHY
GRMCPIETPEGPNIGLIGSLSVYARVNPFGFIETPYRKVVDGVVSDEIVYLTADEEDRHVVAQANSPIDADGRFVEPRVL
VRRKAGEVEYVPSSEVDYMDVSPRQMVSVATAMIPFLEHDDANRALMGANMQRQAVPLVRSEAPLVGTGMELRAAIDAGD
VVVAEESGVIEEVSADYITVMHDNGTRRTYRMRKFARSNHGTCANQCPIVDAGDRVEAGQVIADGPCTDDGEMALGKNLL
VAIMPWEGHNYEDAIILSNRLVEEDVLTSIHIEEHEIDARDTKLGAEEITRDIPNISDEVLADLDERGIVRIGAEVRDGD
ILVGKVTPKGETELTPEERLLRAIFGEKAREVRDTSLKVPHGESGKVIGIRVFSREDEDELPAGVNELVRVYVAQKRKIS
DGDKLAGRHGNKGVIGKILPVEDMPFLADGTPVDIILNTHGVPRRMNIGQILETHLGWCAHSGWKVDAAKGVPDWAARLP
DELLEAQPNAIVSTPVFDGAQEAELQGLLSCTLPNRDGDVLVDADGKAMLFDGRSGEPFPYPVTVGYMYIMKLHHLVDDK
IHARSTGPYSMITQQPLGGKAQFGGQRFGEMECWAMQAYGAAYTLQELLTIKSDDTVGRVKVYEAIVKGENIPEPGIPES
FKVLLKELQSLCLNVEVLSSDGAAIELREGEDEDLERAAANLGINLSRNESASVEDLA
;
C
3 'polypeptide(L)'
;MLDVNFFDELRIGLATAEDIRQWSYGEVKKPETINYRTLKPEKDGLFCEKIFGPTRDWECYCGKYKRVRFKGIICERCGV
EVTRAKVRRERMGHIELAAPVTHIWYFKGVPSRLGYLLDLAPKDLEKIIYFAAYVITSVDEEMRHNELSTLEAEMAVERK
AVEDQRDGELEARAQKLEADLAELEAEGAKADARRKVRDGGEREMRQIRDRAQRELDRLEDIWSTFTKLAPKQLIVDENL
YRELVDRYGEYFTGAMGAESIQKLIENFDIDAEAESLRDVIRNGKGQKKLRALKRLKVVAAFQQSGNSPMGMVLDAVPVI
PPELRPMVQLDGGRFATSDLNDLYRRVINRNNRLKRLIDLGAPEIIVNNEKRMLQESVDALFDNGRRGRPVTGPGNRPLK
SLSDLLKGKQGRFRQNLLGKRVDYSGRSVIVVGPQLKLHQCGLPKLMALELFKPFVMKRLVDLNHAQNIKSAKRMVERQR
PQVWDVLEEVIAEHPVLLNRAPTLHRLGIQAFEPMLVEGKAIQLHPLVCEAFNADFDGDQMAVHLPLSAEAQAEARILML
SSNNILSPASGRPLAMPRLDMVTGLYYLTTEVPGDTGEYQPASGDHPETGVYSSPAEAIMAADRGVLSVRAKIKVRLTQL
RPPVEIEAELFGHSGWQPGDAWMAETTLGRVMFNELLPLGYPFVNKQMHKKVQAAIINDLAERYPMIVVAQTVDKLKDAG
FYWATRSGVTVSMADVLVPPRKKEILDHYEERADKVEKQFQRGALNHDERNEALVEIWKEATDEVGQALREHYPDDNPII
TIVDSGATGNFTQTRTLAGMKGLVTNPKGEFIPRPVKSSFREGLTVLEYFINTHGARKGLADTALRTADSGYLTRRLVDV
SQDVIVREHDCQTERGIVVELAERAPDGTLIRDPYIETSAYARTLGTDAVDEAGNVIVERGQDLGDPEIDALLAAGITQV
KVRSVLTCATSTGVCATCYGRSMATGKLVDIGEAVGIVAAQSIGEPGTQLTMRTFHQGGVGEDITGGLPRVQELFEARVP
RGKAPIADVTGRVRLEDGERFYKITIVPDDGGEEVVYDKISKRQRLRVFKHEDGSERVLSDGDHVEVGQQLMEGSADPHE
VLRVQGPREVQIHLVREVQEVYRAQGVSIHDKHIEVIVRQMLRRVTIIDSGSTEFLPGSLIDRAEFEAENRRVVAEGGEP
AAGRPVLMGITKASLATDSWLSAASFQETTRVLTDAAINCRSDKLNGLKENVIIGKLIPAGTGINRYRNIAVQPTEEARA
AAYTIPSYEDQYYSPDFGAATGAAVPLDDYGYSDYR
;
D
4 'polypeptide(L)'
;MSISQSDASLAAVPAVDQFDPSSGASGGYDTPLGITNPPIDELLDRVSSKYALVIYAAKRARQINDYYNQLGEGILEYVG
PLVEPGLQEKPLSIALREIHADLLEHTEGE
;
E
5 'polypeptide(L)'
;MEKNWYVVHTYSGYENKVKANLEKRVESMGMQDKIFRVVVPEEEETDIKNGKKKVVKKKVFPGYVLVEIVMTDDSWYVVR
NTPGVTGFVGSAGSGSKPTPLLPGEAETILKRMGMDERKTDIDFELKETVKVIDGPFANFTGSIEEIDYDKSKVKVFVNM
FGRETPVELEFTQIDKL
;
G
6 'polydeoxyribonucleotide'
;(DC)(DG)(DG)(DC)(DA)(DG)(DT)(DC)(DG)(DC)(DC)(DG)(DT)(DC)(DT)(DA)(DC)(DC)(DT)(DC)
(DT)(DC)(DC)(DA)(DA)(DG)(DA)(DG)(DC)(DA)(DG)(DC)(DA)(DT)(DG)(DC)(DG)(DC)(DC)(DC)
;
T
7 'polydeoxyribonucleotide'
;(DG)(DG)(DG)(DC)(DG)(DC)(DA)(DT)(DG)(DC)(DT)(DG)(DC)(DT)(DC)(DT)(DT)(DC)(DA)(DA)
(DA)(DG)(DC)(DC)(DA)(DT)(DC)(DA)(DC)(DG)(DG)(DC)(DG)(DA)(DC)(DT)(DG)(DC)(DC)(DG)
;
N
8 'polyribonucleotide' UCCGAAGCUUCGGCUUCGGCAGGAGAGGUA R
#
loop_
_chem_comp.id
_chem_comp.type
_chem_comp.name
_chem_comp.formula
A RNA linking ADENOSINE-5'-MONOPHOSPHATE 'C10 H14 N5 O7 P'
C RNA linking CYTIDINE-5'-MONOPHOSPHATE 'C9 H14 N3 O8 P'
DA DNA linking 2'-DEOXYADENOSINE-5'-MONOPHOSPHATE 'C10 H14 N5 O6 P'
DC DNA linking 2'-DEOXYCYTIDINE-5'-MONOPHOSPHATE 'C9 H14 N3 O7 P'
DG DNA linking 2'-DEOXYGUANOSINE-5'-MONOPHOSPHATE 'C10 H14 N5 O7 P'
DT DNA linking THYMIDINE-5'-MONOPHOSPHATE 'C10 H15 N2 O8 P'
G RNA linking GUANOSINE-5'-MONOPHOSPHATE 'C10 H14 N5 O8 P'
MG non-polymer 'MAGNESIUM ION' 'Mg 2'
U RNA linking URIDINE-5'-MONOPHOSPHATE 'C9 H13 N2 O9 P'
ZN non-polymer 'ZINC ION' 'Zn 2'
#
# COMPACT_ATOMS: atom_id res chain seq x y z
N MET A 1 -38.72 11.02 -58.74
CA MET A 1 -39.77 11.95 -58.31
C MET A 1 -39.32 12.73 -57.09
N LEU A 2 -39.33 14.06 -57.22
CA LEU A 2 -38.94 14.97 -56.15
C LEU A 2 -40.18 15.63 -55.57
N ILE A 3 -40.27 15.67 -54.24
CA ILE A 3 -41.41 16.30 -53.59
C ILE A 3 -41.25 17.82 -53.62
N SER A 4 -42.35 18.52 -53.39
CA SER A 4 -42.35 19.97 -53.30
C SER A 4 -43.00 20.53 -52.05
N GLN A 5 -43.90 19.79 -51.40
CA GLN A 5 -44.57 20.26 -50.19
C GLN A 5 -43.59 20.78 -49.14
N ARG A 6 -43.58 22.09 -48.94
CA ARG A 6 -42.68 22.68 -47.96
C ARG A 6 -43.17 22.34 -46.55
N PRO A 7 -42.26 22.00 -45.64
CA PRO A 7 -42.67 21.74 -44.25
C PRO A 7 -43.54 22.86 -43.69
N THR A 8 -44.54 22.47 -42.89
CA THR A 8 -45.47 23.39 -42.28
C THR A 8 -45.60 23.09 -40.79
N LEU A 9 -45.64 24.13 -39.98
CA LEU A 9 -45.75 23.99 -38.54
C LEU A 9 -47.21 24.18 -38.10
N SER A 10 -47.54 23.58 -36.96
CA SER A 10 -48.90 23.63 -36.42
C SER A 10 -48.85 23.27 -34.95
N GLU A 11 -49.51 24.05 -34.11
CA GLU A 11 -49.46 23.87 -32.67
C GLU A 11 -50.80 23.41 -32.12
N ASP A 12 -50.74 22.72 -30.98
CA ASP A 12 -51.93 22.34 -30.22
C ASP A 12 -51.61 22.53 -28.74
N VAL A 13 -52.57 23.07 -28.01
CA VAL A 13 -52.38 23.43 -26.60
C VAL A 13 -53.12 22.43 -25.72
N LEU A 14 -52.37 21.75 -24.85
CA LEU A 14 -52.94 20.80 -23.90
C LEU A 14 -53.15 21.41 -22.52
N THR A 15 -52.37 22.42 -22.18
CA THR A 15 -52.47 23.16 -20.92
C THR A 15 -51.94 24.57 -21.19
N ASP A 16 -51.49 25.25 -20.12
CA ASP A 16 -50.85 26.54 -20.26
C ASP A 16 -49.34 26.45 -20.07
N ASN A 17 -48.83 25.26 -19.77
CA ASN A 17 -47.40 25.02 -19.66
C ASN A 17 -46.87 24.02 -20.70
N ARG A 18 -47.73 23.16 -21.23
CA ARG A 18 -47.32 22.13 -22.19
C ARG A 18 -47.99 22.39 -23.54
N SER A 19 -47.25 22.11 -24.61
CA SER A 19 -47.76 22.29 -25.97
C SER A 19 -47.05 21.31 -26.89
N GLN A 20 -47.69 21.02 -28.02
CA GLN A 20 -47.12 20.14 -29.03
C GLN A 20 -47.10 20.84 -30.38
N PHE A 21 -46.09 20.49 -31.19
CA PHE A 21 -45.88 21.10 -32.50
C PHE A 21 -45.59 20.01 -33.51
N VAL A 22 -46.32 20.00 -34.62
CA VAL A 22 -46.15 19.02 -35.68
C VAL A 22 -45.46 19.70 -36.87
N ILE A 23 -44.45 19.04 -37.44
CA ILE A 23 -43.73 19.59 -38.58
C ILE A 23 -43.61 18.56 -39.70
N GLU A 24 -44.64 18.43 -40.52
CA GLU A 24 -44.65 17.54 -41.67
C GLU A 24 -44.55 18.32 -42.97
N PRO A 25 -44.17 17.68 -44.09
CA PRO A 25 -43.53 16.38 -44.29
C PRO A 25 -42.03 16.44 -44.57
N LEU A 26 -41.21 15.97 -43.63
CA LEU A 26 -39.78 16.02 -43.79
C LEU A 26 -39.29 14.90 -44.69
N GLU A 27 -37.99 14.89 -45.00
CA GLU A 27 -37.45 13.93 -45.94
C GLU A 27 -37.01 12.67 -45.21
N PRO A 28 -37.19 11.48 -45.82
CA PRO A 28 -36.85 10.22 -45.13
C PRO A 28 -35.47 10.24 -44.48
N GLY A 29 -35.44 10.33 -43.16
CA GLY A 29 -34.19 10.34 -42.41
C GLY A 29 -34.05 11.58 -41.58
N PHE A 30 -34.44 12.72 -42.17
CA PHE A 30 -34.33 14.03 -41.52
C PHE A 30 -35.51 14.26 -40.59
N GLY A 31 -35.59 13.43 -39.55
CA GLY A 31 -36.66 13.57 -38.57
C GLY A 31 -36.19 13.54 -37.13
N TYR A 32 -35.00 13.00 -36.89
CA TYR A 32 -34.44 12.93 -35.54
C TYR A 32 -33.39 13.99 -35.28
N THR A 33 -32.70 14.43 -36.33
CA THR A 33 -31.67 15.45 -36.14
C THR A 33 -32.27 16.84 -35.96
N LEU A 34 -33.45 17.09 -36.53
CA LEU A 34 -34.10 18.38 -36.27
C LEU A 34 -34.68 18.41 -34.87
N GLY A 35 -35.22 17.27 -34.42
CA GLY A 35 -35.71 17.18 -33.06
C GLY A 35 -34.61 17.37 -32.05
N ASN A 36 -33.45 16.76 -32.30
CA ASN A 36 -32.35 16.91 -31.34
C ASN A 36 -31.71 18.29 -31.43
N SER A 37 -31.67 18.90 -32.63
CA SER A 37 -31.18 20.28 -32.72
C SER A 37 -32.05 21.22 -31.89
N LEU A 38 -33.36 20.98 -31.88
CA LEU A 38 -34.21 21.89 -31.13
C LEU A 38 -34.24 21.54 -29.66
N ARG A 39 -34.09 20.27 -29.29
CA ARG A 39 -34.02 19.98 -27.87
C ARG A 39 -32.71 20.47 -27.29
N ARG A 40 -31.62 20.45 -28.07
CA ARG A 40 -30.33 20.91 -27.59
C ARG A 40 -30.21 22.42 -27.62
N THR A 41 -31.11 23.11 -28.33
CA THR A 41 -31.12 24.56 -28.30
C THR A 41 -32.16 25.10 -27.34
N LEU A 42 -33.15 24.30 -26.96
CA LEU A 42 -34.20 24.73 -26.06
C LEU A 42 -33.83 24.53 -24.59
N LEU A 43 -32.86 23.69 -24.29
CA LEU A 43 -32.49 23.40 -22.92
C LEU A 43 -31.10 23.93 -22.55
N SER A 44 -30.70 25.06 -23.14
CA SER A 44 -29.37 25.59 -22.84
C SER A 44 -29.31 27.11 -23.00
N SER A 45 -29.78 27.62 -24.14
CA SER A 45 -29.60 29.02 -24.49
C SER A 45 -30.90 29.82 -24.54
N ILE A 46 -31.72 29.75 -23.50
CA ILE A 46 -32.93 30.55 -23.43
C ILE A 46 -32.78 31.53 -22.26
N PRO A 47 -32.85 32.83 -22.51
CA PRO A 47 -32.63 33.81 -21.44
C PRO A 47 -33.81 33.90 -20.47
N GLY A 48 -33.50 34.33 -19.26
CA GLY A 48 -34.51 34.44 -18.22
C GLY A 48 -34.00 35.34 -17.10
N ALA A 49 -34.53 35.13 -15.90
CA ALA A 49 -34.15 35.93 -14.74
C ALA A 49 -34.08 35.04 -13.52
N ALA A 50 -33.20 35.41 -12.58
CA ALA A 50 -33.07 34.67 -11.34
C ALA A 50 -32.48 35.55 -10.25
N VAL A 51 -32.77 35.19 -9.01
CA VAL A 51 -32.23 35.89 -7.85
C VAL A 51 -30.75 35.58 -7.72
N THR A 52 -29.95 36.57 -7.29
CA THR A 52 -28.51 36.40 -7.22
C THR A 52 -27.86 36.78 -5.90
N SER A 53 -28.62 37.33 -4.95
CA SER A 53 -28.06 37.65 -3.63
C SER A 53 -29.19 38.00 -2.67
N ILE A 54 -28.98 37.71 -1.39
CA ILE A 54 -29.94 38.01 -0.35
C ILE A 54 -29.21 38.81 0.72
N ARG A 55 -29.99 39.49 1.58
CA ARG A 55 -29.39 40.26 2.67
C ARG A 55 -30.36 40.32 3.84
N ILE A 56 -30.24 39.37 4.76
CA ILE A 56 -31.04 39.42 5.99
C ILE A 56 -30.38 40.41 6.95
N ASP A 57 -31.16 40.96 7.87
CA ASP A 57 -30.64 41.97 8.81
C ASP A 57 -30.43 41.32 10.18
N GLY A 58 -29.17 41.17 10.55
CA GLY A 58 -28.76 40.50 11.77
C GLY A 58 -27.82 39.34 11.50
N VAL A 59 -27.83 38.81 10.29
CA VAL A 59 -26.99 37.70 9.89
C VAL A 59 -25.80 38.24 9.12
N LEU A 60 -24.71 37.49 9.11
CA LEU A 60 -23.51 37.91 8.40
C LEU A 60 -23.03 36.87 7.40
N HIS A 61 -23.10 35.58 7.76
CA HIS A 61 -22.76 34.47 6.89
C HIS A 61 -23.98 33.56 6.73
N GLU A 62 -23.80 32.45 6.02
CA GLU A 62 -24.87 31.50 5.76
C GLU A 62 -24.81 30.29 6.68
N PHE A 63 -23.91 30.30 7.66
CA PHE A 63 -23.75 29.18 8.58
C PHE A 63 -24.19 29.55 9.98
N THR A 64 -25.41 30.07 10.11
CA THR A 64 -25.91 30.54 11.40
C THR A 64 -27.43 30.36 11.43
N THR A 65 -28.04 30.70 12.57
CA THR A 65 -29.48 30.58 12.78
C THR A 65 -30.03 31.91 13.25
N VAL A 66 -31.21 32.26 12.76
CA VAL A 66 -31.89 33.49 13.17
C VAL A 66 -32.79 33.18 14.36
N PRO A 67 -33.07 34.15 15.25
CA PRO A 67 -33.90 33.85 16.43
C PRO A 67 -35.39 33.99 16.15
N GLY A 68 -36.11 32.88 16.25
CA GLY A 68 -37.55 32.86 16.00
C GLY A 68 -37.96 32.13 14.75
N VAL A 69 -37.01 31.63 13.97
CA VAL A 69 -37.29 30.86 12.76
C VAL A 69 -36.84 29.43 13.01
N LYS A 70 -37.59 28.48 12.47
CA LYS A 70 -37.35 27.07 12.76
C LYS A 70 -36.33 26.45 11.80
N GLU A 71 -35.74 27.26 10.94
CA GLU A 71 -34.72 26.81 10.01
C GLU A 71 -33.50 27.73 10.10
N ASP A 72 -32.36 27.22 9.64
CA ASP A 72 -31.15 28.04 9.59
C ASP A 72 -31.17 28.83 8.28
N VAL A 73 -30.07 29.53 7.99
CA VAL A 73 -30.06 30.32 6.76
C VAL A 73 -29.82 29.45 5.54
N THR A 74 -29.25 28.26 5.71
CA THR A 74 -28.96 27.43 4.55
C THR A 74 -30.20 26.72 4.05
N GLU A 75 -31.24 26.64 4.88
CA GLU A 75 -32.50 26.04 4.43
C GLU A 75 -33.42 27.09 3.84
N ILE A 76 -33.39 28.32 4.37
CA ILE A 76 -34.06 29.41 3.68
C ILE A 76 -33.42 29.60 2.31
N ILE A 77 -32.11 29.36 2.21
CA ILE A 77 -31.43 29.51 0.93
C ILE A 77 -31.82 28.37 -0.01
N LEU A 78 -31.86 27.14 0.50
CA LEU A 78 -32.23 26.01 -0.35
C LEU A 78 -33.73 25.94 -0.62
N ASN A 79 -34.53 26.80 0.02
CA ASN A 79 -35.95 26.92 -0.25
C ASN A 79 -36.26 28.15 -1.09
N LEU A 80 -35.31 29.06 -1.24
CA LEU A 80 -35.46 30.20 -2.13
C LEU A 80 -34.86 29.94 -3.51
N LYS A 81 -34.61 28.67 -3.84
CA LYS A 81 -34.06 28.28 -5.14
C LYS A 81 -35.13 27.80 -6.09
N SER A 82 -36.37 27.68 -5.63
CA SER A 82 -37.49 27.24 -6.46
C SER A 82 -38.51 28.36 -6.65
N LEU A 83 -38.03 29.60 -6.73
CA LEU A 83 -38.87 30.77 -6.95
C LEU A 83 -38.78 31.17 -8.42
N VAL A 84 -39.93 31.21 -9.08
CA VAL A 84 -39.98 31.55 -10.50
C VAL A 84 -40.25 33.03 -10.64
N VAL A 85 -39.22 33.80 -11.00
CA VAL A 85 -39.31 35.24 -11.10
C VAL A 85 -39.24 35.64 -12.57
N SER A 86 -39.64 36.87 -12.86
CA SER A 86 -39.57 37.43 -14.20
C SER A 86 -39.10 38.87 -14.10
N SER A 87 -38.60 39.39 -15.23
CA SER A 87 -38.03 40.73 -15.23
C SER A 87 -38.12 41.31 -16.64
N GLU A 88 -38.04 42.64 -16.71
CA GLU A 88 -38.05 43.34 -17.99
C GLU A 88 -36.92 44.35 -18.14
N GLU A 89 -36.13 44.62 -17.11
CA GLU A 89 -35.09 45.63 -17.14
C GLU A 89 -33.73 44.96 -17.00
N ASP A 90 -32.73 45.51 -17.69
CA ASP A 90 -31.38 44.98 -17.65
C ASP A 90 -30.56 45.75 -16.62
N GLU A 91 -30.89 45.49 -15.36
CA GLU A 91 -30.22 46.08 -14.20
C GLU A 91 -30.74 45.41 -12.94
N PRO A 92 -29.91 45.24 -11.91
CA PRO A 92 -30.38 44.59 -10.69
C PRO A 92 -31.55 45.34 -10.08
N VAL A 93 -32.55 44.59 -9.62
CA VAL A 93 -33.72 45.14 -8.94
C VAL A 93 -33.84 44.49 -7.57
N THR A 94 -34.10 45.31 -6.55
CA THR A 94 -34.14 44.87 -5.17
C THR A 94 -35.59 44.67 -4.73
N MET A 95 -35.92 43.46 -4.29
CA MET A 95 -37.24 43.17 -3.75
C MET A 95 -37.20 43.31 -2.23
N TYR A 96 -38.31 43.03 -1.56
CA TYR A 96 -38.38 43.24 -0.11
C TYR A 96 -39.42 42.31 0.49
N LEU A 97 -38.99 41.49 1.44
CA LEU A 97 -39.87 40.63 2.23
C LEU A 97 -39.75 41.04 3.68
N ARG A 98 -40.86 41.49 4.28
CA ARG A 98 -40.87 41.91 5.67
C ARG A 98 -42.11 41.34 6.35
N LYS A 99 -41.94 40.24 7.07
CA LYS A 99 -43.02 39.58 7.79
C LYS A 99 -42.63 39.37 9.23
N GLN A 100 -43.63 39.36 10.11
CA GLN A 100 -43.39 39.22 11.54
C GLN A 100 -44.60 38.53 12.17
N GLY A 101 -44.38 37.96 13.35
CA GLY A 101 -45.47 37.39 14.11
C GLY A 101 -45.77 35.96 13.72
N PRO A 102 -46.60 35.29 14.52
CA PRO A 102 -46.90 33.87 14.24
C PRO A 102 -47.47 33.68 12.84
N GLY A 103 -46.95 32.67 12.15
CA GLY A 103 -47.46 32.35 10.84
C GLY A 103 -46.45 31.54 10.04
N GLU A 104 -46.57 31.63 8.73
CA GLU A 104 -45.72 30.89 7.80
C GLU A 104 -45.35 31.80 6.65
N VAL A 105 -44.05 31.97 6.42
CA VAL A 105 -43.58 32.91 5.40
C VAL A 105 -43.70 32.23 4.04
N THR A 106 -44.40 32.88 3.12
CA THR A 106 -44.64 32.38 1.78
C THR A 106 -44.04 33.37 0.79
N ALA A 107 -44.30 33.14 -0.49
CA ALA A 107 -43.74 33.98 -1.53
C ALA A 107 -44.69 35.10 -1.94
N GLY A 108 -45.90 35.12 -1.40
CA GLY A 108 -46.82 36.20 -1.65
C GLY A 108 -46.63 37.42 -0.79
N ASP A 109 -45.61 37.43 0.06
CA ASP A 109 -45.32 38.56 0.94
C ASP A 109 -44.13 39.36 0.45
N ILE A 110 -43.68 39.12 -0.78
CA ILE A 110 -42.57 39.84 -1.39
C ILE A 110 -43.20 40.92 -2.27
N VAL A 111 -43.21 42.15 -1.78
CA VAL A 111 -43.69 43.28 -2.57
C VAL A 111 -42.72 43.49 -3.72
N PRO A 112 -43.16 43.30 -4.97
CA PRO A 112 -42.24 43.40 -6.11
C PRO A 112 -42.08 44.84 -6.56
N PRO A 113 -41.03 45.13 -7.31
CA PRO A 113 -40.88 46.45 -7.92
C PRO A 113 -41.89 46.66 -9.04
N ALA A 114 -41.56 47.50 -10.02
CA ALA A 114 -42.44 47.72 -11.16
C ALA A 114 -41.67 47.26 -12.40
N GLY A 115 -41.89 46.00 -12.77
CA GLY A 115 -41.19 45.36 -13.87
C GLY A 115 -40.82 43.94 -13.51
N VAL A 116 -41.11 43.54 -12.27
CA VAL A 116 -40.83 42.21 -11.76
C VAL A 116 -42.14 41.59 -11.30
N THR A 117 -42.35 40.32 -11.61
CA THR A 117 -43.57 39.63 -11.22
C THR A 117 -43.24 38.22 -10.76
N VAL A 118 -43.57 37.91 -9.50
CA VAL A 118 -43.37 36.57 -8.96
C VAL A 118 -44.50 35.68 -9.45
N HIS A 119 -44.14 34.50 -9.98
CA HIS A 119 -45.12 33.60 -10.57
C HIS A 119 -45.44 32.40 -9.69
N ASN A 120 -45.04 32.41 -8.42
CA ASN A 120 -45.31 31.31 -7.51
C ASN A 120 -45.75 31.87 -6.16
N PRO A 121 -46.99 32.32 -6.04
CA PRO A 121 -47.46 32.95 -4.80
C PRO A 121 -48.02 31.93 -3.81
N GLY A 122 -47.26 30.86 -3.57
CA GLY A 122 -47.72 29.82 -2.67
C GLY A 122 -46.65 28.81 -2.30
N MET A 123 -45.39 29.21 -2.36
CA MET A 123 -44.31 28.34 -1.93
C MET A 123 -43.95 28.62 -0.48
N HIS A 124 -43.09 27.78 0.08
CA HIS A 124 -42.70 27.89 1.48
C HIS A 124 -41.33 28.54 1.58
N ILE A 125 -41.16 29.40 2.59
CA ILE A 125 -39.85 30.00 2.86
C ILE A 125 -39.42 29.83 4.30
N ALA A 126 -40.32 29.63 5.26
CA ALA A 126 -40.01 29.42 6.68
C ALA A 126 -41.26 29.38 7.52
N THR A 127 -41.11 29.02 8.80
CA THR A 127 -42.19 29.01 9.77
C THR A 127 -41.78 29.88 10.95
N LEU A 128 -42.69 30.75 11.40
CA LEU A 128 -42.39 31.71 12.44
C LEU A 128 -43.26 31.46 13.68
N ASN A 129 -42.62 31.45 14.84
CA ASN A 129 -43.33 31.46 16.12
C ASN A 129 -43.39 32.91 16.59
N ASP A 130 -44.06 33.15 17.71
CA ASP A 130 -44.26 34.53 18.16
C ASP A 130 -43.03 35.07 18.87
N LYS A 131 -41.91 35.06 18.13
CA LYS A 131 -40.66 35.58 18.69
C LYS A 131 -39.63 35.93 17.62
N GLY A 132 -40.02 36.09 16.35
CA GLY A 132 -39.05 36.31 15.30
C GLY A 132 -39.65 37.01 14.10
N LYS A 133 -38.81 37.77 13.40
CA LYS A 133 -39.20 38.47 12.18
C LYS A 133 -38.14 38.22 11.11
N LEU A 134 -38.58 38.13 9.86
CA LEU A 134 -37.72 37.88 8.72
C LEU A 134 -37.72 39.08 7.78
N GLU A 135 -36.58 39.76 7.67
CA GLU A 135 -36.40 40.92 6.78
C GLU A 135 -35.35 40.58 5.72
N VAL A 136 -35.80 40.23 4.52
CA VAL A 136 -34.90 39.81 3.44
C VAL A 136 -34.93 40.85 2.33
N GLU A 137 -33.80 40.97 1.62
CA GLU A 137 -33.68 41.85 0.45
C GLU A 137 -33.09 41.08 -0.73
N LEU A 138 -33.95 40.57 -1.60
CA LEU A 138 -33.52 39.78 -2.75
C LEU A 138 -33.20 40.67 -3.95
N VAL A 139 -32.11 40.35 -4.64
CA VAL A 139 -31.66 41.09 -5.82
C VAL A 139 -31.89 40.22 -7.05
N VAL A 140 -32.65 40.73 -8.01
CA VAL A 140 -33.02 39.99 -9.22
C VAL A 140 -32.21 40.52 -10.39
N GLU A 141 -31.74 39.61 -11.25
CA GLU A 141 -30.97 39.96 -12.44
C GLU A 141 -31.34 39.02 -13.57
N ARG A 142 -30.93 39.38 -14.79
CA ARG A 142 -31.22 38.61 -15.98
C ARG A 142 -29.92 38.01 -16.53
N GLY A 143 -30.08 36.97 -17.35
CA GLY A 143 -28.91 36.28 -17.87
C GLY A 143 -29.31 35.04 -18.64
N ARG A 144 -28.34 34.13 -18.79
CA ARG A 144 -28.52 32.93 -19.59
C ARG A 144 -27.68 31.79 -19.03
N GLY A 145 -28.31 30.67 -18.74
CA GLY A 145 -27.57 29.48 -18.36
C GLY A 145 -27.54 29.21 -16.87
N TYR A 146 -26.38 28.81 -16.36
CA TYR A 146 -26.16 28.59 -14.94
C TYR A 146 -24.81 29.17 -14.60
N VAL A 147 -24.80 30.25 -13.83
CA VAL A 147 -23.57 30.88 -13.35
C VAL A 147 -23.42 30.57 -11.86
N PRO A 148 -22.26 30.08 -11.43
CA PRO A 148 -22.06 29.81 -10.00
C PRO A 148 -22.04 31.08 -9.17
N ALA A 149 -21.81 30.93 -7.87
CA ALA A 149 -21.89 32.06 -6.96
C ALA A 149 -20.78 33.06 -7.26
N VAL A 150 -21.17 34.32 -7.47
CA VAL A 150 -20.22 35.41 -7.66
C VAL A 150 -19.64 35.77 -6.30
N GLN A 151 -18.34 35.49 -6.11
CA GLN A 151 -17.68 35.65 -4.82
C GLN A 151 -17.87 37.04 -4.24
N ASN A 152 -17.63 37.17 -2.93
CA ASN A 152 -17.92 38.43 -2.24
C ASN A 152 -16.79 39.43 -2.44
N ARG A 153 -15.64 39.19 -1.81
CA ARG A 153 -14.54 40.14 -1.84
C ARG A 153 -13.83 40.16 -3.19
N ALA A 154 -14.48 39.63 -4.22
CA ALA A 154 -13.97 39.72 -5.59
C ALA A 154 -14.91 40.53 -6.47
N SER A 155 -15.81 41.30 -5.86
CA SER A 155 -16.76 42.13 -6.58
C SER A 155 -16.95 43.49 -5.95
N GLY A 156 -16.21 43.82 -4.90
CA GLY A 156 -16.39 45.07 -4.18
C GLY A 156 -17.72 45.17 -3.46
N ALA A 157 -17.93 44.30 -2.48
CA ALA A 157 -19.13 44.29 -1.67
C ALA A 157 -18.74 44.35 -0.20
N GLU A 158 -19.76 44.45 0.66
CA GLU A 158 -19.52 44.62 2.09
C GLU A 158 -19.41 43.26 2.77
N ILE A 159 -19.93 43.12 3.99
CA ILE A 159 -19.70 41.92 4.77
C ILE A 159 -21.01 41.29 5.22
N GLY A 160 -22.13 41.78 4.69
CA GLY A 160 -23.43 41.21 5.02
C GLY A 160 -24.10 40.54 3.83
N ARG A 161 -23.56 40.73 2.64
CA ARG A 161 -24.17 40.21 1.42
C ARG A 161 -23.82 38.73 1.25
N ILE A 162 -24.83 37.93 0.94
CA ILE A 162 -24.69 36.49 0.79
C ILE A 162 -24.95 36.16 -0.69
N PRO A 163 -23.91 35.83 -1.47
CA PRO A 163 -24.13 35.45 -2.86
C PRO A 163 -24.92 34.14 -2.96
N VAL A 164 -25.58 33.96 -4.10
CA VAL A 164 -26.46 32.82 -4.32
C VAL A 164 -26.29 32.34 -5.76
N ASP A 165 -26.50 31.04 -5.96
CA ASP A 165 -26.44 30.45 -7.30
C ASP A 165 -27.71 30.78 -8.08
N SER A 166 -27.54 31.07 -9.37
CA SER A 166 -28.64 31.51 -10.22
C SER A 166 -28.78 30.59 -11.42
N ILE A 167 -29.98 30.04 -11.59
CA ILE A 167 -30.35 29.23 -12.75
C ILE A 167 -31.35 30.03 -13.58
N TYR A 168 -31.01 30.29 -14.85
CA TYR A 168 -31.79 31.19 -15.68
C TYR A 168 -32.59 30.47 -16.76
N SER A 169 -32.86 29.17 -16.59
CA SER A 169 -33.55 28.50 -17.69
C SER A 169 -35.04 28.45 -17.42
N PRO A 170 -35.88 28.94 -18.33
CA PRO A 170 -37.33 28.84 -18.15
C PRO A 170 -37.97 27.58 -18.71
N VAL A 171 -37.20 26.52 -18.93
CA VAL A 171 -37.72 25.31 -19.57
C VAL A 171 -37.47 24.12 -18.65
N LEU A 172 -38.40 23.17 -18.67
CA LEU A 172 -38.41 22.03 -17.74
C LEU A 172 -38.12 20.70 -18.41
N LYS A 173 -38.85 20.33 -19.45
CA LYS A 173 -38.68 19.04 -20.09
C LYS A 173 -39.07 19.14 -21.56
N VAL A 174 -38.29 18.50 -22.42
CA VAL A 174 -38.50 18.52 -23.86
C VAL A 174 -38.24 17.12 -24.42
N THR A 175 -39.16 16.63 -25.25
CA THR A 175 -39.00 15.32 -25.90
C THR A 175 -39.61 15.40 -27.29
N TYR A 176 -39.39 14.35 -28.08
CA TYR A 176 -39.92 14.30 -29.44
C TYR A 176 -40.25 12.86 -29.81
N LYS A 177 -41.04 12.72 -30.87
CA LYS A 177 -41.40 11.41 -31.39
C LYS A 177 -41.64 11.52 -32.89
N VAL A 178 -41.09 10.58 -33.66
CA VAL A 178 -41.20 10.57 -35.11
C VAL A 178 -42.13 9.44 -35.54
N ASP A 179 -43.03 9.74 -36.47
CA ASP A 179 -43.93 8.75 -37.07
C ASP A 179 -43.54 8.57 -38.54
N ALA A 180 -42.80 7.52 -38.83
CA ALA A 180 -42.27 7.30 -40.16
C ALA A 180 -43.34 6.71 -41.08
N THR A 181 -43.25 7.08 -42.36
CA THR A 181 -44.15 6.59 -43.41
C THR A 181 -43.31 5.86 -44.45
N ARG A 182 -43.14 4.55 -44.25
CA ARG A 182 -42.30 3.72 -45.11
C ARG A 182 -43.23 2.85 -45.95
N VAL A 183 -43.73 3.43 -47.03
CA VAL A 183 -44.59 2.72 -47.98
C VAL A 183 -43.74 2.32 -49.18
N GLU A 184 -44.37 1.63 -50.13
CA GLU A 184 -43.68 1.32 -51.38
C GLU A 184 -43.81 2.49 -52.34
N GLN A 185 -43.64 2.24 -53.64
CA GLN A 185 -43.65 3.27 -54.69
C GLN A 185 -42.77 4.46 -54.32
N ARG A 186 -41.73 4.20 -53.53
CA ARG A 186 -40.77 5.19 -53.03
C ARG A 186 -41.35 6.59 -52.86
N THR A 187 -42.39 6.72 -52.04
CA THR A 187 -42.96 8.02 -51.68
C THR A 187 -42.97 8.09 -50.15
N ASP A 188 -41.80 8.35 -49.59
CA ASP A 188 -41.57 8.35 -48.15
C ASP A 188 -41.40 9.76 -47.63
N PHE A 189 -41.70 9.93 -46.35
CA PHE A 189 -41.57 11.21 -45.66
C PHE A 189 -41.53 10.92 -44.16
N ASP A 190 -41.59 11.98 -43.36
CA ASP A 190 -41.48 11.84 -41.92
C ASP A 190 -42.48 12.80 -41.26
N LYS A 191 -42.43 12.87 -39.94
CA LYS A 191 -43.32 13.74 -39.17
C LYS A 191 -42.83 13.84 -37.74
N LEU A 192 -42.49 15.04 -37.29
CA LEU A 192 -41.94 15.26 -35.96
C LEU A 192 -43.01 15.89 -35.07
N ILE A 193 -43.10 15.40 -33.83
CA ILE A 193 -44.06 15.92 -32.85
C ILE A 193 -43.28 16.34 -31.62
N LEU A 194 -42.91 17.62 -31.54
CA LEU A 194 -42.17 18.14 -30.39
C LEU A 194 -43.10 18.46 -29.23
N ASP A 195 -42.61 18.25 -28.01
CA ASP A 195 -43.34 18.61 -26.80
C ASP A 195 -42.45 19.45 -25.91
N VAL A 196 -42.91 20.65 -25.56
CA VAL A 196 -42.14 21.61 -24.78
C VAL A 196 -42.93 21.95 -23.53
N GLU A 197 -42.33 21.73 -22.36
CA GLU A 197 -42.93 22.09 -21.07
C GLU A 197 -42.08 23.15 -20.39
N THR A 198 -42.64 24.35 -20.21
CA THR A 198 -41.94 25.46 -19.59
C THR A 198 -42.44 25.65 -18.16
N LYS A 199 -41.64 26.34 -17.35
CA LYS A 199 -41.99 26.45 -15.94
C LYS A 199 -43.25 27.29 -15.73
N ASN A 200 -43.13 28.62 -15.73
CA ASN A 200 -44.30 29.48 -15.73
C ASN A 200 -43.99 30.89 -16.22
N SER A 201 -42.74 31.14 -16.62
CA SER A 201 -42.33 32.48 -17.03
C SER A 201 -42.44 32.72 -18.52
N ILE A 202 -42.34 31.68 -19.33
CA ILE A 202 -42.33 31.82 -20.78
C ILE A 202 -43.32 30.82 -21.38
N SER A 203 -44.15 31.29 -22.30
CA SER A 203 -45.15 30.43 -22.91
C SER A 203 -44.44 29.44 -23.83
N PRO A 204 -45.00 28.23 -23.99
CA PRO A 204 -44.31 27.20 -24.79
C PRO A 204 -44.04 27.61 -26.23
N ARG A 205 -44.51 28.77 -26.69
CA ARG A 205 -44.33 29.20 -28.06
C ARG A 205 -43.39 30.38 -28.20
N ASP A 206 -42.83 30.88 -27.09
CA ASP A 206 -41.79 31.90 -27.16
C ASP A 206 -40.40 31.30 -26.95
N ALA A 207 -40.35 30.08 -26.42
CA ALA A 207 -39.07 29.39 -26.28
C ALA A 207 -38.69 28.76 -27.61
N LEU A 208 -39.65 28.13 -28.28
CA LEU A 208 -39.39 27.63 -29.62
C LEU A 208 -39.01 28.77 -30.56
N ALA A 209 -39.46 29.99 -30.29
CA ALA A 209 -39.14 31.08 -31.19
C ALA A 209 -37.83 31.76 -30.81
N SER A 210 -37.37 31.60 -29.57
CA SER A 210 -36.02 32.08 -29.29
C SER A 210 -35.00 31.08 -29.78
N ALA A 211 -35.34 29.79 -29.77
CA ALA A 211 -34.43 28.82 -30.37
C ALA A 211 -34.47 28.87 -31.89
N GLY A 212 -35.58 29.35 -32.45
CA GLY A 212 -35.62 29.51 -33.89
C GLY A 212 -34.88 30.73 -34.35
N LYS A 213 -34.80 31.77 -33.51
CA LYS A 213 -33.94 32.90 -33.85
C LYS A 213 -32.46 32.50 -33.71
N THR A 214 -32.13 31.77 -32.65
CA THR A 214 -30.74 31.36 -32.47
C THR A 214 -30.28 30.47 -33.62
N LEU A 215 -31.15 29.58 -34.10
CA LEU A 215 -30.75 28.67 -35.16
C LEU A 215 -30.87 29.30 -36.54
N VAL A 216 -31.73 30.30 -36.72
CA VAL A 216 -31.74 31.04 -37.98
C VAL A 216 -30.59 32.02 -38.06
N GLU A 217 -29.87 32.23 -36.95
CA GLU A 217 -28.73 33.14 -36.96
C GLU A 217 -27.40 32.42 -36.78
N LEU A 218 -27.40 31.13 -36.45
CA LEU A 218 -26.17 30.36 -36.43
C LEU A 218 -25.91 29.58 -37.72
N PHE A 219 -26.96 29.21 -38.45
CA PHE A 219 -26.82 28.58 -39.76
C PHE A 219 -26.76 29.61 -40.89
N GLY A 220 -26.22 30.79 -40.64
CA GLY A 220 -26.09 31.80 -41.67
C GLY A 220 -24.67 32.07 -42.09
N LEU A 221 -23.71 31.55 -41.33
CA LEU A 221 -22.30 31.61 -41.73
C LEU A 221 -21.93 30.49 -42.69
N ALA A 222 -22.92 29.78 -43.21
CA ALA A 222 -22.73 28.74 -44.23
C ALA A 222 -23.18 29.17 -45.61
N ARG A 223 -24.29 29.89 -45.72
CA ARG A 223 -24.78 30.40 -46.99
C ARG A 223 -24.18 31.75 -47.36
N GLU A 224 -22.95 32.02 -46.93
CA GLU A 224 -22.27 33.27 -47.23
C GLU A 224 -21.40 33.18 -48.48
N LEU A 225 -21.46 32.08 -49.22
CA LEU A 225 -20.62 31.86 -50.38
C LEU A 225 -21.45 31.84 -51.66
N ASN A 226 -22.23 30.78 -51.88
CA ASN A 226 -23.02 30.55 -53.10
C ASN A 226 -22.33 31.03 -54.37
N MET B 1 -28.92 39.11 -26.56
CA MET B 1 -27.58 38.80 -26.07
C MET B 1 -26.59 38.64 -27.21
N LEU B 2 -25.32 38.94 -26.94
CA LEU B 2 -24.25 38.81 -27.91
C LEU B 2 -23.46 37.53 -27.67
N ILE B 3 -22.75 37.10 -28.71
CA ILE B 3 -22.05 35.81 -28.65
C ILE B 3 -20.67 35.96 -28.01
N SER B 4 -20.06 37.16 -28.08
CA SER B 4 -18.73 37.52 -27.61
C SER B 4 -17.71 37.37 -28.73
N GLN B 5 -17.53 36.15 -29.25
CA GLN B 5 -16.60 35.87 -30.33
C GLN B 5 -17.38 35.31 -31.52
N ARG B 6 -17.24 35.96 -32.67
CA ARG B 6 -17.99 35.58 -33.85
C ARG B 6 -17.30 34.43 -34.57
N PRO B 7 -17.99 33.30 -34.81
CA PRO B 7 -17.39 32.22 -35.59
C PRO B 7 -17.06 32.65 -37.01
N THR B 8 -16.12 31.93 -37.62
CA THR B 8 -15.71 32.19 -38.99
C THR B 8 -15.47 30.86 -39.71
N LEU B 9 -15.96 30.76 -40.94
CA LEU B 9 -15.75 29.58 -41.76
C LEU B 9 -14.50 29.75 -42.63
N SER B 10 -13.71 28.68 -42.71
CA SER B 10 -12.51 28.65 -43.55
C SER B 10 -12.40 27.31 -44.24
N GLU B 11 -11.82 27.32 -45.45
CA GLU B 11 -11.70 26.14 -46.28
C GLU B 11 -10.24 25.71 -46.38
N ASP B 12 -10.03 24.48 -46.86
CA ASP B 12 -8.69 23.92 -47.06
C ASP B 12 -8.77 22.91 -48.21
N VAL B 13 -8.65 23.41 -49.43
CA VAL B 13 -8.78 22.57 -50.62
C VAL B 13 -7.70 21.51 -50.62
N LEU B 14 -8.10 20.23 -50.51
CA LEU B 14 -7.14 19.14 -50.58
C LEU B 14 -6.93 18.74 -52.04
N THR B 15 -7.91 18.03 -52.60
CA THR B 15 -7.96 17.68 -54.00
C THR B 15 -8.89 18.67 -54.73
N ASP B 16 -9.39 18.28 -55.90
CA ASP B 16 -10.28 19.13 -56.66
C ASP B 16 -11.74 18.91 -56.29
N ASN B 17 -12.08 17.71 -55.80
CA ASN B 17 -13.42 17.36 -55.37
C ASN B 17 -13.37 16.83 -53.95
N ARG B 18 -12.79 17.63 -53.06
CA ARG B 18 -12.68 17.32 -51.64
C ARG B 18 -12.11 18.52 -50.92
N SER B 19 -12.68 18.86 -49.77
CA SER B 19 -12.25 20.02 -49.01
C SER B 19 -12.40 19.71 -47.52
N GLN B 20 -12.12 20.71 -46.69
CA GLN B 20 -12.16 20.51 -45.24
C GLN B 20 -12.48 21.86 -44.58
N PHE B 21 -13.77 22.11 -44.38
CA PHE B 21 -14.23 23.35 -43.78
C PHE B 21 -14.09 23.30 -42.26
N VAL B 22 -13.63 24.40 -41.67
CA VAL B 22 -13.47 24.52 -40.23
C VAL B 22 -14.28 25.72 -39.75
N ILE B 23 -15.03 25.53 -38.67
CA ILE B 23 -15.88 26.57 -38.09
C ILE B 23 -15.53 26.68 -36.60
N GLU B 24 -14.93 27.81 -36.22
CA GLU B 24 -14.48 28.03 -34.85
C GLU B 24 -14.35 29.52 -34.63
N PRO B 25 -14.58 30.02 -33.40
CA PRO B 25 -14.86 29.32 -32.14
C PRO B 25 -16.34 29.20 -31.85
N LEU B 26 -16.77 28.02 -31.39
CA LEU B 26 -18.17 27.75 -31.12
C LEU B 26 -18.38 27.59 -29.62
N GLU B 27 -19.45 28.21 -29.12
CA GLU B 27 -19.72 28.18 -27.69
C GLU B 27 -19.88 26.74 -27.20
N PRO B 28 -19.51 26.46 -25.94
CA PRO B 28 -19.52 25.07 -25.45
C PRO B 28 -20.85 24.37 -25.67
N GLY B 29 -20.85 23.39 -26.57
CA GLY B 29 -22.01 22.57 -26.84
C GLY B 29 -22.58 22.73 -28.23
N PHE B 30 -22.15 23.73 -28.98
CA PHE B 30 -22.72 24.03 -30.28
C PHE B 30 -21.96 23.35 -31.41
N GLY B 31 -21.11 22.38 -31.11
CA GLY B 31 -20.33 21.72 -32.13
C GLY B 31 -21.04 20.45 -32.56
N TYR B 32 -21.89 19.92 -31.68
CA TYR B 32 -22.68 18.74 -31.98
C TYR B 32 -24.09 19.11 -32.44
N THR B 33 -24.50 20.37 -32.27
CA THR B 33 -25.77 20.84 -32.77
C THR B 33 -25.70 21.18 -34.25
N LEU B 34 -24.50 21.51 -34.74
CA LEU B 34 -24.29 21.92 -36.12
C LEU B 34 -23.70 20.81 -36.99
N GLY B 35 -23.29 19.70 -36.40
CA GLY B 35 -22.64 18.64 -37.15
C GLY B 35 -23.57 17.67 -37.85
N ASN B 36 -24.42 16.99 -37.08
CA ASN B 36 -25.25 15.95 -37.67
C ASN B 36 -26.30 16.53 -38.61
N SER B 37 -26.73 17.77 -38.38
CA SER B 37 -27.75 18.32 -39.24
C SER B 37 -27.16 18.90 -40.51
N LEU B 38 -25.87 19.26 -40.49
CA LEU B 38 -25.22 19.67 -41.72
C LEU B 38 -24.84 18.46 -42.55
N ARG B 39 -24.45 17.37 -41.88
CA ARG B 39 -24.16 16.14 -42.62
C ARG B 39 -25.42 15.60 -43.27
N ARG B 40 -26.56 15.65 -42.57
CA ARG B 40 -27.77 15.09 -43.15
C ARG B 40 -28.37 16.00 -44.20
N THR B 41 -28.28 17.34 -44.01
CA THR B 41 -28.74 18.25 -45.05
C THR B 41 -27.86 18.17 -46.28
N LEU B 42 -26.59 17.79 -46.10
CA LEU B 42 -25.70 17.68 -47.24
C LEU B 42 -25.91 16.38 -47.99
N LEU B 43 -26.26 15.30 -47.29
CA LEU B 43 -26.42 14.01 -47.93
C LEU B 43 -27.85 13.61 -48.21
N SER B 44 -28.84 14.50 -48.01
CA SER B 44 -30.20 14.13 -48.40
C SER B 44 -31.06 15.36 -48.70
N SER B 45 -30.49 16.36 -49.37
CA SER B 45 -31.32 17.52 -49.73
C SER B 45 -30.97 18.16 -51.06
N ILE B 46 -29.74 18.04 -51.56
CA ILE B 46 -29.37 18.59 -52.85
C ILE B 46 -29.96 17.75 -53.98
N PRO B 47 -30.74 18.34 -54.88
CA PRO B 47 -31.35 17.55 -55.95
C PRO B 47 -30.35 17.19 -57.04
N GLY B 48 -30.74 16.22 -57.85
CA GLY B 48 -29.88 15.74 -58.92
C GLY B 48 -30.61 14.66 -59.71
N ALA B 49 -29.91 14.12 -60.69
CA ALA B 49 -30.49 13.14 -61.60
C ALA B 49 -29.58 11.92 -61.69
N ALA B 50 -30.19 10.77 -61.97
CA ALA B 50 -29.46 9.52 -62.06
C ALA B 50 -30.30 8.51 -62.84
N VAL B 51 -29.66 7.43 -63.26
CA VAL B 51 -30.34 6.37 -64.00
C VAL B 51 -31.15 5.54 -63.04
N THR B 52 -32.40 5.25 -63.40
CA THR B 52 -33.31 4.52 -62.53
C THR B 52 -33.78 3.19 -63.10
N SER B 53 -33.57 2.93 -64.40
CA SER B 53 -33.93 1.65 -64.99
C SER B 53 -33.22 1.51 -66.33
N ILE B 54 -32.92 0.26 -66.68
CA ILE B 54 -32.32 -0.06 -67.97
C ILE B 54 -33.14 -1.17 -68.62
N ARG B 55 -32.94 -1.33 -69.93
CA ARG B 55 -33.64 -2.38 -70.67
C ARG B 55 -32.70 -2.90 -71.76
N ILE B 56 -31.72 -3.71 -71.36
CA ILE B 56 -30.80 -4.30 -72.31
C ILE B 56 -31.54 -5.32 -73.18
N ASP B 57 -31.13 -5.43 -74.43
CA ASP B 57 -31.81 -6.29 -75.39
C ASP B 57 -31.29 -7.72 -75.30
N GLY B 58 -32.18 -8.66 -75.59
CA GLY B 58 -31.80 -10.06 -75.62
C GLY B 58 -31.85 -10.79 -74.30
N VAL B 59 -32.71 -10.35 -73.37
CA VAL B 59 -32.78 -10.97 -72.05
C VAL B 59 -34.24 -11.13 -71.66
N LEU B 60 -34.92 -12.10 -72.26
CA LEU B 60 -36.29 -12.42 -71.90
C LEU B 60 -36.40 -13.03 -70.50
N HIS B 61 -35.38 -13.79 -70.10
CA HIS B 61 -35.33 -14.41 -68.78
C HIS B 61 -33.93 -14.32 -68.19
N GLU B 62 -33.46 -15.43 -67.62
CA GLU B 62 -32.15 -15.60 -66.99
C GLU B 62 -31.13 -14.52 -67.35
N PHE B 63 -30.79 -13.67 -66.38
CA PHE B 63 -29.87 -12.55 -66.56
C PHE B 63 -28.47 -12.99 -66.14
N THR B 64 -27.82 -13.72 -67.04
CA THR B 64 -26.51 -14.31 -66.78
C THR B 64 -25.43 -13.75 -67.69
N THR B 65 -25.52 -13.96 -69.00
CA THR B 65 -24.52 -13.47 -69.94
C THR B 65 -25.19 -13.05 -71.24
N VAL B 66 -24.79 -11.90 -71.76
CA VAL B 66 -25.41 -11.34 -72.96
C VAL B 66 -24.53 -11.68 -74.16
N PRO B 67 -25.13 -12.10 -75.28
CA PRO B 67 -24.34 -12.52 -76.45
C PRO B 67 -23.40 -11.43 -76.96
N GLY B 68 -22.12 -11.76 -77.05
CA GLY B 68 -21.14 -10.84 -77.61
C GLY B 68 -20.24 -10.12 -76.63
N VAL B 69 -20.79 -9.65 -75.51
CA VAL B 69 -20.01 -8.87 -74.57
C VAL B 69 -19.26 -9.79 -73.62
N LYS B 70 -18.21 -9.26 -73.00
CA LYS B 70 -17.33 -10.02 -72.13
C LYS B 70 -17.61 -9.77 -70.65
N GLU B 71 -18.85 -9.40 -70.32
CA GLU B 71 -19.21 -9.07 -68.96
C GLU B 71 -20.62 -9.56 -68.67
N ASP B 72 -20.86 -9.94 -67.42
CA ASP B 72 -22.19 -10.32 -66.98
C ASP B 72 -23.04 -9.07 -66.77
N VAL B 73 -24.35 -9.28 -66.63
CA VAL B 73 -25.26 -8.15 -66.51
C VAL B 73 -25.01 -7.37 -65.22
N THR B 74 -24.44 -8.02 -64.20
CA THR B 74 -24.22 -7.32 -62.93
C THR B 74 -23.06 -6.34 -63.04
N GLU B 75 -22.05 -6.66 -63.86
CA GLU B 75 -20.96 -5.72 -64.06
C GLU B 75 -21.41 -4.59 -64.98
N ILE B 76 -22.32 -4.88 -65.91
CA ILE B 76 -22.89 -3.83 -66.74
C ILE B 76 -23.69 -2.86 -65.88
N ILE B 77 -24.41 -3.38 -64.88
CA ILE B 77 -25.18 -2.51 -64.00
C ILE B 77 -24.23 -1.69 -63.13
N LEU B 78 -23.19 -2.32 -62.59
CA LEU B 78 -22.25 -1.60 -61.74
C LEU B 78 -21.54 -0.50 -62.53
N ASN B 79 -21.32 -0.72 -63.83
CA ASN B 79 -20.66 0.30 -64.66
C ASN B 79 -21.65 1.31 -65.21
N LEU B 80 -22.95 1.00 -65.23
CA LEU B 80 -23.98 1.93 -65.64
C LEU B 80 -24.74 2.49 -64.45
N LYS B 81 -24.14 2.44 -63.27
CA LYS B 81 -24.68 3.07 -62.08
C LYS B 81 -23.71 4.08 -61.47
N SER B 82 -22.51 4.22 -62.05
CA SER B 82 -21.53 5.21 -61.61
C SER B 82 -21.39 6.33 -62.63
N LEU B 83 -22.44 6.57 -63.42
CA LEU B 83 -22.44 7.57 -64.46
C LEU B 83 -22.90 8.90 -63.87
N VAL B 84 -22.04 9.91 -63.92
CA VAL B 84 -22.40 11.25 -63.46
C VAL B 84 -23.21 11.98 -64.53
N VAL B 85 -24.54 11.89 -64.44
CA VAL B 85 -25.41 12.51 -65.42
C VAL B 85 -26.15 13.67 -64.74
N SER B 86 -26.76 14.52 -65.57
CA SER B 86 -27.59 15.61 -65.08
C SER B 86 -28.61 15.97 -66.15
N SER B 87 -29.79 16.38 -65.71
CA SER B 87 -30.88 16.65 -66.63
C SER B 87 -31.61 17.92 -66.21
N GLU B 88 -31.96 18.76 -67.18
CA GLU B 88 -32.75 19.95 -66.93
C GLU B 88 -34.17 19.80 -67.45
N GLU B 89 -34.93 18.86 -66.91
CA GLU B 89 -36.29 18.62 -67.37
C GLU B 89 -37.15 18.34 -66.15
N ASP B 90 -38.30 17.70 -66.37
CA ASP B 90 -39.19 17.35 -65.27
C ASP B 90 -39.52 15.86 -65.27
N GLU B 91 -40.13 15.37 -66.34
CA GLU B 91 -40.55 13.98 -66.40
C GLU B 91 -39.43 13.11 -66.94
N PRO B 92 -39.48 11.79 -66.65
CA PRO B 92 -38.51 10.83 -67.20
C PRO B 92 -38.18 11.03 -68.67
N VAL B 93 -36.91 10.89 -69.03
CA VAL B 93 -36.46 10.96 -70.41
C VAL B 93 -36.04 9.57 -70.84
N THR B 94 -35.38 9.45 -71.99
CA THR B 94 -34.91 8.17 -72.47
C THR B 94 -33.66 8.36 -73.32
N MET B 95 -32.67 7.50 -73.09
CA MET B 95 -31.40 7.53 -73.79
C MET B 95 -31.17 6.21 -74.51
N TYR B 96 -30.22 6.21 -75.42
CA TYR B 96 -29.92 5.03 -76.23
C TYR B 96 -28.42 4.91 -76.42
N LEU B 97 -27.93 3.68 -76.41
CA LEU B 97 -26.52 3.39 -76.66
C LEU B 97 -26.46 2.17 -77.59
N ARG B 98 -25.99 2.38 -78.82
CA ARG B 98 -25.97 1.33 -79.84
C ARG B 98 -24.62 1.35 -80.56
N LYS B 99 -23.69 0.55 -80.07
CA LYS B 99 -22.38 0.38 -80.70
C LYS B 99 -22.24 -1.05 -81.17
N GLN B 100 -21.91 -1.23 -82.45
CA GLN B 100 -21.77 -2.55 -83.06
C GLN B 100 -20.39 -2.66 -83.68
N GLY B 101 -19.56 -3.55 -83.13
CA GLY B 101 -18.26 -3.80 -83.69
C GLY B 101 -17.18 -4.04 -82.66
N PRO B 102 -16.10 -4.71 -83.07
CA PRO B 102 -14.95 -4.92 -82.16
C PRO B 102 -14.38 -3.60 -81.65
N GLY B 103 -14.49 -3.40 -80.34
CA GLY B 103 -14.00 -2.18 -79.74
C GLY B 103 -14.22 -2.11 -78.24
N GLU B 104 -14.47 -0.91 -77.72
CA GLU B 104 -14.66 -0.72 -76.28
C GLU B 104 -15.68 0.39 -76.08
N VAL B 105 -16.95 -0.01 -75.93
CA VAL B 105 -18.02 0.96 -75.75
C VAL B 105 -17.74 1.77 -74.49
N THR B 106 -17.86 3.09 -74.60
CA THR B 106 -17.55 4.00 -73.51
C THR B 106 -18.68 5.01 -73.36
N ALA B 107 -18.59 5.82 -72.29
CA ALA B 107 -19.65 6.77 -71.99
C ALA B 107 -19.75 7.89 -73.01
N GLY B 108 -18.81 7.97 -73.96
CA GLY B 108 -18.86 8.98 -75.00
C GLY B 108 -19.69 8.56 -76.20
N ASP B 109 -20.61 7.63 -75.99
CA ASP B 109 -21.42 7.09 -77.07
C ASP B 109 -22.91 7.21 -76.83
N ILE B 110 -23.35 7.50 -75.61
CA ILE B 110 -24.76 7.71 -75.31
C ILE B 110 -25.17 9.07 -75.87
N VAL B 111 -25.90 9.08 -76.98
CA VAL B 111 -26.32 10.33 -77.60
C VAL B 111 -27.22 11.10 -76.66
N PRO B 112 -26.95 12.36 -76.35
CA PRO B 112 -27.72 13.08 -75.34
C PRO B 112 -29.03 13.59 -75.91
N PRO B 113 -30.14 13.41 -75.19
CA PRO B 113 -31.47 13.80 -75.67
C PRO B 113 -31.74 15.31 -75.61
N ALA B 114 -30.81 16.09 -76.17
CA ALA B 114 -30.91 17.55 -76.21
C ALA B 114 -31.45 18.17 -74.93
N GLY B 115 -30.59 18.30 -73.91
CA GLY B 115 -31.04 18.79 -72.62
C GLY B 115 -30.36 18.11 -71.44
N VAL B 116 -30.14 16.80 -71.54
CA VAL B 116 -29.40 16.08 -70.51
C VAL B 116 -27.97 15.92 -71.00
N THR B 117 -27.02 15.94 -70.07
CA THR B 117 -25.60 15.89 -70.42
C THR B 117 -24.89 14.87 -69.55
N VAL B 118 -23.81 14.31 -70.10
CA VAL B 118 -22.92 13.39 -69.41
C VAL B 118 -21.61 14.12 -69.13
N HIS B 119 -21.21 14.19 -67.86
CA HIS B 119 -20.05 14.97 -67.48
C HIS B 119 -18.76 14.16 -67.40
N ASN B 120 -18.83 12.83 -67.45
CA ASN B 120 -17.64 11.98 -67.43
C ASN B 120 -17.67 11.06 -68.65
N PRO B 121 -17.38 11.60 -69.84
CA PRO B 121 -17.48 10.77 -71.04
C PRO B 121 -16.19 10.03 -71.35
N GLY B 122 -15.56 9.47 -70.31
CA GLY B 122 -14.36 8.69 -70.51
C GLY B 122 -14.34 7.37 -69.78
N MET B 123 -15.49 6.96 -69.23
CA MET B 123 -15.56 5.75 -68.45
C MET B 123 -15.83 4.55 -69.35
N HIS B 124 -15.35 3.38 -68.91
CA HIS B 124 -15.51 2.14 -69.66
C HIS B 124 -16.76 1.43 -69.18
N ILE B 125 -17.68 1.17 -70.10
CA ILE B 125 -18.91 0.43 -69.79
C ILE B 125 -18.74 -1.06 -70.07
N ALA B 126 -18.22 -1.39 -71.26
CA ALA B 126 -17.99 -2.78 -71.63
C ALA B 126 -17.00 -2.81 -72.78
N THR B 127 -16.53 -4.02 -73.11
CA THR B 127 -15.61 -4.25 -74.22
C THR B 127 -16.25 -5.24 -75.20
N LEU B 128 -16.94 -4.70 -76.20
CA LEU B 128 -17.51 -5.53 -77.25
C LEU B 128 -16.38 -6.09 -78.11
N ASN B 129 -16.09 -7.38 -77.94
CA ASN B 129 -14.96 -8.01 -78.60
C ASN B 129 -15.38 -9.07 -79.62
N ASP B 130 -16.30 -9.96 -79.26
CA ASP B 130 -16.66 -11.07 -80.13
C ASP B 130 -17.64 -10.67 -81.23
N LYS B 131 -17.36 -9.56 -81.93
CA LYS B 131 -18.15 -9.07 -83.05
C LYS B 131 -19.65 -9.14 -82.80
N GLY B 132 -20.16 -8.29 -81.91
CA GLY B 132 -21.58 -8.24 -81.64
C GLY B 132 -22.15 -6.85 -81.63
N LYS B 133 -23.27 -6.65 -80.93
CA LYS B 133 -23.89 -5.34 -80.84
C LYS B 133 -24.54 -5.21 -79.47
N LEU B 134 -24.37 -4.05 -78.85
CA LEU B 134 -24.99 -3.73 -77.58
C LEU B 134 -26.05 -2.66 -77.80
N GLU B 135 -27.24 -2.86 -77.23
CA GLU B 135 -28.31 -1.87 -77.31
C GLU B 135 -28.94 -1.74 -75.93
N VAL B 136 -28.71 -0.59 -75.28
CA VAL B 136 -29.19 -0.33 -73.92
C VAL B 136 -30.09 0.89 -73.97
N GLU B 137 -31.26 0.79 -73.35
CA GLU B 137 -32.20 1.90 -73.24
C GLU B 137 -32.34 2.28 -71.76
N LEU B 138 -31.80 3.45 -71.40
CA LEU B 138 -31.80 3.90 -70.02
C LEU B 138 -32.88 4.96 -69.80
N VAL B 139 -33.31 5.07 -68.55
CA VAL B 139 -34.29 6.07 -68.12
C VAL B 139 -33.67 6.88 -66.99
N VAL B 140 -33.40 8.16 -67.26
CA VAL B 140 -32.76 9.05 -66.30
C VAL B 140 -33.82 10.02 -65.77
N GLU B 141 -34.12 9.95 -64.48
CA GLU B 141 -35.02 10.87 -63.82
C GLU B 141 -34.29 11.60 -62.69
N ARG B 142 -34.96 12.58 -62.11
CA ARG B 142 -34.38 13.41 -61.06
C ARG B 142 -34.98 13.05 -59.71
N GLY B 143 -34.31 13.52 -58.66
CA GLY B 143 -34.73 13.20 -57.30
C GLY B 143 -33.81 13.77 -56.24
N ARG B 144 -33.74 13.11 -55.09
CA ARG B 144 -32.88 13.56 -54.00
C ARG B 144 -32.59 12.38 -53.08
N GLY B 145 -31.31 12.18 -52.77
CA GLY B 145 -30.91 11.11 -51.87
C GLY B 145 -30.68 9.79 -52.59
N TYR B 146 -30.56 8.73 -51.79
CA TYR B 146 -30.39 7.37 -52.29
C TYR B 146 -31.72 6.64 -52.18
N VAL B 147 -32.34 6.35 -53.31
CA VAL B 147 -33.61 5.62 -53.37
C VAL B 147 -33.32 4.20 -53.84
N PRO B 148 -33.64 3.17 -53.07
CA PRO B 148 -33.45 1.80 -53.54
C PRO B 148 -34.42 1.47 -54.65
N ALA B 149 -34.00 0.54 -55.53
CA ALA B 149 -34.75 0.15 -56.71
C ALA B 149 -36.25 0.10 -56.43
N VAL B 150 -37.03 0.78 -57.27
CA VAL B 150 -38.49 0.82 -57.12
C VAL B 150 -39.06 -0.35 -57.91
N GLN B 151 -38.96 -1.54 -57.32
CA GLN B 151 -39.48 -2.75 -57.94
C GLN B 151 -40.93 -2.53 -58.38
N ASN B 152 -41.18 -2.63 -59.68
CA ASN B 152 -42.50 -2.34 -60.22
C ASN B 152 -43.30 -3.64 -60.41
N ARG B 153 -44.41 -3.52 -61.13
CA ARG B 153 -45.29 -4.66 -61.38
C ARG B 153 -46.10 -4.45 -62.65
N ALA B 154 -45.50 -3.82 -63.66
CA ALA B 154 -46.21 -3.49 -64.89
C ALA B 154 -46.88 -4.70 -65.50
N SER B 155 -46.25 -5.87 -65.39
CA SER B 155 -46.81 -7.15 -65.86
C SER B 155 -47.19 -7.08 -67.33
N GLY B 156 -46.18 -6.84 -68.18
CA GLY B 156 -46.38 -6.71 -69.60
C GLY B 156 -45.56 -5.61 -70.24
N ALA B 157 -45.74 -4.38 -69.79
CA ALA B 157 -44.90 -3.29 -70.28
C ALA B 157 -43.45 -3.44 -69.84
N GLU B 158 -43.21 -4.15 -68.73
CA GLU B 158 -41.85 -4.44 -68.27
C GLU B 158 -41.43 -5.82 -68.73
N ILE B 159 -41.23 -5.94 -70.04
CA ILE B 159 -40.75 -7.20 -70.62
C ILE B 159 -39.39 -7.57 -70.04
N GLY B 160 -38.54 -6.57 -69.84
CA GLY B 160 -37.22 -6.81 -69.27
C GLY B 160 -36.61 -5.55 -68.68
N ARG B 161 -37.47 -4.64 -68.21
CA ARG B 161 -37.02 -3.39 -67.60
C ARG B 161 -36.44 -3.68 -66.23
N ILE B 162 -35.17 -4.09 -66.22
CA ILE B 162 -34.43 -4.33 -64.98
C ILE B 162 -34.44 -3.05 -64.15
N PRO B 163 -34.90 -3.09 -62.90
CA PRO B 163 -34.81 -1.91 -62.04
C PRO B 163 -33.49 -1.81 -61.29
N VAL B 164 -32.85 -0.64 -61.35
CA VAL B 164 -31.57 -0.42 -60.71
C VAL B 164 -31.76 0.57 -59.58
N ASP B 165 -30.70 0.74 -58.78
CA ASP B 165 -30.74 1.74 -57.72
C ASP B 165 -30.37 3.11 -58.28
N SER B 166 -30.75 4.15 -57.56
CA SER B 166 -30.58 5.52 -58.04
C SER B 166 -29.87 6.34 -56.96
N ILE B 167 -28.65 6.75 -57.24
CA ILE B 167 -27.89 7.64 -56.36
C ILE B 167 -28.10 9.06 -56.88
N TYR B 168 -29.16 9.71 -56.40
CA TYR B 168 -29.48 11.05 -56.89
C TYR B 168 -28.59 12.11 -56.25
N SER B 169 -27.97 11.81 -55.12
CA SER B 169 -27.20 12.81 -54.39
C SER B 169 -25.94 13.20 -55.18
N PRO B 170 -25.61 14.49 -55.25
CA PRO B 170 -24.34 14.90 -55.85
C PRO B 170 -23.17 14.84 -54.87
N VAL B 171 -23.42 14.62 -53.59
CA VAL B 171 -22.37 14.46 -52.60
C VAL B 171 -22.26 12.97 -52.29
N LEU B 172 -21.03 12.51 -51.98
CA LEU B 172 -20.79 11.08 -51.82
C LEU B 172 -20.33 10.66 -50.43
N LYS B 173 -19.59 11.51 -49.71
CA LYS B 173 -19.14 11.12 -48.38
C LYS B 173 -18.86 12.36 -47.56
N VAL B 174 -19.56 12.50 -46.44
CA VAL B 174 -19.34 13.59 -45.49
C VAL B 174 -19.00 12.99 -44.13
N THR B 175 -18.00 13.57 -43.47
CA THR B 175 -17.61 13.16 -42.13
C THR B 175 -17.24 14.40 -41.33
N TYR B 176 -17.49 14.36 -40.02
CA TYR B 176 -17.25 15.51 -39.16
C TYR B 176 -16.61 15.07 -37.86
N LYS B 177 -15.80 15.95 -37.29
CA LYS B 177 -15.13 15.73 -36.02
C LYS B 177 -15.15 17.02 -35.22
N VAL B 178 -15.56 16.96 -33.96
CA VAL B 178 -15.60 18.12 -33.07
C VAL B 178 -14.39 18.09 -32.14
N ASP B 179 -13.58 19.14 -32.21
CA ASP B 179 -12.36 19.27 -31.42
C ASP B 179 -12.59 20.20 -30.23
N ALA B 180 -11.53 20.88 -29.78
CA ALA B 180 -11.62 21.80 -28.65
C ALA B 180 -10.57 22.89 -28.82
N THR B 181 -10.93 24.11 -28.42
CA THR B 181 -10.05 25.26 -28.50
C THR B 181 -10.07 26.04 -27.20
N ARG B 182 -9.20 27.06 -27.13
CA ARG B 182 -9.09 27.93 -25.97
C ARG B 182 -9.28 29.38 -26.43
N VAL B 183 -10.10 30.13 -25.69
CA VAL B 183 -10.41 31.50 -26.05
C VAL B 183 -9.77 32.52 -25.11
N GLU B 184 -9.62 32.19 -23.83
CA GLU B 184 -8.90 33.03 -22.88
C GLU B 184 -8.38 32.15 -21.75
N GLN B 185 -9.00 32.23 -20.58
CA GLN B 185 -8.71 31.29 -19.51
C GLN B 185 -9.67 30.11 -19.51
N ARG B 186 -10.62 30.09 -20.45
CA ARG B 186 -11.66 29.07 -20.52
C ARG B 186 -11.37 28.16 -21.71
N THR B 187 -11.07 26.89 -21.41
CA THR B 187 -10.90 25.86 -22.43
C THR B 187 -12.28 25.33 -22.83
N ASP B 188 -12.38 24.01 -23.04
CA ASP B 188 -13.65 23.32 -23.33
C ASP B 188 -14.55 24.02 -24.33
N PHE B 189 -13.97 24.75 -25.28
CA PHE B 189 -14.73 25.34 -26.37
C PHE B 189 -14.87 24.29 -27.48
N ASP B 190 -15.23 24.70 -28.69
CA ASP B 190 -15.52 23.72 -29.74
C ASP B 190 -14.96 24.19 -31.07
N LYS B 191 -14.80 23.23 -31.98
CA LYS B 191 -14.34 23.49 -33.34
C LYS B 191 -14.80 22.36 -34.23
N LEU B 192 -15.61 22.67 -35.23
CA LEU B 192 -16.11 21.66 -36.16
C LEU B 192 -15.22 21.61 -37.40
N ILE B 193 -14.88 20.38 -37.83
CA ILE B 193 -14.03 20.17 -39.00
C ILE B 193 -14.75 19.21 -39.95
N LEU B 194 -15.58 19.75 -40.83
CA LEU B 194 -16.30 18.90 -41.77
C LEU B 194 -15.34 18.36 -42.83
N ASP B 195 -15.86 17.53 -43.74
CA ASP B 195 -15.05 16.94 -44.79
C ASP B 195 -15.92 16.43 -45.94
N VAL B 196 -16.37 17.32 -46.81
CA VAL B 196 -17.30 16.98 -47.88
C VAL B 196 -16.53 16.54 -49.12
N GLU B 197 -16.94 15.41 -49.70
CA GLU B 197 -16.40 14.92 -50.96
C GLU B 197 -17.55 14.74 -51.94
N THR B 198 -17.47 15.41 -53.08
CA THR B 198 -18.58 15.46 -54.02
C THR B 198 -18.27 14.69 -55.30
N LYS B 199 -19.18 14.79 -56.26
CA LYS B 199 -19.04 14.18 -57.57
C LYS B 199 -18.41 15.20 -58.53
N ASN B 200 -18.63 15.04 -59.83
CA ASN B 200 -18.04 15.90 -60.84
C ASN B 200 -19.02 16.91 -61.41
N SER B 201 -20.24 16.97 -60.88
CA SER B 201 -21.28 17.85 -61.38
C SER B 201 -21.56 19.02 -60.45
N ILE B 202 -21.01 19.02 -59.25
CA ILE B 202 -21.13 20.14 -58.31
C ILE B 202 -19.79 20.35 -57.65
N SER B 203 -19.53 21.59 -57.25
CA SER B 203 -18.26 21.81 -56.56
C SER B 203 -18.44 21.70 -55.04
N PRO B 204 -17.42 21.25 -54.33
CA PRO B 204 -17.57 21.04 -52.87
C PRO B 204 -17.94 22.30 -52.10
N ARG B 205 -17.87 23.48 -52.72
CA ARG B 205 -18.18 24.72 -52.02
C ARG B 205 -19.61 25.19 -52.25
N ASP B 206 -20.25 24.79 -53.36
CA ASP B 206 -21.65 25.08 -53.55
C ASP B 206 -22.55 24.16 -52.73
N ALA B 207 -21.99 23.10 -52.16
CA ALA B 207 -22.76 22.22 -51.29
C ALA B 207 -23.00 22.89 -49.94
N LEU B 208 -21.92 23.23 -49.23
CA LEU B 208 -22.09 24.07 -48.05
C LEU B 208 -22.33 25.51 -48.46
N ALA B 209 -23.30 25.73 -49.34
CA ALA B 209 -23.75 27.04 -49.77
C ALA B 209 -25.19 26.90 -50.23
N SER B 210 -25.57 25.68 -50.59
CA SER B 210 -26.94 25.33 -50.90
C SER B 210 -27.52 24.38 -49.86
N ALA B 211 -26.77 24.15 -48.79
CA ALA B 211 -27.22 23.40 -47.63
C ALA B 211 -27.35 24.32 -46.42
N GLY B 212 -27.26 25.62 -46.65
CA GLY B 212 -27.43 26.65 -45.63
C GLY B 212 -28.56 27.54 -46.09
N LYS B 213 -29.26 27.09 -47.13
CA LYS B 213 -30.43 27.74 -47.66
C LYS B 213 -31.67 26.86 -47.56
N THR B 214 -31.50 25.59 -47.20
CA THR B 214 -32.60 24.68 -46.89
C THR B 214 -32.64 24.41 -45.39
N LEU B 215 -31.88 25.18 -44.61
CA LEU B 215 -31.87 25.11 -43.16
C LEU B 215 -32.06 26.48 -42.52
N VAL B 216 -31.96 27.56 -43.29
CA VAL B 216 -32.29 28.90 -42.84
C VAL B 216 -33.72 29.18 -43.25
N GLU B 217 -34.41 28.14 -43.70
CA GLU B 217 -35.82 28.20 -44.07
C GLU B 217 -36.59 27.02 -43.49
N LEU B 218 -35.91 26.12 -42.79
CA LEU B 218 -36.51 25.04 -42.04
C LEU B 218 -36.55 25.35 -40.56
N PHE B 219 -35.55 26.08 -40.08
CA PHE B 219 -35.52 26.65 -38.74
C PHE B 219 -36.05 28.07 -38.74
N GLY B 220 -36.69 28.49 -39.82
CA GLY B 220 -37.25 29.82 -39.93
C GLY B 220 -38.76 29.77 -39.79
N LEU B 221 -39.29 28.55 -39.63
CA LEU B 221 -40.70 28.38 -39.33
C LEU B 221 -40.98 28.51 -37.84
N ALA B 222 -39.93 28.50 -37.02
CA ALA B 222 -40.03 28.67 -35.58
C ALA B 222 -39.90 30.13 -35.19
N ARG B 223 -39.05 30.88 -35.89
CA ARG B 223 -38.81 32.29 -35.55
C ARG B 223 -39.87 33.15 -36.20
N GLU B 224 -41.07 32.57 -36.41
CA GLU B 224 -42.18 33.29 -36.99
C GLU B 224 -43.45 33.10 -36.17
N LEU B 225 -43.37 32.35 -35.08
CA LEU B 225 -44.49 32.24 -34.15
C LEU B 225 -44.59 33.49 -33.29
N ASN B 226 -43.45 34.14 -33.07
CA ASN B 226 -43.38 35.41 -32.34
C ASN B 226 -42.10 36.08 -32.82
N VAL B 227 -42.24 37.15 -33.60
CA VAL B 227 -41.09 37.74 -34.28
C VAL B 227 -40.07 38.25 -33.27
N GLU B 228 -40.53 38.95 -32.23
CA GLU B 228 -39.66 39.44 -31.17
C GLU B 228 -39.62 38.40 -30.05
N ALA B 229 -38.50 37.68 -29.95
CA ALA B 229 -38.37 36.60 -28.98
C ALA B 229 -37.07 36.62 -28.19
N GLU B 230 -36.21 37.62 -28.41
CA GLU B 230 -34.97 37.79 -27.66
C GLU B 230 -34.08 36.55 -27.76
N GLY B 231 -33.62 36.32 -28.98
CA GLY B 231 -32.69 35.22 -29.23
C GLY B 231 -31.28 35.56 -28.82
N ILE B 232 -30.30 35.15 -29.62
CA ILE B 232 -28.89 35.45 -29.39
C ILE B 232 -28.33 36.10 -30.64
N GLU B 233 -28.07 37.40 -30.56
CA GLU B 233 -27.50 38.12 -31.70
C GLU B 233 -26.06 37.69 -31.92
N ILE B 234 -25.67 37.60 -33.18
CA ILE B 234 -24.32 37.16 -33.52
C ILE B 234 -23.36 38.34 -33.74
N GLY B 235 -23.89 39.52 -34.05
CA GLY B 235 -23.06 40.68 -34.27
C GLY B 235 -22.89 41.01 -35.74
N PRO B 236 -22.38 42.20 -36.04
CA PRO B 236 -22.18 42.59 -37.43
C PRO B 236 -21.16 41.69 -38.13
N SER B 237 -21.36 41.51 -39.43
CA SER B 237 -20.49 40.66 -40.23
C SER B 237 -19.08 41.25 -40.35
N ASN C 30 -40.79 -0.64 13.90
CA ASN C 30 -41.59 -1.29 14.94
C ASN C 30 -40.88 -1.20 16.29
N SER C 31 -41.66 -1.34 17.37
CA SER C 31 -41.18 -1.28 18.75
C SER C 31 -40.62 0.09 19.12
N VAL C 32 -40.71 1.07 18.23
CA VAL C 32 -40.28 2.44 18.51
C VAL C 32 -41.50 3.33 18.34
N PRO C 33 -41.77 4.25 19.29
CA PRO C 33 -43.03 5.01 19.25
C PRO C 33 -43.32 5.70 17.92
N GLY C 34 -42.41 6.52 17.43
CA GLY C 34 -42.62 7.16 16.15
C GLY C 34 -41.56 6.82 15.13
N ALA C 35 -41.93 6.05 14.11
CA ALA C 35 -40.99 5.58 13.11
C ALA C 35 -41.69 5.54 11.76
N PRO C 36 -40.95 5.71 10.67
CA PRO C 36 -41.56 5.57 9.33
C PRO C 36 -42.01 4.15 9.07
N ASN C 37 -43.08 4.01 8.30
CA ASN C 37 -43.65 2.70 7.96
C ASN C 37 -42.88 2.11 6.78
N ARG C 38 -42.00 1.15 7.07
CA ARG C 38 -41.21 0.47 6.07
C ARG C 38 -41.67 -0.98 5.99
N VAL C 39 -42.38 -1.34 4.91
CA VAL C 39 -42.88 -2.69 4.76
C VAL C 39 -41.73 -3.63 4.42
N SER C 40 -41.87 -4.90 4.82
CA SER C 40 -40.78 -5.85 4.78
C SER C 40 -41.15 -7.07 3.97
N PHE C 41 -40.14 -7.70 3.37
CA PHE C 41 -40.29 -8.93 2.61
C PHE C 41 -39.99 -10.18 3.43
N ALA C 42 -39.71 -10.04 4.72
CA ALA C 42 -39.28 -11.17 5.53
C ALA C 42 -40.40 -12.18 5.70
N LYS C 43 -40.03 -13.46 5.70
CA LYS C 43 -40.98 -14.55 5.87
C LYS C 43 -40.83 -15.28 7.19
N LEU C 44 -39.81 -14.98 7.97
CA LEU C 44 -39.55 -15.62 9.25
C LEU C 44 -39.83 -14.65 10.39
N ARG C 45 -40.23 -15.19 11.53
CA ARG C 45 -40.46 -14.40 12.73
C ARG C 45 -39.26 -14.49 13.66
N GLU C 46 -39.17 -13.53 14.57
CA GLU C 46 -38.02 -13.39 15.47
C GLU C 46 -38.47 -13.47 16.91
N PRO C 47 -37.92 -14.39 17.72
CA PRO C 47 -38.30 -14.47 19.12
C PRO C 47 -37.47 -13.60 20.06
N LEU C 48 -36.46 -12.90 19.54
CA LEU C 48 -35.59 -12.07 20.34
C LEU C 48 -35.39 -10.72 19.68
N GLU C 49 -35.09 -9.71 20.50
CA GLU C 49 -34.79 -8.37 20.04
C GLU C 49 -33.30 -8.10 20.24
N VAL C 50 -32.72 -7.33 19.33
CA VAL C 50 -31.27 -7.09 19.46
C VAL C 50 -31.00 -6.31 20.74
N PRO C 51 -29.91 -6.59 21.45
CA PRO C 51 -29.69 -5.93 22.74
C PRO C 51 -29.21 -4.51 22.58
N GLY C 52 -28.88 -3.85 23.69
CA GLY C 52 -28.23 -2.56 23.61
C GLY C 52 -26.93 -2.69 22.87
N LEU C 53 -26.68 -1.81 21.89
CA LEU C 53 -25.52 -1.97 21.03
C LEU C 53 -24.25 -1.37 21.63
N LEU C 54 -24.33 -0.76 22.81
CA LEU C 54 -23.15 -0.20 23.46
C LEU C 54 -22.98 -0.73 24.88
N ASP C 55 -23.49 -1.93 25.17
CA ASP C 55 -23.43 -2.46 26.52
C ASP C 55 -22.12 -3.18 26.82
N VAL C 56 -21.29 -3.40 25.81
CA VAL C 56 -19.98 -4.02 26.02
C VAL C 56 -19.02 -3.02 26.63
N GLN C 57 -19.25 -1.73 26.42
CA GLN C 57 -18.38 -0.70 26.96
C GLN C 57 -18.90 -0.27 28.32
N THR C 58 -20.21 -0.04 28.44
CA THR C 58 -20.76 0.50 29.67
C THR C 58 -20.83 -0.54 30.78
N ASP C 59 -21.06 -1.82 30.46
CA ASP C 59 -21.18 -2.81 31.53
C ASP C 59 -19.86 -2.99 32.27
N SER C 60 -18.75 -2.98 31.54
CA SER C 60 -17.44 -3.15 32.18
C SER C 60 -17.09 -1.99 33.10
N PHE C 61 -17.37 -0.75 32.67
CA PHE C 61 -17.12 0.39 33.54
C PHE C 61 -18.07 0.39 34.72
N GLU C 62 -19.30 -0.08 34.53
CA GLU C 62 -20.24 -0.20 35.63
C GLU C 62 -19.72 -1.18 36.67
N TRP C 63 -19.13 -2.28 36.22
CA TRP C 63 -18.51 -3.24 37.14
C TRP C 63 -17.30 -2.64 37.85
N LEU C 64 -16.44 -1.93 37.11
CA LEU C 64 -15.24 -1.36 37.70
C LEU C 64 -15.57 -0.33 38.77
N ILE C 65 -16.54 0.54 38.48
CA ILE C 65 -16.89 1.60 39.43
C ILE C 65 -17.58 1.04 40.66
N GLY C 66 -18.37 -0.04 40.50
CA GLY C 66 -19.12 -0.58 41.62
C GLY C 66 -20.45 0.11 41.87
N SER C 67 -21.08 0.65 40.83
CA SER C 67 -22.31 1.41 40.98
C SER C 67 -23.47 0.49 41.33
N PRO C 68 -24.56 1.05 41.89
CA PRO C 68 -25.70 0.21 42.30
C PRO C 68 -26.36 -0.57 41.17
N ARG C 69 -26.29 -0.07 39.93
CA ARG C 69 -26.93 -0.77 38.81
C ARG C 69 -26.32 -2.15 38.63
N TRP C 70 -24.99 -2.23 38.59
CA TRP C 70 -24.33 -3.52 38.48
C TRP C 70 -24.57 -4.38 39.70
N ARG C 71 -24.66 -3.76 40.89
CA ARG C 71 -24.92 -4.52 42.09
C ARG C 71 -26.28 -5.21 42.02
N GLU C 72 -27.30 -4.48 41.59
CA GLU C 72 -28.63 -5.09 41.42
C GLU C 72 -28.62 -6.15 40.33
N SER C 73 -27.92 -5.89 39.22
CA SER C 73 -27.88 -6.87 38.15
C SER C 73 -27.21 -8.17 38.59
N ALA C 74 -26.12 -8.07 39.36
CA ALA C 74 -25.48 -9.27 39.90
C ALA C 74 -26.32 -9.91 41.00
N ALA C 75 -27.15 -9.12 41.69
CA ALA C 75 -28.07 -9.71 42.65
C ALA C 75 -29.22 -10.44 41.98
N GLU C 76 -29.53 -10.10 40.72
CA GLU C 76 -30.59 -10.78 40.01
C GLU C 76 -30.29 -12.27 39.83
N ARG C 77 -29.05 -12.59 39.47
CA ARG C 77 -28.63 -13.98 39.28
C ARG C 77 -27.26 -14.20 39.90
N GLY C 78 -27.12 -15.34 40.58
CA GLY C 78 -25.86 -15.74 41.16
C GLY C 78 -25.27 -14.75 42.15
N ASP C 79 -26.12 -14.25 43.07
CA ASP C 79 -25.70 -13.28 44.06
C ASP C 79 -24.91 -13.97 45.16
N VAL C 80 -23.61 -14.11 44.95
CA VAL C 80 -22.71 -14.69 45.94
C VAL C 80 -21.74 -13.64 46.49
N ASN C 81 -20.91 -13.06 45.61
CA ASN C 81 -19.88 -12.10 46.01
C ASN C 81 -19.98 -10.85 45.13
N PRO C 82 -20.88 -9.92 45.46
CA PRO C 82 -20.84 -8.61 44.79
C PRO C 82 -19.57 -7.83 45.09
N VAL C 83 -18.46 -8.22 44.48
CA VAL C 83 -17.19 -7.52 44.64
C VAL C 83 -16.94 -6.65 43.42
N GLY C 84 -16.70 -5.36 43.65
CA GLY C 84 -16.42 -4.42 42.58
C GLY C 84 -15.05 -4.65 41.97
N GLY C 85 -14.70 -3.76 41.05
CA GLY C 85 -13.42 -3.84 40.37
C GLY C 85 -12.30 -3.23 41.18
N LEU C 86 -12.54 -2.06 41.79
CA LEU C 86 -11.52 -1.42 42.62
C LEU C 86 -11.42 -2.08 44.00
N GLU C 87 -12.54 -2.60 44.51
CA GLU C 87 -12.54 -3.17 45.85
C GLU C 87 -11.66 -4.42 45.90
N GLU C 88 -11.69 -5.24 44.85
CA GLU C 88 -10.88 -6.46 44.87
C GLU C 88 -9.39 -6.14 44.82
N VAL C 89 -9.00 -5.09 44.08
CA VAL C 89 -7.61 -4.66 44.09
C VAL C 89 -7.22 -4.15 45.46
N LEU C 90 -8.07 -3.29 46.06
CA LEU C 90 -7.76 -2.74 47.37
C LEU C 90 -7.73 -3.81 48.46
N TYR C 91 -8.43 -4.92 48.27
CA TYR C 91 -8.43 -5.99 49.26
C TYR C 91 -7.32 -7.01 49.01
N GLU C 92 -6.88 -7.18 47.77
CA GLU C 92 -5.70 -7.99 47.51
C GLU C 92 -4.43 -7.29 47.97
N LEU C 93 -4.40 -5.96 47.90
CA LEU C 93 -3.24 -5.20 48.38
C LEU C 93 -3.05 -5.39 49.89
N SER C 94 -4.02 -4.93 50.67
CA SER C 94 -3.88 -4.92 52.12
C SER C 94 -3.91 -6.34 52.68
N PRO C 95 -3.31 -6.56 53.86
CA PRO C 95 -2.53 -5.62 54.67
C PRO C 95 -1.06 -5.55 54.24
N ILE C 96 -0.44 -4.40 54.48
CA ILE C 96 0.98 -4.19 54.19
C ILE C 96 1.75 -4.29 55.48
N GLU C 97 2.62 -5.31 55.58
CA GLU C 97 3.38 -5.58 56.79
C GLU C 97 4.86 -5.33 56.55
N ASP C 98 5.58 -5.10 57.64
CA ASP C 98 7.02 -4.90 57.59
C ASP C 98 7.74 -6.19 57.99
N PHE C 99 9.07 -6.14 57.99
CA PHE C 99 9.85 -7.32 58.31
C PHE C 99 9.75 -7.68 59.79
N SER C 100 9.70 -6.67 60.67
CA SER C 100 9.64 -6.95 62.09
C SER C 100 8.26 -7.46 62.52
N GLY C 101 7.20 -6.88 61.96
CA GLY C 101 5.86 -7.32 62.29
C GLY C 101 5.26 -6.56 63.45
N SER C 102 5.43 -5.23 63.45
CA SER C 102 4.93 -4.39 64.53
C SER C 102 3.79 -3.47 64.10
N MET C 103 3.75 -3.04 62.85
CA MET C 103 2.70 -2.17 62.36
C MET C 103 2.21 -2.66 61.01
N SER C 104 0.98 -2.28 60.67
CA SER C 104 0.38 -2.70 59.41
C SER C 104 -0.56 -1.61 58.92
N LEU C 105 -0.82 -1.61 57.62
CA LEU C 105 -1.68 -0.63 56.98
C LEU C 105 -2.69 -1.36 56.10
N SER C 106 -3.91 -0.80 56.02
CA SER C 106 -4.98 -1.43 55.27
C SER C 106 -5.80 -0.35 54.56
N PHE C 107 -6.57 -0.79 53.56
CA PHE C 107 -7.42 0.10 52.78
C PHE C 107 -8.80 -0.53 52.63
N SER C 108 -9.81 0.31 52.43
CA SER C 108 -11.17 -0.15 52.23
C SER C 108 -12.05 1.00 51.78
N ASP C 109 -13.28 0.67 51.39
CA ASP C 109 -14.36 1.61 51.09
C ASP C 109 -13.98 2.68 50.09
N PRO C 110 -13.81 2.35 48.81
CA PRO C 110 -13.69 3.40 47.80
C PRO C 110 -15.00 4.16 47.64
N ARG C 111 -14.87 5.44 47.28
CA ARG C 111 -16.03 6.28 47.05
C ARG C 111 -15.62 7.47 46.19
N PHE C 112 -16.56 7.95 45.39
CA PHE C 112 -16.33 8.98 44.41
C PHE C 112 -17.12 10.24 44.75
N ASP C 113 -16.54 11.38 44.40
CA ASP C 113 -17.21 12.66 44.56
C ASP C 113 -17.99 13.00 43.29
N ASP C 114 -18.43 14.25 43.17
CA ASP C 114 -19.13 14.70 41.98
C ASP C 114 -18.15 15.18 40.92
N VAL C 115 -18.53 15.01 39.65
CA VAL C 115 -17.67 15.42 38.55
C VAL C 115 -17.47 16.93 38.58
N LYS C 116 -16.22 17.36 38.38
CA LYS C 116 -15.88 18.77 38.55
C LYS C 116 -16.61 19.66 37.54
N ALA C 117 -16.50 19.32 36.25
CA ALA C 117 -17.07 20.16 35.21
C ALA C 117 -17.84 19.32 34.20
N PRO C 118 -18.90 19.88 33.61
CA PRO C 118 -19.68 19.14 32.61
C PRO C 118 -18.84 18.80 31.38
N VAL C 119 -19.45 18.03 30.48
CA VAL C 119 -18.74 17.55 29.29
C VAL C 119 -18.34 18.71 28.40
N ASP C 120 -19.27 19.65 28.16
CA ASP C 120 -19.02 20.71 27.19
C ASP C 120 -17.96 21.69 27.68
N GLU C 121 -17.92 21.98 28.98
CA GLU C 121 -16.86 22.81 29.52
C GLU C 121 -15.49 22.15 29.35
N CYS C 122 -15.42 20.85 29.61
CA CYS C 122 -14.16 20.13 29.44
C CYS C 122 -13.72 20.10 27.98
N LYS C 123 -14.68 19.96 27.05
CA LYS C 123 -14.33 19.98 25.64
C LYS C 123 -13.96 21.37 25.16
N ASP C 124 -14.47 22.42 25.81
CA ASP C 124 -14.19 23.78 25.36
C ASP C 124 -12.85 24.29 25.91
N LYS C 125 -12.66 24.22 27.23
CA LYS C 125 -11.46 24.76 27.85
C LYS C 125 -10.29 23.78 27.86
N ASP C 126 -10.38 22.68 27.10
CA ASP C 126 -9.31 21.69 27.02
C ASP C 126 -8.98 21.12 28.41
N MET C 127 -9.96 20.49 29.02
CA MET C 127 -9.82 19.89 30.34
C MET C 127 -10.09 18.39 30.24
N THR C 128 -10.16 17.73 31.39
CA THR C 128 -10.44 16.30 31.48
C THR C 128 -11.73 16.09 32.28
N TYR C 129 -12.49 15.08 31.87
CA TYR C 129 -13.75 14.74 32.53
C TYR C 129 -13.45 13.70 33.60
N ALA C 130 -13.50 14.11 34.86
CA ALA C 130 -13.05 13.24 35.95
C ALA C 130 -13.79 13.61 37.23
N ALA C 131 -13.72 12.69 38.21
CA ALA C 131 -14.31 12.89 39.52
C ALA C 131 -13.32 12.41 40.59
N PRO C 132 -13.19 13.15 41.68
CA PRO C 132 -12.21 12.78 42.71
C PRO C 132 -12.58 11.47 43.40
N LEU C 133 -11.55 10.76 43.84
CA LEU C 133 -11.71 9.47 44.50
C LEU C 133 -11.08 9.49 45.88
N PHE C 134 -11.78 8.93 46.85
CA PHE C 134 -11.31 8.86 48.23
C PHE C 134 -11.39 7.42 48.73
N VAL C 135 -10.41 7.03 49.54
CA VAL C 135 -10.42 5.74 50.22
C VAL C 135 -10.10 5.98 51.68
N THR C 136 -10.42 4.99 52.51
CA THR C 136 -10.16 5.05 53.94
C THR C 136 -9.01 4.10 54.30
N ALA C 137 -8.10 4.59 55.12
CA ALA C 137 -6.92 3.84 55.53
C ALA C 137 -6.81 3.83 57.05
N GLU C 138 -6.42 2.70 57.61
CA GLU C 138 -6.27 2.55 59.05
C GLU C 138 -4.86 2.06 59.36
N PHE C 139 -4.30 2.52 60.47
CA PHE C 139 -2.94 2.18 60.88
C PHE C 139 -2.98 1.54 62.26
N ILE C 140 -2.57 0.28 62.34
CA ILE C 140 -2.55 -0.49 63.57
C ILE C 140 -1.11 -0.71 64.00
N ASN C 141 -0.86 -0.57 65.30
CA ASN C 141 0.46 -0.75 65.90
C ASN C 141 0.39 -1.91 66.88
N ASN C 142 1.02 -3.04 66.53
CA ASN C 142 0.89 -4.25 67.34
C ASN C 142 1.63 -4.13 68.66
N ASN C 143 2.66 -3.29 68.73
CA ASN C 143 3.40 -3.14 69.98
C ASN C 143 2.52 -2.54 71.07
N THR C 144 1.74 -1.52 70.73
CA THR C 144 0.84 -0.88 71.69
C THR C 144 -0.60 -1.36 71.55
N GLY C 145 -1.17 -1.24 70.37
CA GLY C 145 -2.55 -1.63 70.13
C GLY C 145 -3.47 -0.52 69.66
N GLU C 146 -3.00 0.72 69.56
CA GLU C 146 -3.85 1.82 69.14
C GLU C 146 -4.13 1.74 67.64
N ILE C 147 -5.23 2.37 67.24
CA ILE C 147 -5.66 2.41 65.85
C ILE C 147 -5.92 3.87 65.46
N LYS C 148 -5.39 4.28 64.31
CA LYS C 148 -5.60 5.62 63.77
C LYS C 148 -6.06 5.48 62.32
N SER C 149 -7.30 5.85 62.04
CA SER C 149 -7.87 5.75 60.71
C SER C 149 -8.40 7.10 60.24
N GLN C 150 -8.15 7.42 58.97
CA GLN C 150 -8.57 8.69 58.40
C GLN C 150 -8.71 8.53 56.90
N THR C 151 -9.43 9.47 56.28
CA THR C 151 -9.75 9.41 54.87
C THR C 151 -8.65 10.09 54.05
N VAL C 152 -8.14 9.39 53.05
CA VAL C 152 -7.11 9.93 52.18
C VAL C 152 -7.69 10.16 50.79
N PHE C 153 -7.04 11.03 50.03
CA PHE C 153 -7.45 11.39 48.67
C PHE C 153 -6.43 10.82 47.69
N MET C 154 -6.91 10.08 46.69
CA MET C 154 -6.03 9.31 45.80
C MET C 154 -6.15 9.74 44.34
N GLY C 155 -6.44 11.01 44.10
CA GLY C 155 -6.38 11.58 42.77
C GLY C 155 -7.70 11.51 42.02
N ASP C 156 -7.74 12.24 40.91
CA ASP C 156 -8.92 12.31 40.07
C ASP C 156 -8.98 11.13 39.11
N PHE C 157 -10.16 10.54 39.00
CA PHE C 157 -10.38 9.35 38.18
C PHE C 157 -11.17 9.73 36.94
N PRO C 158 -10.61 9.59 35.73
CA PRO C 158 -11.38 9.88 34.52
C PRO C 158 -12.63 9.01 34.44
N MET C 159 -13.72 9.61 33.96
CA MET C 159 -15.01 8.94 33.92
C MET C 159 -15.54 8.89 32.49
N MET C 160 -16.33 7.86 32.22
CA MET C 160 -16.88 7.61 30.90
C MET C 160 -18.26 8.23 30.77
N THR C 161 -18.51 8.88 29.63
CA THR C 161 -19.77 9.57 29.39
C THR C 161 -20.86 8.54 29.08
N GLU C 162 -22.03 9.01 28.68
CA GLU C 162 -23.16 8.12 28.41
C GLU C 162 -23.07 7.44 27.05
N LYS C 163 -22.07 7.77 26.23
CA LYS C 163 -21.90 7.16 24.93
C LYS C 163 -20.72 6.21 24.87
N GLY C 164 -20.07 5.94 26.00
CA GLY C 164 -18.95 5.00 26.01
C GLY C 164 -17.62 5.57 25.58
N THR C 165 -17.40 6.87 25.75
CA THR C 165 -16.15 7.50 25.35
C THR C 165 -15.61 8.33 26.51
N PHE C 166 -14.31 8.58 26.46
CA PHE C 166 -13.60 9.41 27.43
C PHE C 166 -13.15 10.71 26.78
N ILE C 167 -13.18 11.79 27.56
CA ILE C 167 -12.65 13.08 27.13
C ILE C 167 -11.36 13.31 27.91
N ILE C 168 -10.23 13.20 27.20
CA ILE C 168 -8.90 13.30 27.80
C ILE C 168 -8.21 14.49 27.16
N ASN C 169 -7.94 15.52 27.97
CA ASN C 169 -7.31 16.76 27.50
C ASN C 169 -8.10 17.43 26.40
N GLY C 170 -9.43 17.30 26.44
CA GLY C 170 -10.28 17.96 25.46
C GLY C 170 -10.59 17.14 24.23
N THR C 171 -10.00 15.96 24.07
CA THR C 171 -10.21 15.11 22.91
C THR C 171 -10.95 13.85 23.30
N GLU C 172 -11.90 13.44 22.47
CA GLU C 172 -12.66 12.23 22.72
C GLU C 172 -11.84 11.00 22.36
N ARG C 173 -11.90 9.99 23.21
CA ARG C 173 -11.10 8.79 23.04
C ARG C 173 -11.97 7.56 23.25
N VAL C 174 -11.53 6.43 22.68
CA VAL C 174 -12.22 5.16 22.80
C VAL C 174 -11.19 4.10 23.19
N VAL C 175 -11.52 3.30 24.20
CA VAL C 175 -10.70 2.19 24.64
C VAL C 175 -11.21 0.91 23.99
N VAL C 176 -10.31 0.16 23.37
CA VAL C 176 -10.66 -0.98 22.51
C VAL C 176 -10.37 -2.27 23.25
N SER C 177 -11.29 -3.23 23.16
CA SER C 177 -11.14 -4.51 23.82
C SER C 177 -10.04 -5.34 23.15
N GLN C 178 -9.42 -6.22 23.94
CA GLN C 178 -8.25 -6.98 23.52
C GLN C 178 -8.53 -8.48 23.62
N LEU C 179 -8.12 -9.22 22.59
CA LEU C 179 -8.29 -10.67 22.54
C LEU C 179 -6.96 -11.31 22.96
N VAL C 180 -6.98 -12.02 24.09
CA VAL C 180 -5.78 -12.61 24.65
C VAL C 180 -6.04 -14.06 25.04
N ARG C 181 -4.97 -14.86 24.99
CA ARG C 181 -5.05 -16.25 25.41
C ARG C 181 -5.36 -16.35 26.90
N SER C 182 -6.02 -17.44 27.28
CA SER C 182 -6.43 -17.52 28.67
C SER C 182 -5.45 -18.36 29.49
N PRO C 183 -5.15 -17.95 30.72
CA PRO C 183 -4.26 -18.74 31.57
C PRO C 183 -4.82 -20.14 31.82
N GLY C 184 -3.94 -21.13 31.76
CA GLY C 184 -4.32 -22.49 32.06
C GLY C 184 -3.29 -23.47 31.52
N VAL C 185 -3.71 -24.73 31.48
CA VAL C 185 -2.88 -25.85 31.05
C VAL C 185 -3.20 -26.17 29.60
N TYR C 186 -2.17 -26.33 28.78
CA TYR C 186 -2.35 -26.50 27.34
C TYR C 186 -1.45 -27.64 26.85
N PHE C 187 -2.07 -28.69 26.31
CA PHE C 187 -1.33 -29.84 25.81
C PHE C 187 -1.10 -29.69 24.31
N ASP C 188 -0.28 -30.57 23.77
CA ASP C 188 0.13 -30.44 22.37
C ASP C 188 0.44 -31.82 21.81
N GLU C 189 0.98 -31.84 20.59
CA GLU C 189 1.31 -33.07 19.88
C GLU C 189 2.11 -32.75 18.63
N THR C 190 3.29 -33.37 18.46
CA THR C 190 4.13 -33.12 17.31
C THR C 190 4.77 -34.42 16.85
N ILE C 191 5.23 -34.43 15.61
CA ILE C 191 5.91 -35.56 15.00
C ILE C 191 7.31 -35.12 14.60
N ASP C 192 8.27 -36.03 14.72
CA ASP C 192 9.67 -35.70 14.45
C ASP C 192 10.04 -36.17 13.05
N LYS C 193 10.80 -35.34 12.32
CA LYS C 193 11.28 -35.73 11.02
C LYS C 193 12.56 -36.56 11.06
N SER C 194 13.35 -36.48 12.13
CA SER C 194 14.52 -37.35 12.26
C SER C 194 14.13 -38.82 12.32
N THR C 195 13.51 -39.22 13.43
CA THR C 195 12.96 -40.56 13.60
C THR C 195 11.56 -40.61 13.01
N ASP C 196 10.67 -41.36 13.66
CA ASP C 196 9.27 -41.41 13.24
C ASP C 196 8.45 -41.85 14.46
N LYS C 197 7.93 -40.88 15.20
CA LYS C 197 7.06 -41.10 16.34
C LYS C 197 6.55 -39.75 16.82
N THR C 198 5.46 -39.78 17.57
CA THR C 198 4.82 -38.56 18.04
C THR C 198 5.42 -38.11 19.36
N LEU C 199 5.55 -36.80 19.54
CA LEU C 199 6.11 -36.22 20.74
C LEU C 199 5.11 -35.25 21.34
N HIS C 200 4.83 -35.39 22.64
CA HIS C 200 3.84 -34.59 23.33
C HIS C 200 4.52 -33.60 24.26
N SER C 201 3.72 -32.74 24.89
CA SER C 201 4.23 -31.68 25.75
C SER C 201 3.05 -31.05 26.47
N VAL C 202 3.37 -30.14 27.40
CA VAL C 202 2.39 -29.36 28.15
C VAL C 202 2.91 -27.93 28.25
N LYS C 203 2.15 -27.07 28.92
CA LYS C 203 2.59 -25.70 29.16
C LYS C 203 1.71 -25.00 30.18
N VAL C 204 2.08 -25.02 31.46
CA VAL C 204 1.26 -24.42 32.50
C VAL C 204 1.50 -22.91 32.46
N ILE C 205 0.63 -22.18 31.76
CA ILE C 205 0.79 -20.74 31.58
C ILE C 205 0.02 -20.04 32.70
N PRO C 206 0.67 -19.21 33.53
CA PRO C 206 -0.06 -18.47 34.56
C PRO C 206 -0.36 -17.05 34.13
N SER C 207 -1.14 -16.32 34.93
CA SER C 207 -1.38 -14.91 34.64
C SER C 207 -0.12 -14.08 34.85
N ARG C 208 0.48 -14.19 36.04
CA ARG C 208 1.78 -13.58 36.32
C ARG C 208 2.60 -14.57 37.12
N GLY C 209 3.71 -15.02 36.56
CA GLY C 209 4.59 -15.93 37.29
C GLY C 209 5.57 -16.61 36.35
N ALA C 210 6.03 -17.78 36.77
CA ALA C 210 7.00 -18.56 36.04
C ALA C 210 6.30 -19.67 35.26
N TRP C 211 6.96 -20.12 34.19
CA TRP C 211 6.37 -21.07 33.25
C TRP C 211 6.95 -22.46 33.50
N LEU C 212 6.09 -23.43 33.73
CA LEU C 212 6.50 -24.82 33.76
C LEU C 212 6.31 -25.40 32.38
N GLU C 213 6.93 -26.56 32.13
CA GLU C 213 6.83 -27.13 30.79
C GLU C 213 7.29 -28.58 30.71
N PHE C 214 6.41 -29.52 31.03
CA PHE C 214 6.74 -30.92 30.84
C PHE C 214 6.80 -31.25 29.35
N ASP C 215 7.46 -32.35 29.02
CA ASP C 215 7.52 -32.80 27.63
C ASP C 215 8.16 -34.18 27.57
N VAL C 216 7.67 -35.01 26.65
CA VAL C 216 8.30 -36.30 26.36
C VAL C 216 9.45 -36.00 25.42
N ASP C 217 10.24 -37.01 25.08
CA ASP C 217 11.47 -36.78 24.33
C ASP C 217 11.60 -37.77 23.18
N LYS C 218 12.73 -37.75 22.48
CA LYS C 218 12.91 -38.68 21.37
C LYS C 218 13.08 -40.11 21.88
N ARG C 219 13.86 -40.30 22.94
CA ARG C 219 13.97 -41.63 23.53
C ARG C 219 12.78 -41.97 24.41
N ASP C 220 12.91 -41.73 25.72
CA ASP C 220 11.81 -41.92 26.65
C ASP C 220 12.02 -41.17 27.97
N THR C 221 12.67 -40.01 27.95
CA THR C 221 12.96 -39.30 29.20
C THR C 221 12.07 -38.07 29.37
N VAL C 222 11.07 -38.19 30.25
CA VAL C 222 10.19 -37.07 30.57
C VAL C 222 11.02 -36.00 31.26
N GLY C 223 11.01 -34.78 30.71
CA GLY C 223 11.79 -33.70 31.27
C GLY C 223 10.95 -32.48 31.55
N VAL C 224 11.48 -31.63 32.42
CA VAL C 224 10.80 -30.43 32.89
C VAL C 224 11.76 -29.25 32.76
N ARG C 225 11.30 -28.16 32.16
CA ARG C 225 12.09 -26.93 32.05
C ARG C 225 11.54 -25.91 33.05
N ILE C 226 11.99 -26.01 34.30
CA ILE C 226 11.57 -25.10 35.35
C ILE C 226 12.14 -23.72 35.07
N ASP C 227 11.28 -22.81 34.59
CA ASP C 227 11.66 -21.42 34.33
C ASP C 227 12.67 -21.34 33.17
N ARG C 228 12.39 -22.08 32.10
CA ARG C 228 13.21 -22.09 30.89
C ARG C 228 14.69 -22.33 31.19
N LYS C 229 14.97 -23.06 32.28
CA LYS C 229 16.33 -23.27 32.75
C LYS C 229 16.79 -24.68 32.35
N ARG C 230 17.47 -24.76 31.20
CA ARG C 230 18.05 -26.00 30.66
C ARG C 230 16.98 -27.11 30.72
N ARG C 231 17.30 -28.30 31.22
CA ARG C 231 16.34 -29.38 31.34
C ARG C 231 16.74 -30.25 32.52
N GLN C 232 15.86 -31.19 32.86
CA GLN C 232 16.07 -32.13 33.96
C GLN C 232 14.94 -33.15 34.01
N PRO C 233 15.22 -34.42 34.29
CA PRO C 233 14.15 -35.41 34.35
C PRO C 233 13.14 -35.05 35.43
N VAL C 234 11.85 -35.31 35.15
CA VAL C 234 10.79 -34.93 36.07
C VAL C 234 10.91 -35.62 37.42
N THR C 235 11.77 -36.63 37.55
CA THR C 235 11.86 -37.35 38.81
C THR C 235 12.60 -36.57 39.88
N VAL C 236 13.48 -35.64 39.48
CA VAL C 236 14.11 -34.79 40.48
C VAL C 236 13.09 -33.85 41.11
N LEU C 237 12.12 -33.40 40.31
CA LEU C 237 11.07 -32.54 40.85
C LEU C 237 10.10 -33.35 41.69
N LEU C 238 9.72 -34.53 41.21
CA LEU C 238 8.81 -35.38 41.98
C LEU C 238 9.43 -35.73 43.32
N LYS C 239 10.74 -35.95 43.36
CA LYS C 239 11.41 -36.25 44.61
C LYS C 239 11.47 -35.02 45.51
N ALA C 240 11.83 -33.86 44.94
CA ALA C 240 11.85 -32.62 45.70
C ALA C 240 10.53 -32.38 46.40
N LEU C 241 9.42 -32.53 45.68
CA LEU C 241 8.10 -32.28 46.27
C LEU C 241 7.79 -33.21 47.43
N GLY C 242 8.44 -34.37 47.51
CA GLY C 242 8.27 -35.24 48.65
C GLY C 242 7.78 -36.63 48.30
N TRP C 243 7.99 -37.04 47.06
CA TRP C 243 7.58 -38.36 46.59
C TRP C 243 8.80 -39.28 46.55
N THR C 244 8.78 -40.34 47.36
CA THR C 244 9.86 -41.30 47.34
C THR C 244 9.71 -42.24 46.14
N SER C 245 10.82 -42.89 45.78
CA SER C 245 10.82 -43.87 44.69
C SER C 245 9.66 -44.83 44.81
N GLU C 246 9.40 -45.34 46.02
CA GLU C 246 8.31 -46.28 46.23
C GLU C 246 6.97 -45.69 45.81
N GLN C 247 6.60 -44.55 46.38
CA GLN C 247 5.34 -43.89 46.05
C GLN C 247 5.18 -43.68 44.55
N ILE C 248 6.19 -43.06 43.91
CA ILE C 248 6.14 -42.81 42.48
C ILE C 248 5.89 -44.11 41.71
N VAL C 249 6.79 -45.08 41.86
CA VAL C 249 6.66 -46.34 41.15
C VAL C 249 5.31 -46.99 41.42
N GLU C 250 4.74 -46.76 42.62
CA GLU C 250 3.45 -47.35 42.95
C GLU C 250 2.32 -46.65 42.20
N ARG C 251 2.50 -45.37 41.90
CA ARG C 251 1.46 -44.58 41.24
C ARG C 251 1.65 -44.54 39.73
N PHE C 252 2.88 -44.30 39.26
CA PHE C 252 3.19 -44.18 37.84
C PHE C 252 3.74 -45.49 37.27
N GLY C 253 3.23 -46.64 37.71
CA GLY C 253 3.67 -47.91 37.19
C GLY C 253 2.88 -48.51 36.06
N PHE C 254 1.68 -48.00 35.78
CA PHE C 254 0.91 -48.49 34.64
C PHE C 254 1.61 -48.19 33.32
N SER C 255 2.38 -47.12 33.26
CA SER C 255 3.17 -46.78 32.08
C SER C 255 4.62 -47.20 32.27
N GLU C 256 5.36 -47.23 31.16
CA GLU C 256 6.74 -47.69 31.17
C GLU C 256 7.73 -46.55 31.08
N ILE C 257 7.32 -45.40 30.54
CA ILE C 257 8.22 -44.27 30.39
C ILE C 257 8.57 -43.73 31.77
N MET C 258 7.62 -43.83 32.71
CA MET C 258 7.87 -43.34 34.06
C MET C 258 8.78 -44.30 34.80
N ARG C 259 8.62 -45.60 34.57
CA ARG C 259 9.56 -46.58 35.12
C ARG C 259 10.98 -46.29 34.64
N SER C 260 11.14 -46.12 33.32
CA SER C 260 12.45 -45.81 32.76
C SER C 260 13.04 -44.58 33.44
N THR C 261 12.28 -43.48 33.47
CA THR C 261 12.79 -42.25 34.09
C THR C 261 13.14 -42.50 35.56
N LEU C 262 12.33 -43.29 36.24
CA LEU C 262 12.55 -43.65 37.64
C LEU C 262 13.91 -44.31 37.84
N GLU C 263 14.24 -45.30 37.01
CA GLU C 263 15.50 -46.00 37.16
C GLU C 263 16.66 -45.33 36.45
N LYS C 264 16.64 -43.99 36.33
CA LYS C 264 17.76 -43.26 35.77
C LYS C 264 17.88 -41.83 36.30
N ASP C 265 17.32 -41.53 37.47
CA ASP C 265 17.51 -40.20 38.04
C ASP C 265 18.75 -40.10 38.91
N ASN C 266 18.99 -41.10 39.77
CA ASN C 266 20.18 -41.13 40.63
C ASN C 266 20.23 -39.91 41.56
N THR C 267 19.06 -39.51 42.07
CA THR C 267 19.00 -38.39 43.02
C THR C 267 18.11 -38.66 44.21
N VAL C 268 17.78 -39.94 44.48
CA VAL C 268 16.88 -40.32 45.57
C VAL C 268 17.19 -39.50 46.82
N GLY C 269 16.25 -38.66 47.23
CA GLY C 269 16.46 -37.80 48.37
C GLY C 269 15.89 -36.42 48.13
N THR C 270 14.98 -35.95 48.99
CA THR C 270 14.35 -34.65 48.75
C THR C 270 15.36 -33.52 48.91
N ASP C 271 16.30 -33.65 49.84
CA ASP C 271 17.29 -32.59 50.06
C ASP C 271 18.27 -32.51 48.90
N GLU C 272 18.70 -33.66 48.38
CA GLU C 272 19.63 -33.64 47.26
C GLU C 272 18.92 -33.30 45.96
N ALA C 273 17.60 -33.48 45.88
CA ALA C 273 16.86 -33.01 44.71
C ALA C 273 16.66 -31.50 44.79
N LEU C 274 16.45 -30.98 46.00
CA LEU C 274 16.41 -29.54 46.20
C LEU C 274 17.73 -28.91 45.77
N LEU C 275 18.85 -29.51 46.20
CA LEU C 275 20.15 -29.03 45.74
C LEU C 275 20.30 -29.18 44.22
N ASP C 276 19.76 -30.26 43.67
CA ASP C 276 19.82 -30.48 42.22
C ASP C 276 19.21 -29.31 41.47
N ILE C 277 17.99 -28.91 41.84
CA ILE C 277 17.36 -27.81 41.11
C ILE C 277 17.92 -26.46 41.55
N TYR C 278 18.59 -26.41 42.71
CA TYR C 278 19.24 -25.19 43.13
C TYR C 278 20.45 -24.88 42.27
N ARG C 279 21.28 -25.88 41.99
CA ARG C 279 22.41 -25.61 41.10
C ARG C 279 21.99 -25.52 39.64
N LYS C 280 20.69 -25.35 39.40
CA LYS C 280 20.12 -25.22 38.08
C LYS C 280 19.49 -23.85 37.91
N LEU C 281 18.61 -23.45 38.85
CA LEU C 281 17.89 -22.20 38.76
C LEU C 281 18.70 -21.00 39.26
N ARG C 282 19.69 -21.23 40.11
CA ARG C 282 20.55 -20.17 40.66
C ARG C 282 22.01 -20.56 40.45
N PRO C 283 22.55 -20.30 39.27
CA PRO C 283 23.93 -20.70 38.97
C PRO C 283 24.96 -19.80 39.65
N GLY C 284 26.11 -20.39 39.96
CA GLY C 284 27.17 -19.70 40.67
C GLY C 284 27.00 -19.63 42.17
N GLU C 285 25.77 -19.43 42.63
CA GLU C 285 25.52 -19.32 44.05
C GLU C 285 25.79 -20.65 44.75
N PRO C 286 26.28 -20.61 45.98
CA PRO C 286 26.50 -21.85 46.74
C PRO C 286 25.18 -22.44 47.20
N PRO C 287 24.94 -23.72 46.94
CA PRO C 287 23.65 -24.33 47.28
C PRO C 287 23.56 -24.76 48.74
N THR C 288 22.59 -24.17 49.45
CA THR C 288 22.30 -24.49 50.83
C THR C 288 20.87 -25.05 50.87
N LYS C 289 20.71 -26.23 51.46
CA LYS C 289 19.40 -26.89 51.48
C LYS C 289 18.27 -25.94 51.91
N GLU C 290 18.57 -24.99 52.81
CA GLU C 290 17.52 -24.09 53.29
C GLU C 290 17.07 -23.13 52.19
N SER C 291 18.03 -22.61 51.41
CA SER C 291 17.65 -21.76 50.29
C SER C 291 16.95 -22.57 49.21
N ALA C 292 17.30 -23.84 49.03
CA ALA C 292 16.63 -24.60 47.97
C ALA C 292 15.19 -24.90 48.40
N GLN C 293 15.01 -25.19 49.69
CA GLN C 293 13.68 -25.39 50.25
C GLN C 293 12.83 -24.15 50.03
N THR C 294 13.41 -22.96 50.25
CA THR C 294 12.63 -21.74 50.07
C THR C 294 12.47 -21.35 48.61
N LEU C 295 13.38 -21.80 47.72
CA LEU C 295 13.22 -21.56 46.30
C LEU C 295 12.18 -22.46 45.67
N LEU C 296 11.89 -23.60 46.30
CA LEU C 296 10.85 -24.47 45.77
C LEU C 296 9.48 -24.15 46.35
N GLU C 297 9.40 -23.10 47.16
CA GLU C 297 8.16 -22.61 47.74
C GLU C 297 7.81 -21.21 47.27
N ASN C 298 8.79 -20.31 47.20
CA ASN C 298 8.57 -18.93 46.82
C ASN C 298 8.55 -18.71 45.31
N LEU C 299 8.38 -19.77 44.53
CA LEU C 299 8.26 -19.67 43.08
C LEU C 299 6.86 -20.01 42.60
N PHE C 300 6.37 -21.20 42.93
CA PHE C 300 5.06 -21.67 42.48
C PHE C 300 4.04 -21.77 43.60
N PHE C 301 4.45 -22.29 44.75
CA PHE C 301 3.55 -22.55 45.88
C PHE C 301 3.51 -21.36 46.82
N LYS C 302 3.34 -20.16 46.27
CA LYS C 302 3.35 -18.94 47.07
C LYS C 302 2.03 -18.18 46.99
N GLU C 303 2.11 -16.86 47.06
CA GLU C 303 0.94 -15.98 47.05
C GLU C 303 1.31 -14.60 46.57
N LYS C 304 2.62 -14.33 46.50
CA LYS C 304 3.15 -13.02 46.14
C LYS C 304 3.66 -12.96 44.70
N ARG C 305 4.21 -14.04 44.17
CA ARG C 305 4.79 -14.03 42.83
C ARG C 305 4.06 -14.93 41.84
N TYR C 306 3.44 -16.01 42.30
CA TYR C 306 2.62 -16.83 41.43
C TYR C 306 1.16 -16.48 41.62
N ASP C 307 0.43 -16.36 40.51
CA ASP C 307 -1.00 -16.06 40.59
C ASP C 307 -1.68 -16.62 39.35
N LEU C 308 -2.34 -17.77 39.52
CA LEU C 308 -3.26 -18.30 38.52
C LEU C 308 -4.62 -17.66 38.76
N ALA C 309 -4.93 -16.60 38.02
CA ALA C 309 -6.10 -15.79 38.30
C ALA C 309 -7.37 -16.64 38.26
N ARG C 310 -8.48 -16.04 38.72
CA ARG C 310 -9.79 -16.68 38.68
C ARG C 310 -10.04 -17.50 37.42
N VAL C 311 -9.84 -16.87 36.26
CA VAL C 311 -9.96 -17.58 34.99
C VAL C 311 -9.07 -18.81 34.98
N GLY C 312 -7.76 -18.62 35.20
CA GLY C 312 -6.83 -19.75 35.22
C GLY C 312 -7.27 -20.86 36.14
N ARG C 313 -7.68 -20.51 37.36
CA ARG C 313 -8.11 -21.53 38.32
C ARG C 313 -9.33 -22.27 37.82
N TYR C 314 -10.32 -21.54 37.30
CA TYR C 314 -11.55 -22.18 36.80
C TYR C 314 -11.24 -23.13 35.65
N LYS C 315 -10.27 -22.77 34.80
CA LYS C 315 -9.98 -23.60 33.64
C LYS C 315 -9.16 -24.82 34.02
N VAL C 316 -8.22 -24.66 34.96
CA VAL C 316 -7.44 -25.79 35.44
C VAL C 316 -8.34 -26.77 36.17
N ASN C 317 -9.20 -26.28 37.07
CA ASN C 317 -10.17 -27.18 37.68
C ASN C 317 -11.36 -27.43 36.78
N LYS C 318 -11.10 -27.68 35.49
CA LYS C 318 -12.12 -28.04 34.52
C LYS C 318 -11.51 -29.03 33.55
N LYS C 319 -10.25 -28.76 33.16
CA LYS C 319 -9.53 -29.71 32.33
C LYS C 319 -9.13 -30.96 33.10
N LEU C 320 -8.42 -30.77 34.22
CA LEU C 320 -7.90 -31.88 35.01
C LEU C 320 -8.92 -32.47 35.98
N GLY C 321 -10.22 -32.34 35.69
CA GLY C 321 -11.26 -32.89 36.53
C GLY C 321 -10.99 -32.88 38.02
N LEU C 322 -10.95 -31.69 38.63
CA LEU C 322 -10.55 -31.52 40.01
C LEU C 322 -11.75 -31.05 40.84
N HIS C 323 -11.50 -30.31 41.92
CA HIS C 323 -12.54 -29.95 42.89
C HIS C 323 -13.40 -28.81 42.33
N VAL C 324 -14.33 -29.17 41.46
CA VAL C 324 -15.30 -28.21 40.94
C VAL C 324 -16.59 -28.36 41.74
N GLY C 325 -16.47 -28.54 43.05
CA GLY C 325 -17.64 -28.63 43.90
C GLY C 325 -17.82 -27.48 44.88
N GLU C 326 -16.88 -26.56 44.93
CA GLU C 326 -16.93 -25.48 45.91
C GLU C 326 -16.54 -24.18 45.21
N PRO C 327 -16.72 -23.02 45.87
CA PRO C 327 -16.29 -21.75 45.28
C PRO C 327 -14.85 -21.75 44.81
N ILE C 328 -14.49 -20.79 43.96
CA ILE C 328 -13.15 -20.67 43.41
C ILE C 328 -12.40 -19.67 44.28
N THR C 329 -11.52 -20.16 45.14
CA THR C 329 -10.67 -19.32 45.97
C THR C 329 -9.21 -19.67 45.72
N SER C 330 -8.34 -18.79 46.22
CA SER C 330 -6.89 -18.91 46.09
C SER C 330 -6.47 -18.76 44.62
N SER C 331 -5.17 -18.79 44.36
CA SER C 331 -4.67 -18.60 43.00
C SER C 331 -3.24 -19.08 42.85
N THR C 332 -2.83 -20.09 43.61
CA THR C 332 -1.50 -20.65 43.48
C THR C 332 -1.55 -22.12 43.12
N LEU C 333 -0.43 -22.60 42.57
CA LEU C 333 -0.34 -23.98 42.08
C LEU C 333 -0.15 -24.93 43.25
N THR C 334 -0.98 -25.97 43.31
CA THR C 334 -0.86 -26.98 44.35
C THR C 334 -0.03 -28.16 43.82
N GLU C 335 0.00 -29.25 44.58
CA GLU C 335 0.73 -30.44 44.15
C GLU C 335 -0.14 -31.35 43.29
N GLU C 336 -1.36 -31.61 43.76
CA GLU C 336 -2.33 -32.42 43.04
C GLU C 336 -2.39 -32.02 41.57
N ASP C 337 -2.41 -30.70 41.31
CA ASP C 337 -2.41 -30.18 39.95
C ASP C 337 -1.26 -30.77 39.14
N VAL C 338 -0.02 -30.52 39.58
CA VAL C 338 1.15 -30.98 38.84
C VAL C 338 1.13 -32.50 38.65
N VAL C 339 0.71 -33.24 39.68
CA VAL C 339 0.64 -34.69 39.55
C VAL C 339 -0.36 -35.08 38.46
N ALA C 340 -1.53 -34.44 38.46
CA ALA C 340 -2.53 -34.74 37.45
C ALA C 340 -2.05 -34.35 36.07
N THR C 341 -1.26 -33.27 35.97
CA THR C 341 -0.68 -32.87 34.69
C THR C 341 0.24 -33.98 34.16
N ILE C 342 1.12 -34.48 35.01
CA ILE C 342 2.04 -35.54 34.58
C ILE C 342 1.25 -36.78 34.17
N GLU C 343 0.26 -37.15 34.99
CA GLU C 343 -0.59 -38.29 34.65
C GLU C 343 -1.23 -38.11 33.29
N TYR C 344 -1.93 -36.99 33.09
CA TYR C 344 -2.54 -36.68 31.80
C TYR C 344 -1.55 -36.80 30.66
N LEU C 345 -0.32 -36.32 30.86
CA LEU C 345 0.67 -36.35 29.78
C LEU C 345 1.07 -37.79 29.44
N VAL C 346 1.23 -38.65 30.45
CA VAL C 346 1.63 -40.02 30.14
C VAL C 346 0.45 -40.78 29.54
N ARG C 347 -0.77 -40.52 30.02
CA ARG C 347 -1.95 -41.17 29.44
C ARG C 347 -2.19 -40.71 28.01
N LEU C 348 -1.74 -39.50 27.68
CA LEU C 348 -1.90 -39.00 26.32
C LEU C 348 -0.81 -39.55 25.41
N HIS C 349 0.39 -39.75 25.95
CA HIS C 349 1.44 -40.41 25.18
C HIS C 349 1.10 -41.87 24.92
N GLU C 350 0.39 -42.52 25.84
CA GLU C 350 -0.09 -43.87 25.63
C GLU C 350 -1.09 -43.91 24.49
N GLY C 351 -2.25 -43.27 24.68
CA GLY C 351 -3.26 -43.20 23.65
C GLY C 351 -4.63 -43.66 24.09
N GLN C 352 -5.03 -43.27 25.30
CA GLN C 352 -6.35 -43.56 25.84
C GLN C 352 -7.27 -42.36 25.63
N THR C 353 -8.49 -42.45 26.15
CA THR C 353 -9.44 -41.35 26.00
C THR C 353 -10.20 -41.07 27.29
N THR C 354 -9.74 -41.57 28.43
CA THR C 354 -10.35 -41.29 29.72
C THR C 354 -9.25 -41.24 30.77
N MET C 355 -9.61 -40.73 31.95
CA MET C 355 -8.69 -40.67 33.08
C MET C 355 -9.47 -40.24 34.32
N THR C 356 -9.00 -40.66 35.49
CA THR C 356 -9.59 -40.23 36.75
C THR C 356 -8.48 -40.09 37.80
N VAL C 357 -8.31 -38.89 38.32
CA VAL C 357 -7.34 -38.65 39.38
C VAL C 357 -7.93 -39.19 40.69
N PRO C 358 -7.09 -39.53 41.69
CA PRO C 358 -7.63 -40.11 42.94
C PRO C 358 -8.72 -39.25 43.57
N GLY C 359 -9.96 -39.69 43.45
CA GLY C 359 -11.09 -38.92 43.93
C GLY C 359 -11.32 -37.67 43.11
N GLY C 360 -11.81 -37.84 41.88
CA GLY C 360 -12.13 -36.71 41.03
C GLY C 360 -13.44 -36.84 40.27
N VAL C 361 -13.34 -36.79 38.95
CA VAL C 361 -14.47 -36.95 38.04
C VAL C 361 -13.99 -37.69 36.80
N GLU C 362 -14.55 -37.36 35.65
CA GLU C 362 -14.18 -37.97 34.38
C GLU C 362 -14.00 -36.87 33.34
N VAL C 363 -13.03 -37.07 32.45
CA VAL C 363 -12.70 -36.08 31.43
C VAL C 363 -12.05 -36.78 30.25
N PRO C 364 -12.23 -36.29 29.03
CA PRO C 364 -11.52 -36.88 27.89
C PRO C 364 -10.06 -36.49 27.89
N VAL C 365 -9.24 -37.35 27.28
CA VAL C 365 -7.82 -37.07 27.15
C VAL C 365 -7.52 -36.66 25.71
N GLU C 366 -7.54 -35.36 25.45
CA GLU C 366 -7.34 -34.83 24.11
C GLU C 366 -6.49 -33.57 24.18
N THR C 367 -5.83 -33.26 23.08
CA THR C 367 -5.08 -32.02 22.96
C THR C 367 -6.02 -30.89 22.56
N ASP C 368 -5.57 -29.65 22.80
CA ASP C 368 -6.40 -28.49 22.55
C ASP C 368 -5.75 -27.54 21.56
N ASP C 369 -6.60 -26.75 20.90
CA ASP C 369 -6.18 -25.71 19.98
C ASP C 369 -6.12 -24.37 20.69
N ILE C 370 -5.20 -23.51 20.24
CA ILE C 370 -4.96 -22.23 20.90
C ILE C 370 -5.71 -21.08 20.25
N ASP C 371 -6.52 -21.35 19.23
CA ASP C 371 -7.31 -20.33 18.56
C ASP C 371 -8.80 -20.54 18.75
N HIS C 372 -9.18 -21.63 19.41
CA HIS C 372 -10.58 -21.88 19.76
C HIS C 372 -11.12 -20.74 20.60
N PHE C 373 -12.33 -20.28 20.27
CA PHE C 373 -12.98 -19.22 21.04
C PHE C 373 -13.48 -19.72 22.39
N GLY C 374 -12.87 -20.79 22.89
CA GLY C 374 -13.13 -21.28 24.23
C GLY C 374 -11.84 -21.25 25.00
N ASN C 375 -10.78 -20.82 24.31
CA ASN C 375 -9.47 -20.63 24.88
C ASN C 375 -8.96 -19.20 24.73
N ARG C 376 -9.66 -18.36 23.97
CA ARG C 376 -9.36 -16.94 23.84
C ARG C 376 -10.41 -16.14 24.60
N ARG C 377 -9.96 -15.30 25.52
CA ARG C 377 -10.86 -14.47 26.31
C ARG C 377 -10.73 -13.02 25.89
N LEU C 378 -11.62 -12.19 26.43
CA LEU C 378 -11.71 -10.78 26.06
C LEU C 378 -11.36 -9.92 27.27
N ARG C 379 -10.45 -8.97 27.07
CA ARG C 379 -10.04 -8.04 28.11
C ARG C 379 -10.68 -6.69 27.81
N THR C 380 -11.78 -6.40 28.49
CA THR C 380 -12.56 -5.20 28.22
C THR C 380 -11.89 -3.99 28.88
N VAL C 381 -12.59 -2.85 28.90
CA VAL C 381 -11.99 -1.62 29.40
C VAL C 381 -11.74 -1.68 30.89
N GLY C 382 -12.65 -2.31 31.65
CA GLY C 382 -12.47 -2.39 33.09
C GLY C 382 -11.22 -3.14 33.49
N GLU C 383 -10.99 -4.31 32.87
CA GLU C 383 -9.79 -5.07 33.17
C GLU C 383 -8.54 -4.49 32.55
N LEU C 384 -8.67 -3.53 31.62
CA LEU C 384 -7.49 -2.83 31.12
C LEU C 384 -7.10 -1.67 32.03
N ILE C 385 -8.07 -1.05 32.69
CA ILE C 385 -7.74 0.01 33.65
C ILE C 385 -7.31 -0.58 34.98
N GLN C 386 -7.88 -1.73 35.36
CA GLN C 386 -7.55 -2.35 36.65
C GLN C 386 -6.08 -2.75 36.71
N ASN C 387 -5.49 -3.16 35.58
CA ASN C 387 -4.09 -3.54 35.57
C ASN C 387 -3.19 -2.35 35.90
N GLN C 388 -3.45 -1.20 35.27
CA GLN C 388 -2.66 0.00 35.55
C GLN C 388 -2.84 0.45 36.98
N ILE C 389 -4.08 0.41 37.49
CA ILE C 389 -4.31 0.76 38.89
C ILE C 389 -3.52 -0.17 39.81
N ARG C 390 -3.49 -1.46 39.48
CA ARG C 390 -2.74 -2.41 40.30
C ARG C 390 -1.25 -2.13 40.27
N VAL C 391 -0.70 -1.78 39.10
CA VAL C 391 0.73 -1.49 39.00
C VAL C 391 1.09 -0.27 39.84
N GLY C 392 0.30 0.80 39.72
CA GLY C 392 0.53 1.98 40.54
C GLY C 392 0.40 1.68 42.02
N MET C 393 -0.58 0.85 42.38
CA MET C 393 -0.77 0.46 43.76
C MET C 393 0.44 -0.29 44.31
N SER C 394 0.99 -1.21 43.50
CA SER C 394 2.16 -1.97 43.93
C SER C 394 3.38 -1.07 44.12
N ARG C 395 3.57 -0.10 43.22
CA ARG C 395 4.69 0.82 43.40
C ARG C 395 4.53 1.65 44.66
N MET C 396 3.32 2.16 44.91
CA MET C 396 3.08 2.93 46.13
C MET C 396 3.26 2.06 47.36
N GLU C 397 2.86 0.79 47.28
CA GLU C 397 3.03 -0.12 48.40
C GLU C 397 4.50 -0.39 48.70
N ARG C 398 5.31 -0.55 47.66
CA ARG C 398 6.75 -0.70 47.89
C ARG C 398 7.31 0.54 48.56
N VAL C 399 6.89 1.73 48.11
CA VAL C 399 7.40 2.96 48.70
C VAL C 399 7.03 3.06 50.18
N VAL C 400 5.76 2.75 50.50
CA VAL C 400 5.34 2.89 51.90
C VAL C 400 6.01 1.84 52.78
N ARG C 401 6.19 0.63 52.25
CA ARG C 401 6.90 -0.39 53.03
C ARG C 401 8.34 0.02 53.29
N GLU C 402 9.00 0.62 52.30
CA GLU C 402 10.39 1.03 52.50
C GLU C 402 10.50 2.23 53.43
N ARG C 403 9.47 3.09 53.47
CA ARG C 403 9.53 4.28 54.29
C ARG C 403 8.98 4.06 55.70
N MET C 404 8.26 2.96 55.93
CA MET C 404 7.74 2.67 57.26
C MET C 404 8.84 2.33 58.26
N THR C 405 10.04 1.99 57.81
CA THR C 405 11.11 1.56 58.69
C THR C 405 12.18 2.61 58.92
N THR C 406 12.00 3.83 58.39
CA THR C 406 12.98 4.89 58.59
C THR C 406 12.41 6.07 59.35
N GLN C 407 11.12 6.07 59.67
CA GLN C 407 10.50 7.13 60.46
C GLN C 407 10.38 6.69 61.91
N ASP C 408 10.11 7.67 62.77
CA ASP C 408 9.99 7.44 64.20
C ASP C 408 8.54 7.16 64.58
N VAL C 409 8.36 6.19 65.47
CA VAL C 409 7.00 5.82 65.90
C VAL C 409 6.41 6.96 66.74
N GLU C 410 5.08 6.91 66.92
CA GLU C 410 4.25 7.89 67.61
C GLU C 410 4.06 9.17 66.81
N ALA C 411 4.71 9.31 65.65
CA ALA C 411 4.44 10.40 64.72
C ALA C 411 4.08 9.88 63.34
N ILE C 412 3.75 8.59 63.24
CA ILE C 412 3.39 7.95 61.98
C ILE C 412 1.88 7.94 61.85
N THR C 413 1.38 8.55 60.78
CA THR C 413 -0.04 8.59 60.46
C THR C 413 -0.23 8.11 59.04
N PRO C 414 -1.43 7.63 58.69
CA PRO C 414 -1.66 7.14 57.33
C PRO C 414 -1.43 8.18 56.24
N GLN C 415 -1.62 9.47 56.56
CA GLN C 415 -1.44 10.51 55.55
C GLN C 415 0.02 10.78 55.24
N THR C 416 0.93 10.40 56.13
CA THR C 416 2.36 10.62 55.93
C THR C 416 3.06 9.43 55.29
N LEU C 417 2.37 8.31 55.11
CA LEU C 417 2.97 7.11 54.54
C LEU C 417 2.59 6.89 53.09
N ILE C 418 1.67 7.68 52.54
CA ILE C 418 1.04 7.39 51.26
C ILE C 418 1.49 8.43 50.24
N ASN C 419 1.94 7.95 49.08
CA ASN C 419 2.33 8.81 47.97
C ASN C 419 1.36 8.57 46.81
N ILE C 420 0.84 9.67 46.24
CA ILE C 420 -0.15 9.56 45.17
C ILE C 420 0.49 9.57 43.78
N ARG C 421 1.71 10.08 43.67
CA ARG C 421 2.32 10.31 42.35
C ARG C 421 2.37 9.07 41.46
N PRO C 422 2.77 7.89 41.93
CA PRO C 422 2.78 6.73 41.03
C PRO C 422 1.42 6.39 40.42
N VAL C 423 0.34 6.51 41.20
CA VAL C 423 -0.98 6.12 40.71
C VAL C 423 -1.44 7.07 39.61
N VAL C 424 -1.32 8.39 39.86
CA VAL C 424 -1.74 9.35 38.84
C VAL C 424 -0.83 9.26 37.62
N ALA C 425 0.47 8.98 37.82
CA ALA C 425 1.35 8.81 36.69
C ALA C 425 0.93 7.63 35.83
N ALA C 426 0.60 6.50 36.46
CA ALA C 426 0.15 5.33 35.70
C ALA C 426 -1.16 5.61 34.98
N ILE C 427 -2.10 6.29 35.63
CA ILE C 427 -3.38 6.59 35.01
C ILE C 427 -3.19 7.49 33.80
N LYS C 428 -2.43 8.57 33.96
CA LYS C 428 -2.24 9.50 32.86
C LYS C 428 -1.35 8.94 31.76
N GLU C 429 -0.51 7.95 32.07
CA GLU C 429 0.25 7.27 31.03
C GLU C 429 -0.62 6.28 30.26
N PHE C 430 -1.57 5.64 30.92
CA PHE C 430 -2.47 4.75 30.20
C PHE C 430 -3.41 5.54 29.30
N PHE C 431 -4.01 6.60 29.83
CA PHE C 431 -5.02 7.31 29.06
C PHE C 431 -4.43 8.20 27.97
N GLY C 432 -3.11 8.34 27.94
CA GLY C 432 -2.44 9.11 26.91
C GLY C 432 -1.71 8.23 25.92
N THR C 433 -0.40 8.07 26.12
CA THR C 433 0.47 7.32 25.21
C THR C 433 0.24 5.82 25.42
N SER C 434 -0.84 5.31 24.81
CA SER C 434 -1.14 3.88 24.86
C SER C 434 -1.67 3.43 23.51
N GLN C 435 -1.52 2.14 23.24
CA GLN C 435 -1.93 1.56 21.97
C GLN C 435 -3.40 1.14 21.94
N LEU C 436 -4.08 1.15 23.07
CA LEU C 436 -5.46 0.68 23.14
C LEU C 436 -6.46 1.79 23.40
N SER C 437 -6.03 2.95 23.88
CA SER C 437 -6.89 4.13 24.01
C SER C 437 -6.68 4.98 22.76
N GLN C 438 -7.57 4.82 21.79
CA GLN C 438 -7.35 5.34 20.45
C GLN C 438 -8.18 6.60 20.20
N PHE C 439 -7.66 7.45 19.32
CA PHE C 439 -8.37 8.63 18.87
C PHE C 439 -9.66 8.22 18.17
N MET C 440 -10.78 8.80 18.58
CA MET C 440 -12.07 8.43 18.04
C MET C 440 -12.25 9.01 16.64
N ASP C 441 -12.87 8.22 15.75
CA ASP C 441 -13.17 8.67 14.39
C ASP C 441 -14.63 9.06 14.28
N GLN C 442 -14.88 10.29 13.82
CA GLN C 442 -16.23 10.81 13.75
C GLN C 442 -16.56 11.28 12.34
N ASN C 443 -16.26 10.44 11.35
CA ASN C 443 -16.68 10.72 9.98
C ASN C 443 -18.20 10.75 9.86
N ASN C 444 -18.87 9.77 10.46
CA ASN C 444 -20.32 9.71 10.50
C ASN C 444 -20.72 8.78 11.65
N PRO C 445 -22.01 8.75 12.01
CA PRO C 445 -22.41 7.93 13.17
C PRO C 445 -22.05 6.45 13.06
N LEU C 446 -22.07 5.87 11.86
CA LEU C 446 -21.77 4.46 11.73
C LEU C 446 -20.33 4.16 12.12
N SER C 447 -19.39 5.01 11.72
CA SER C 447 -17.99 4.80 12.08
C SER C 447 -17.78 4.91 13.58
N GLY C 448 -18.46 5.86 14.22
CA GLY C 448 -18.34 5.98 15.66
C GLY C 448 -18.91 4.78 16.40
N LEU C 449 -20.05 4.27 15.93
CA LEU C 449 -20.61 3.07 16.54
C LEU C 449 -19.72 1.86 16.32
N THR C 450 -19.11 1.75 15.14
CA THR C 450 -18.27 0.60 14.84
C THR C 450 -16.96 0.64 15.62
N HIS C 451 -16.42 1.82 15.90
CA HIS C 451 -15.19 1.93 16.66
C HIS C 451 -15.33 1.34 18.05
N LYS C 452 -16.50 1.47 18.68
CA LYS C 452 -16.70 1.02 20.04
C LYS C 452 -17.02 -0.47 20.15
N ARG C 453 -17.08 -1.19 19.04
CA ARG C 453 -17.42 -2.61 19.04
C ARG C 453 -16.32 -3.44 18.43
N ARG C 454 -15.09 -2.95 18.50
CA ARG C 454 -13.94 -3.56 17.82
C ARG C 454 -13.18 -4.45 18.78
N LEU C 455 -12.81 -5.65 18.31
CA LEU C 455 -11.95 -6.57 19.05
C LEU C 455 -10.58 -6.59 18.38
N SER C 456 -9.55 -6.21 19.12
CA SER C 456 -8.21 -6.05 18.58
C SER C 456 -7.28 -7.09 19.20
N ALA C 457 -6.48 -7.74 18.36
CA ALA C 457 -5.61 -8.83 18.81
C ALA C 457 -4.20 -8.35 19.13
N LEU C 458 -3.93 -7.06 19.03
CA LEU C 458 -2.63 -6.48 19.29
C LEU C 458 -2.66 -5.73 20.62
N GLY C 459 -1.52 -5.16 21.00
CA GLY C 459 -1.44 -4.35 22.19
C GLY C 459 -0.42 -4.86 23.18
N PRO C 460 -0.30 -4.19 24.33
CA PRO C 460 0.70 -4.58 25.32
C PRO C 460 0.33 -5.87 26.03
N GLY C 461 0.64 -7.00 25.40
CA GLY C 461 0.33 -8.30 25.98
C GLY C 461 -0.18 -9.29 24.96
N GLY C 462 -0.29 -8.85 23.71
CA GLY C 462 -0.81 -9.71 22.67
C GLY C 462 0.20 -10.12 21.62
N LEU C 463 0.06 -9.59 20.41
CA LEU C 463 0.81 -10.05 19.25
C LEU C 463 1.55 -8.87 18.62
N SER C 464 2.12 -9.11 17.45
CA SER C 464 2.77 -8.07 16.65
C SER C 464 2.44 -8.27 15.18
N ARG C 465 2.43 -7.17 14.43
CA ARG C 465 2.11 -7.24 13.00
C ARG C 465 3.11 -8.07 12.22
N GLU C 466 4.32 -8.26 12.74
CA GLU C 466 5.37 -9.04 12.10
C GLU C 466 5.43 -10.47 12.60
N ARG C 467 5.26 -10.68 13.90
CA ARG C 467 5.31 -12.03 14.46
C ARG C 467 4.10 -12.85 14.06
N ALA C 468 2.93 -12.21 13.92
CA ALA C 468 1.71 -12.93 13.57
C ALA C 468 1.85 -13.59 12.20
N GLY C 469 1.43 -14.85 12.11
CA GLY C 469 1.60 -15.62 10.90
C GLY C 469 0.37 -15.69 10.04
N LEU C 470 -0.01 -16.90 9.61
CA LEU C 470 -1.16 -17.10 8.76
C LEU C 470 -2.26 -17.94 9.39
N GLU C 471 -2.04 -18.48 10.58
CA GLU C 471 -3.05 -19.28 11.25
C GLU C 471 -3.87 -18.48 12.26
N VAL C 472 -3.37 -17.32 12.70
CA VAL C 472 -4.14 -16.43 13.56
C VAL C 472 -5.02 -15.48 12.77
N ARG C 473 -4.95 -15.50 11.44
CA ARG C 473 -5.76 -14.65 10.59
C ARG C 473 -6.75 -15.45 9.75
N ASP C 474 -7.40 -16.44 10.35
CA ASP C 474 -8.31 -17.32 9.64
C ASP C 474 -9.66 -17.32 10.34
N VAL C 475 -10.69 -17.69 9.59
CA VAL C 475 -12.06 -17.76 10.09
C VAL C 475 -12.23 -19.14 10.71
N HIS C 476 -12.08 -19.22 12.02
CA HIS C 476 -12.29 -20.47 12.73
C HIS C 476 -13.77 -20.82 12.73
N PRO C 477 -14.11 -22.11 12.73
CA PRO C 477 -15.53 -22.51 12.80
C PRO C 477 -16.22 -22.11 14.09
N SER C 478 -15.48 -21.70 15.12
CA SER C 478 -16.07 -21.30 16.39
C SER C 478 -16.41 -19.82 16.44
N HIS C 479 -16.22 -19.08 15.36
CA HIS C 479 -16.56 -17.67 15.28
C HIS C 479 -18.03 -17.44 14.97
N TYR C 480 -18.81 -18.50 14.75
CA TYR C 480 -20.19 -18.37 14.31
C TYR C 480 -21.03 -17.80 15.44
N GLY C 481 -21.38 -16.53 15.33
CA GLY C 481 -22.20 -15.86 16.33
C GLY C 481 -21.43 -14.99 17.30
N ARG C 482 -20.11 -14.96 17.21
CA ARG C 482 -19.28 -14.19 18.11
C ARG C 482 -18.40 -13.16 17.41
N MET C 483 -17.97 -13.43 16.18
CA MET C 483 -17.14 -12.50 15.43
C MET C 483 -17.63 -12.48 14.00
N CYS C 484 -17.46 -11.34 13.34
CA CYS C 484 -17.92 -11.23 11.95
C CYS C 484 -16.83 -11.69 11.00
N PRO C 485 -17.12 -12.64 10.11
CA PRO C 485 -16.09 -13.13 9.18
C PRO C 485 -15.83 -12.23 7.98
N ILE C 486 -16.58 -11.13 7.82
CA ILE C 486 -16.52 -10.31 6.63
C ILE C 486 -15.86 -8.96 6.91
N GLU C 487 -16.28 -8.28 7.98
CA GLU C 487 -15.77 -6.96 8.28
C GLU C 487 -14.38 -7.09 8.90
N THR C 488 -13.35 -6.75 8.12
CA THR C 488 -11.97 -6.79 8.58
C THR C 488 -11.16 -5.85 7.70
N PRO C 489 -10.02 -5.34 8.20
CA PRO C 489 -9.19 -4.45 7.39
C PRO C 489 -8.65 -5.14 6.15
N GLU C 490 -8.11 -4.32 5.24
CA GLU C 490 -7.66 -4.79 3.94
C GLU C 490 -6.15 -4.78 3.76
N GLY C 491 -5.40 -4.14 4.66
CA GLY C 491 -3.98 -4.02 4.51
C GLY C 491 -3.21 -5.05 5.32
N PRO C 492 -2.15 -4.60 6.00
CA PRO C 492 -1.37 -5.52 6.83
C PRO C 492 -2.10 -5.98 8.09
N ASN C 493 -3.24 -5.38 8.44
CA ASN C 493 -4.01 -5.79 9.61
C ASN C 493 -5.20 -6.67 9.24
N ILE C 494 -5.07 -7.49 8.21
CA ILE C 494 -6.17 -8.36 7.80
C ILE C 494 -6.24 -9.54 8.77
N GLY C 495 -7.37 -9.68 9.45
CA GLY C 495 -7.56 -10.76 10.39
C GLY C 495 -7.11 -10.47 11.81
N LEU C 496 -6.42 -9.36 12.04
CA LEU C 496 -5.99 -8.97 13.37
C LEU C 496 -6.96 -8.02 14.05
N ILE C 497 -7.98 -7.53 13.34
CA ILE C 497 -8.99 -6.65 13.90
C ILE C 497 -10.36 -7.14 13.43
N GLY C 498 -11.31 -7.25 14.35
CA GLY C 498 -12.63 -7.73 14.03
C GLY C 498 -13.70 -6.98 14.80
N SER C 499 -14.95 -7.37 14.54
CA SER C 499 -16.12 -6.71 15.11
C SER C 499 -17.02 -7.72 15.81
N LEU C 500 -17.63 -7.30 16.90
CA LEU C 500 -18.55 -8.15 17.63
C LEU C 500 -19.86 -8.28 16.85
N SER C 501 -20.51 -9.43 17.01
CA SER C 501 -21.78 -9.68 16.34
C SER C 501 -22.92 -9.01 17.11
N VAL C 502 -24.09 -8.97 16.47
CA VAL C 502 -25.19 -8.18 17.01
C VAL C 502 -25.77 -8.79 18.28
N TYR C 503 -25.86 -10.13 18.34
CA TYR C 503 -26.47 -10.80 19.47
C TYR C 503 -25.48 -11.28 20.51
N ALA C 504 -24.18 -11.03 20.32
CA ALA C 504 -23.17 -11.56 21.21
C ALA C 504 -23.12 -10.79 22.53
N ARG C 505 -22.64 -11.47 23.57
CA ARG C 505 -22.47 -10.87 24.88
C ARG C 505 -21.33 -11.58 25.59
N VAL C 506 -20.78 -10.91 26.61
CA VAL C 506 -19.55 -11.34 27.25
C VAL C 506 -19.86 -11.91 28.64
N ASN C 507 -19.22 -13.03 28.97
CA ASN C 507 -19.30 -13.71 30.25
C ASN C 507 -18.79 -12.79 31.37
N PRO C 508 -19.00 -13.13 32.64
CA PRO C 508 -18.23 -12.47 33.70
C PRO C 508 -16.78 -12.89 33.77
N PHE C 509 -16.34 -13.81 32.92
CA PHE C 509 -14.95 -14.25 32.85
C PHE C 509 -14.21 -13.70 31.64
N GLY C 510 -14.92 -13.42 30.55
CA GLY C 510 -14.31 -12.87 29.36
C GLY C 510 -14.56 -13.70 28.11
N PHE C 511 -15.50 -14.63 28.20
CA PHE C 511 -15.83 -15.52 27.09
C PHE C 511 -17.13 -15.08 26.44
N ILE C 512 -17.15 -14.99 25.12
CA ILE C 512 -18.30 -14.49 24.39
C ILE C 512 -19.37 -15.57 24.26
N GLU C 513 -20.62 -15.19 24.50
CA GLU C 513 -21.76 -16.09 24.41
C GLU C 513 -22.64 -15.71 23.23
N THR C 514 -23.61 -16.56 22.94
CA THR C 514 -24.56 -16.35 21.85
C THR C 514 -25.81 -17.15 22.15
N PRO C 515 -26.99 -16.66 21.76
CA PRO C 515 -28.25 -17.31 22.17
C PRO C 515 -28.71 -18.39 21.20
N TYR C 516 -29.50 -19.32 21.73
CA TYR C 516 -30.07 -20.41 20.96
C TYR C 516 -31.46 -20.72 21.49
N ARG C 517 -32.27 -21.37 20.65
CA ARG C 517 -33.61 -21.80 21.02
C ARG C 517 -33.62 -23.30 21.27
N LYS C 518 -34.08 -23.69 22.45
CA LYS C 518 -34.08 -25.11 22.83
C LYS C 518 -35.22 -25.84 22.13
N VAL C 519 -34.92 -27.00 21.56
CA VAL C 519 -35.92 -27.84 20.90
C VAL C 519 -35.99 -29.17 21.62
N VAL C 520 -37.21 -29.68 21.78
CA VAL C 520 -37.46 -30.96 22.44
C VAL C 520 -38.47 -31.74 21.64
N ASP C 521 -38.20 -33.03 21.41
CA ASP C 521 -39.10 -33.94 20.71
C ASP C 521 -39.46 -33.41 19.32
N GLY C 522 -38.49 -32.79 18.65
CA GLY C 522 -38.69 -32.30 17.30
C GLY C 522 -39.53 -31.05 17.18
N VAL C 523 -39.87 -30.41 18.29
CA VAL C 523 -40.67 -29.18 18.28
C VAL C 523 -39.82 -28.07 18.86
N VAL C 524 -39.76 -26.94 18.15
CA VAL C 524 -38.98 -25.80 18.60
C VAL C 524 -39.75 -25.05 19.68
N SER C 525 -39.12 -24.86 20.84
CA SER C 525 -39.73 -24.10 21.92
C SER C 525 -39.37 -22.63 21.75
N ASP C 526 -39.61 -21.83 22.78
CA ASP C 526 -39.29 -20.40 22.75
C ASP C 526 -38.47 -19.99 23.97
N GLU C 527 -37.61 -20.88 24.46
CA GLU C 527 -36.76 -20.61 25.60
C GLU C 527 -35.34 -20.37 25.11
N ILE C 528 -34.76 -19.24 25.50
CA ILE C 528 -33.46 -18.79 25.01
C ILE C 528 -32.41 -19.11 26.06
N VAL C 529 -31.33 -19.78 25.63
CA VAL C 529 -30.20 -20.09 26.50
C VAL C 529 -28.92 -19.62 25.80
N TYR C 530 -28.06 -18.94 26.55
CA TYR C 530 -26.80 -18.44 26.04
C TYR C 530 -25.71 -19.46 26.25
N LEU C 531 -24.96 -19.77 25.19
CA LEU C 531 -23.96 -20.83 25.20
C LEU C 531 -22.61 -20.29 24.76
N THR C 532 -21.55 -20.72 25.44
CA THR C 532 -20.20 -20.42 25.03
C THR C 532 -19.67 -21.47 24.06
N ALA C 533 -18.57 -21.14 23.38
CA ALA C 533 -18.05 -22.01 22.34
C ALA C 533 -17.60 -23.36 22.87
N ASP C 534 -17.33 -23.45 24.17
CA ASP C 534 -16.90 -24.71 24.79
C ASP C 534 -18.07 -25.60 25.17
N GLU C 535 -19.30 -25.09 25.14
CA GLU C 535 -20.47 -25.87 25.50
C GLU C 535 -21.34 -26.24 24.30
N GLU C 536 -21.17 -25.57 23.16
CA GLU C 536 -21.97 -25.83 21.97
C GLU C 536 -21.36 -26.88 21.07
N ASP C 537 -20.20 -27.43 21.40
CA ASP C 537 -19.59 -28.50 20.63
C ASP C 537 -20.00 -29.88 21.10
N ARG C 538 -20.87 -29.97 22.11
CA ARG C 538 -21.42 -31.24 22.55
C ARG C 538 -22.89 -31.39 22.17
N HIS C 539 -23.42 -30.47 21.36
CA HIS C 539 -24.81 -30.50 20.93
C HIS C 539 -24.89 -30.34 19.43
N VAL C 540 -26.00 -30.80 18.86
CA VAL C 540 -26.29 -30.63 17.45
C VAL C 540 -27.13 -29.38 17.29
N VAL C 541 -26.63 -28.41 16.53
CA VAL C 541 -27.27 -27.11 16.36
C VAL C 541 -27.75 -26.99 14.93
N ALA C 542 -29.03 -26.68 14.76
CA ALA C 542 -29.65 -26.60 13.44
C ALA C 542 -29.29 -25.29 12.77
N GLN C 543 -29.99 -24.97 11.68
CA GLN C 543 -29.70 -23.80 10.87
C GLN C 543 -30.89 -22.84 10.90
N ALA C 544 -30.59 -21.55 10.76
CA ALA C 544 -31.64 -20.54 10.87
C ALA C 544 -32.69 -20.68 9.77
N ASN C 545 -32.24 -20.92 8.53
CA ASN C 545 -33.14 -21.06 7.39
C ASN C 545 -33.64 -22.50 7.33
N SER C 546 -34.61 -22.80 8.19
CA SER C 546 -35.19 -24.13 8.27
C SER C 546 -36.71 -23.99 8.27
N PRO C 547 -37.42 -24.75 7.42
CA PRO C 547 -38.88 -24.62 7.38
C PRO C 547 -39.51 -25.09 8.69
N ILE C 548 -40.34 -24.23 9.26
CA ILE C 548 -41.00 -24.49 10.54
C ILE C 548 -42.49 -24.28 10.35
N ASP C 549 -43.29 -25.27 10.76
CA ASP C 549 -44.73 -25.21 10.59
C ASP C 549 -45.34 -24.29 11.65
N ALA C 550 -46.68 -24.22 11.66
CA ALA C 550 -47.37 -23.38 12.63
C ALA C 550 -47.14 -23.88 14.06
N ASP C 551 -47.17 -25.19 14.26
CA ASP C 551 -46.94 -25.74 15.59
C ASP C 551 -45.46 -25.73 15.97
N GLY C 552 -44.56 -25.89 15.01
CA GLY C 552 -43.14 -25.82 15.28
C GLY C 552 -42.38 -27.07 14.91
N ARG C 553 -42.91 -27.85 13.98
CA ARG C 553 -42.26 -29.09 13.54
C ARG C 553 -41.58 -28.86 12.20
N PHE C 554 -40.41 -29.48 12.03
CA PHE C 554 -39.66 -29.33 10.79
C PHE C 554 -40.42 -29.95 9.62
N VAL C 555 -40.42 -29.23 8.49
CA VAL C 555 -41.08 -29.73 7.29
C VAL C 555 -40.17 -30.70 6.54
N GLU C 556 -38.95 -30.28 6.26
CA GLU C 556 -38.01 -31.12 5.53
C GLU C 556 -37.62 -32.34 6.38
N PRO C 557 -37.54 -33.53 5.78
CA PRO C 557 -37.14 -34.71 6.55
C PRO C 557 -35.74 -34.60 7.14
N ARG C 558 -34.81 -33.95 6.45
CA ARG C 558 -33.44 -33.81 6.90
C ARG C 558 -33.04 -32.35 6.87
N VAL C 559 -32.22 -31.93 7.83
CA VAL C 559 -31.83 -30.54 7.98
C VAL C 559 -30.31 -30.44 8.03
N LEU C 560 -29.79 -29.27 7.67
CA LEU C 560 -28.37 -29.00 7.70
C LEU C 560 -27.99 -28.51 9.09
N VAL C 561 -27.08 -29.22 9.76
CA VAL C 561 -26.73 -28.92 11.14
C VAL C 561 -25.23 -28.66 11.26
N ARG C 562 -24.78 -28.35 12.48
CA ARG C 562 -23.38 -28.16 12.79
C ARG C 562 -22.99 -29.11 13.91
N ARG C 563 -22.06 -30.02 13.63
CA ARG C 563 -21.67 -31.05 14.59
C ARG C 563 -20.49 -30.54 15.42
N LYS C 564 -19.80 -31.44 16.12
CA LYS C 564 -18.81 -31.06 17.13
C LYS C 564 -17.71 -30.16 16.60
N ALA C 565 -16.86 -30.68 15.71
CA ALA C 565 -15.70 -29.92 15.24
C ALA C 565 -16.03 -29.11 14.00
N GLY C 566 -17.10 -28.32 14.07
CA GLY C 566 -17.54 -27.55 12.93
C GLY C 566 -17.86 -28.37 11.71
N GLU C 567 -18.19 -29.64 11.89
CA GLU C 567 -18.47 -30.53 10.77
C GLU C 567 -19.92 -30.33 10.32
N VAL C 568 -20.11 -29.90 9.07
CA VAL C 568 -21.43 -29.72 8.50
C VAL C 568 -21.91 -31.05 7.95
N GLU C 569 -23.16 -31.40 8.26
CA GLU C 569 -23.72 -32.68 7.84
C GLU C 569 -25.19 -32.50 7.50
N TYR C 570 -25.77 -33.53 6.90
CA TYR C 570 -27.19 -33.56 6.56
C TYR C 570 -27.85 -34.69 7.35
N VAL C 571 -28.18 -34.42 8.60
CA VAL C 571 -28.72 -35.45 9.49
C VAL C 571 -30.24 -35.47 9.35
N PRO C 572 -30.90 -36.60 9.57
CA PRO C 572 -32.37 -36.59 9.61
C PRO C 572 -32.86 -35.84 10.84
N SER C 573 -33.82 -34.94 10.65
CA SER C 573 -34.26 -34.08 11.73
C SER C 573 -34.97 -34.86 12.83
N SER C 574 -34.19 -35.41 13.76
CA SER C 574 -34.75 -36.07 14.94
C SER C 574 -33.70 -36.07 16.04
N GLU C 575 -32.52 -35.54 15.74
CA GLU C 575 -31.43 -35.44 16.68
C GLU C 575 -31.15 -34.00 17.11
N VAL C 576 -31.76 -33.02 16.45
CA VAL C 576 -31.47 -31.61 16.73
C VAL C 576 -31.73 -31.30 18.19
N ASP C 577 -30.87 -30.48 18.77
CA ASP C 577 -30.99 -30.06 20.16
C ASP C 577 -31.10 -28.56 20.34
N TYR C 578 -30.70 -27.77 19.34
CA TYR C 578 -30.73 -26.32 19.44
C TYR C 578 -30.98 -25.75 18.05
N MET C 579 -31.30 -24.47 18.00
CA MET C 579 -31.57 -23.80 16.73
C MET C 579 -31.13 -22.35 16.82
N ASP C 580 -30.83 -21.77 15.67
CA ASP C 580 -30.42 -20.37 15.63
C ASP C 580 -31.60 -19.47 15.94
N VAL C 581 -31.30 -18.21 16.27
CA VAL C 581 -32.34 -17.26 16.65
C VAL C 581 -32.76 -16.43 15.44
N SER C 582 -31.84 -16.15 14.53
CA SER C 582 -32.14 -15.33 13.36
C SER C 582 -31.05 -15.54 12.32
N PRO C 583 -31.37 -15.36 11.04
CA PRO C 583 -30.34 -15.50 9.99
C PRO C 583 -29.21 -14.49 10.10
N ARG C 584 -29.44 -13.33 10.71
CA ARG C 584 -28.39 -12.32 10.85
C ARG C 584 -27.65 -12.42 12.17
N GLN C 585 -27.54 -13.63 12.73
CA GLN C 585 -26.84 -13.81 14.00
C GLN C 585 -25.33 -13.70 13.84
N MET C 586 -24.79 -13.95 12.66
CA MET C 586 -23.36 -14.08 12.44
C MET C 586 -22.74 -12.85 11.79
N VAL C 587 -23.49 -11.75 11.66
CA VAL C 587 -22.99 -10.56 11.00
C VAL C 587 -23.00 -9.40 11.97
N SER C 588 -22.21 -8.37 11.66
CA SER C 588 -22.08 -7.20 12.51
C SER C 588 -23.11 -6.14 12.11
N VAL C 589 -22.95 -4.93 12.64
CA VAL C 589 -23.96 -3.89 12.45
C VAL C 589 -23.80 -3.18 11.11
N ALA C 590 -22.60 -3.17 10.53
CA ALA C 590 -22.39 -2.55 9.23
C ALA C 590 -22.60 -3.52 8.08
N THR C 591 -22.36 -4.82 8.31
CA THR C 591 -22.62 -5.82 7.28
C THR C 591 -24.11 -6.13 7.15
N ALA C 592 -24.87 -5.93 8.22
CA ALA C 592 -26.31 -6.16 8.19
C ALA C 592 -27.08 -5.01 7.56
N MET C 593 -26.38 -4.10 6.88
CA MET C 593 -27.01 -2.97 6.21
C MET C 593 -26.88 -3.05 4.70
N ILE C 594 -26.42 -4.18 4.17
CA ILE C 594 -26.26 -4.38 2.73
C ILE C 594 -27.44 -5.23 2.25
N PRO C 595 -28.34 -4.70 1.43
CA PRO C 595 -29.39 -5.54 0.86
C PRO C 595 -28.81 -6.53 -0.13
N PHE C 596 -29.47 -7.69 -0.24
CA PHE C 596 -29.04 -8.76 -1.15
C PHE C 596 -27.58 -9.15 -0.91
N LEU C 597 -27.25 -9.40 0.36
CA LEU C 597 -25.87 -9.75 0.69
C LEU C 597 -25.51 -11.16 0.23
N GLU C 598 -26.47 -12.09 0.23
CA GLU C 598 -26.20 -13.46 -0.16
C GLU C 598 -25.92 -13.62 -1.64
N HIS C 599 -26.12 -12.59 -2.45
CA HIS C 599 -25.81 -12.62 -3.87
C HIS C 599 -24.44 -12.04 -4.19
N ASP C 600 -23.69 -11.60 -3.18
CA ASP C 600 -22.40 -10.95 -3.37
C ASP C 600 -21.28 -11.85 -2.89
N ASP C 601 -20.12 -11.71 -3.54
CA ASP C 601 -18.93 -12.44 -3.10
C ASP C 601 -18.42 -11.85 -1.79
N ALA C 602 -17.55 -12.61 -1.12
CA ALA C 602 -17.07 -12.19 0.20
C ALA C 602 -16.17 -10.95 0.10
N ASN C 603 -15.32 -10.89 -0.92
CA ASN C 603 -14.39 -9.75 -1.05
C ASN C 603 -15.14 -8.46 -1.31
N ARG C 604 -16.19 -8.52 -2.14
CA ARG C 604 -16.92 -7.30 -2.46
C ARG C 604 -17.77 -6.84 -1.29
N ALA C 605 -18.34 -7.79 -0.54
CA ALA C 605 -19.05 -7.40 0.68
C ALA C 605 -18.11 -6.83 1.72
N LEU C 606 -16.88 -7.35 1.78
CA LEU C 606 -15.85 -6.79 2.66
C LEU C 606 -15.58 -5.34 2.31
N MET C 607 -15.34 -5.05 1.02
CA MET C 607 -15.10 -3.68 0.62
C MET C 607 -16.31 -2.79 0.87
N GLY C 608 -17.52 -3.30 0.61
CA GLY C 608 -18.71 -2.49 0.85
C GLY C 608 -18.89 -2.14 2.31
N ALA C 609 -18.59 -3.08 3.20
CA ALA C 609 -18.69 -2.80 4.62
C ALA C 609 -17.62 -1.82 5.08
N ASN C 610 -16.42 -1.92 4.49
CA ASN C 610 -15.37 -0.99 4.90
C ASN C 610 -15.66 0.42 4.38
N MET C 611 -16.23 0.53 3.18
CA MET C 611 -16.49 1.83 2.57
C MET C 611 -17.79 2.45 3.04
N GLN C 612 -18.64 1.73 3.78
CA GLN C 612 -19.81 2.40 4.33
C GLN C 612 -19.47 3.30 5.50
N ARG C 613 -18.28 3.16 6.07
CA ARG C 613 -17.82 3.97 7.20
C ARG C 613 -17.00 5.18 6.77
N GLN C 614 -16.83 5.42 5.48
CA GLN C 614 -16.07 6.55 4.97
C GLN C 614 -16.94 7.62 4.32
N ALA C 615 -18.25 7.49 4.37
CA ALA C 615 -19.14 8.46 3.75
C ALA C 615 -19.14 9.76 4.56
N VAL C 616 -19.38 10.87 3.87
CA VAL C 616 -19.40 12.19 4.50
C VAL C 616 -20.84 12.67 4.63
N PRO C 617 -21.18 13.45 5.65
CA PRO C 617 -22.53 14.02 5.72
C PRO C 617 -22.74 15.10 4.69
N LEU C 618 -23.93 15.12 4.10
CA LEU C 618 -24.31 16.10 3.09
C LEU C 618 -25.27 17.12 3.69
N VAL C 619 -25.44 18.24 2.98
CA VAL C 619 -26.25 19.33 3.51
C VAL C 619 -27.71 18.91 3.65
N ARG C 620 -28.17 17.97 2.83
CA ARG C 620 -29.52 17.44 2.91
C ARG C 620 -29.47 15.91 2.80
N SER C 621 -30.25 15.24 3.62
CA SER C 621 -30.23 13.78 3.72
C SER C 621 -31.55 13.20 3.25
N GLU C 622 -31.50 11.96 2.76
CA GLU C 622 -32.70 11.24 2.36
C GLU C 622 -32.47 9.75 2.50
N ALA C 623 -33.48 9.05 3.02
CA ALA C 623 -33.38 7.65 3.36
C ALA C 623 -33.44 6.76 2.11
N PRO C 624 -32.89 5.55 2.18
CA PRO C 624 -32.89 4.68 1.00
C PRO C 624 -34.29 4.27 0.59
N LEU C 625 -34.47 4.08 -0.72
CA LEU C 625 -35.70 3.48 -1.22
C LEU C 625 -35.75 2.00 -0.93
N VAL C 626 -34.60 1.32 -0.97
CA VAL C 626 -34.48 -0.09 -0.64
C VAL C 626 -33.52 -0.18 0.56
N GLY C 627 -34.02 -0.76 1.65
CA GLY C 627 -33.22 -0.86 2.86
C GLY C 627 -33.18 -2.25 3.46
N THR C 628 -32.85 -2.33 4.73
CA THR C 628 -32.74 -3.61 5.44
C THR C 628 -33.49 -3.64 6.77
N GLY C 629 -33.78 -2.49 7.37
CA GLY C 629 -34.46 -2.43 8.65
C GLY C 629 -33.55 -2.26 9.85
N MET C 630 -32.24 -2.44 9.67
CA MET C 630 -31.27 -2.18 10.74
C MET C 630 -30.96 -0.70 10.92
N GLU C 631 -31.34 0.14 9.96
CA GLU C 631 -30.96 1.55 9.98
C GLU C 631 -31.69 2.37 11.04
N LEU C 632 -32.77 1.86 11.62
CA LEU C 632 -33.50 2.63 12.62
C LEU C 632 -32.85 2.52 13.99
N ARG C 633 -32.45 1.32 14.39
CA ARG C 633 -31.82 1.10 15.69
C ARG C 633 -30.31 1.28 15.65
N ALA C 634 -29.73 1.48 14.47
CA ALA C 634 -28.32 1.86 14.36
C ALA C 634 -28.11 3.35 14.51
N ALA C 635 -29.18 4.15 14.48
CA ALA C 635 -29.09 5.59 14.67
C ALA C 635 -29.46 6.02 16.07
N ILE C 636 -30.41 5.34 16.71
CA ILE C 636 -30.74 5.64 18.09
C ILE C 636 -29.63 5.20 19.02
N ASP C 637 -29.05 4.02 18.76
CA ASP C 637 -27.99 3.49 19.62
C ASP C 637 -26.67 4.20 19.40
N ALA C 638 -26.44 4.75 18.21
CA ALA C 638 -25.23 5.53 17.97
C ALA C 638 -25.17 6.76 18.85
N GLY C 639 -26.30 7.45 18.99
CA GLY C 639 -26.42 8.56 19.90
C GLY C 639 -26.29 9.94 19.28
N ASP C 640 -26.37 10.05 17.96
CA ASP C 640 -26.29 11.33 17.27
C ASP C 640 -27.66 11.96 17.04
N VAL C 641 -28.72 11.39 17.59
CA VAL C 641 -30.05 11.98 17.53
C VAL C 641 -30.44 12.45 18.92
N VAL C 642 -31.59 13.10 19.01
CA VAL C 642 -32.15 13.56 20.27
C VAL C 642 -33.47 12.83 20.49
N VAL C 643 -33.59 12.14 21.62
CA VAL C 643 -34.80 11.41 21.96
C VAL C 643 -35.37 12.00 23.25
N ALA C 644 -36.66 11.75 23.47
CA ALA C 644 -37.36 12.30 24.61
C ALA C 644 -37.27 11.34 25.79
N GLU C 645 -36.94 11.88 26.96
CA GLU C 645 -36.81 11.07 28.17
C GLU C 645 -38.14 10.90 28.92
N GLU C 646 -39.19 11.59 28.49
CA GLU C 646 -40.49 11.46 29.13
C GLU C 646 -41.56 11.85 28.12
N SER C 647 -42.82 11.69 28.52
CA SER C 647 -43.95 11.95 27.65
C SER C 647 -44.53 13.32 27.92
N GLY C 648 -44.95 14.01 26.86
CA GLY C 648 -45.52 15.33 27.01
C GLY C 648 -45.87 15.92 25.67
N VAL C 649 -46.27 17.18 25.69
CA VAL C 649 -46.62 17.92 24.49
C VAL C 649 -45.54 18.98 24.25
N ILE C 650 -45.37 19.33 22.99
CA ILE C 650 -44.35 20.30 22.61
C ILE C 650 -44.90 21.70 22.83
N GLU C 651 -44.13 22.54 23.52
CA GLU C 651 -44.56 23.90 23.86
C GLU C 651 -43.97 24.95 22.94
N GLU C 652 -42.69 24.84 22.60
CA GLU C 652 -42.03 25.82 21.75
C GLU C 652 -40.94 25.14 20.96
N VAL C 653 -40.83 25.47 19.67
CA VAL C 653 -39.83 24.90 18.79
C VAL C 653 -39.17 26.04 18.02
N SER C 654 -37.84 26.04 18.00
CA SER C 654 -37.07 26.98 17.20
C SER C 654 -35.95 26.20 16.52
N ALA C 655 -35.01 26.92 15.92
CA ALA C 655 -33.92 26.27 15.23
C ALA C 655 -32.85 25.75 16.16
N ASP C 656 -32.89 26.10 17.45
CA ASP C 656 -31.86 25.69 18.39
C ASP C 656 -32.35 25.25 19.75
N TYR C 657 -33.66 25.17 19.99
CA TYR C 657 -34.14 24.63 21.25
C TYR C 657 -35.56 24.11 21.07
N ILE C 658 -35.91 23.11 21.88
CA ILE C 658 -37.26 22.54 21.94
C ILE C 658 -37.66 22.45 23.40
N THR C 659 -38.84 22.97 23.72
CA THR C 659 -39.36 22.95 25.08
C THR C 659 -40.53 21.99 25.16
N VAL C 660 -40.44 21.00 26.04
CA VAL C 660 -41.45 19.97 26.22
C VAL C 660 -42.04 20.11 27.61
N MET C 661 -43.36 20.17 27.70
CA MET C 661 -44.06 20.24 28.96
C MET C 661 -44.52 18.83 29.34
N HIS C 662 -44.07 18.34 30.49
CA HIS C 662 -44.43 17.00 30.92
C HIS C 662 -45.84 16.98 31.50
N ASP C 663 -46.34 15.77 31.74
CA ASP C 663 -47.70 15.62 32.25
C ASP C 663 -47.81 16.03 33.72
N ASN C 664 -46.74 15.84 34.49
CA ASN C 664 -46.78 16.20 35.90
C ASN C 664 -46.68 17.70 36.14
N GLY C 665 -46.00 18.42 35.25
CA GLY C 665 -45.87 19.86 35.39
C GLY C 665 -44.49 20.36 35.04
N THR C 666 -43.48 19.49 35.18
CA THR C 666 -42.10 19.86 34.89
C THR C 666 -41.92 20.17 33.41
N ARG C 667 -41.04 21.13 33.12
CA ARG C 667 -40.71 21.51 31.76
C ARG C 667 -39.24 21.25 31.51
N ARG C 668 -38.93 20.60 30.39
CA ARG C 668 -37.56 20.28 30.00
C ARG C 668 -37.27 20.87 28.64
N THR C 669 -36.08 21.44 28.48
CA THR C 669 -35.65 22.06 27.23
C THR C 669 -34.39 21.39 26.73
N TYR C 670 -34.35 21.12 25.42
CA TYR C 670 -33.21 20.48 24.77
C TYR C 670 -32.56 21.47 23.81
N ARG C 671 -31.25 21.61 23.91
CA ARG C 671 -30.49 22.47 23.01
C ARG C 671 -29.88 21.64 21.88
N MET C 672 -29.44 22.35 20.84
CA MET C 672 -28.92 21.73 19.63
C MET C 672 -27.51 22.20 19.36
N ARG C 673 -26.73 21.35 18.68
CA ARG C 673 -25.40 21.70 18.21
C ARG C 673 -25.51 22.13 16.75
N LYS C 674 -25.38 23.42 16.50
CA LYS C 674 -25.47 23.98 15.16
C LYS C 674 -24.07 24.22 14.61
N PHE C 675 -23.73 23.52 13.53
CA PHE C 675 -22.48 23.69 12.80
C PHE C 675 -21.27 23.50 13.72
N ALA C 676 -21.17 22.31 14.30
CA ALA C 676 -20.05 21.93 15.13
C ALA C 676 -19.06 21.09 14.33
N ARG C 677 -17.78 21.25 14.66
CA ARG C 677 -16.72 20.54 13.95
C ARG C 677 -16.42 19.23 14.64
N SER C 678 -16.37 18.15 13.85
CA SER C 678 -16.08 16.83 14.37
C SER C 678 -14.57 16.58 14.38
N ASN C 679 -14.18 15.35 14.75
CA ASN C 679 -12.77 15.00 14.83
C ASN C 679 -12.08 15.04 13.47
N HIS C 680 -12.84 14.93 12.38
CA HIS C 680 -12.27 14.79 11.04
C HIS C 680 -12.61 15.97 10.14
N GLY C 681 -13.04 17.08 10.71
CA GLY C 681 -13.32 18.28 9.95
C GLY C 681 -14.69 18.35 9.32
N THR C 682 -15.55 17.36 9.55
CA THR C 682 -16.90 17.39 9.02
C THR C 682 -17.80 18.24 9.91
N CYS C 683 -19.06 18.37 9.50
CA CYS C 683 -20.04 19.20 10.18
C CYS C 683 -21.05 18.32 10.91
N ALA C 684 -21.34 18.66 12.17
CA ALA C 684 -22.30 17.93 12.98
C ALA C 684 -23.44 18.88 13.34
N ASN C 685 -24.56 18.75 12.65
CA ASN C 685 -25.68 19.68 12.76
C ASN C 685 -26.95 18.91 13.10
N GLN C 686 -27.71 19.42 14.07
CA GLN C 686 -28.95 18.79 14.52
C GLN C 686 -30.13 19.69 14.21
N CYS C 687 -31.22 19.11 13.69
CA CYS C 687 -32.39 19.87 13.30
C CYS C 687 -33.65 19.24 13.89
N PRO C 688 -34.59 20.05 14.36
CA PRO C 688 -35.85 19.51 14.89
C PRO C 688 -36.79 19.04 13.80
N ILE C 689 -37.55 17.99 14.12
CA ILE C 689 -38.50 17.41 13.19
C ILE C 689 -39.88 17.30 13.82
N VAL C 690 -40.18 18.20 14.76
CA VAL C 690 -41.47 18.20 15.44
C VAL C 690 -42.13 19.57 15.25
N ASP C 691 -43.44 19.59 15.44
CA ASP C 691 -44.22 20.81 15.33
C ASP C 691 -44.35 21.46 16.70
N ALA C 692 -45.24 22.45 16.82
CA ALA C 692 -45.40 23.20 18.05
C ALA C 692 -46.57 22.73 18.90
N GLY C 693 -47.26 21.67 18.49
CA GLY C 693 -48.38 21.16 19.27
C GLY C 693 -48.44 19.65 19.34
N ASP C 694 -47.39 18.99 18.85
CA ASP C 694 -47.37 17.54 18.77
C ASP C 694 -47.33 16.93 20.17
N ARG C 695 -47.87 15.71 20.27
CA ARG C 695 -47.76 14.91 21.48
C ARG C 695 -46.61 13.92 21.30
N VAL C 696 -45.74 13.87 22.30
CA VAL C 696 -44.49 13.13 22.22
C VAL C 696 -44.50 12.04 23.27
N GLU C 697 -44.13 10.82 22.86
CA GLU C 697 -44.03 9.68 23.76
C GLU C 697 -42.57 9.40 24.07
N ALA C 698 -42.33 8.83 25.26
CA ALA C 698 -40.96 8.56 25.68
C ALA C 698 -40.27 7.60 24.73
N GLY C 699 -39.04 7.96 24.33
CA GLY C 699 -38.31 7.20 23.35
C GLY C 699 -38.46 7.67 21.92
N GLN C 700 -39.35 8.62 21.65
CA GLN C 700 -39.52 9.14 20.31
C GLN C 700 -38.36 10.06 19.93
N VAL C 701 -37.96 10.02 18.67
CA VAL C 701 -36.89 10.87 18.18
C VAL C 701 -37.42 12.29 18.01
N ILE C 702 -36.74 13.26 18.62
CA ILE C 702 -37.18 14.64 18.65
C ILE C 702 -36.45 15.48 17.62
N ALA C 703 -35.15 15.23 17.42
CA ALA C 703 -34.34 16.00 16.49
C ALA C 703 -33.48 15.06 15.66
N ASP C 704 -33.13 15.53 14.46
CA ASP C 704 -32.34 14.75 13.51
C ASP C 704 -30.86 14.91 13.83
N GLY C 705 -30.00 14.43 12.95
CA GLY C 705 -28.57 14.49 13.17
C GLY C 705 -27.79 14.63 11.88
N PRO C 706 -26.50 14.31 11.93
CA PRO C 706 -25.64 14.47 10.74
C PRO C 706 -26.10 13.67 9.53
N CYS C 707 -26.19 12.35 9.68
CA CYS C 707 -26.52 11.45 8.59
C CYS C 707 -27.84 10.73 8.85
N THR C 708 -28.84 11.47 9.31
CA THR C 708 -30.11 10.92 9.74
C THR C 708 -31.24 11.58 8.98
N ASP C 709 -32.23 10.78 8.58
CA ASP C 709 -33.43 11.27 7.90
C ASP C 709 -34.66 10.71 8.63
N ASP C 710 -35.25 11.53 9.50
CA ASP C 710 -36.46 11.18 10.24
C ASP C 710 -36.24 10.00 11.18
N GLY C 711 -35.04 9.87 11.73
CA GLY C 711 -34.74 8.86 12.72
C GLY C 711 -33.95 7.67 12.21
N GLU C 712 -33.77 7.54 10.91
CA GLU C 712 -33.08 6.39 10.33
C GLU C 712 -31.88 6.86 9.52
N MET C 713 -30.82 6.05 9.54
CA MET C 713 -29.54 6.46 8.98
C MET C 713 -29.60 6.53 7.46
N ALA C 714 -29.10 7.63 6.90
CA ALA C 714 -29.12 7.88 5.47
C ALA C 714 -27.77 8.46 5.06
N LEU C 715 -26.96 7.67 4.37
CA LEU C 715 -25.59 8.06 4.04
C LEU C 715 -25.39 8.49 2.59
N GLY C 716 -26.41 8.45 1.76
CA GLY C 716 -26.26 8.76 0.35
C GLY C 716 -27.53 9.30 -0.27
N LYS C 717 -27.67 9.11 -1.58
CA LYS C 717 -28.79 9.63 -2.35
C LYS C 717 -29.20 8.61 -3.40
N ASN C 718 -30.44 8.75 -3.87
CA ASN C 718 -31.01 7.87 -4.89
C ASN C 718 -30.84 8.52 -6.26
N LEU C 719 -30.20 7.81 -7.18
CA LEU C 719 -29.89 8.34 -8.51
C LEU C 719 -30.33 7.35 -9.57
N LEU C 720 -30.70 7.88 -10.73
CA LEU C 720 -31.15 7.06 -11.85
C LEU C 720 -29.93 6.60 -12.66
N VAL C 721 -29.85 5.29 -12.88
CA VAL C 721 -28.64 4.66 -13.42
C VAL C 721 -28.94 4.08 -14.79
N ALA C 722 -27.88 3.95 -15.60
CA ALA C 722 -27.89 3.18 -16.82
C ALA C 722 -26.62 2.35 -16.88
N ILE C 723 -26.74 1.10 -17.31
CA ILE C 723 -25.60 0.18 -17.38
C ILE C 723 -25.26 0.01 -18.85
N MET C 724 -24.21 0.69 -19.31
CA MET C 724 -23.80 0.70 -20.70
C MET C 724 -22.44 1.38 -20.83
N PRO C 725 -21.62 0.98 -21.81
CA PRO C 725 -20.41 1.76 -22.11
C PRO C 725 -20.77 3.03 -22.85
N TRP C 726 -19.97 4.08 -22.62
CA TRP C 726 -20.26 5.39 -23.22
C TRP C 726 -18.96 6.06 -23.63
N GLU C 727 -18.57 5.88 -24.90
CA GLU C 727 -17.48 6.58 -25.55
C GLU C 727 -16.14 6.46 -24.81
N GLY C 728 -16.01 5.51 -23.90
CA GLY C 728 -14.76 5.31 -23.20
C GLY C 728 -14.49 6.25 -22.05
N HIS C 729 -15.47 7.06 -21.64
CA HIS C 729 -15.28 7.95 -20.50
C HIS C 729 -15.44 7.23 -19.16
N ASN C 730 -16.08 6.07 -19.15
CA ASN C 730 -16.17 5.23 -17.95
C ASN C 730 -15.34 3.97 -18.11
N TYR C 731 -14.18 4.10 -18.76
CA TYR C 731 -13.28 2.99 -18.98
C TYR C 731 -12.47 2.70 -17.72
N GLU C 732 -12.43 1.42 -17.33
CA GLU C 732 -11.62 0.97 -16.20
C GLU C 732 -12.02 1.66 -14.91
N ASP C 733 -13.27 1.46 -14.51
CA ASP C 733 -13.81 1.85 -13.20
C ASP C 733 -14.02 3.36 -13.05
N ALA C 734 -14.12 4.11 -14.15
CA ALA C 734 -14.47 5.51 -14.07
C ALA C 734 -15.99 5.67 -14.09
N ILE C 735 -16.45 6.87 -13.74
CA ILE C 735 -17.87 7.16 -13.61
C ILE C 735 -18.20 8.46 -14.32
N ILE C 736 -19.34 8.49 -15.00
CA ILE C 736 -19.84 9.69 -15.68
C ILE C 736 -21.04 10.22 -14.89
N LEU C 737 -21.00 11.50 -14.55
CA LEU C 737 -22.06 12.18 -13.81
C LEU C 737 -22.77 13.19 -14.70
N SER C 738 -23.90 13.68 -14.20
CA SER C 738 -24.68 14.71 -14.86
C SER C 738 -24.43 16.06 -14.21
N ASN C 739 -24.81 17.12 -14.93
CA ASN C 739 -24.66 18.46 -14.40
C ASN C 739 -25.81 18.88 -13.49
N ARG C 740 -26.92 18.13 -13.48
CA ARG C 740 -28.01 18.42 -12.56
C ARG C 740 -27.61 18.14 -11.12
N LEU C 741 -26.55 17.38 -10.90
CA LEU C 741 -26.05 17.09 -9.56
C LEU C 741 -25.17 18.20 -9.02
N VAL C 742 -24.82 19.18 -9.85
CA VAL C 742 -24.09 20.35 -9.42
C VAL C 742 -24.99 21.59 -9.34
N GLU C 743 -25.96 21.72 -10.24
CA GLU C 743 -26.86 22.88 -10.23
C GLU C 743 -27.92 22.78 -9.15
N GLU C 744 -28.07 21.62 -8.51
CA GLU C 744 -29.12 21.42 -7.52
C GLU C 744 -28.58 20.95 -6.17
N ASP C 745 -27.25 20.97 -5.99
CA ASP C 745 -26.63 20.73 -4.69
C ASP C 745 -26.97 19.35 -4.13
N VAL C 746 -27.02 18.34 -5.02
CA VAL C 746 -27.40 17.00 -4.59
C VAL C 746 -26.28 16.39 -3.73
N LEU C 747 -25.03 16.52 -4.16
CA LEU C 747 -23.89 15.97 -3.43
C LEU C 747 -22.99 17.14 -3.06
N THR C 748 -23.29 17.78 -1.93
CA THR C 748 -22.53 18.91 -1.43
C THR C 748 -22.35 18.75 0.08
N SER C 749 -21.15 19.04 0.56
CA SER C 749 -20.81 18.85 1.96
C SER C 749 -20.11 20.09 2.49
N ILE C 750 -20.15 20.26 3.81
CA ILE C 750 -19.54 21.39 4.48
C ILE C 750 -18.38 20.89 5.32
N HIS C 751 -17.21 21.52 5.15
CA HIS C 751 -16.00 21.17 5.88
C HIS C 751 -15.53 22.39 6.65
N ILE C 752 -15.13 22.17 7.91
CA ILE C 752 -14.73 23.25 8.81
C ILE C 752 -13.29 23.02 9.24
N GLU C 753 -12.55 24.12 9.38
CA GLU C 753 -11.15 24.07 9.77
C GLU C 753 -10.93 24.95 10.99
N GLU C 754 -9.85 24.67 11.71
CA GLU C 754 -9.56 25.38 12.95
C GLU C 754 -8.08 25.74 12.98
N HIS C 755 -7.79 26.98 13.35
CA HIS C 755 -6.42 27.47 13.47
C HIS C 755 -6.23 28.14 14.81
N GLU C 756 -5.04 27.99 15.38
CA GLU C 756 -4.71 28.58 16.67
C GLU C 756 -3.38 29.30 16.59
N ILE C 757 -3.15 30.14 17.61
CA ILE C 757 -1.86 30.77 17.84
C ILE C 757 -1.78 31.08 19.32
N ASP C 758 -0.56 31.28 19.82
CA ASP C 758 -0.34 31.49 21.24
C ASP C 758 0.51 32.73 21.47
N ALA C 759 0.14 33.50 22.49
CA ALA C 759 0.89 34.67 22.91
C ALA C 759 1.54 34.34 24.23
N ARG C 760 2.86 34.49 24.29
CA ARG C 760 3.65 34.07 25.44
C ARG C 760 4.66 35.16 25.77
N ASP C 761 5.41 34.95 26.84
CA ASP C 761 6.43 35.91 27.21
C ASP C 761 7.76 35.51 26.56
N THR C 762 8.74 36.40 26.64
CA THR C 762 10.05 36.15 26.06
C THR C 762 11.14 36.77 26.93
N LYS C 763 12.37 36.34 26.72
CA LYS C 763 13.51 36.91 27.44
C LYS C 763 13.81 38.34 27.01
N LEU C 764 13.19 38.80 25.92
CA LEU C 764 13.38 40.18 25.47
C LEU C 764 12.13 41.03 25.69
N GLY C 765 11.10 40.40 26.27
CA GLY C 765 9.84 41.10 26.48
C GLY C 765 8.64 40.19 26.64
N ALA C 766 7.53 40.58 26.03
CA ALA C 766 6.29 39.82 26.09
C ALA C 766 5.52 40.08 24.81
N GLU C 767 5.18 39.01 24.10
CA GLU C 767 4.41 39.13 22.87
C GLU C 767 3.01 39.67 23.15
N GLU C 768 2.53 40.52 22.25
CA GLU C 768 1.22 41.14 22.39
C GLU C 768 0.49 41.06 21.05
N ILE C 769 -0.81 40.83 21.11
CA ILE C 769 -1.65 40.79 19.92
C ILE C 769 -2.30 42.17 19.75
N THR C 770 -2.04 42.80 18.61
CA THR C 770 -2.55 44.14 18.36
C THR C 770 -2.61 44.36 16.85
N ARG C 771 -3.42 45.34 16.45
CA ARG C 771 -3.55 45.66 15.03
C ARG C 771 -2.35 46.42 14.51
N ASP C 772 -1.67 47.18 15.37
CA ASP C 772 -0.58 48.05 14.92
C ASP C 772 0.61 47.18 14.54
N ILE C 773 0.95 47.15 13.26
CA ILE C 773 2.13 46.44 12.78
C ILE C 773 2.94 47.34 11.87
N PRO C 774 4.14 47.74 12.26
CA PRO C 774 4.92 48.72 11.49
C PRO C 774 5.65 48.14 10.29
N ASN C 775 5.36 46.88 9.93
CA ASN C 775 6.06 46.20 8.85
C ASN C 775 5.24 46.03 7.58
N ILE C 776 3.91 45.98 7.69
CA ILE C 776 3.06 45.70 6.55
C ILE C 776 2.18 46.93 6.29
N SER C 777 1.56 46.96 5.12
CA SER C 777 0.87 48.16 4.68
C SER C 777 -0.50 48.26 5.36
N ASP C 778 -1.22 49.34 5.04
CA ASP C 778 -2.56 49.54 5.58
C ASP C 778 -3.67 48.99 4.69
N GLU C 779 -3.36 48.59 3.46
CA GLU C 779 -4.39 48.05 2.58
C GLU C 779 -4.79 46.64 2.99
N VAL C 780 -3.85 45.86 3.53
CA VAL C 780 -4.13 44.49 3.94
C VAL C 780 -4.53 44.38 5.40
N LEU C 781 -4.65 45.50 6.11
CA LEU C 781 -5.10 45.52 7.49
C LEU C 781 -6.47 46.18 7.64
N ALA C 782 -7.36 45.96 6.66
CA ALA C 782 -8.69 46.55 6.68
C ALA C 782 -9.75 45.62 7.24
N ASP C 783 -9.50 44.32 7.24
CA ASP C 783 -10.45 43.33 7.73
C ASP C 783 -10.20 42.95 9.19
N LEU C 784 -9.35 43.69 9.90
CA LEU C 784 -9.07 43.42 11.29
C LEU C 784 -9.81 44.40 12.19
N ASP C 785 -10.17 43.94 13.38
CA ASP C 785 -10.89 44.75 14.35
C ASP C 785 -9.90 45.47 15.26
N GLU C 786 -10.39 46.08 16.33
CA GLU C 786 -9.57 46.84 17.26
C GLU C 786 -8.78 45.97 18.22
N ARG C 787 -8.68 44.67 17.95
CA ARG C 787 -7.97 43.75 18.83
C ARG C 787 -6.94 42.91 18.09
N GLY C 788 -6.84 43.02 16.77
CA GLY C 788 -5.88 42.27 16.01
C GLY C 788 -6.42 41.00 15.39
N ILE C 789 -7.70 40.69 15.61
CA ILE C 789 -8.32 39.49 15.07
C ILE C 789 -9.20 39.88 13.89
N VAL C 790 -9.51 38.90 13.04
CA VAL C 790 -10.41 39.11 11.92
C VAL C 790 -11.82 39.29 12.45
N ARG C 791 -12.72 39.80 11.60
CA ARG C 791 -14.11 39.98 11.94
C ARG C 791 -14.95 38.87 11.32
N ILE C 792 -15.98 38.45 12.05
CA ILE C 792 -16.82 37.34 11.61
C ILE C 792 -17.55 37.72 10.33
N GLY C 793 -17.49 36.84 9.34
CA GLY C 793 -18.12 37.06 8.06
C GLY C 793 -17.18 37.48 6.95
N ALA C 794 -15.87 37.51 7.20
CA ALA C 794 -14.91 37.93 6.19
C ALA C 794 -14.42 36.72 5.39
N GLU C 795 -14.24 36.93 4.09
CA GLU C 795 -13.79 35.86 3.19
C GLU C 795 -12.28 35.90 3.09
N VAL C 796 -11.62 34.92 3.70
CA VAL C 796 -10.17 34.85 3.66
C VAL C 796 -9.74 33.98 2.48
N ARG C 797 -8.48 34.09 2.11
CA ARG C 797 -7.92 33.35 0.98
C ARG C 797 -6.50 32.92 1.34
N ASP C 798 -5.83 32.27 0.39
CA ASP C 798 -4.47 31.81 0.63
C ASP C 798 -3.53 32.99 0.86
N GLY C 799 -2.69 32.88 1.88
CA GLY C 799 -1.76 33.94 2.23
C GLY C 799 -2.38 35.14 2.90
N ASP C 800 -3.67 35.10 3.21
CA ASP C 800 -4.30 36.21 3.89
C ASP C 800 -3.95 36.21 5.38
N ILE C 801 -4.37 37.25 6.08
CA ILE C 801 -4.00 37.47 7.47
C ILE C 801 -5.20 37.15 8.34
N LEU C 802 -4.95 36.44 9.44
CA LEU C 802 -5.99 36.08 10.41
C LEU C 802 -5.87 36.88 11.70
N VAL C 803 -4.71 36.82 12.36
CA VAL C 803 -4.47 37.63 13.55
C VAL C 803 -3.14 38.35 13.37
N GLY C 804 -2.99 39.46 14.08
CA GLY C 804 -1.79 40.24 14.01
C GLY C 804 -1.02 40.29 15.31
N LYS C 805 0.18 39.72 15.32
CA LYS C 805 1.00 39.66 16.53
C LYS C 805 2.41 40.10 16.22
N VAL C 806 3.02 40.81 17.17
CA VAL C 806 4.38 41.31 17.02
C VAL C 806 5.18 40.89 18.24
N THR C 807 6.49 40.74 18.06
CA THR C 807 7.39 40.35 19.14
C THR C 807 8.42 41.44 19.37
N PRO C 808 8.53 42.00 20.57
CA PRO C 808 9.62 42.94 20.84
C PRO C 808 10.97 42.24 20.81
N LYS C 809 12.00 42.99 20.42
CA LYS C 809 13.36 42.48 20.42
C LYS C 809 14.23 43.15 21.48
N GLY C 810 13.65 43.88 22.43
CA GLY C 810 14.41 44.49 23.49
C GLY C 810 14.63 45.98 23.35
N GLU C 811 14.50 46.70 24.46
CA GLU C 811 14.75 48.14 24.48
C GLU C 811 16.01 48.46 25.28
N ALA C 829 12.92 53.19 19.46
CA ALA C 829 12.29 51.89 19.66
C ALA C 829 12.77 50.90 18.61
N ARG C 830 11.92 50.65 17.61
CA ARG C 830 12.26 49.88 16.42
C ARG C 830 12.75 48.47 16.77
N GLU C 831 12.22 47.88 17.84
CA GLU C 831 12.50 46.50 18.18
C GLU C 831 11.40 45.52 17.79
N VAL C 832 10.39 45.96 17.05
CA VAL C 832 9.23 45.12 16.78
C VAL C 832 9.49 44.28 15.52
N ARG C 833 9.33 42.97 15.65
CA ARG C 833 9.34 42.06 14.52
C ARG C 833 7.90 41.63 14.20
N ASP C 834 7.74 40.97 13.06
CA ASP C 834 6.42 40.53 12.60
C ASP C 834 6.30 39.02 12.71
N THR C 835 5.29 38.54 13.45
CA THR C 835 4.94 37.12 13.52
C THR C 835 3.41 37.03 13.60
N SER C 836 2.78 36.87 12.44
CA SER C 836 1.32 36.88 12.34
C SER C 836 0.82 35.55 11.81
N LEU C 837 -0.30 35.08 12.36
CA LEU C 837 -0.93 33.85 11.89
C LEU C 837 -1.65 34.12 10.57
N LYS C 838 -1.26 33.39 9.53
CA LYS C 838 -1.80 33.58 8.20
C LYS C 838 -2.43 32.27 7.71
N VAL C 839 -3.36 32.40 6.77
CA VAL C 839 -4.01 31.22 6.18
C VAL C 839 -2.98 30.43 5.40
N PRO C 840 -2.90 29.11 5.57
CA PRO C 840 -1.89 28.32 4.85
C PRO C 840 -2.11 28.31 3.34
N HIS C 841 -1.24 27.61 2.63
CA HIS C 841 -1.30 27.59 1.17
C HIS C 841 -2.48 26.76 0.70
N GLY C 842 -3.25 27.31 -0.25
CA GLY C 842 -4.37 26.60 -0.82
C GLY C 842 -5.54 26.38 0.11
N GLU C 843 -5.87 27.38 0.93
CA GLU C 843 -7.02 27.33 1.81
C GLU C 843 -7.85 28.60 1.63
N SER C 844 -9.12 28.51 1.98
CA SER C 844 -10.04 29.64 1.86
C SER C 844 -11.29 29.32 2.67
N GLY C 845 -12.26 30.23 2.62
CA GLY C 845 -13.53 30.05 3.29
C GLY C 845 -13.86 31.22 4.19
N LYS C 846 -15.13 31.27 4.58
CA LYS C 846 -15.57 32.33 5.48
C LYS C 846 -15.09 32.05 6.90
N VAL C 847 -15.22 33.05 7.76
CA VAL C 847 -14.88 32.94 9.18
C VAL C 847 -16.18 32.91 9.96
N ILE C 848 -16.37 31.87 10.77
CA ILE C 848 -17.65 31.65 11.44
C ILE C 848 -17.55 31.72 12.96
N GLY C 849 -16.36 31.79 13.54
CA GLY C 849 -16.26 31.88 14.99
C GLY C 849 -14.87 32.16 15.50
N ILE C 850 -14.76 32.90 16.60
CA ILE C 850 -13.48 33.20 17.24
C ILE C 850 -13.64 33.00 18.74
N ARG C 851 -12.73 32.23 19.34
CA ARG C 851 -12.73 31.99 20.78
C ARG C 851 -11.39 32.46 21.34
N VAL C 852 -11.42 33.50 22.17
CA VAL C 852 -10.21 34.08 22.73
C VAL C 852 -10.16 33.76 24.22
N PHE C 853 -9.02 33.23 24.67
CA PHE C 853 -8.77 32.97 26.08
C PHE C 853 -7.65 33.89 26.58
N SER C 854 -7.86 34.49 27.75
CA SER C 854 -6.88 35.40 28.33
C SER C 854 -6.51 34.96 29.73
N ARG C 855 -5.39 35.49 30.22
CA ARG C 855 -4.92 35.16 31.56
C ARG C 855 -5.48 36.13 32.60
N GLU C 856 -5.63 37.39 32.25
CA GLU C 856 -6.02 38.42 33.21
C GLU C 856 -7.49 38.30 33.61
N ASP C 857 -8.32 37.65 32.80
CA ASP C 857 -9.74 37.50 33.10
C ASP C 857 -10.04 36.21 33.85
N GLU C 858 -9.07 35.70 34.62
CA GLU C 858 -9.23 34.53 35.48
C GLU C 858 -9.65 33.30 34.67
N ASP C 859 -8.76 32.89 33.77
CA ASP C 859 -8.95 31.69 32.96
C ASP C 859 -7.73 30.80 33.09
N GLU C 860 -7.98 29.49 33.22
CA GLU C 860 -6.88 28.53 33.27
C GLU C 860 -6.07 28.59 31.98
N LEU C 861 -4.75 28.67 32.10
CA LEU C 861 -3.88 28.77 30.95
C LEU C 861 -2.57 28.06 31.26
N PRO C 862 -1.90 27.49 30.26
CA PRO C 862 -0.57 26.94 30.49
C PRO C 862 0.39 28.02 30.97
N ALA C 863 1.31 27.63 31.85
CA ALA C 863 2.30 28.57 32.37
C ALA C 863 3.26 29.00 31.26
N GLY C 864 3.51 30.31 31.21
CA GLY C 864 4.38 30.90 30.21
C GLY C 864 3.68 31.58 29.06
N VAL C 865 2.36 31.41 28.92
CA VAL C 865 1.60 32.05 27.85
C VAL C 865 0.61 33.02 28.46
N ASN C 866 0.22 34.01 27.66
CA ASN C 866 -0.65 35.09 28.13
C ASN C 866 -2.03 35.08 27.50
N GLU C 867 -2.14 34.76 26.21
CA GLU C 867 -3.42 34.82 25.53
C GLU C 867 -3.51 33.72 24.48
N LEU C 868 -4.71 33.19 24.30
CA LEU C 868 -5.01 32.19 23.28
C LEU C 868 -6.16 32.67 22.41
N VAL C 869 -6.16 32.24 21.15
CA VAL C 869 -7.21 32.60 20.22
C VAL C 869 -7.35 31.47 19.19
N ARG C 870 -8.60 31.12 18.89
CA ARG C 870 -8.91 30.12 17.87
C ARG C 870 -9.84 30.71 16.83
N VAL C 871 -9.59 30.39 15.57
CA VAL C 871 -10.37 30.89 14.44
C VAL C 871 -10.89 29.69 13.66
N TYR C 872 -12.17 29.73 13.30
CA TYR C 872 -12.81 28.66 12.57
C TYR C 872 -13.17 29.13 11.17
N VAL C 873 -12.84 28.32 10.16
CA VAL C 873 -13.03 28.68 8.76
C VAL C 873 -13.77 27.53 8.08
N ALA C 874 -14.86 27.86 7.38
CA ALA C 874 -15.72 26.85 6.78
C ALA C 874 -15.88 27.10 5.30
N GLN C 875 -16.05 26.01 4.54
CA GLN C 875 -16.25 26.09 3.10
C GLN C 875 -17.29 25.06 2.70
N LYS C 876 -17.85 25.25 1.52
CA LYS C 876 -18.84 24.35 0.93
C LYS C 876 -18.24 23.76 -0.34
N ARG C 877 -18.20 22.44 -0.41
CA ARG C 877 -17.54 21.72 -1.50
C ARG C 877 -18.57 21.01 -2.34
N LYS C 878 -18.54 21.24 -3.65
CA LYS C 878 -19.41 20.52 -4.58
C LYS C 878 -18.67 19.30 -5.14
N ILE C 879 -19.30 18.62 -6.07
CA ILE C 879 -18.71 17.44 -6.69
C ILE C 879 -17.95 17.88 -7.94
N SER C 880 -16.88 17.14 -8.25
CA SER C 880 -15.99 17.52 -9.34
C SER C 880 -15.22 16.29 -9.79
N ASP C 881 -14.39 16.47 -10.81
CA ASP C 881 -13.58 15.39 -11.33
C ASP C 881 -12.52 14.97 -10.32
N GLY C 882 -12.37 13.66 -10.15
CA GLY C 882 -11.42 13.11 -9.20
C GLY C 882 -12.02 12.69 -7.87
N ASP C 883 -13.25 13.08 -7.57
CA ASP C 883 -13.88 12.68 -6.33
C ASP C 883 -14.35 11.23 -6.40
N LYS C 884 -14.32 10.56 -5.26
CA LYS C 884 -14.60 9.14 -5.18
C LYS C 884 -16.04 8.89 -4.78
N LEU C 885 -16.72 8.02 -5.53
CA LEU C 885 -18.08 7.60 -5.24
C LEU C 885 -18.07 6.11 -4.92
N ALA C 886 -19.18 5.61 -4.37
CA ALA C 886 -19.24 4.21 -3.97
C ALA C 886 -20.69 3.79 -3.83
N GLY C 887 -20.88 2.47 -3.77
CA GLY C 887 -22.15 1.87 -3.42
C GLY C 887 -21.98 0.91 -2.25
N ARG C 888 -23.07 0.25 -1.91
CA ARG C 888 -23.09 -0.67 -0.78
C ARG C 888 -22.67 -2.08 -1.16
N HIS C 889 -22.33 -2.32 -2.43
CA HIS C 889 -22.03 -3.65 -2.92
C HIS C 889 -20.60 -3.84 -3.37
N GLY C 890 -19.76 -2.81 -3.27
CA GLY C 890 -18.39 -2.89 -3.72
C GLY C 890 -18.05 -2.03 -4.92
N ASN C 891 -19.03 -1.37 -5.52
CA ASN C 891 -18.74 -0.43 -6.61
C ASN C 891 -17.92 0.74 -6.10
N LYS C 892 -16.92 1.13 -6.88
CA LYS C 892 -16.00 2.16 -6.43
C LYS C 892 -15.24 2.69 -7.63
N GLY C 893 -15.19 4.00 -7.76
CA GLY C 893 -14.46 4.62 -8.86
C GLY C 893 -14.49 6.12 -8.71
N VAL C 894 -13.62 6.78 -9.48
CA VAL C 894 -13.54 8.24 -9.47
C VAL C 894 -14.34 8.77 -10.65
N ILE C 895 -14.71 10.05 -10.56
CA ILE C 895 -15.54 10.67 -11.58
C ILE C 895 -14.67 11.08 -12.75
N GLY C 896 -14.96 10.53 -13.92
CA GLY C 896 -14.19 10.82 -15.12
C GLY C 896 -14.65 12.06 -15.86
N LYS C 897 -15.97 12.26 -15.96
CA LYS C 897 -16.51 13.39 -16.68
C LYS C 897 -17.82 13.83 -16.04
N ILE C 898 -18.14 15.11 -16.18
CA ILE C 898 -19.43 15.68 -15.83
C ILE C 898 -20.02 16.29 -17.09
N LEU C 899 -21.23 15.87 -17.45
CA LEU C 899 -21.78 16.21 -18.75
C LEU C 899 -22.98 17.15 -18.62
N PRO C 900 -23.21 18.01 -19.61
CA PRO C 900 -24.44 18.80 -19.63
C PRO C 900 -25.66 17.89 -19.73
N VAL C 901 -26.79 18.39 -19.22
CA VAL C 901 -28.00 17.57 -19.20
C VAL C 901 -28.53 17.32 -20.60
N GLU C 902 -28.09 18.08 -21.60
CA GLU C 902 -28.53 17.83 -22.97
C GLU C 902 -27.64 16.82 -23.69
N ASP C 903 -26.51 16.44 -23.10
CA ASP C 903 -25.58 15.49 -23.70
C ASP C 903 -25.76 14.07 -23.18
N MET C 904 -26.76 13.84 -22.34
CA MET C 904 -27.02 12.63 -21.56
C MET C 904 -28.12 11.80 -22.22
N PRO C 905 -28.02 10.48 -22.17
CA PRO C 905 -29.11 9.63 -22.67
C PRO C 905 -30.39 9.89 -21.90
N PHE C 906 -31.52 9.89 -22.60
CA PHE C 906 -32.79 10.21 -21.96
C PHE C 906 -33.87 9.23 -22.37
N LEU C 907 -34.84 9.06 -21.47
CA LEU C 907 -35.91 8.10 -21.66
C LEU C 907 -36.91 8.64 -22.67
N ALA C 908 -38.00 7.88 -22.87
CA ALA C 908 -38.96 8.21 -23.92
C ALA C 908 -39.73 9.49 -23.63
N ASP C 909 -39.87 9.88 -22.36
CA ASP C 909 -40.57 11.11 -22.00
C ASP C 909 -39.63 12.30 -21.81
N GLY C 910 -38.33 12.12 -22.04
CA GLY C 910 -37.38 13.20 -21.94
C GLY C 910 -36.64 13.31 -20.63
N THR C 911 -36.62 12.24 -19.82
CA THR C 911 -35.94 12.28 -18.53
C THR C 911 -34.49 11.85 -18.69
N PRO C 912 -33.52 12.72 -18.44
CA PRO C 912 -32.13 12.30 -18.52
C PRO C 912 -31.75 11.38 -17.36
N VAL C 913 -30.70 10.61 -17.57
CA VAL C 913 -30.16 9.75 -16.52
C VAL C 913 -29.13 10.54 -15.73
N ASP C 914 -28.86 10.09 -14.51
CA ASP C 914 -27.99 10.82 -13.59
C ASP C 914 -26.58 10.25 -13.50
N ILE C 915 -26.39 8.97 -13.78
CA ILE C 915 -25.08 8.33 -13.67
C ILE C 915 -25.05 7.15 -14.63
N ILE C 916 -23.87 6.89 -15.19
CA ILE C 916 -23.66 5.80 -16.12
C ILE C 916 -22.56 4.91 -15.57
N LEU C 917 -22.83 3.60 -15.50
CA LEU C 917 -21.88 2.62 -15.02
C LEU C 917 -21.59 1.60 -16.11
N ASN C 918 -20.37 1.07 -16.10
CA ASN C 918 -19.94 0.15 -17.14
C ASN C 918 -20.38 -1.28 -16.82
N THR C 919 -20.60 -2.06 -17.87
CA THR C 919 -21.08 -3.42 -17.72
C THR C 919 -19.97 -4.45 -17.70
N HIS C 920 -18.73 -4.04 -17.96
CA HIS C 920 -17.63 -5.00 -18.02
C HIS C 920 -17.10 -5.38 -16.65
N GLY C 921 -17.45 -4.61 -15.61
CA GLY C 921 -16.95 -4.89 -14.28
C GLY C 921 -17.84 -5.74 -13.41
N VAL C 922 -19.08 -5.98 -13.82
CA VAL C 922 -20.03 -6.72 -13.00
C VAL C 922 -19.79 -8.22 -13.09
N PRO C 923 -19.76 -8.84 -14.26
CA PRO C 923 -19.71 -10.31 -14.30
C PRO C 923 -18.46 -10.92 -13.69
N ARG C 924 -17.29 -10.27 -13.84
CA ARG C 924 -16.04 -10.87 -13.41
C ARG C 924 -15.74 -10.65 -11.92
N ARG C 925 -16.56 -9.91 -11.20
CA ARG C 925 -16.34 -9.67 -9.78
C ARG C 925 -17.40 -10.28 -8.88
N MET C 926 -18.46 -10.86 -9.46
CA MET C 926 -19.45 -11.63 -8.71
C MET C 926 -20.13 -10.81 -7.62
N ASN C 927 -20.52 -9.58 -7.98
CA ASN C 927 -21.41 -8.77 -7.15
C ASN C 927 -22.63 -8.45 -8.00
N ILE C 928 -23.59 -9.37 -8.00
CA ILE C 928 -24.83 -9.21 -8.76
C ILE C 928 -25.95 -8.67 -7.88
N GLY C 929 -25.66 -8.28 -6.64
CA GLY C 929 -26.68 -7.66 -5.81
C GLY C 929 -27.04 -6.26 -6.25
N GLN C 930 -26.15 -5.58 -6.98
CA GLN C 930 -26.43 -4.23 -7.42
C GLN C 930 -27.51 -4.19 -8.50
N ILE C 931 -27.53 -5.19 -9.40
CA ILE C 931 -28.55 -5.22 -10.43
C ILE C 931 -29.92 -5.50 -9.81
N LEU C 932 -29.97 -6.43 -8.86
CA LEU C 932 -31.23 -6.67 -8.14
C LEU C 932 -31.67 -5.43 -7.37
N GLU C 933 -30.72 -4.70 -6.80
CA GLU C 933 -31.06 -3.47 -6.11
C GLU C 933 -31.64 -2.44 -7.05
N THR C 934 -31.07 -2.30 -8.26
CA THR C 934 -31.62 -1.35 -9.22
C THR C 934 -33.03 -1.75 -9.67
N HIS C 935 -33.25 -3.04 -9.90
CA HIS C 935 -34.60 -3.50 -10.27
C HIS C 935 -35.61 -3.18 -9.18
N LEU C 936 -35.29 -3.56 -7.94
CA LEU C 936 -36.23 -3.30 -6.85
C LEU C 936 -36.40 -1.80 -6.60
N GLY C 937 -35.35 -1.01 -6.79
CA GLY C 937 -35.47 0.42 -6.62
C GLY C 937 -36.37 1.07 -7.67
N TRP C 938 -36.28 0.62 -8.92
CA TRP C 938 -37.21 1.12 -9.93
C TRP C 938 -38.63 0.73 -9.58
N CYS C 939 -38.85 -0.52 -9.15
CA CYS C 939 -40.20 -0.95 -8.81
C CYS C 939 -40.76 -0.14 -7.65
N ALA C 940 -39.92 0.16 -6.65
CA ALA C 940 -40.38 0.95 -5.50
C ALA C 940 -40.65 2.40 -5.89
N HIS C 941 -39.80 2.98 -6.75
CA HIS C 941 -39.99 4.36 -7.17
C HIS C 941 -41.28 4.53 -7.98
N SER C 942 -41.52 3.63 -8.94
CA SER C 942 -42.68 3.80 -9.81
C SER C 942 -43.97 3.40 -9.11
N GLY C 943 -43.94 2.36 -8.29
CA GLY C 943 -45.14 1.84 -7.66
C GLY C 943 -45.80 0.78 -8.49
N TRP C 944 -46.44 -0.18 -7.81
CA TRP C 944 -46.98 -1.36 -8.47
C TRP C 944 -48.36 -1.68 -7.92
N LYS C 945 -48.99 -2.69 -8.50
CA LYS C 945 -50.29 -3.17 -8.04
C LYS C 945 -50.51 -4.55 -8.63
N VAL C 946 -50.73 -5.54 -7.77
CA VAL C 946 -50.92 -6.92 -8.21
C VAL C 946 -52.41 -7.19 -8.39
N ASP C 947 -52.76 -7.76 -9.53
CA ASP C 947 -54.15 -8.06 -9.84
C ASP C 947 -54.57 -9.35 -9.15
N ALA C 948 -55.74 -9.33 -8.51
CA ALA C 948 -56.28 -10.49 -7.82
C ALA C 948 -57.72 -10.76 -8.22
N ALA C 949 -58.07 -10.47 -9.47
CA ALA C 949 -59.43 -10.73 -9.93
C ALA C 949 -59.74 -12.22 -9.94
N LYS C 950 -58.79 -13.03 -10.39
CA LYS C 950 -58.94 -14.50 -10.40
C LYS C 950 -58.13 -15.15 -9.28
N GLY C 951 -58.05 -14.52 -8.13
CA GLY C 951 -57.24 -15.02 -7.03
C GLY C 951 -55.80 -14.55 -7.12
N VAL C 952 -55.09 -14.72 -6.01
CA VAL C 952 -53.68 -14.33 -5.95
C VAL C 952 -52.87 -15.22 -6.89
N PRO C 953 -51.98 -14.65 -7.71
CA PRO C 953 -51.18 -15.48 -8.61
C PRO C 953 -50.29 -16.46 -7.85
N ASP C 954 -49.81 -17.47 -8.58
CA ASP C 954 -49.02 -18.52 -7.94
C ASP C 954 -47.69 -18.00 -7.42
N TRP C 955 -47.09 -17.02 -8.09
CA TRP C 955 -45.81 -16.50 -7.65
C TRP C 955 -45.91 -15.60 -6.43
N ALA C 956 -47.11 -15.10 -6.12
CA ALA C 956 -47.33 -14.20 -5.00
C ALA C 956 -48.00 -14.89 -3.83
N ALA C 957 -47.88 -16.22 -3.74
CA ALA C 957 -48.54 -16.97 -2.69
C ALA C 957 -47.98 -16.61 -1.32
N ARG C 958 -46.66 -16.45 -1.22
CA ARG C 958 -46.00 -16.22 0.06
C ARG C 958 -45.81 -14.76 0.40
N LEU C 959 -46.24 -13.84 -0.47
CA LEU C 959 -46.14 -12.43 -0.16
C LEU C 959 -47.19 -12.04 0.88
N PRO C 960 -46.87 -11.09 1.75
CA PRO C 960 -47.87 -10.58 2.69
C PRO C 960 -49.00 -9.88 1.94
N ASP C 961 -50.04 -9.52 2.70
CA ASP C 961 -51.19 -8.87 2.08
C ASP C 961 -50.99 -7.37 1.90
N GLU C 962 -50.01 -6.77 2.58
CA GLU C 962 -49.71 -5.36 2.42
C GLU C 962 -48.67 -5.08 1.34
N LEU C 963 -48.06 -6.13 0.78
CA LEU C 963 -47.12 -6.00 -0.31
C LEU C 963 -47.73 -6.30 -1.66
N LEU C 964 -49.05 -6.43 -1.74
CA LEU C 964 -49.74 -6.65 -3.00
C LEU C 964 -50.13 -5.33 -3.69
N GLU C 965 -49.76 -4.20 -3.12
CA GLU C 965 -50.08 -2.89 -3.69
C GLU C 965 -49.18 -1.86 -3.03
N ALA C 966 -48.67 -0.92 -3.83
CA ALA C 966 -47.78 0.10 -3.31
C ALA C 966 -48.02 1.40 -4.06
N GLN C 967 -47.62 2.49 -3.43
CA GLN C 967 -47.76 3.85 -3.93
C GLN C 967 -46.43 4.34 -4.48
N PRO C 968 -46.46 5.34 -5.37
CA PRO C 968 -45.20 5.89 -5.88
C PRO C 968 -44.32 6.43 -4.77
N ASN C 969 -43.01 6.23 -4.93
CA ASN C 969 -42.01 6.63 -3.94
C ASN C 969 -42.25 5.94 -2.60
N ALA C 970 -42.35 4.62 -2.64
CA ALA C 970 -42.52 3.82 -1.45
C ALA C 970 -41.18 3.29 -0.95
N ILE C 971 -41.11 3.01 0.35
CA ILE C 971 -39.92 2.50 0.99
C ILE C 971 -40.17 1.07 1.42
N VAL C 972 -39.26 0.17 1.05
CA VAL C 972 -39.40 -1.24 1.37
C VAL C 972 -38.19 -1.69 2.18
N SER C 973 -38.18 -2.96 2.58
CA SER C 973 -37.10 -3.49 3.41
C SER C 973 -36.87 -4.95 3.06
N THR C 974 -35.62 -5.30 2.76
CA THR C 974 -35.24 -6.68 2.46
C THR C 974 -34.15 -7.12 3.43
N PRO C 975 -34.47 -7.90 4.46
CA PRO C 975 -33.44 -8.30 5.44
C PRO C 975 -32.28 -9.04 4.79
N VAL C 976 -31.23 -9.23 5.59
CA VAL C 976 -29.92 -9.55 5.03
C VAL C 976 -29.88 -10.97 4.46
N PHE C 977 -30.53 -11.93 5.11
CA PHE C 977 -30.54 -13.31 4.64
C PHE C 977 -31.95 -13.87 4.48
N ASP C 978 -32.97 -13.03 4.55
CA ASP C 978 -34.36 -13.45 4.32
C ASP C 978 -35.09 -12.26 3.70
N GLY C 979 -35.11 -12.21 2.38
CA GLY C 979 -35.69 -11.08 1.69
C GLY C 979 -36.50 -11.43 0.47
N ALA C 980 -36.41 -10.61 -0.57
CA ALA C 980 -37.17 -10.80 -1.78
C ALA C 980 -36.52 -11.86 -2.67
N GLN C 981 -37.32 -12.84 -3.09
CA GLN C 981 -36.81 -13.89 -3.97
C GLN C 981 -36.74 -13.32 -5.39
N GLU C 982 -36.44 -14.17 -6.37
CA GLU C 982 -36.35 -13.70 -7.74
C GLU C 982 -37.63 -13.89 -8.53
N ALA C 983 -38.45 -14.89 -8.19
CA ALA C 983 -39.78 -14.98 -8.76
C ALA C 983 -40.62 -13.76 -8.38
N GLU C 984 -40.48 -13.29 -7.14
CA GLU C 984 -41.22 -12.10 -6.71
C GLU C 984 -40.78 -10.87 -7.48
N LEU C 985 -39.47 -10.67 -7.67
CA LEU C 985 -39.00 -9.54 -8.45
C LEU C 985 -39.46 -9.62 -9.89
N GLN C 986 -39.35 -10.80 -10.51
CA GLN C 986 -39.77 -10.95 -11.89
C GLN C 986 -41.26 -10.70 -12.04
N GLY C 987 -42.06 -11.07 -11.05
CA GLY C 987 -43.48 -10.78 -11.12
C GLY C 987 -43.85 -9.35 -10.82
N LEU C 988 -43.07 -8.67 -9.98
CA LEU C 988 -43.32 -7.26 -9.70
C LEU C 988 -42.88 -6.36 -10.84
N LEU C 989 -41.88 -6.78 -11.62
CA LEU C 989 -41.42 -5.97 -12.74
C LEU C 989 -42.44 -5.82 -13.85
N SER C 990 -43.51 -6.63 -13.85
CA SER C 990 -44.55 -6.54 -14.87
C SER C 990 -45.86 -6.02 -14.31
N CYS C 991 -45.84 -5.39 -13.14
CA CYS C 991 -47.03 -4.85 -12.51
C CYS C 991 -46.93 -3.36 -12.22
N THR C 992 -45.82 -2.72 -12.55
CA THR C 992 -45.58 -1.34 -12.16
C THR C 992 -46.57 -0.39 -12.83
N LEU C 993 -46.83 0.73 -12.15
CA LEU C 993 -47.78 1.72 -12.61
C LEU C 993 -47.20 2.58 -13.73
N PRO C 994 -48.06 3.16 -14.56
CA PRO C 994 -47.59 4.07 -15.61
C PRO C 994 -47.31 5.46 -15.05
N ASN C 995 -46.87 6.35 -15.94
CA ASN C 995 -46.57 7.72 -15.58
C ASN C 995 -47.72 8.62 -15.99
N ARG C 996 -47.50 9.94 -15.94
CA ARG C 996 -48.51 10.93 -16.30
C ARG C 996 -49.32 10.54 -17.52
N ASP C 997 -48.64 10.26 -18.63
CA ASP C 997 -49.25 9.65 -19.78
C ASP C 997 -49.21 8.13 -19.64
N GLY C 998 -50.19 7.46 -20.24
CA GLY C 998 -50.32 6.02 -20.05
C GLY C 998 -49.26 5.22 -20.79
N ASP C 999 -48.01 5.36 -20.36
CA ASP C 999 -46.89 4.66 -20.97
C ASP C 999 -46.10 3.93 -19.89
N VAL C 1000 -45.59 2.74 -20.22
CA VAL C 1000 -44.73 1.98 -19.34
C VAL C 1000 -43.35 1.96 -19.98
N LEU C 1001 -42.40 2.68 -19.38
CA LEU C 1001 -41.10 2.88 -19.99
C LEU C 1001 -40.20 1.65 -19.87
N VAL C 1002 -40.24 0.96 -18.74
CA VAL C 1002 -39.40 -0.19 -18.48
C VAL C 1002 -40.23 -1.46 -18.64
N ASP C 1003 -39.77 -2.37 -19.49
CA ASP C 1003 -40.55 -3.56 -19.82
C ASP C 1003 -40.32 -4.64 -18.75
N ALA C 1004 -40.76 -5.86 -19.03
CA ALA C 1004 -40.74 -6.92 -18.03
C ALA C 1004 -39.33 -7.38 -17.68
N ASP C 1005 -38.34 -7.11 -18.52
CA ASP C 1005 -36.97 -7.49 -18.23
C ASP C 1005 -36.20 -6.44 -17.45
N GLY C 1006 -36.78 -5.27 -17.20
CA GLY C 1006 -36.05 -4.20 -16.56
C GLY C 1006 -35.21 -3.36 -17.50
N LYS C 1007 -35.53 -3.37 -18.79
CA LYS C 1007 -34.75 -2.69 -19.81
C LYS C 1007 -35.61 -1.66 -20.52
N ALA C 1008 -34.99 -0.57 -20.94
CA ALA C 1008 -35.69 0.53 -21.58
C ALA C 1008 -34.92 0.99 -22.82
N MET C 1009 -35.65 1.59 -23.74
CA MET C 1009 -35.07 2.13 -24.96
C MET C 1009 -34.72 3.60 -24.74
N LEU C 1010 -33.46 3.94 -24.96
CA LEU C 1010 -32.94 5.28 -24.72
C LEU C 1010 -32.57 5.95 -26.04
N PHE C 1011 -32.61 7.27 -26.03
CA PHE C 1011 -32.16 8.09 -27.15
C PHE C 1011 -30.75 8.60 -26.88
N ASP C 1012 -30.07 8.98 -27.96
CA ASP C 1012 -28.71 9.50 -27.88
C ASP C 1012 -28.78 11.03 -27.87
N GLY C 1013 -28.21 11.65 -26.83
CA GLY C 1013 -28.34 13.08 -26.67
C GLY C 1013 -27.38 13.91 -27.50
N ARG C 1014 -26.41 13.28 -28.17
CA ARG C 1014 -25.47 13.99 -29.02
C ARG C 1014 -25.81 13.89 -30.49
N SER C 1015 -26.45 12.81 -30.91
CA SER C 1015 -26.81 12.59 -32.31
C SER C 1015 -28.31 12.54 -32.57
N GLY C 1016 -29.10 12.15 -31.58
CA GLY C 1016 -30.54 12.17 -31.68
C GLY C 1016 -31.16 10.84 -32.03
N GLU C 1017 -30.40 9.91 -32.59
CA GLU C 1017 -30.96 8.63 -32.97
C GLU C 1017 -31.09 7.71 -31.75
N PRO C 1018 -32.09 6.84 -31.74
CA PRO C 1018 -32.22 5.88 -30.65
C PRO C 1018 -31.09 4.87 -30.65
N PHE C 1019 -30.75 4.39 -29.45
CA PHE C 1019 -29.79 3.30 -29.34
C PHE C 1019 -30.42 2.01 -29.83
N PRO C 1020 -29.67 1.15 -30.53
CA PRO C 1020 -30.29 0.02 -31.23
C PRO C 1020 -30.83 -1.07 -30.30
N TYR C 1021 -30.38 -1.15 -29.05
CA TYR C 1021 -30.82 -2.19 -28.16
C TYR C 1021 -31.26 -1.61 -26.82
N PRO C 1022 -32.20 -2.25 -26.14
CA PRO C 1022 -32.62 -1.76 -24.82
C PRO C 1022 -31.52 -1.86 -23.79
N VAL C 1023 -31.56 -0.94 -22.81
CA VAL C 1023 -30.54 -0.80 -21.79
C VAL C 1023 -31.22 -0.89 -20.43
N THR C 1024 -30.48 -1.41 -19.44
CA THR C 1024 -31.00 -1.56 -18.09
C THR C 1024 -31.04 -0.21 -17.37
N VAL C 1025 -32.19 0.10 -16.78
CA VAL C 1025 -32.40 1.35 -16.06
C VAL C 1025 -32.98 1.06 -14.69
N GLY C 1026 -32.69 1.92 -13.73
CA GLY C 1026 -33.18 1.74 -12.38
C GLY C 1026 -32.65 2.82 -11.46
N TYR C 1027 -32.86 2.62 -10.16
CA TYR C 1027 -32.41 3.53 -9.13
C TYR C 1027 -31.44 2.82 -8.19
N MET C 1028 -30.38 3.51 -7.79
CA MET C 1028 -29.36 2.93 -6.94
C MET C 1028 -28.91 3.96 -5.92
N TYR C 1029 -28.37 3.48 -4.81
CA TYR C 1029 -28.00 4.31 -3.68
C TYR C 1029 -26.51 4.58 -3.74
N ILE C 1030 -26.14 5.85 -3.87
CA ILE C 1030 -24.76 6.27 -4.11
C ILE C 1030 -24.31 7.15 -2.95
N MET C 1031 -23.14 6.84 -2.40
CA MET C 1031 -22.55 7.59 -1.30
C MET C 1031 -21.29 8.30 -1.76
N LYS C 1032 -20.96 9.40 -1.06
CA LYS C 1032 -19.77 10.19 -1.37
C LYS C 1032 -18.70 9.89 -0.32
N LEU C 1033 -17.53 9.49 -0.79
CA LEU C 1033 -16.46 9.06 0.10
C LEU C 1033 -15.51 10.21 0.41
N HIS C 1034 -14.85 10.11 1.56
CA HIS C 1034 -13.99 11.18 2.04
C HIS C 1034 -12.60 11.09 1.44
N HIS C 1035 -12.51 10.97 0.12
CA HIS C 1035 -11.24 11.00 -0.61
C HIS C 1035 -11.41 11.98 -1.77
N LEU C 1036 -11.20 13.25 -1.49
CA LEU C 1036 -11.47 14.33 -2.42
C LEU C 1036 -10.17 14.83 -3.05
N VAL C 1037 -10.25 15.21 -4.33
CA VAL C 1037 -9.06 15.59 -5.07
C VAL C 1037 -8.49 16.92 -4.59
N ASP C 1038 -9.32 17.79 -3.99
CA ASP C 1038 -8.82 19.07 -3.53
C ASP C 1038 -7.83 18.94 -2.39
N ASP C 1039 -7.80 17.79 -1.72
CA ASP C 1039 -6.89 17.54 -0.61
C ASP C 1039 -5.70 16.68 -1.00
N LYS C 1040 -5.49 16.42 -2.29
CA LYS C 1040 -4.42 15.53 -2.73
C LYS C 1040 -3.52 16.13 -3.80
N ILE C 1041 -3.82 17.31 -4.31
CA ILE C 1041 -2.97 17.94 -5.31
C ILE C 1041 -1.84 18.68 -4.62
N HIS C 1042 -0.64 18.61 -5.21
CA HIS C 1042 0.54 19.21 -4.63
C HIS C 1042 1.57 19.43 -5.74
N ALA C 1043 2.37 20.48 -5.57
CA ALA C 1043 3.46 20.76 -6.49
C ALA C 1043 4.48 21.65 -5.78
N ARG C 1044 5.70 21.65 -6.29
CA ARG C 1044 6.78 22.41 -5.67
C ARG C 1044 7.89 22.63 -6.68
N SER C 1045 8.48 23.83 -6.66
CA SER C 1045 9.71 24.12 -7.39
C SER C 1045 10.90 24.24 -6.44
N THR C 1046 10.85 25.17 -5.49
CA THR C 1046 11.82 25.23 -4.40
C THR C 1046 11.09 25.60 -3.12
N GLY C 1047 11.68 25.23 -1.99
CA GLY C 1047 11.10 25.52 -0.70
C GLY C 1047 12.06 25.23 0.45
N PRO C 1048 11.52 24.88 1.61
CA PRO C 1048 12.37 24.59 2.77
C PRO C 1048 13.19 23.33 2.58
N TYR C 1049 14.36 23.30 3.22
CA TYR C 1049 15.30 22.20 3.19
C TYR C 1049 15.59 21.71 4.60
N SER C 1050 16.21 20.55 4.68
CA SER C 1050 16.49 19.91 5.97
C SER C 1050 17.72 20.55 6.60
N MET C 1051 18.24 19.94 7.66
CA MET C 1051 19.36 20.51 8.42
C MET C 1051 20.62 19.66 8.34
N ILE C 1052 20.53 18.37 8.64
CA ILE C 1052 21.71 17.51 8.60
C ILE C 1052 22.09 17.21 7.15
N THR C 1053 21.19 16.55 6.42
CA THR C 1053 21.35 16.32 5.00
C THR C 1053 20.44 17.31 4.27
N GLN C 1054 21.04 18.23 3.52
CA GLN C 1054 20.31 19.38 3.00
C GLN C 1054 19.47 18.99 1.78
N GLN C 1055 18.60 18.02 2.00
CA GLN C 1055 17.62 17.57 1.02
C GLN C 1055 16.28 18.22 1.28
N PRO C 1056 15.39 18.24 0.28
CA PRO C 1056 14.08 18.83 0.48
C PRO C 1056 13.29 18.13 1.57
N LEU C 1057 12.42 18.90 2.23
CA LEU C 1057 11.58 18.36 3.29
C LEU C 1057 10.54 17.42 2.71
N GLY C 1058 9.84 16.70 3.58
CA GLY C 1058 8.84 15.72 3.17
C GLY C 1058 7.48 16.06 3.72
N GLY C 1059 6.46 15.77 2.94
CA GLY C 1059 5.08 16.00 3.32
C GLY C 1059 4.46 17.16 2.57
N LYS C 1060 3.12 17.19 2.59
CA LYS C 1060 2.38 18.24 1.91
C LYS C 1060 2.15 19.46 2.80
N ALA C 1061 2.09 19.26 4.11
CA ALA C 1061 1.89 20.39 5.02
C ALA C 1061 3.14 21.24 5.14
N GLN C 1062 4.32 20.65 4.94
CA GLN C 1062 5.58 21.36 5.05
C GLN C 1062 6.16 21.77 3.70
N PHE C 1063 5.37 21.66 2.63
CA PHE C 1063 5.80 22.03 1.28
C PHE C 1063 7.02 21.21 0.85
N GLY C 1064 6.84 19.89 0.87
CA GLY C 1064 7.94 18.97 0.64
C GLY C 1064 7.99 18.43 -0.77
N GLY C 1065 9.07 17.69 -1.05
CA GLY C 1065 9.28 17.07 -2.33
C GLY C 1065 8.86 15.61 -2.35
N GLN C 1066 9.03 14.99 -3.51
CA GLN C 1066 8.64 13.60 -3.72
C GLN C 1066 9.88 12.73 -3.79
N ARG C 1067 9.81 11.57 -3.13
CA ARG C 1067 10.96 10.68 -3.07
C ARG C 1067 11.20 10.00 -4.41
N PHE C 1068 12.47 9.94 -4.80
CA PHE C 1068 12.91 9.22 -5.98
C PHE C 1068 13.70 8.02 -5.44
N GLY C 1069 12.99 6.92 -5.19
CA GLY C 1069 13.53 5.83 -4.41
C GLY C 1069 14.52 4.97 -5.17
N GLU C 1070 14.82 3.82 -4.56
CA GLU C 1070 15.78 2.89 -5.16
C GLU C 1070 15.21 2.22 -6.40
N MET C 1071 13.96 1.78 -6.34
CA MET C 1071 13.37 1.07 -7.48
C MET C 1071 13.24 1.98 -8.71
N GLU C 1072 13.13 3.29 -8.50
CA GLU C 1072 13.02 4.23 -9.60
C GLU C 1072 14.37 4.53 -10.24
N CYS C 1073 15.47 4.27 -9.55
CA CYS C 1073 16.79 4.41 -10.14
C CYS C 1073 17.13 3.26 -11.07
N TRP C 1074 16.62 2.07 -10.78
CA TRP C 1074 16.88 0.92 -11.65
C TRP C 1074 16.27 1.12 -13.03
N ALA C 1075 15.09 1.73 -13.10
CA ALA C 1075 14.48 2.03 -14.39
C ALA C 1075 15.32 3.03 -15.16
N MET C 1076 15.85 4.05 -14.48
CA MET C 1076 16.71 5.03 -15.15
C MET C 1076 17.99 4.37 -15.66
N GLN C 1077 18.56 3.45 -14.89
CA GLN C 1077 19.78 2.77 -15.33
C GLN C 1077 19.51 1.77 -16.44
N ALA C 1078 18.30 1.21 -16.49
CA ALA C 1078 17.94 0.30 -17.57
C ALA C 1078 17.53 1.03 -18.84
N TYR C 1079 17.09 2.29 -18.75
CA TYR C 1079 16.84 3.08 -19.94
C TYR C 1079 18.12 3.53 -20.61
N GLY C 1080 19.18 3.70 -19.84
CA GLY C 1080 20.43 4.25 -20.33
C GLY C 1080 20.59 5.75 -20.13
N ALA C 1081 19.74 6.37 -19.32
CA ALA C 1081 19.73 7.82 -19.14
C ALA C 1081 20.73 8.15 -18.04
N ALA C 1082 21.95 8.51 -18.43
CA ALA C 1082 23.01 8.80 -17.46
C ALA C 1082 23.01 10.24 -16.99
N TYR C 1083 22.45 11.17 -17.76
CA TYR C 1083 22.43 12.58 -17.40
C TYR C 1083 21.20 12.95 -16.59
N THR C 1084 20.04 12.37 -16.91
CA THR C 1084 18.84 12.62 -16.12
C THR C 1084 19.02 12.16 -14.69
N LEU C 1085 19.59 10.98 -14.47
CA LEU C 1085 19.82 10.49 -13.12
C LEU C 1085 20.79 11.38 -12.36
N GLN C 1086 21.89 11.79 -13.02
CA GLN C 1086 22.88 12.63 -12.36
C GLN C 1086 22.28 13.97 -11.96
N GLU C 1087 21.47 14.57 -12.84
CA GLU C 1087 20.82 15.82 -12.49
C GLU C 1087 19.80 15.64 -11.38
N LEU C 1088 19.04 14.55 -11.41
CA LEU C 1088 18.06 14.28 -10.38
C LEU C 1088 18.70 14.03 -9.02
N LEU C 1089 19.95 13.57 -8.99
CA LEU C 1089 20.57 13.19 -7.72
C LEU C 1089 21.51 14.23 -7.15
N THR C 1090 21.97 15.21 -7.93
CA THR C 1090 22.93 16.18 -7.43
C THR C 1090 22.36 17.60 -7.37
N ILE C 1091 21.94 18.18 -8.50
CA ILE C 1091 21.58 19.59 -8.50
C ILE C 1091 20.13 19.84 -8.10
N LYS C 1092 19.33 18.79 -7.96
CA LYS C 1092 17.96 18.93 -7.49
C LYS C 1092 17.76 18.47 -6.05
N SER C 1093 18.76 17.79 -5.45
CA SER C 1093 18.63 17.34 -4.08
C SER C 1093 19.67 17.95 -3.15
N ASP C 1094 20.97 17.77 -3.41
CA ASP C 1094 21.99 18.01 -2.40
C ASP C 1094 23.03 19.06 -2.76
N ASP C 1095 23.26 19.32 -4.04
CA ASP C 1095 24.35 20.22 -4.43
C ASP C 1095 23.98 21.63 -4.00
N THR C 1096 24.54 22.07 -2.87
CA THR C 1096 24.17 23.37 -2.30
C THR C 1096 24.64 24.51 -3.20
N VAL C 1097 25.84 24.41 -3.76
CA VAL C 1097 26.37 25.48 -4.59
C VAL C 1097 25.80 25.46 -6.00
N GLY C 1098 25.34 24.32 -6.48
CA GLY C 1098 24.81 24.24 -7.83
C GLY C 1098 23.35 24.60 -7.94
N ARG C 1099 22.61 24.51 -6.84
CA ARG C 1099 21.19 24.86 -6.86
C ARG C 1099 20.98 26.32 -7.20
N VAL C 1100 21.79 27.20 -6.58
CA VAL C 1100 21.63 28.63 -6.79
C VAL C 1100 22.08 29.01 -8.20
N LYS C 1101 23.18 28.42 -8.67
CA LYS C 1101 23.65 28.71 -10.01
C LYS C 1101 22.67 28.21 -11.07
N VAL C 1102 22.03 27.07 -10.80
CA VAL C 1102 21.01 26.56 -11.71
C VAL C 1102 19.82 27.51 -11.76
N TYR C 1103 19.38 28.00 -10.60
CA TYR C 1103 18.26 28.94 -10.59
C TYR C 1103 18.60 30.23 -11.34
N GLU C 1104 19.81 30.77 -11.09
CA GLU C 1104 20.22 31.98 -11.80
C GLU C 1104 20.31 31.76 -13.30
N ALA C 1105 20.83 30.60 -13.72
CA ALA C 1105 20.92 30.31 -15.14
C ALA C 1105 19.55 30.19 -15.78
N ILE C 1106 18.60 29.56 -15.09
CA ILE C 1106 17.25 29.42 -15.63
C ILE C 1106 16.59 30.79 -15.76
N VAL C 1107 16.71 31.63 -14.74
CA VAL C 1107 16.08 32.94 -14.79
C VAL C 1107 16.71 33.82 -15.87
N LYS C 1108 18.05 33.80 -15.97
CA LYS C 1108 18.75 34.62 -16.96
C LYS C 1108 18.74 34.03 -18.36
N GLY C 1109 18.32 32.78 -18.52
CA GLY C 1109 18.23 32.18 -19.84
C GLY C 1109 19.50 31.57 -20.37
N GLU C 1110 20.49 31.32 -19.51
CA GLU C 1110 21.77 30.77 -19.93
C GLU C 1110 21.73 29.24 -19.84
N ASN C 1111 22.89 28.61 -20.00
CA ASN C 1111 22.99 27.16 -19.95
C ASN C 1111 23.13 26.68 -18.51
N ILE C 1112 22.61 25.49 -18.24
CA ILE C 1112 22.69 24.93 -16.89
C ILE C 1112 24.13 24.52 -16.59
N PRO C 1113 24.65 24.79 -15.41
CA PRO C 1113 26.04 24.48 -15.08
C PRO C 1113 26.25 23.00 -14.82
N GLU C 1114 27.50 22.65 -14.49
CA GLU C 1114 27.94 21.28 -14.24
C GLU C 1114 27.77 20.94 -12.76
N PRO C 1115 27.19 19.78 -12.44
CA PRO C 1115 26.92 19.45 -11.04
C PRO C 1115 28.20 19.29 -10.23
N GLY C 1116 28.09 19.55 -8.93
CA GLY C 1116 29.22 19.40 -8.03
C GLY C 1116 29.23 18.07 -7.30
N ILE C 1117 29.37 18.10 -5.99
CA ILE C 1117 29.41 16.88 -5.18
C ILE C 1117 28.37 16.97 -4.07
N PRO C 1118 27.60 15.91 -3.82
CA PRO C 1118 26.54 15.98 -2.80
C PRO C 1118 27.11 16.04 -1.39
N GLU C 1119 26.29 16.57 -0.49
CA GLU C 1119 26.69 16.76 0.90
C GLU C 1119 26.54 15.47 1.71
N SER C 1120 25.60 14.60 1.32
CA SER C 1120 25.38 13.37 2.06
C SER C 1120 26.61 12.48 2.04
N PHE C 1121 27.42 12.54 0.99
CA PHE C 1121 28.66 11.79 0.96
C PHE C 1121 29.62 12.27 2.04
N LYS C 1122 29.73 13.58 2.23
CA LYS C 1122 30.58 14.12 3.29
C LYS C 1122 30.03 13.75 4.67
N VAL C 1123 28.71 13.78 4.83
CA VAL C 1123 28.12 13.34 6.10
C VAL C 1123 28.46 11.89 6.38
N LEU C 1124 28.40 11.04 5.34
CA LEU C 1124 28.76 9.63 5.49
C LEU C 1124 30.23 9.48 5.86
N LEU C 1125 31.10 10.27 5.25
CA LEU C 1125 32.53 10.19 5.55
C LEU C 1125 32.80 10.58 7.00
N LYS C 1126 32.14 11.63 7.50
CA LYS C 1126 32.36 12.00 8.90
C LYS C 1126 31.74 10.97 9.85
N GLU C 1127 30.67 10.29 9.41
CA GLU C 1127 30.14 9.19 10.19
C GLU C 1127 31.13 8.04 10.28
N LEU C 1128 31.77 7.70 9.17
CA LEU C 1128 32.75 6.62 9.16
C LEU C 1128 33.98 7.00 9.97
N GLN C 1129 34.38 8.27 9.94
CA GLN C 1129 35.53 8.71 10.70
C GLN C 1129 35.24 8.78 12.19
N SER C 1130 33.98 8.86 12.60
CA SER C 1130 33.67 8.93 14.02
C SER C 1130 33.64 7.57 14.69
N LEU C 1131 33.68 6.47 13.93
CA LEU C 1131 33.81 5.12 14.46
C LEU C 1131 35.26 4.63 14.45
N CYS C 1132 36.22 5.55 14.46
CA CYS C 1132 37.65 5.21 14.43
C CYS C 1132 38.00 4.40 13.19
N LEU C 1133 37.56 4.89 12.04
CA LEU C 1133 37.89 4.31 10.74
C LEU C 1133 38.59 5.36 9.91
N ASN C 1134 39.73 4.99 9.33
CA ASN C 1134 40.60 5.95 8.63
C ASN C 1134 40.30 5.88 7.14
N VAL C 1135 39.19 6.50 6.75
CA VAL C 1135 38.74 6.48 5.36
C VAL C 1135 39.19 7.78 4.69
N GLU C 1136 39.85 7.65 3.54
CA GLU C 1136 40.40 8.79 2.84
C GLU C 1136 40.11 8.65 1.35
N VAL C 1137 40.07 9.79 0.66
CA VAL C 1137 39.83 9.84 -0.78
C VAL C 1137 41.15 10.19 -1.45
N LEU C 1138 41.69 9.25 -2.23
CA LEU C 1138 42.97 9.44 -2.87
C LEU C 1138 42.79 9.99 -4.28
N SER C 1139 43.89 10.46 -4.85
CA SER C 1139 43.95 10.92 -6.24
C SER C 1139 44.71 9.88 -7.07
N SER C 1140 44.97 10.24 -8.34
CA SER C 1140 45.67 9.33 -9.23
C SER C 1140 47.11 9.06 -8.81
N ASP C 1141 47.66 9.86 -7.91
CA ASP C 1141 49.04 9.70 -7.45
C ASP C 1141 49.11 9.87 -5.93
N GLY C 1142 48.20 9.22 -5.21
CA GLY C 1142 48.12 9.42 -3.78
C GLY C 1142 47.66 10.84 -3.46
N ALA C 1143 48.22 11.41 -2.39
CA ALA C 1143 47.99 12.80 -2.03
C ALA C 1143 46.51 13.09 -1.80
N ALA C 1144 45.99 12.48 -0.72
CA ALA C 1144 44.59 12.56 -0.34
C ALA C 1144 44.03 13.97 -0.52
N ILE C 1145 42.84 14.04 -1.12
CA ILE C 1145 42.16 15.31 -1.35
C ILE C 1145 41.55 15.81 -0.05
N GLU C 1146 41.50 17.13 0.11
CA GLU C 1146 41.01 17.73 1.36
C GLU C 1146 39.51 17.53 1.53
N LEU C 1147 38.74 17.74 0.46
CA LEU C 1147 37.29 17.52 0.48
C LEU C 1147 36.61 18.38 1.54
N ARG C 1148 36.99 19.66 1.59
CA ARG C 1148 36.34 20.60 2.51
C ARG C 1148 36.07 21.95 1.89
N GLU C 1149 36.35 22.14 0.60
CA GLU C 1149 36.17 23.43 -0.10
C GLU C 1149 36.99 24.49 0.64
N GLY C 1150 36.50 25.72 0.77
CA GLY C 1150 37.18 26.76 1.49
C GLY C 1150 38.14 27.60 0.67
N GLU C 1151 38.41 27.22 -0.57
CA GLU C 1151 39.31 27.97 -1.42
C GLU C 1151 38.57 28.57 -2.62
N LEU D 2 35.25 21.31 -5.53
CA LEU D 2 35.87 20.02 -5.85
C LEU D 2 35.33 19.47 -7.16
N ASP D 3 36.12 18.65 -7.82
CA ASP D 3 35.75 18.00 -9.07
C ASP D 3 35.64 16.50 -8.86
N VAL D 4 34.48 15.94 -9.18
CA VAL D 4 34.29 14.50 -9.03
C VAL D 4 35.10 13.73 -10.06
N ASN D 5 35.49 14.37 -11.16
CA ASN D 5 36.23 13.71 -12.23
C ASN D 5 37.71 13.53 -11.90
N PHE D 6 38.13 13.78 -10.66
CA PHE D 6 39.51 13.57 -10.26
C PHE D 6 39.69 12.53 -9.17
N PHE D 7 38.60 12.00 -8.61
CA PHE D 7 38.74 10.89 -7.66
C PHE D 7 39.21 9.64 -8.38
N ASP D 8 40.01 8.85 -7.69
CA ASP D 8 40.49 7.58 -8.25
C ASP D 8 40.43 6.41 -7.29
N GLU D 9 40.29 6.63 -5.99
CA GLU D 9 40.36 5.55 -5.02
C GLU D 9 39.58 5.94 -3.78
N LEU D 10 39.26 4.93 -2.97
CA LEU D 10 38.66 5.14 -1.66
C LEU D 10 39.22 4.08 -0.74
N ARG D 11 40.13 4.48 0.14
CA ARG D 11 40.84 3.55 1.01
C ARG D 11 40.27 3.61 2.42
N ILE D 12 40.16 2.44 3.06
CA ILE D 12 39.70 2.34 4.43
C ILE D 12 40.73 1.55 5.22
N GLY D 13 40.80 1.80 6.51
CA GLY D 13 41.75 1.12 7.36
C GLY D 13 41.57 1.53 8.80
N LEU D 14 42.29 0.82 9.68
CA LEU D 14 42.23 1.09 11.10
C LEU D 14 42.91 2.42 11.41
N ALA D 15 42.37 3.12 12.41
CA ALA D 15 42.88 4.42 12.82
C ALA D 15 43.60 4.29 14.16
N THR D 16 44.76 4.92 14.26
CA THR D 16 45.54 4.93 15.49
C THR D 16 45.26 6.19 16.29
N ALA D 17 45.83 6.25 17.49
CA ALA D 17 45.62 7.41 18.35
C ALA D 17 46.23 8.66 17.74
N GLU D 18 47.32 8.53 17.00
CA GLU D 18 47.92 9.70 16.36
C GLU D 18 46.97 10.34 15.36
N ASP D 19 46.28 9.52 14.56
CA ASP D 19 45.32 10.07 13.61
C ASP D 19 44.16 10.74 14.31
N ILE D 20 43.68 10.14 15.41
CA ILE D 20 42.57 10.72 16.15
C ILE D 20 42.96 12.05 16.75
N ARG D 21 44.19 12.15 17.26
CA ARG D 21 44.67 13.43 17.77
C ARG D 21 44.98 14.41 16.65
N GLN D 22 45.19 13.93 15.43
CA GLN D 22 45.43 14.80 14.30
C GLN D 22 44.13 15.46 13.83
N TRP D 23 43.10 14.66 13.55
CA TRP D 23 41.85 15.20 13.06
C TRP D 23 41.26 16.24 14.02
N SER D 24 41.43 16.01 15.32
CA SER D 24 40.75 16.83 16.33
C SER D 24 41.30 18.25 16.36
N TYR D 25 40.43 19.19 16.70
CA TYR D 25 40.81 20.59 16.91
C TYR D 25 40.91 20.97 18.37
N GLY D 26 40.59 20.05 19.28
CA GLY D 26 40.67 20.32 20.69
C GLY D 26 40.00 19.20 21.48
N GLU D 27 40.27 19.18 22.77
CA GLU D 27 39.76 18.14 23.66
C GLU D 27 38.67 18.71 24.55
N VAL D 28 37.57 17.98 24.66
CA VAL D 28 36.45 18.37 25.52
C VAL D 28 36.67 17.81 26.91
N LYS D 29 36.29 18.57 27.93
CA LYS D 29 36.53 18.19 29.32
C LYS D 29 35.26 18.19 30.15
N LYS D 30 34.34 19.11 29.91
CA LYS D 30 33.15 19.23 30.74
C LYS D 30 31.98 18.57 30.03
N PRO D 31 31.17 17.75 30.72
CA PRO D 31 30.03 17.12 30.05
C PRO D 31 28.86 18.06 29.77
N GLU D 32 28.97 19.34 30.09
CA GLU D 32 27.86 20.25 29.83
C GLU D 32 27.64 20.41 28.33
N THR D 33 26.42 20.74 27.96
CA THR D 33 26.01 20.80 26.56
C THR D 33 25.69 22.21 26.12
N ILE D 34 24.76 22.88 26.80
CA ILE D 34 24.26 24.18 26.39
C ILE D 34 23.68 24.86 27.61
N ASN D 35 23.78 26.19 27.65
CA ASN D 35 23.20 26.96 28.73
C ASN D 35 21.72 27.18 28.45
N TYR D 36 20.88 26.72 29.39
CA TYR D 36 19.43 26.76 29.19
C TYR D 36 18.87 28.18 29.25
N ARG D 37 19.46 29.05 30.07
CA ARG D 37 18.95 30.37 30.34
C ARG D 37 19.50 31.41 29.36
N THR D 38 20.81 31.41 29.14
CA THR D 38 21.39 32.35 28.18
C THR D 38 21.25 31.88 26.75
N LEU D 39 20.89 30.61 26.54
CA LEU D 39 20.72 30.04 25.20
C LEU D 39 21.99 30.20 24.38
N LYS D 40 23.14 30.04 25.04
CA LYS D 40 24.45 30.18 24.42
C LYS D 40 25.30 28.97 24.80
N PRO D 41 26.19 28.53 23.91
CA PRO D 41 27.01 27.35 24.21
C PRO D 41 27.93 27.58 25.40
N GLU D 42 28.20 26.50 26.13
CA GLU D 42 29.04 26.55 27.31
C GLU D 42 30.51 26.58 26.89
N LYS D 43 31.42 26.42 27.86
CA LYS D 43 32.84 26.40 27.61
C LYS D 43 33.37 24.99 27.84
N ASP D 44 34.14 24.49 26.87
CA ASP D 44 34.76 23.17 26.92
C ASP D 44 33.74 22.04 27.03
N GLY D 45 32.49 22.28 26.64
CA GLY D 45 31.46 21.26 26.68
C GLY D 45 31.43 20.50 25.37
N LEU D 46 30.26 19.93 25.07
CA LEU D 46 30.13 19.23 23.80
C LEU D 46 29.69 20.14 22.67
N PHE D 47 29.31 21.37 23.00
CA PHE D 47 28.85 22.38 22.04
C PHE D 47 29.68 23.64 22.30
N CYS D 48 30.89 23.74 21.76
CA CYS D 48 31.75 24.83 22.17
C CYS D 48 32.21 25.60 20.95
N GLU D 49 32.31 26.92 21.08
CA GLU D 49 32.76 27.73 19.96
C GLU D 49 34.27 27.66 19.74
N LYS D 50 35.05 27.44 20.80
CA LYS D 50 36.49 27.39 20.65
C LYS D 50 36.94 26.17 19.85
N ILE D 51 36.43 24.99 20.22
CA ILE D 51 36.83 23.76 19.55
C ILE D 51 36.25 23.70 18.16
N PHE D 52 34.96 24.00 18.02
CA PHE D 52 34.21 23.68 16.82
C PHE D 52 34.07 24.86 15.85
N GLY D 53 33.64 26.02 16.34
CA GLY D 53 33.54 27.17 15.48
C GLY D 53 32.48 28.17 15.89
N PRO D 54 32.58 29.40 15.37
CA PRO D 54 31.62 30.44 15.75
C PRO D 54 30.20 30.07 15.34
N THR D 55 29.24 30.42 16.20
CA THR D 55 27.85 30.14 15.90
C THR D 55 27.29 31.09 14.85
N ARG D 56 27.86 32.29 14.73
CA ARG D 56 27.40 33.29 13.77
C ARG D 56 28.57 33.73 12.92
N ASP D 57 28.26 34.27 11.75
CA ASP D 57 29.29 34.59 10.77
C ASP D 57 30.16 35.76 11.24
N TRP D 58 31.47 35.56 11.19
CA TRP D 58 32.46 36.60 11.49
C TRP D 58 32.27 37.20 12.89
N GLU D 59 31.84 36.38 13.84
CA GLU D 59 31.62 36.82 15.21
C GLU D 59 32.51 35.98 16.13
N CYS D 60 32.35 36.18 17.43
CA CYS D 60 33.08 35.42 18.44
C CYS D 60 32.33 35.48 19.75
N TYR D 61 32.90 34.87 20.79
CA TYR D 61 32.23 34.85 22.08
C TYR D 61 32.07 36.26 22.66
N CYS D 62 33.12 37.08 22.58
CA CYS D 62 33.03 38.46 23.01
C CYS D 62 32.65 39.33 21.83
N GLY D 63 32.76 40.66 22.00
CA GLY D 63 32.41 41.56 20.92
C GLY D 63 33.56 42.42 20.44
N LYS D 64 34.79 41.94 20.59
CA LYS D 64 35.95 42.75 20.21
C LYS D 64 36.11 42.81 18.70
N TYR D 65 35.87 41.70 18.00
CA TYR D 65 35.94 41.64 16.55
C TYR D 65 34.59 41.27 15.97
N LYS D 66 34.10 42.09 15.05
CA LYS D 66 32.82 41.85 14.39
C LYS D 66 32.93 42.23 12.93
N ARG D 67 31.94 41.80 12.15
CA ARG D 67 31.85 42.00 10.71
C ARG D 67 33.02 41.31 9.98
N VAL D 68 33.03 41.37 8.65
CA VAL D 68 34.08 40.66 7.91
C VAL D 68 35.33 41.46 7.61
N ARG D 69 36.17 41.71 8.61
CA ARG D 69 37.39 42.45 8.35
C ARG D 69 38.47 41.91 9.28
N PHE D 70 38.05 41.08 10.23
CA PHE D 70 38.91 40.46 11.23
C PHE D 70 39.24 39.00 10.93
N LYS D 71 39.05 38.53 9.70
CA LYS D 71 39.35 37.13 9.47
C LYS D 71 40.84 36.85 9.62
N GLY D 72 41.15 35.64 10.08
CA GLY D 72 42.49 35.20 10.31
C GLY D 72 43.04 35.49 11.69
N ILE D 73 42.34 36.31 12.48
CA ILE D 73 42.78 36.70 13.81
C ILE D 73 42.07 35.85 14.85
N ILE D 74 42.85 35.27 15.78
CA ILE D 74 42.32 34.49 16.88
C ILE D 74 42.05 35.45 18.04
N CYS D 75 40.84 35.43 18.58
CA CYS D 75 40.53 36.27 19.73
C CYS D 75 41.41 35.88 20.90
N GLU D 76 42.06 36.87 21.51
CA GLU D 76 43.03 36.57 22.56
C GLU D 76 42.39 36.37 23.92
N ARG D 77 41.15 36.81 24.13
CA ARG D 77 40.47 36.57 25.40
C ARG D 77 39.46 35.44 25.32
N CYS D 78 38.88 35.17 24.16
CA CYS D 78 37.93 34.09 24.00
C CYS D 78 38.56 32.84 23.40
N GLY D 79 39.32 33.01 22.32
CA GLY D 79 39.93 31.91 21.60
C GLY D 79 39.17 31.46 20.37
N VAL D 80 38.09 32.14 20.02
CA VAL D 80 37.25 31.74 18.90
C VAL D 80 37.79 32.35 17.62
N GLU D 81 37.88 31.55 16.57
CA GLU D 81 38.27 32.06 15.26
C GLU D 81 37.16 32.96 14.71
N VAL D 82 37.56 33.97 13.94
CA VAL D 82 36.63 34.88 13.28
C VAL D 82 36.52 34.43 11.84
N THR D 83 35.52 33.60 11.56
CA THR D 83 35.30 33.03 10.24
C THR D 83 33.83 32.64 10.13
N ARG D 84 33.50 31.90 9.08
CA ARG D 84 32.10 31.55 8.83
C ARG D 84 31.61 30.53 9.86
N ALA D 85 30.29 30.38 9.93
CA ALA D 85 29.66 29.44 10.84
C ALA D 85 29.41 28.09 10.20
N LYS D 86 29.73 27.93 8.92
CA LYS D 86 29.56 26.64 8.26
C LYS D 86 30.67 25.66 8.61
N VAL D 87 31.72 26.12 9.29
CA VAL D 87 32.82 25.24 9.70
C VAL D 87 32.45 24.36 10.87
N ARG D 88 31.24 24.50 11.42
CA ARG D 88 30.79 23.64 12.51
C ARG D 88 30.29 22.28 12.03
N ARG D 89 30.25 22.06 10.71
CA ARG D 89 29.89 20.78 10.14
C ARG D 89 31.09 19.90 9.81
N GLU D 90 32.31 20.40 10.01
CA GLU D 90 33.49 19.66 9.55
C GLU D 90 34.66 19.68 10.53
N ARG D 91 34.49 20.17 11.75
CA ARG D 91 35.55 20.21 12.74
C ARG D 91 35.19 19.32 13.91
N MET D 92 36.11 18.42 14.28
CA MET D 92 35.87 17.41 15.30
C MET D 92 36.69 17.69 16.56
N GLY D 93 36.51 16.83 17.55
CA GLY D 93 37.25 16.90 18.80
C GLY D 93 37.52 15.49 19.32
N HIS D 94 38.12 15.41 20.50
CA HIS D 94 38.46 14.11 21.04
C HIS D 94 38.45 14.13 22.57
N ILE D 95 38.36 12.93 23.15
CA ILE D 95 38.32 12.74 24.59
C ILE D 95 39.54 11.92 24.98
N GLU D 96 40.27 12.38 26.00
CA GLU D 96 41.47 11.70 26.46
C GLU D 96 41.12 10.76 27.60
N LEU D 97 41.14 9.47 27.32
CA LEU D 97 40.76 8.46 28.31
C LEU D 97 41.89 8.25 29.31
N ALA D 98 41.51 8.09 30.58
CA ALA D 98 42.47 7.83 31.64
C ALA D 98 42.83 6.36 31.77
N ALA D 99 42.23 5.49 30.97
CA ALA D 99 42.55 4.09 30.92
C ALA D 99 42.20 3.58 29.53
N PRO D 100 43.01 2.71 28.95
CA PRO D 100 42.68 2.18 27.62
C PRO D 100 41.42 1.32 27.64
N VAL D 101 40.73 1.30 26.52
CA VAL D 101 39.55 0.47 26.31
C VAL D 101 39.74 -0.33 25.03
N THR D 102 38.75 -1.17 24.72
CA THR D 102 38.81 -2.06 23.56
C THR D 102 37.62 -1.80 22.64
N HIS D 103 37.89 -1.76 21.34
CA HIS D 103 36.84 -1.56 20.36
C HIS D 103 35.91 -2.76 20.37
N ILE D 104 34.59 -2.50 20.42
CA ILE D 104 33.62 -3.58 20.51
C ILE D 104 33.55 -4.37 19.22
N TRP D 105 33.83 -3.74 18.08
CA TRP D 105 33.68 -4.40 16.79
C TRP D 105 34.66 -5.56 16.63
N TYR D 106 35.87 -5.43 17.18
CA TYR D 106 36.92 -6.41 16.95
C TYR D 106 37.01 -7.44 18.07
N PHE D 107 36.11 -7.42 19.03
CA PHE D 107 36.13 -8.42 20.08
C PHE D 107 34.80 -9.15 20.22
N LYS D 108 33.67 -8.45 20.10
CA LYS D 108 32.36 -9.10 20.11
C LYS D 108 31.84 -9.22 18.68
N GLY D 109 32.50 -10.07 17.91
CA GLY D 109 32.05 -10.36 16.56
C GLY D 109 31.84 -11.85 16.34
N VAL D 110 31.59 -12.24 15.09
CA VAL D 110 31.51 -13.65 14.73
C VAL D 110 32.36 -13.88 13.48
N PRO D 111 33.59 -14.39 13.60
CA PRO D 111 34.19 -14.75 14.90
C PRO D 111 34.82 -13.57 15.61
N SER D 112 35.61 -13.86 16.64
CA SER D 112 36.32 -12.81 17.38
C SER D 112 37.72 -12.68 16.79
N ARG D 113 37.96 -11.57 16.09
CA ARG D 113 39.24 -11.36 15.44
C ARG D 113 40.37 -11.20 16.46
N LEU D 114 40.09 -10.55 17.60
CA LEU D 114 41.10 -10.46 18.65
C LEU D 114 41.45 -11.84 19.20
N GLY D 115 40.44 -12.68 19.42
CA GLY D 115 40.71 -14.04 19.87
C GLY D 115 41.45 -14.87 18.86
N TYR D 116 41.18 -14.66 17.56
CA TYR D 116 41.91 -15.37 16.52
C TYR D 116 43.35 -14.90 16.43
N LEU D 117 43.61 -13.61 16.68
CA LEU D 117 44.97 -13.10 16.62
C LEU D 117 45.78 -13.55 17.83
N LEU D 118 45.17 -13.53 19.02
CA LEU D 118 45.87 -13.84 20.25
C LEU D 118 45.77 -15.31 20.64
N ASP D 119 44.97 -16.10 19.92
CA ASP D 119 44.72 -17.51 20.24
C ASP D 119 44.18 -17.65 21.65
N LEU D 120 43.01 -17.04 21.87
CA LEU D 120 42.33 -17.10 23.15
C LEU D 120 40.85 -17.33 22.91
N ALA D 121 40.23 -18.14 23.77
CA ALA D 121 38.80 -18.36 23.67
C ALA D 121 38.05 -17.07 23.99
N PRO D 122 36.90 -16.85 23.35
CA PRO D 122 36.13 -15.62 23.63
C PRO D 122 35.68 -15.48 25.07
N LYS D 123 35.40 -16.58 25.77
CA LYS D 123 35.06 -16.47 27.19
C LYS D 123 36.24 -15.97 28.01
N ASP D 124 37.44 -16.44 27.69
CA ASP D 124 38.63 -15.96 28.38
C ASP D 124 38.85 -14.46 28.14
N LEU D 125 38.66 -14.02 26.89
CA LEU D 125 38.78 -12.60 26.60
C LEU D 125 37.75 -11.79 27.37
N GLU D 126 36.50 -12.28 27.42
CA GLU D 126 35.46 -11.55 28.15
C GLU D 126 35.78 -11.46 29.63
N LYS D 127 36.32 -12.55 30.20
CA LYS D 127 36.69 -12.53 31.61
C LYS D 127 37.85 -11.57 31.88
N ILE D 128 38.88 -11.59 31.03
CA ILE D 128 40.04 -10.73 31.25
C ILE D 128 39.67 -9.27 31.09
N ILE D 129 38.91 -8.93 30.04
CA ILE D 129 38.64 -7.53 29.71
C ILE D 129 37.79 -6.88 30.79
N TYR D 130 36.78 -7.59 31.30
CA TYR D 130 35.82 -7.02 32.23
C TYR D 130 36.17 -7.33 33.69
N PHE D 131 37.45 -7.52 33.98
CA PHE D 131 37.97 -7.61 35.34
C PHE D 131 37.31 -8.76 36.12
N ALA D 132 37.55 -9.98 35.63
CA ALA D 132 37.07 -11.18 36.30
C ALA D 132 38.10 -12.28 36.40
N ALA D 133 39.29 -12.12 35.82
CA ALA D 133 40.34 -13.13 35.90
C ALA D 133 41.66 -12.47 35.53
N TYR D 134 42.75 -13.12 35.92
CA TYR D 134 44.10 -12.65 35.64
C TYR D 134 44.68 -13.39 34.44
N VAL D 135 45.80 -12.88 33.95
CA VAL D 135 46.53 -13.50 32.85
C VAL D 135 48.01 -13.18 33.01
N ILE D 136 48.85 -14.12 32.57
CA ILE D 136 50.29 -14.01 32.72
C ILE D 136 50.86 -13.42 31.44
N THR D 137 51.35 -12.17 31.52
CA THR D 137 51.88 -11.49 30.35
C THR D 137 53.27 -12.02 29.97
N SER D 138 54.18 -12.12 30.93
CA SER D 138 55.55 -12.53 30.65
C SER D 138 56.07 -13.38 31.80
N VAL D 139 57.12 -14.15 31.50
CA VAL D 139 57.75 -15.00 32.52
C VAL D 139 59.25 -15.14 32.28
N ASP D 140 60.05 -14.64 33.23
CA ASP D 140 61.51 -14.70 33.17
C ASP D 140 61.92 -16.13 33.51
N GLU D 141 62.12 -16.95 32.49
CA GLU D 141 62.41 -18.38 32.65
C GLU D 141 63.84 -18.68 33.08
N GLU D 142 64.80 -17.81 32.78
CA GLU D 142 66.16 -18.05 33.25
C GLU D 142 66.26 -18.10 34.77
N MET D 143 65.60 -17.16 35.46
CA MET D 143 65.65 -17.23 36.91
C MET D 143 64.74 -18.28 37.51
N ARG D 144 63.78 -18.78 36.75
CA ARG D 144 62.95 -19.91 37.16
C ARG D 144 63.53 -21.22 36.66
N HIS D 145 64.74 -21.15 36.14
CA HIS D 145 65.56 -22.28 35.75
C HIS D 145 66.73 -22.43 36.71
N ASN D 146 67.41 -21.34 37.05
CA ASN D 146 68.53 -21.43 37.97
C ASN D 146 68.13 -21.26 39.44
N GLU D 147 66.88 -20.91 39.74
CA GLU D 147 66.45 -20.81 41.14
C GLU D 147 65.56 -21.98 41.54
N LEU D 148 65.33 -22.91 40.61
CA LEU D 148 64.41 -24.04 40.76
C LEU D 148 64.71 -24.89 41.99
N SER D 149 65.86 -25.58 42.00
CA SER D 149 66.15 -26.51 43.09
C SER D 149 66.32 -25.79 44.42
N THR D 150 66.74 -24.52 44.41
CA THR D 150 66.80 -23.78 45.66
C THR D 150 65.41 -23.54 46.24
N LEU D 151 64.48 -23.12 45.39
CA LEU D 151 63.09 -22.97 45.84
C LEU D 151 62.52 -24.31 46.27
N GLU D 152 62.88 -25.39 45.56
CA GLU D 152 62.41 -26.71 45.94
C GLU D 152 62.94 -27.12 47.30
N ALA D 153 64.15 -26.69 47.64
CA ALA D 153 64.71 -27.05 48.93
C ALA D 153 64.04 -26.28 50.05
N GLU D 154 63.78 -24.98 49.83
CA GLU D 154 63.00 -24.24 50.83
C GLU D 154 61.61 -24.83 51.00
N MET D 155 60.98 -25.26 49.89
CA MET D 155 59.66 -25.87 49.98
C MET D 155 59.72 -27.19 50.75
N ALA D 156 60.79 -27.95 50.59
CA ALA D 156 60.93 -29.17 51.36
C ALA D 156 61.21 -28.88 52.83
N VAL D 157 61.85 -27.75 53.12
CA VAL D 157 62.03 -27.33 54.51
C VAL D 157 60.68 -27.07 55.16
N GLU D 158 59.80 -26.32 54.48
CA GLU D 158 58.49 -26.08 55.06
C GLU D 158 57.66 -27.36 55.12
N ARG D 159 57.81 -28.25 54.15
CA ARG D 159 57.15 -29.55 54.19
C ARG D 159 57.51 -30.31 55.46
N LYS D 160 58.82 -30.45 55.71
CA LYS D 160 59.28 -31.16 56.89
C LYS D 160 58.87 -30.45 58.17
N ALA D 161 58.86 -29.11 58.18
CA ALA D 161 58.48 -28.40 59.39
C ALA D 161 57.00 -28.59 59.71
N VAL D 162 56.15 -28.68 58.68
CA VAL D 162 54.73 -28.93 58.94
C VAL D 162 54.53 -30.36 59.42
N GLU D 163 55.28 -31.31 58.86
CA GLU D 163 55.17 -32.68 59.35
C GLU D 163 55.65 -32.79 60.80
N ASP D 164 56.76 -32.11 61.12
CA ASP D 164 57.27 -32.11 62.49
C ASP D 164 56.27 -31.51 63.47
N GLN D 165 55.64 -30.39 63.11
CA GLN D 165 54.59 -29.83 63.94
C GLN D 165 53.47 -30.84 64.17
N ARG D 166 52.96 -31.41 63.09
CA ARG D 166 51.88 -32.39 63.22
C ARG D 166 52.24 -33.51 64.19
N ASP D 167 53.39 -34.16 63.97
CA ASP D 167 53.72 -35.29 64.83
C ASP D 167 54.01 -34.86 66.26
N GLY D 168 54.61 -33.67 66.45
CA GLY D 168 54.78 -33.12 67.79
C GLY D 168 53.49 -33.03 68.57
N GLU D 169 52.50 -32.35 68.00
CA GLU D 169 51.29 -32.21 68.79
C GLU D 169 50.41 -33.45 68.73
N LEU D 170 50.69 -34.40 67.84
CA LEU D 170 49.98 -35.66 67.89
C LEU D 170 50.53 -36.54 69.01
N GLU D 171 51.85 -36.49 69.21
CA GLU D 171 52.46 -37.20 70.33
C GLU D 171 52.00 -36.60 71.65
N ALA D 172 51.88 -35.26 71.72
CA ALA D 172 51.48 -34.67 72.99
C ALA D 172 49.99 -34.85 73.25
N ARG D 173 49.18 -34.91 72.19
CA ARG D 173 47.76 -35.19 72.38
C ARG D 173 47.54 -36.65 72.78
N ALA D 174 48.29 -37.58 72.19
CA ALA D 174 48.18 -38.97 72.61
C ALA D 174 48.73 -39.17 74.02
N GLN D 175 49.68 -38.33 74.45
CA GLN D 175 50.13 -38.35 75.83
C GLN D 175 48.99 -37.98 76.76
N LYS D 176 48.42 -36.79 76.56
CA LYS D 176 47.26 -36.35 77.34
C LYS D 176 46.17 -37.41 77.35
N LEU D 177 45.84 -37.96 76.17
CA LEU D 177 44.82 -38.98 76.02
C LEU D 177 45.18 -40.14 76.94
N GLU D 178 46.22 -40.92 76.58
CA GLU D 178 46.66 -42.06 77.36
C GLU D 178 46.52 -41.80 78.86
N ALA D 179 47.11 -40.70 79.32
CA ALA D 179 47.11 -40.39 80.76
C ALA D 179 45.68 -40.31 81.29
N ASP D 180 44.90 -39.36 80.77
CA ASP D 180 43.55 -39.13 81.30
C ASP D 180 42.69 -40.38 81.17
N LEU D 181 42.79 -41.08 80.04
CA LEU D 181 41.95 -42.26 79.80
C LEU D 181 42.28 -43.38 80.76
N ALA D 182 43.57 -43.60 81.04
CA ALA D 182 43.92 -44.68 81.95
C ALA D 182 43.67 -44.32 83.41
N GLU D 183 43.66 -43.02 83.73
CA GLU D 183 43.31 -42.56 85.07
C GLU D 183 41.81 -42.59 85.33
N LEU D 184 40.99 -42.28 84.30
CA LEU D 184 39.52 -42.23 84.40
C LEU D 184 38.79 -43.14 83.43
N GLU D 185 39.12 -44.42 83.41
CA GLU D 185 38.44 -45.41 82.56
C GLU D 185 37.10 -45.79 83.19
N ALA D 186 36.13 -44.89 83.01
CA ALA D 186 34.75 -45.02 83.51
C ALA D 186 34.66 -45.68 84.89
N GLU D 187 35.25 -45.00 85.88
CA GLU D 187 35.27 -45.51 87.24
C GLU D 187 33.86 -45.80 87.75
N GLY D 188 32.95 -44.85 87.55
CA GLY D 188 31.57 -44.94 87.98
C GLY D 188 30.62 -45.53 86.96
N ALA D 189 30.56 -44.91 85.79
CA ALA D 189 29.63 -45.25 84.73
C ALA D 189 30.21 -46.33 83.81
N LYS D 190 29.51 -46.57 82.71
CA LYS D 190 29.83 -47.52 81.66
C LYS D 190 30.89 -46.98 80.70
N ALA D 191 31.69 -47.90 80.17
CA ALA D 191 32.82 -47.57 79.31
C ALA D 191 32.38 -47.18 77.90
N ASP D 192 31.08 -46.95 77.71
CA ASP D 192 30.58 -46.46 76.44
C ASP D 192 30.88 -44.97 76.32
N ALA D 193 31.00 -44.29 77.45
CA ALA D 193 31.44 -42.90 77.43
C ALA D 193 32.90 -42.82 77.03
N ARG D 194 33.74 -43.73 77.52
CA ARG D 194 35.12 -43.73 77.09
C ARG D 194 35.30 -44.32 75.70
N ARG D 195 34.24 -44.91 75.14
CA ARG D 195 34.28 -45.32 73.74
C ARG D 195 33.85 -44.18 72.84
N LYS D 196 32.91 -43.37 73.35
CA LYS D 196 32.56 -42.12 72.69
C LYS D 196 33.76 -41.19 72.63
N VAL D 197 34.53 -41.10 73.73
CA VAL D 197 35.72 -40.25 73.68
C VAL D 197 36.91 -40.98 73.08
N ARG D 198 36.74 -42.26 72.74
CA ARG D 198 37.71 -42.98 71.93
C ARG D 198 37.53 -42.52 70.49
N ASP D 199 36.29 -42.56 70.02
CA ASP D 199 35.96 -42.03 68.70
C ASP D 199 36.31 -40.54 68.62
N GLY D 200 36.12 -39.80 69.72
CA GLY D 200 36.40 -38.38 69.69
C GLY D 200 37.90 -38.12 69.66
N GLY D 201 38.71 -39.04 70.18
CA GLY D 201 40.14 -38.84 70.16
C GLY D 201 40.69 -39.27 68.81
N GLU D 202 40.04 -40.25 68.20
CA GLU D 202 40.36 -40.63 66.82
C GLU D 202 40.03 -39.48 65.88
N ARG D 203 38.92 -38.78 66.14
CA ARG D 203 38.59 -37.60 65.34
C ARG D 203 39.45 -36.40 65.70
N GLU D 204 40.15 -36.43 66.83
CA GLU D 204 41.12 -35.37 67.11
C GLU D 204 42.42 -35.61 66.35
N MET D 205 42.85 -36.88 66.32
CA MET D 205 43.99 -37.23 65.48
C MET D 205 43.71 -36.93 64.01
N ARG D 206 42.48 -37.22 63.56
CA ARG D 206 42.18 -36.91 62.17
C ARG D 206 41.90 -35.43 61.95
N GLN D 207 41.63 -34.68 63.01
CA GLN D 207 41.53 -33.23 62.87
C GLN D 207 42.90 -32.63 62.59
N ILE D 208 43.89 -32.98 63.41
CA ILE D 208 45.22 -32.45 63.15
C ILE D 208 45.83 -33.07 61.89
N ARG D 209 45.35 -34.25 61.49
CA ARG D 209 45.88 -34.89 60.29
C ARG D 209 45.32 -34.25 59.04
N ASP D 210 44.02 -33.92 59.03
CA ASP D 210 43.47 -33.19 57.90
C ASP D 210 43.92 -31.74 57.87
N ARG D 211 44.31 -31.16 59.01
CA ARG D 211 44.88 -29.82 58.94
C ARG D 211 46.26 -29.85 58.29
N ALA D 212 47.06 -30.89 58.60
CA ALA D 212 48.35 -30.99 57.95
C ALA D 212 48.20 -31.38 56.48
N GLN D 213 47.17 -32.15 56.15
CA GLN D 213 46.89 -32.45 54.75
C GLN D 213 46.50 -31.20 53.98
N ARG D 214 45.58 -30.40 54.52
CA ARG D 214 45.24 -29.12 53.92
C ARG D 214 46.48 -28.26 53.66
N GLU D 215 47.37 -28.15 54.64
CA GLU D 215 48.57 -27.34 54.45
C GLU D 215 49.47 -27.93 53.37
N LEU D 216 49.64 -29.26 53.39
CA LEU D 216 50.40 -29.94 52.34
C LEU D 216 49.84 -29.63 50.96
N ASP D 217 48.51 -29.62 50.84
CA ASP D 217 47.89 -29.34 49.55
C ASP D 217 48.11 -27.89 49.11
N ARG D 218 47.96 -26.94 50.04
CA ARG D 218 48.28 -25.54 49.71
C ARG D 218 49.69 -25.43 49.13
N LEU D 219 50.67 -26.01 49.82
CA LEU D 219 52.05 -25.89 49.35
C LEU D 219 52.22 -26.58 48.01
N GLU D 220 51.64 -27.78 47.85
CA GLU D 220 51.75 -28.52 46.59
C GLU D 220 51.21 -27.70 45.42
N ASP D 221 50.01 -27.13 45.57
CA ASP D 221 49.42 -26.41 44.45
C ASP D 221 50.22 -25.14 44.14
N ILE D 222 50.63 -24.41 45.18
CA ILE D 222 51.47 -23.22 44.95
C ILE D 222 52.68 -23.60 44.10
N TRP D 223 53.38 -24.66 44.50
CA TRP D 223 54.58 -25.06 43.77
C TRP D 223 54.24 -25.45 42.33
N SER D 224 53.21 -26.30 42.16
CA SER D 224 52.82 -26.74 40.83
C SER D 224 52.55 -25.54 39.92
N THR D 225 51.74 -24.59 40.39
CA THR D 225 51.44 -23.43 39.57
C THR D 225 52.69 -22.64 39.24
N PHE D 226 53.61 -22.52 40.21
CA PHE D 226 54.84 -21.78 39.96
C PHE D 226 55.83 -22.54 39.08
N THR D 227 55.54 -23.80 38.76
CA THR D 227 56.38 -24.54 37.82
C THR D 227 55.76 -24.70 36.44
N LYS D 228 54.49 -24.34 36.27
CA LYS D 228 53.77 -24.48 35.01
C LYS D 228 53.15 -23.14 34.59
N LEU D 229 53.98 -22.09 34.59
CA LEU D 229 53.54 -20.72 34.35
C LEU D 229 54.11 -20.23 33.02
N ALA D 230 53.33 -20.43 31.92
CA ALA D 230 53.58 -19.96 30.57
C ALA D 230 52.75 -18.71 30.26
N PRO D 231 53.21 -17.87 29.33
CA PRO D 231 52.44 -16.67 28.97
C PRO D 231 51.10 -17.02 28.33
N LYS D 232 50.17 -16.06 28.39
CA LYS D 232 48.82 -16.24 27.86
C LYS D 232 48.11 -17.41 28.53
N GLN D 233 48.27 -17.52 29.84
CA GLN D 233 47.61 -18.54 30.63
C GLN D 233 46.71 -17.88 31.65
N LEU D 234 45.40 -18.11 31.52
CA LEU D 234 44.43 -17.47 32.39
C LEU D 234 44.46 -18.11 33.77
N ILE D 235 44.42 -17.28 34.80
CA ILE D 235 44.44 -17.74 36.18
C ILE D 235 43.37 -16.99 36.97
N VAL D 236 42.52 -17.76 37.65
CA VAL D 236 41.39 -17.24 38.42
C VAL D 236 41.73 -17.46 39.89
N ASP D 237 40.82 -17.10 40.79
CA ASP D 237 41.03 -17.27 42.24
C ASP D 237 42.07 -16.28 42.73
N GLU D 238 41.60 -15.10 43.16
CA GLU D 238 42.47 -14.04 43.65
C GLU D 238 43.51 -14.56 44.65
N ASN D 239 43.08 -15.38 45.60
CA ASN D 239 43.95 -15.98 46.61
C ASN D 239 45.27 -16.45 46.02
N LEU D 240 45.20 -17.46 45.15
CA LEU D 240 46.40 -18.04 44.55
C LEU D 240 47.28 -16.98 43.92
N TYR D 241 46.70 -16.12 43.09
CA TYR D 241 47.45 -15.06 42.42
C TYR D 241 48.23 -14.23 43.45
N ARG D 242 47.51 -13.67 44.44
CA ARG D 242 48.15 -12.87 45.48
C ARG D 242 49.30 -13.62 46.12
N GLU D 243 49.11 -14.90 46.42
CA GLU D 243 50.18 -15.69 47.03
C GLU D 243 51.39 -15.75 46.11
N LEU D 244 51.16 -16.13 44.84
CA LEU D 244 52.25 -16.21 43.88
C LEU D 244 52.98 -14.87 43.74
N VAL D 245 52.26 -13.76 43.91
CA VAL D 245 52.86 -12.44 43.75
C VAL D 245 53.57 -12.01 45.02
N ASP D 246 53.21 -12.60 46.15
CA ASP D 246 53.91 -12.34 47.40
C ASP D 246 55.21 -13.14 47.46
N ARG D 247 55.11 -14.47 47.44
CA ARG D 247 56.29 -15.30 47.53
C ARG D 247 57.21 -15.11 46.32
N TYR D 248 56.76 -15.59 45.17
CA TYR D 248 57.53 -15.52 43.93
C TYR D 248 57.14 -14.30 43.09
N GLY D 249 57.14 -13.12 43.72
CA GLY D 249 56.74 -11.90 43.03
C GLY D 249 57.40 -11.67 41.69
N GLU D 250 58.73 -11.60 41.69
CA GLU D 250 59.46 -11.38 40.44
C GLU D 250 59.43 -12.65 39.58
N TYR D 251 60.02 -12.53 38.40
CA TYR D 251 60.10 -13.55 37.35
C TYR D 251 58.77 -13.73 36.63
N PHE D 252 57.67 -13.36 37.27
CA PHE D 252 56.33 -13.51 36.73
C PHE D 252 55.66 -12.14 36.73
N THR D 253 55.08 -11.77 35.59
CA THR D 253 54.38 -10.50 35.45
C THR D 253 53.02 -10.72 34.80
N GLY D 254 52.01 -10.00 35.27
CA GLY D 254 50.68 -10.13 34.73
C GLY D 254 49.70 -9.28 35.49
N ALA D 255 48.56 -9.05 34.87
CA ALA D 255 47.48 -8.24 35.43
C ALA D 255 46.23 -8.50 34.61
N MET D 256 45.19 -7.70 34.85
CA MET D 256 43.92 -7.85 34.16
C MET D 256 43.46 -6.48 33.65
N GLY D 257 42.61 -6.50 32.65
CA GLY D 257 42.16 -5.30 31.97
C GLY D 257 42.77 -5.15 30.59
N ALA D 258 42.31 -4.11 29.89
CA ALA D 258 42.78 -3.84 28.54
C ALA D 258 44.25 -3.46 28.47
N GLU D 259 44.83 -2.94 29.55
CA GLU D 259 46.27 -2.67 29.54
C GLU D 259 47.08 -3.95 29.44
N SER D 260 46.54 -5.07 29.90
CA SER D 260 47.27 -6.33 29.75
C SER D 260 47.05 -6.96 28.39
N ILE D 261 46.03 -6.53 27.66
CA ILE D 261 45.91 -7.03 26.30
C ILE D 261 46.76 -6.15 25.39
N GLN D 262 46.88 -4.86 25.71
CA GLN D 262 47.82 -4.03 25.00
C GLN D 262 49.24 -4.56 25.18
N LYS D 263 49.54 -5.06 26.39
CA LYS D 263 50.86 -5.64 26.65
C LYS D 263 51.05 -6.94 25.89
N LEU D 264 50.01 -7.77 25.82
CA LEU D 264 50.11 -9.01 25.04
C LEU D 264 50.30 -8.72 23.55
N ILE D 265 49.61 -7.71 23.04
CA ILE D 265 49.73 -7.36 21.63
C ILE D 265 51.10 -6.79 21.33
N GLU D 266 51.65 -5.99 22.23
CA GLU D 266 52.98 -5.42 21.98
C GLU D 266 54.04 -6.51 21.92
N ASN D 267 53.95 -7.51 22.80
CA ASN D 267 54.90 -8.62 22.81
C ASN D 267 54.42 -9.77 21.93
N PHE D 268 54.13 -9.46 20.66
CA PHE D 268 53.60 -10.42 19.71
C PHE D 268 54.48 -10.44 18.48
N ASP D 269 54.75 -11.65 17.97
CA ASP D 269 55.61 -11.84 16.81
C ASP D 269 54.78 -12.39 15.66
N ILE D 270 54.59 -11.58 14.63
CA ILE D 270 53.71 -11.99 13.53
C ILE D 270 54.37 -13.10 12.71
N ASP D 271 55.66 -12.95 12.41
CA ASP D 271 56.33 -13.86 11.48
C ASP D 271 56.39 -15.28 12.04
N ALA D 272 56.77 -15.42 13.32
CA ALA D 272 56.91 -16.75 13.89
C ALA D 272 55.58 -17.49 13.88
N GLU D 273 54.50 -16.82 14.28
CA GLU D 273 53.18 -17.45 14.26
C GLU D 273 52.73 -17.74 12.83
N ALA D 274 53.06 -16.86 11.89
CA ALA D 274 52.65 -17.06 10.51
C ALA D 274 53.29 -18.30 9.91
N GLU D 275 54.62 -18.41 10.02
CA GLU D 275 55.29 -19.62 9.55
C GLU D 275 54.90 -20.86 10.35
N SER D 276 54.58 -20.72 11.63
CA SER D 276 54.10 -21.89 12.38
C SER D 276 52.78 -22.38 11.82
N LEU D 277 51.85 -21.46 11.54
CA LEU D 277 50.56 -21.84 10.98
C LEU D 277 50.73 -22.44 9.58
N ARG D 278 51.63 -21.86 8.77
CA ARG D 278 51.87 -22.42 7.44
C ARG D 278 52.49 -23.81 7.51
N ASP D 279 53.37 -24.04 8.49
CA ASP D 279 53.91 -25.39 8.66
C ASP D 279 52.83 -26.38 9.09
N VAL D 280 51.93 -25.96 9.99
CA VAL D 280 50.85 -26.84 10.42
C VAL D 280 49.92 -27.16 9.26
N ILE D 281 49.55 -26.17 8.46
CA ILE D 281 48.67 -26.44 7.32
C ILE D 281 49.37 -27.30 6.28
N ARG D 282 50.68 -27.11 6.08
CA ARG D 282 51.40 -27.82 5.03
C ARG D 282 51.38 -29.33 5.28
N ASN D 283 51.78 -29.75 6.48
CA ASN D 283 51.82 -31.16 6.87
C ASN D 283 50.95 -31.32 8.11
N GLY D 284 49.66 -31.55 7.88
CA GLY D 284 48.73 -31.77 8.98
C GLY D 284 47.40 -32.22 8.46
N LYS D 285 46.58 -32.73 9.38
CA LYS D 285 45.25 -33.22 9.06
C LYS D 285 44.39 -33.14 10.31
N GLY D 286 43.19 -33.67 10.24
CA GLY D 286 42.28 -33.61 11.37
C GLY D 286 41.55 -32.29 11.37
N GLN D 287 41.49 -31.65 12.53
CA GLN D 287 40.86 -30.34 12.67
C GLN D 287 41.84 -29.23 12.98
N LYS D 288 43.07 -29.56 13.38
CA LYS D 288 44.11 -28.54 13.54
C LYS D 288 44.41 -27.84 12.22
N LYS D 289 44.32 -28.56 11.10
CA LYS D 289 44.47 -27.90 9.80
C LYS D 289 43.33 -26.91 9.54
N LEU D 290 42.10 -27.26 9.91
CA LEU D 290 41.00 -26.34 9.76
C LEU D 290 41.18 -25.11 10.64
N ARG D 291 41.64 -25.30 11.88
CA ARG D 291 41.89 -24.17 12.76
C ARG D 291 42.99 -23.27 12.22
N ALA D 292 44.06 -23.87 11.68
CA ALA D 292 45.13 -23.08 11.08
C ALA D 292 44.62 -22.29 9.87
N LEU D 293 43.79 -22.92 9.03
CA LEU D 293 43.21 -22.22 7.90
C LEU D 293 42.36 -21.05 8.36
N LYS D 294 41.56 -21.24 9.40
CA LYS D 294 40.71 -20.16 9.89
C LYS D 294 41.53 -19.02 10.49
N ARG D 295 42.61 -19.35 11.21
CA ARG D 295 43.42 -18.31 11.85
C ARG D 295 44.31 -17.57 10.87
N LEU D 296 44.79 -18.23 9.82
CA LEU D 296 45.72 -17.59 8.90
C LEU D 296 45.08 -16.41 8.19
N LYS D 297 43.76 -16.47 7.94
CA LYS D 297 43.09 -15.37 7.26
C LYS D 297 43.21 -14.08 8.04
N VAL D 298 43.25 -14.16 9.37
CA VAL D 298 43.42 -12.96 10.20
C VAL D 298 44.90 -12.65 10.45
N VAL D 299 45.72 -13.69 10.66
CA VAL D 299 47.13 -13.44 10.98
C VAL D 299 47.90 -12.92 9.76
N ALA D 300 47.45 -13.21 8.54
CA ALA D 300 48.17 -12.77 7.36
C ALA D 300 47.79 -11.38 6.91
N ALA D 301 46.59 -10.90 7.27
CA ALA D 301 46.19 -9.56 6.91
C ALA D 301 47.06 -8.51 7.59
N PHE D 302 47.44 -8.77 8.84
CA PHE D 302 48.30 -7.88 9.60
C PHE D 302 49.76 -7.96 9.19
N GLN D 303 50.10 -8.89 8.29
CA GLN D 303 51.46 -9.04 7.78
C GLN D 303 51.62 -8.54 6.36
N GLN D 304 50.66 -8.84 5.47
CA GLN D 304 50.81 -8.46 4.07
C GLN D 304 50.82 -6.95 3.88
N SER D 305 50.07 -6.21 4.70
CA SER D 305 50.02 -4.77 4.60
C SER D 305 51.02 -4.15 5.59
N GLY D 306 51.03 -2.82 5.63
CA GLY D 306 51.94 -2.13 6.52
C GLY D 306 51.27 -1.51 7.72
N ASN D 307 50.27 -2.18 8.26
CA ASN D 307 49.59 -1.73 9.46
C ASN D 307 50.08 -2.51 10.67
N SER D 308 49.47 -2.27 11.82
CA SER D 308 49.79 -2.89 13.09
C SER D 308 48.51 -3.35 13.75
N PRO D 309 48.56 -4.43 14.54
CA PRO D 309 47.36 -4.88 15.24
C PRO D 309 46.99 -4.02 16.44
N MET D 310 47.71 -2.93 16.69
CA MET D 310 47.49 -2.12 17.87
C MET D 310 46.53 -0.97 17.56
N GLY D 311 45.40 -1.32 16.96
CA GLY D 311 44.37 -0.33 16.70
C GLY D 311 43.06 -0.78 17.30
N MET D 312 43.07 -1.98 17.88
CA MET D 312 41.89 -2.52 18.55
C MET D 312 41.76 -1.99 19.97
N VAL D 313 42.81 -1.38 20.50
CA VAL D 313 42.81 -0.80 21.84
C VAL D 313 42.84 0.70 21.71
N LEU D 314 41.89 1.38 22.35
CA LEU D 314 41.70 2.81 22.18
C LEU D 314 42.38 3.59 23.30
N ASP D 315 42.84 4.79 22.96
CA ASP D 315 43.36 5.72 23.95
C ASP D 315 42.83 7.13 23.74
N ALA D 316 42.02 7.37 22.71
CA ALA D 316 41.32 8.62 22.50
C ALA D 316 40.10 8.32 21.64
N VAL D 317 39.01 9.05 21.91
CA VAL D 317 37.73 8.81 21.27
C VAL D 317 37.35 10.07 20.50
N PRO D 318 37.00 9.97 19.22
CA PRO D 318 36.62 11.17 18.47
C PRO D 318 35.20 11.62 18.80
N VAL D 319 34.93 12.87 18.45
CA VAL D 319 33.63 13.49 18.71
C VAL D 319 33.13 14.10 17.42
N ILE D 320 31.90 13.75 17.04
CA ILE D 320 31.30 14.16 15.78
C ILE D 320 31.04 15.66 15.82
N PRO D 321 31.01 16.35 14.68
CA PRO D 321 30.74 17.78 14.70
C PRO D 321 29.35 18.06 15.24
N PRO D 322 29.17 19.21 15.89
CA PRO D 322 27.88 19.47 16.57
C PRO D 322 26.69 19.58 15.64
N GLU D 323 26.86 20.07 14.42
CA GLU D 323 25.71 20.24 13.53
C GLU D 323 25.19 18.91 12.98
N LEU D 324 25.89 17.80 13.23
CA LEU D 324 25.40 16.48 12.89
C LEU D 324 24.62 15.82 14.01
N ARG D 325 24.61 16.41 15.20
CA ARG D 325 23.78 15.95 16.33
C ARG D 325 23.08 17.17 16.93
N PRO D 326 22.09 17.71 16.23
CA PRO D 326 21.47 18.97 16.66
C PRO D 326 20.63 18.82 17.92
N MET D 327 20.45 19.94 18.59
CA MET D 327 19.59 20.06 19.77
C MET D 327 18.68 21.26 19.54
N VAL D 328 17.37 21.02 19.48
CA VAL D 328 16.42 22.06 19.10
C VAL D 328 15.30 22.13 20.13
N GLN D 329 14.65 23.29 20.16
CA GLN D 329 13.57 23.53 21.10
C GLN D 329 12.33 22.71 20.76
N LEU D 330 11.64 22.24 21.80
CA LEU D 330 10.43 21.42 21.62
C LEU D 330 9.21 22.31 21.79
N ASP D 331 8.89 23.07 20.74
CA ASP D 331 7.69 23.89 20.68
C ASP D 331 7.65 24.90 21.84
N GLY D 332 8.70 25.73 21.91
CA GLY D 332 8.74 26.79 22.90
C GLY D 332 8.88 26.31 24.33
N GLY D 333 9.33 25.07 24.55
CA GLY D 333 9.50 24.54 25.88
C GLY D 333 10.97 24.33 26.22
N ARG D 334 11.40 23.07 26.27
CA ARG D 334 12.79 22.73 26.52
C ARG D 334 13.33 21.84 25.42
N PHE D 335 14.54 21.33 25.59
CA PHE D 335 15.13 20.38 24.67
C PHE D 335 14.94 18.97 25.20
N ALA D 336 14.55 18.07 24.31
CA ALA D 336 14.24 16.69 24.68
C ALA D 336 15.12 15.70 23.94
N THR D 337 16.31 15.44 24.50
CA THR D 337 17.23 14.41 24.06
C THR D 337 17.78 14.66 22.66
N SER D 338 18.92 14.02 22.37
CA SER D 338 19.48 13.98 21.03
C SER D 338 19.95 12.59 20.64
N ASP D 339 19.91 11.62 21.56
CA ASP D 339 20.19 10.20 21.34
C ASP D 339 21.67 9.95 21.11
N LEU D 340 22.48 11.00 21.00
CA LEU D 340 23.92 10.88 20.85
C LEU D 340 24.69 11.82 21.77
N ASN D 341 24.06 12.86 22.30
CA ASN D 341 24.68 13.76 23.26
C ASN D 341 24.57 13.25 24.69
N ASP D 342 23.90 12.12 24.92
CA ASP D 342 23.84 11.52 26.25
C ASP D 342 24.89 10.44 26.44
N LEU D 343 25.16 9.64 25.41
CA LEU D 343 26.22 8.65 25.51
C LEU D 343 27.58 9.32 25.65
N TYR D 344 27.73 10.50 25.04
CA TYR D 344 28.96 11.27 25.23
C TYR D 344 29.03 11.82 26.66
N ARG D 345 27.91 12.29 27.19
CA ARG D 345 27.91 12.82 28.54
C ARG D 345 28.28 11.72 29.54
N ARG D 346 27.75 10.52 29.33
CA ARG D 346 28.09 9.39 30.18
C ARG D 346 29.59 9.08 30.12
N VAL D 347 30.16 9.05 28.90
CA VAL D 347 31.58 8.75 28.78
C VAL D 347 32.42 9.81 29.48
N ILE D 348 32.07 11.09 29.30
CA ILE D 348 32.84 12.17 29.91
C ILE D 348 32.74 12.10 31.43
N ASN D 349 31.55 11.83 31.96
CA ASN D 349 31.39 11.74 33.40
C ASN D 349 32.24 10.62 33.98
N ARG D 350 32.19 9.44 33.36
CA ARG D 350 32.98 8.32 33.87
C ARG D 350 34.47 8.62 33.77
N ASN D 351 34.91 9.24 32.67
CA ASN D 351 36.32 9.57 32.51
C ASN D 351 36.78 10.57 33.56
N ASN D 352 35.98 11.60 33.83
CA ASN D 352 36.35 12.59 34.84
C ASN D 352 36.43 11.97 36.23
N ARG D 353 35.44 11.14 36.58
CA ARG D 353 35.47 10.49 37.89
C ARG D 353 36.67 9.56 38.00
N LEU D 354 36.98 8.83 36.94
CA LEU D 354 38.15 7.95 36.95
C LEU D 354 39.44 8.74 37.13
N LYS D 355 39.57 9.88 36.43
CA LYS D 355 40.78 10.68 36.57
C LYS D 355 40.94 11.18 38.00
N ARG D 356 39.85 11.70 38.57
CA ARG D 356 39.93 12.23 39.93
C ARG D 356 40.22 11.13 40.94
N LEU D 357 39.66 9.94 40.74
CA LEU D 357 39.91 8.85 41.68
C LEU D 357 41.32 8.30 41.54
N ILE D 358 41.85 8.26 40.32
CA ILE D 358 43.22 7.79 40.12
C ILE D 358 44.20 8.76 40.75
N ASP D 359 43.99 10.06 40.57
CA ASP D 359 44.91 11.03 41.17
C ASP D 359 44.48 11.36 42.61
N LEU D 360 44.23 10.31 43.39
CA LEU D 360 43.92 10.47 44.82
C LEU D 360 44.52 9.38 45.71
N GLY D 361 44.98 8.27 45.16
CA GLY D 361 45.48 7.17 45.96
C GLY D 361 44.39 6.22 46.45
N ALA D 362 43.49 5.84 45.55
CA ALA D 362 42.39 4.94 45.88
C ALA D 362 42.83 3.48 45.87
N PRO D 363 42.17 2.63 46.64
CA PRO D 363 42.47 1.19 46.59
C PRO D 363 42.12 0.59 45.23
N GLU D 364 42.71 -0.57 44.96
CA GLU D 364 42.65 -1.18 43.64
C GLU D 364 41.23 -1.60 43.27
N ILE D 365 40.42 -2.05 44.24
CA ILE D 365 39.09 -2.56 43.92
C ILE D 365 38.22 -1.45 43.33
N ILE D 366 38.27 -0.25 43.91
CA ILE D 366 37.42 0.84 43.44
C ILE D 366 37.87 1.31 42.07
N VAL D 367 39.17 1.40 41.85
CA VAL D 367 39.69 1.79 40.53
C VAL D 367 39.30 0.77 39.48
N ASN D 368 39.39 -0.53 39.82
CA ASN D 368 38.99 -1.57 38.88
C ASN D 368 37.51 -1.47 38.54
N ASN D 369 36.68 -1.20 39.55
CA ASN D 369 35.25 -1.03 39.30
C ASN D 369 35.00 0.14 38.34
N GLU D 370 35.69 1.25 38.58
CA GLU D 370 35.51 2.42 37.71
C GLU D 370 35.99 2.15 36.29
N LYS D 371 37.09 1.41 36.14
CA LYS D 371 37.57 1.08 34.81
C LYS D 371 36.60 0.19 34.07
N ARG D 372 36.01 -0.80 34.77
CA ARG D 372 35.00 -1.64 34.15
C ARG D 372 33.80 -0.82 33.71
N MET D 373 33.36 0.13 34.55
CA MET D 373 32.20 0.94 34.21
C MET D 373 32.49 1.85 33.01
N LEU D 374 33.70 2.42 32.94
CA LEU D 374 34.08 3.22 31.78
C LEU D 374 34.11 2.39 30.51
N GLN D 375 34.66 1.16 30.60
CA GLN D 375 34.67 0.28 29.44
C GLN D 375 33.26 -0.01 28.95
N GLU D 376 32.36 -0.31 29.88
CA GLU D 376 30.97 -0.58 29.49
C GLU D 376 30.33 0.64 28.84
N SER D 377 30.61 1.84 29.37
CA SER D 377 30.03 3.05 28.78
C SER D 377 30.52 3.28 27.36
N VAL D 378 31.82 3.09 27.12
CA VAL D 378 32.35 3.27 25.77
C VAL D 378 31.77 2.21 24.82
N ASP D 379 31.67 0.97 25.30
CA ASP D 379 31.10 -0.11 24.49
C ASP D 379 29.66 0.21 24.10
N ALA D 380 28.88 0.76 25.04
CA ALA D 380 27.51 1.17 24.73
C ALA D 380 27.48 2.35 23.78
N LEU D 381 28.48 3.23 23.84
CA LEU D 381 28.53 4.33 22.89
C LEU D 381 28.74 3.84 21.46
N PHE D 382 29.67 2.90 21.27
CA PHE D 382 29.96 2.45 19.91
C PHE D 382 28.90 1.52 19.36
N ASP D 383 28.36 0.64 20.19
CA ASP D 383 27.34 -0.32 19.75
C ASP D 383 26.49 -0.69 20.96
N ASN D 384 25.26 -0.16 20.99
CA ASN D 384 24.38 -0.31 22.15
C ASN D 384 23.55 -1.58 21.99
N GLY D 385 23.67 -2.49 22.95
CA GLY D 385 22.90 -3.72 22.94
C GLY D 385 23.67 -4.96 22.51
N ARG D 386 24.89 -4.80 21.99
CA ARG D 386 25.65 -5.95 21.52
C ARG D 386 26.01 -6.89 22.66
N ARG D 387 26.38 -6.34 23.81
CA ARG D 387 26.70 -7.13 24.99
C ARG D 387 25.84 -6.67 26.16
N GLY D 388 25.22 -7.63 26.85
CA GLY D 388 24.39 -7.31 27.99
C GLY D 388 23.03 -6.78 27.58
N ARG D 389 22.51 -5.80 28.31
CA ARG D 389 21.22 -5.20 28.03
C ARG D 389 21.38 -3.77 27.53
N PRO D 390 20.49 -3.30 26.67
CA PRO D 390 20.61 -1.94 26.14
C PRO D 390 20.44 -0.88 27.23
N VAL D 391 21.04 0.28 26.98
CA VAL D 391 20.90 1.42 27.86
C VAL D 391 19.71 2.24 27.39
N THR D 392 18.69 2.34 28.25
CA THR D 392 17.43 2.97 27.89
C THR D 392 17.36 4.39 28.43
N GLY D 393 16.34 5.11 28.01
CA GLY D 393 16.13 6.48 28.45
C GLY D 393 14.74 6.69 29.01
N PRO D 394 14.10 7.80 28.65
CA PRO D 394 12.73 8.06 29.11
C PRO D 394 11.74 7.15 28.40
N GLY D 395 10.99 6.39 29.18
CA GLY D 395 9.98 5.51 28.61
C GLY D 395 10.46 4.13 28.25
N ASN D 396 11.62 3.70 28.77
CA ASN D 396 12.20 2.39 28.46
C ASN D 396 12.49 2.24 26.98
N ARG D 397 12.87 3.34 26.33
CA ARG D 397 13.17 3.35 24.91
C ARG D 397 14.68 3.27 24.74
N PRO D 398 15.21 2.22 24.10
CA PRO D 398 16.66 2.11 23.95
C PRO D 398 17.24 3.27 23.15
N LEU D 399 18.43 3.70 23.56
CA LEU D 399 19.12 4.78 22.87
C LEU D 399 19.74 4.26 21.57
N LYS D 400 20.00 5.19 20.66
CA LYS D 400 20.49 4.85 19.32
C LYS D 400 21.94 5.27 19.22
N SER D 401 22.81 4.33 18.87
CA SER D 401 24.26 4.51 18.96
C SER D 401 24.81 5.03 17.63
N LEU D 402 26.14 5.01 17.50
CA LEU D 402 26.79 5.48 16.28
C LEU D 402 26.67 4.49 15.14
N SER D 403 26.59 3.20 15.44
CA SER D 403 26.49 2.17 14.40
C SER D 403 25.07 1.89 13.97
N ASP D 404 24.08 2.49 14.63
CA ASP D 404 22.69 2.34 14.22
C ASP D 404 22.27 3.35 13.16
N LEU D 405 23.11 4.34 12.87
CA LEU D 405 22.85 5.29 11.80
C LEU D 405 23.47 4.87 10.47
N LEU D 406 24.05 3.66 10.41
CA LEU D 406 24.63 3.14 9.18
C LEU D 406 23.97 1.86 8.69
N LYS D 407 23.29 1.12 9.55
CA LYS D 407 22.78 -0.20 9.24
C LYS D 407 21.26 -0.17 9.11
N GLY D 408 20.73 -1.15 8.38
CA GLY D 408 19.30 -1.32 8.24
C GLY D 408 18.74 -0.61 7.03
N LYS D 409 17.45 -0.87 6.78
CA LYS D 409 16.76 -0.21 5.67
C LYS D 409 16.44 1.25 5.96
N GLN D 410 16.61 1.70 7.20
CA GLN D 410 16.37 3.08 7.59
C GLN D 410 17.66 3.82 7.94
N GLY D 411 18.80 3.33 7.44
CA GLY D 411 20.08 3.95 7.70
C GLY D 411 20.48 4.91 6.59
N ARG D 412 21.74 5.36 6.69
CA ARG D 412 22.24 6.33 5.73
C ARG D 412 22.28 5.75 4.32
N PHE D 413 22.78 4.52 4.19
CA PHE D 413 23.06 3.95 2.88
C PHE D 413 21.81 3.82 2.03
N ARG D 414 20.76 3.19 2.57
CA ARG D 414 19.58 2.88 1.78
C ARG D 414 18.49 3.94 1.87
N GLN D 415 18.70 5.02 2.62
CA GLN D 415 17.68 6.07 2.74
C GLN D 415 18.16 7.47 2.42
N ASN D 416 19.46 7.69 2.22
CA ASN D 416 19.96 9.01 1.88
C ASN D 416 20.94 9.02 0.73
N LEU D 417 21.58 7.91 0.42
CA LEU D 417 22.57 7.85 -0.65
C LEU D 417 22.04 7.16 -1.90
N LEU D 418 21.19 6.14 -1.74
CA LEU D 418 20.62 5.44 -2.88
C LEU D 418 19.29 6.01 -3.34
N GLY D 419 18.63 6.82 -2.52
CA GLY D 419 17.40 7.48 -2.91
C GLY D 419 17.18 8.77 -2.15
N LYS D 420 16.72 9.81 -2.82
CA LYS D 420 16.61 11.13 -2.24
C LYS D 420 15.25 11.73 -2.55
N ARG D 421 15.00 12.90 -1.98
CA ARG D 421 13.88 13.76 -2.35
C ARG D 421 14.37 14.86 -3.27
N VAL D 422 13.50 15.29 -4.19
CA VAL D 422 13.92 16.14 -5.29
C VAL D 422 12.97 17.34 -5.42
N ASP D 423 13.46 18.38 -6.08
CA ASP D 423 12.68 19.55 -6.44
C ASP D 423 11.97 19.34 -7.77
N TYR D 424 11.06 20.27 -8.09
CA TYR D 424 10.31 20.25 -9.33
C TYR D 424 9.54 18.93 -9.50
N SER D 425 8.64 18.67 -8.55
CA SER D 425 7.86 17.45 -8.56
C SER D 425 6.48 17.73 -7.99
N GLY D 426 5.53 16.85 -8.33
CA GLY D 426 4.16 17.02 -7.91
C GLY D 426 3.45 15.68 -7.80
N ARG D 427 2.16 15.74 -7.47
CA ARG D 427 1.36 14.55 -7.25
C ARG D 427 -0.12 14.93 -7.35
N SER D 428 -0.93 14.00 -7.86
CA SER D 428 -2.37 14.20 -7.96
C SER D 428 -3.00 12.86 -8.32
N VAL D 429 -4.33 12.87 -8.42
CA VAL D 429 -5.12 11.69 -8.78
C VAL D 429 -5.30 11.65 -10.28
N ILE D 430 -5.11 10.47 -10.86
CA ILE D 430 -5.19 10.30 -12.31
C ILE D 430 -6.60 9.90 -12.70
N VAL D 431 -7.03 10.39 -13.88
CA VAL D 431 -8.33 10.11 -14.46
C VAL D 431 -8.13 9.82 -15.94
N VAL D 432 -9.16 9.26 -16.57
CA VAL D 432 -9.04 8.77 -17.95
C VAL D 432 -9.39 9.88 -18.92
N GLY D 433 -8.54 10.07 -19.93
CA GLY D 433 -8.85 10.95 -21.03
C GLY D 433 -8.75 10.24 -22.36
N PRO D 434 -9.90 10.03 -23.03
CA PRO D 434 -9.90 9.29 -24.29
C PRO D 434 -9.66 10.13 -25.54
N GLN D 435 -9.49 11.46 -25.40
CA GLN D 435 -9.26 12.33 -26.54
C GLN D 435 -7.79 12.62 -26.80
N LEU D 436 -6.90 12.06 -26.01
CA LEU D 436 -5.47 12.32 -26.13
C LEU D 436 -4.84 11.38 -27.15
N LYS D 437 -3.57 11.63 -27.45
CA LYS D 437 -2.73 10.77 -28.27
C LYS D 437 -1.69 10.08 -27.38
N LEU D 438 -0.91 9.20 -27.99
CA LEU D 438 0.02 8.38 -27.22
C LEU D 438 1.16 9.19 -26.61
N HIS D 439 1.38 10.42 -27.06
CA HIS D 439 2.48 11.24 -26.56
C HIS D 439 1.99 12.46 -25.76
N GLN D 440 0.75 12.44 -25.28
CA GLN D 440 0.18 13.58 -24.60
C GLN D 440 -0.38 13.17 -23.25
N CYS D 441 -0.37 14.13 -22.32
CA CYS D 441 -1.03 13.99 -21.04
C CYS D 441 -1.78 15.29 -20.75
N GLY D 442 -2.46 15.32 -19.60
CA GLY D 442 -3.18 16.50 -19.20
C GLY D 442 -2.76 16.97 -17.83
N LEU D 443 -2.37 18.23 -17.72
CA LEU D 443 -1.80 18.75 -16.49
C LEU D 443 -2.66 19.89 -15.95
N PRO D 444 -3.03 19.86 -14.66
CA PRO D 444 -3.81 20.96 -14.10
C PRO D 444 -3.05 22.28 -14.17
N LYS D 445 -3.81 23.37 -14.32
CA LYS D 445 -3.20 24.68 -14.48
C LYS D 445 -2.44 25.09 -13.22
N LEU D 446 -3.03 24.85 -12.04
CA LEU D 446 -2.40 25.26 -10.80
C LEU D 446 -1.15 24.46 -10.48
N MET D 447 -0.97 23.29 -11.09
CA MET D 447 0.23 22.50 -10.90
C MET D 447 1.32 22.88 -11.89
N ALA D 448 0.93 23.12 -13.15
CA ALA D 448 1.88 23.58 -14.15
C ALA D 448 2.41 24.97 -13.85
N LEU D 449 1.59 25.82 -13.20
CA LEU D 449 2.07 27.14 -12.81
C LEU D 449 3.19 27.04 -11.80
N GLU D 450 3.08 26.13 -10.83
CA GLU D 450 4.10 25.98 -9.80
C GLU D 450 5.33 25.24 -10.31
N LEU D 451 5.14 24.26 -11.21
CA LEU D 451 6.28 23.51 -11.73
C LEU D 451 7.16 24.37 -12.64
N PHE D 452 6.57 25.33 -13.35
CA PHE D 452 7.26 26.13 -14.37
C PHE D 452 7.47 27.56 -13.91
N LYS D 453 7.76 27.76 -12.63
CA LYS D 453 7.81 29.14 -12.11
C LYS D 453 8.97 29.95 -12.67
N PRO D 454 10.23 29.49 -12.68
CA PRO D 454 11.30 30.36 -13.18
C PRO D 454 11.20 30.65 -14.66
N PHE D 455 10.75 29.68 -15.48
CA PHE D 455 10.58 29.95 -16.91
C PHE D 455 9.51 31.01 -17.13
N VAL D 456 8.46 30.99 -16.31
CA VAL D 456 7.40 31.99 -16.41
C VAL D 456 7.91 33.35 -15.96
N MET D 457 8.74 33.37 -14.92
CA MET D 457 9.30 34.63 -14.45
C MET D 457 10.18 35.26 -15.52
N LYS D 458 11.02 34.45 -16.17
CA LYS D 458 11.86 34.96 -17.25
C LYS D 458 11.02 35.49 -18.40
N ARG D 459 9.99 34.74 -18.81
CA ARG D 459 9.15 35.19 -19.92
C ARG D 459 8.38 36.45 -19.55
N LEU D 460 7.95 36.56 -18.29
CA LEU D 460 7.21 37.73 -17.84
C LEU D 460 8.10 38.97 -17.83
N VAL D 461 9.36 38.82 -17.40
CA VAL D 461 10.28 39.95 -17.44
C VAL D 461 10.62 40.33 -18.87
N ASP D 462 10.77 39.33 -19.75
CA ASP D 462 11.16 39.62 -21.12
C ASP D 462 10.10 40.44 -21.85
N LEU D 463 8.83 40.12 -21.65
CA LEU D 463 7.73 40.76 -22.36
C LEU D 463 7.29 42.08 -21.74
N ASN D 464 8.13 42.69 -20.89
CA ASN D 464 7.84 43.99 -20.29
C ASN D 464 6.55 43.98 -19.47
N HIS D 465 6.22 42.82 -18.90
CA HIS D 465 5.08 42.71 -18.00
C HIS D 465 5.42 43.02 -16.56
N ALA D 466 6.71 43.23 -16.27
CA ALA D 466 7.16 43.52 -14.92
C ALA D 466 8.47 44.28 -15.01
N GLN D 467 9.01 44.69 -13.87
CA GLN D 467 10.21 45.51 -13.83
C GLN D 467 11.43 44.70 -13.40
N ASN D 468 11.35 44.05 -12.25
CA ASN D 468 12.45 43.28 -11.67
C ASN D 468 12.04 41.82 -11.54
N ILE D 469 12.98 41.00 -11.07
CA ILE D 469 12.67 39.60 -10.82
C ILE D 469 11.73 39.48 -9.62
N LYS D 470 11.90 40.33 -8.62
CA LYS D 470 11.02 40.30 -7.45
C LYS D 470 9.59 40.65 -7.84
N SER D 471 9.41 41.64 -8.71
CA SER D 471 8.07 42.01 -9.15
C SER D 471 7.40 40.86 -9.89
N ALA D 472 8.14 40.18 -10.77
CA ALA D 472 7.59 39.04 -11.49
C ALA D 472 7.26 37.90 -10.54
N LYS D 473 8.12 37.68 -9.53
CA LYS D 473 7.84 36.65 -8.54
C LYS D 473 6.56 36.93 -7.78
N ARG D 474 6.38 38.18 -7.34
CA ARG D 474 5.15 38.55 -6.64
C ARG D 474 3.93 38.39 -7.53
N MET D 475 4.04 38.82 -8.80
CA MET D 475 2.91 38.73 -9.71
C MET D 475 2.53 37.27 -9.97
N VAL D 476 3.53 36.40 -10.10
CA VAL D 476 3.26 34.98 -10.30
C VAL D 476 2.63 34.38 -9.05
N GLU D 477 3.15 34.74 -7.87
CA GLU D 477 2.65 34.17 -6.62
C GLU D 477 1.25 34.67 -6.30
N ARG D 478 0.86 35.83 -6.81
CA ARG D 478 -0.48 36.36 -6.60
C ARG D 478 -1.48 35.88 -7.64
N GLN D 479 -1.04 35.10 -8.63
CA GLN D 479 -1.91 34.55 -9.68
C GLN D 479 -2.64 35.65 -10.44
N ARG D 480 -1.90 36.69 -10.80
CA ARG D 480 -2.48 37.77 -11.59
C ARG D 480 -2.85 37.28 -13.00
N PRO D 481 -3.90 37.86 -13.60
CA PRO D 481 -4.39 37.33 -14.88
C PRO D 481 -3.44 37.51 -16.05
N GLN D 482 -2.23 38.02 -15.85
CA GLN D 482 -1.25 38.16 -16.92
C GLN D 482 -0.37 36.94 -17.11
N VAL D 483 -0.48 35.94 -16.23
CA VAL D 483 0.43 34.80 -16.25
C VAL D 483 -0.18 33.58 -16.93
N TRP D 484 -1.40 33.66 -17.43
CA TRP D 484 -2.07 32.54 -18.06
C TRP D 484 -1.86 32.49 -19.57
N ASP D 485 -1.12 33.43 -20.14
CA ASP D 485 -0.82 33.43 -21.57
C ASP D 485 0.63 33.04 -21.86
N VAL D 486 1.56 33.38 -20.98
CA VAL D 486 2.94 32.93 -21.13
C VAL D 486 3.06 31.44 -20.81
N LEU D 487 2.22 30.93 -19.91
CA LEU D 487 2.18 29.51 -19.59
C LEU D 487 1.33 28.77 -20.63
N GLU D 488 1.58 29.07 -21.90
CA GLU D 488 1.10 28.25 -23.01
C GLU D 488 2.15 28.09 -24.09
N GLU D 489 3.13 28.99 -24.17
CA GLU D 489 4.33 28.82 -24.96
C GLU D 489 5.54 28.46 -24.10
N VAL D 490 5.43 28.59 -22.77
CA VAL D 490 6.50 28.10 -21.91
C VAL D 490 6.53 26.57 -21.90
N ILE D 491 5.36 25.94 -21.87
CA ILE D 491 5.27 24.49 -21.72
C ILE D 491 5.16 23.80 -23.06
N ALA D 492 5.35 24.54 -24.15
CA ALA D 492 5.28 23.94 -25.48
C ALA D 492 6.54 23.13 -25.76
N GLU D 493 6.35 21.86 -26.09
CA GLU D 493 7.44 20.94 -26.43
C GLU D 493 8.45 20.82 -25.28
N HIS D 494 7.95 20.79 -24.06
CA HIS D 494 8.78 20.54 -22.88
C HIS D 494 8.25 19.30 -22.17
N PRO D 495 8.89 18.14 -22.35
CA PRO D 495 8.35 16.90 -21.81
C PRO D 495 8.46 16.82 -20.29
N VAL D 496 7.62 15.97 -19.72
CA VAL D 496 7.64 15.67 -18.29
C VAL D 496 7.64 14.15 -18.13
N LEU D 497 7.95 13.70 -16.92
CA LEU D 497 8.04 12.28 -16.63
C LEU D 497 6.96 11.89 -15.62
N LEU D 498 6.24 10.81 -15.92
CA LEU D 498 5.16 10.32 -15.08
C LEU D 498 5.55 8.97 -14.49
N ASN D 499 5.31 8.79 -13.19
CA ASN D 499 5.78 7.61 -12.47
C ASN D 499 4.72 7.13 -11.51
N ARG D 500 4.55 5.80 -11.42
CA ARG D 500 3.62 5.18 -10.50
C ARG D 500 4.33 4.09 -9.72
N ALA D 501 4.03 4.01 -8.41
CA ALA D 501 4.70 3.07 -7.54
C ALA D 501 3.80 1.89 -7.21
N PRO D 502 4.33 0.65 -7.16
CA PRO D 502 5.73 0.27 -7.37
C PRO D 502 6.19 0.31 -8.83
N THR D 503 7.47 0.61 -9.04
CA THR D 503 8.08 0.58 -10.37
C THR D 503 8.71 -0.79 -10.56
N LEU D 504 7.96 -1.71 -11.14
CA LEU D 504 8.40 -3.09 -11.27
C LEU D 504 9.23 -3.35 -12.53
N HIS D 505 9.20 -2.45 -13.51
CA HIS D 505 10.01 -2.64 -14.71
C HIS D 505 10.27 -1.26 -15.33
N ARG D 506 10.81 -1.26 -16.55
CA ARG D 506 11.22 -0.02 -17.21
C ARG D 506 10.02 0.88 -17.49
N LEU D 507 8.92 0.30 -17.96
CA LEU D 507 7.78 1.09 -18.41
C LEU D 507 7.02 1.72 -17.28
N GLY D 508 7.51 1.68 -16.04
CA GLY D 508 6.91 2.44 -14.96
C GLY D 508 7.26 3.91 -14.97
N ILE D 509 8.14 4.33 -15.87
CA ILE D 509 8.47 5.73 -16.09
C ILE D 509 8.40 6.00 -17.59
N GLN D 510 7.68 7.05 -17.98
CA GLN D 510 7.55 7.39 -19.39
C GLN D 510 7.43 8.90 -19.52
N ALA D 511 7.76 9.40 -20.70
CA ALA D 511 7.80 10.83 -20.97
C ALA D 511 6.66 11.20 -21.92
N PHE D 512 5.92 12.24 -21.56
CA PHE D 512 4.77 12.72 -22.31
C PHE D 512 4.96 14.20 -22.65
N GLU D 513 3.99 14.77 -23.34
CA GLU D 513 3.99 16.19 -23.67
C GLU D 513 2.79 16.85 -23.01
N PRO D 514 2.99 17.78 -22.07
CA PRO D 514 1.88 18.25 -21.25
C PRO D 514 0.89 19.11 -22.02
N MET D 515 -0.37 19.06 -21.58
CA MET D 515 -1.43 19.90 -22.09
C MET D 515 -2.20 20.47 -20.90
N LEU D 516 -2.66 21.71 -21.03
CA LEU D 516 -3.38 22.36 -19.94
C LEU D 516 -4.84 21.97 -19.97
N VAL D 517 -5.35 21.44 -18.87
CA VAL D 517 -6.74 21.04 -18.78
C VAL D 517 -7.39 21.79 -17.62
N GLU D 518 -8.70 21.60 -17.46
CA GLU D 518 -9.45 22.24 -16.39
C GLU D 518 -9.82 21.19 -15.36
N GLY D 519 -9.41 21.42 -14.12
CA GLY D 519 -9.69 20.51 -13.03
C GLY D 519 -8.46 20.38 -12.16
N LYS D 520 -8.47 19.34 -11.32
CA LYS D 520 -7.36 19.08 -10.40
C LYS D 520 -6.84 17.66 -10.53
N ALA D 521 -7.14 16.98 -11.64
CA ALA D 521 -6.71 15.61 -11.86
C ALA D 521 -5.90 15.51 -13.15
N ILE D 522 -5.03 14.52 -13.21
CA ILE D 522 -4.21 14.24 -14.39
C ILE D 522 -4.95 13.28 -15.31
N GLN D 523 -4.86 13.52 -16.61
CA GLN D 523 -5.54 12.70 -17.60
C GLN D 523 -4.53 11.78 -18.27
N LEU D 524 -4.82 10.48 -18.27
CA LEU D 524 -3.90 9.46 -18.75
C LEU D 524 -4.51 8.72 -19.93
N HIS D 525 -3.67 8.38 -20.90
CA HIS D 525 -4.13 7.69 -22.09
C HIS D 525 -4.63 6.28 -21.73
N PRO D 526 -5.69 5.80 -22.38
CA PRO D 526 -6.18 4.45 -22.08
C PRO D 526 -5.21 3.33 -22.41
N LEU D 527 -4.25 3.56 -23.31
CA LEU D 527 -3.39 2.48 -23.80
C LEU D 527 -2.12 2.29 -23.00
N VAL D 528 -1.83 3.16 -22.03
CA VAL D 528 -0.64 3.03 -21.19
C VAL D 528 -0.96 2.43 -19.83
N CYS D 529 -2.23 2.12 -19.56
CA CYS D 529 -2.61 1.54 -18.27
C CYS D 529 -2.06 0.14 -18.10
N GLU D 530 -1.87 -0.60 -19.20
CA GLU D 530 -1.27 -1.93 -19.09
C GLU D 530 0.19 -1.85 -18.66
N ALA D 531 0.94 -0.88 -19.20
CA ALA D 531 2.33 -0.72 -18.81
C ALA D 531 2.45 -0.15 -17.40
N PHE D 532 1.60 0.80 -17.04
CA PHE D 532 1.63 1.35 -15.69
C PHE D 532 0.94 0.46 -14.67
N ASN D 533 0.08 -0.47 -15.11
CA ASN D 533 -0.73 -1.30 -14.23
C ASN D 533 -1.63 -0.45 -13.33
N ALA D 534 -2.36 0.46 -13.96
CA ALA D 534 -3.12 1.50 -13.25
C ALA D 534 -4.57 1.44 -13.66
N ASP D 535 -5.45 1.16 -12.71
CA ASP D 535 -6.88 1.34 -12.91
C ASP D 535 -7.25 2.77 -12.54
N PHE D 536 -8.54 3.07 -12.46
CA PHE D 536 -9.02 4.43 -12.21
C PHE D 536 -10.00 4.45 -11.05
N ASP D 537 -9.62 3.83 -9.93
CA ASP D 537 -10.45 3.84 -8.73
C ASP D 537 -9.73 4.47 -7.55
N GLY D 538 -8.79 5.38 -7.81
CA GLY D 538 -8.15 6.11 -6.74
C GLY D 538 -6.64 6.17 -6.79
N ASP D 539 -6.05 5.75 -7.91
CA ASP D 539 -4.60 5.72 -8.02
C ASP D 539 -4.03 7.15 -8.12
N GLN D 540 -2.74 7.26 -7.83
CA GLN D 540 -2.02 8.53 -7.89
C GLN D 540 -0.67 8.32 -8.58
N MET D 541 -0.21 9.36 -9.28
CA MET D 541 1.06 9.34 -9.97
C MET D 541 1.82 10.64 -9.70
N ALA D 542 3.13 10.61 -9.93
CA ALA D 542 4.00 11.74 -9.67
C ALA D 542 4.59 12.27 -10.96
N VAL D 543 4.91 13.57 -10.96
CA VAL D 543 5.39 14.28 -12.13
C VAL D 543 6.78 14.84 -11.83
N HIS D 544 7.68 14.76 -12.80
CA HIS D 544 9.02 15.29 -12.69
C HIS D 544 9.35 16.09 -13.95
N LEU D 545 10.24 17.07 -13.80
CA LEU D 545 10.52 18.03 -14.87
C LEU D 545 12.01 18.01 -15.21
N PRO D 546 12.39 17.61 -16.43
CA PRO D 546 13.79 17.76 -16.84
C PRO D 546 14.17 19.22 -17.07
N LEU D 547 15.44 19.52 -16.83
CA LEU D 547 15.92 20.90 -16.85
C LEU D 547 16.94 21.17 -17.94
N SER D 548 18.01 20.39 -18.01
CA SER D 548 19.10 20.70 -18.92
C SER D 548 18.78 20.20 -20.33
N ALA D 549 19.72 20.41 -21.25
CA ALA D 549 19.51 19.98 -22.64
C ALA D 549 19.65 18.48 -22.77
N GLU D 550 20.61 17.88 -22.07
CA GLU D 550 20.79 16.42 -22.16
C GLU D 550 19.59 15.68 -21.60
N ALA D 551 19.04 16.13 -20.47
CA ALA D 551 17.88 15.48 -19.89
C ALA D 551 16.67 15.60 -20.80
N GLN D 552 16.47 16.77 -21.41
CA GLN D 552 15.36 16.94 -22.35
C GLN D 552 15.52 16.04 -23.56
N ALA D 553 16.73 15.95 -24.10
CA ALA D 553 16.96 15.09 -25.27
C ALA D 553 16.72 13.63 -24.91
N GLU D 554 17.18 13.20 -23.73
CA GLU D 554 16.94 11.82 -23.31
C GLU D 554 15.45 11.54 -23.15
N ALA D 555 14.72 12.47 -22.53
CA ALA D 555 13.29 12.27 -22.36
C ALA D 555 12.56 12.23 -23.69
N ARG D 556 12.97 13.07 -24.64
CA ARG D 556 12.27 13.14 -25.92
C ARG D 556 12.63 11.99 -26.84
N ILE D 557 13.82 11.40 -26.70
CA ILE D 557 14.28 10.35 -27.61
C ILE D 557 14.17 8.96 -26.99
N LEU D 558 14.67 8.79 -25.77
CA LEU D 558 14.77 7.46 -25.18
C LEU D 558 13.49 7.01 -24.49
N MET D 559 12.72 7.92 -23.89
CA MET D 559 11.65 7.57 -22.98
C MET D 559 10.26 7.89 -23.50
N LEU D 560 10.13 8.43 -24.71
CA LEU D 560 8.81 8.82 -25.19
C LEU D 560 7.89 7.62 -25.26
N SER D 561 6.61 7.84 -24.92
CA SER D 561 5.65 6.76 -24.82
C SER D 561 5.41 6.10 -26.18
N SER D 562 5.36 6.90 -27.25
CA SER D 562 5.13 6.34 -28.57
C SER D 562 6.31 5.57 -29.11
N ASN D 563 7.45 5.59 -28.44
CA ASN D 563 8.60 4.76 -28.81
C ASN D 563 8.67 3.45 -28.05
N ASN D 564 7.96 3.32 -26.92
CA ASN D 564 8.01 2.12 -26.08
C ASN D 564 6.67 1.41 -26.16
N ILE D 565 6.53 0.54 -27.16
CA ILE D 565 5.30 -0.22 -27.36
C ILE D 565 5.51 -1.71 -27.07
N LEU D 566 6.65 -2.26 -27.48
CA LEU D 566 6.92 -3.68 -27.28
C LEU D 566 7.50 -3.92 -25.90
N SER D 567 7.07 -5.01 -25.27
CA SER D 567 7.57 -5.35 -23.94
C SER D 567 9.02 -5.84 -24.04
N PRO D 568 9.89 -5.40 -23.12
CA PRO D 568 11.30 -5.79 -23.20
C PRO D 568 11.63 -7.17 -22.66
N ALA D 569 10.67 -7.88 -22.09
CA ALA D 569 10.91 -9.20 -21.54
C ALA D 569 10.52 -10.34 -22.47
N SER D 570 9.52 -10.13 -23.33
CA SER D 570 9.08 -11.17 -24.25
C SER D 570 8.88 -10.68 -25.68
N GLY D 571 8.96 -9.38 -25.93
CA GLY D 571 8.78 -8.86 -27.27
C GLY D 571 7.34 -8.76 -27.73
N ARG D 572 6.39 -8.88 -26.85
CA ARG D 572 4.97 -8.81 -27.17
C ARG D 572 4.48 -7.37 -27.00
N PRO D 573 3.47 -6.96 -27.77
CA PRO D 573 3.01 -5.56 -27.69
C PRO D 573 2.27 -5.29 -26.39
N LEU D 574 2.52 -4.11 -25.82
CA LEU D 574 1.85 -3.67 -24.60
C LEU D 574 0.77 -2.64 -24.86
N ALA D 575 1.01 -1.68 -25.76
CA ALA D 575 -0.01 -0.70 -26.13
C ALA D 575 -0.93 -1.35 -27.16
N MET D 576 -1.91 -2.09 -26.65
CA MET D 576 -2.84 -2.84 -27.48
C MET D 576 -4.26 -2.58 -27.03
N PRO D 577 -5.24 -2.70 -27.93
CA PRO D 577 -6.64 -2.60 -27.52
C PRO D 577 -7.00 -3.69 -26.52
N ARG D 578 -7.81 -3.33 -25.53
CA ARG D 578 -8.26 -4.28 -24.51
C ARG D 578 -9.60 -3.83 -23.96
N LEU D 579 -10.32 -4.80 -23.40
CA LEU D 579 -11.57 -4.55 -22.67
C LEU D 579 -12.66 -4.03 -23.60
N ASP D 580 -12.93 -2.71 -23.56
CA ASP D 580 -14.02 -2.16 -24.36
C ASP D 580 -13.69 -2.18 -25.85
N MET D 581 -12.44 -1.86 -26.20
CA MET D 581 -12.07 -1.81 -27.62
C MET D 581 -12.17 -3.19 -28.27
N VAL D 582 -11.82 -4.23 -27.52
CA VAL D 582 -11.89 -5.58 -28.06
C VAL D 582 -13.34 -5.97 -28.35
N THR D 583 -14.26 -5.64 -27.44
CA THR D 583 -15.66 -5.92 -27.68
C THR D 583 -16.19 -5.13 -28.87
N GLY D 584 -15.82 -3.85 -28.99
CA GLY D 584 -16.28 -3.07 -30.12
C GLY D 584 -15.79 -3.59 -31.45
N LEU D 585 -14.53 -4.04 -31.49
CA LEU D 585 -13.94 -4.53 -32.73
C LEU D 585 -14.30 -5.97 -33.03
N TYR D 586 -14.80 -6.70 -32.04
CA TYR D 586 -15.31 -8.04 -32.24
C TYR D 586 -16.77 -8.01 -32.67
N TYR D 587 -17.53 -7.03 -32.18
CA TYR D 587 -18.90 -6.83 -32.64
C TYR D 587 -18.91 -6.35 -34.08
N LEU D 588 -18.00 -5.44 -34.43
CA LEU D 588 -18.07 -4.83 -35.76
C LEU D 588 -17.77 -5.86 -36.87
N THR D 589 -16.79 -6.72 -36.67
CA THR D 589 -16.30 -7.62 -37.70
C THR D 589 -16.92 -9.01 -37.63
N THR D 590 -18.17 -9.12 -37.18
CA THR D 590 -18.85 -10.39 -37.03
C THR D 590 -19.91 -10.54 -38.13
N GLU D 591 -19.96 -11.73 -38.73
CA GLU D 591 -20.87 -12.00 -39.83
C GLU D 591 -22.09 -12.74 -39.30
N VAL D 592 -23.27 -12.16 -39.52
CA VAL D 592 -24.54 -12.71 -39.04
C VAL D 592 -25.28 -13.29 -40.24
N PRO D 593 -25.49 -14.61 -40.30
CA PRO D 593 -26.23 -15.17 -41.43
C PRO D 593 -27.71 -14.82 -41.37
N GLY D 594 -28.28 -14.50 -42.53
CA GLY D 594 -29.66 -14.10 -42.62
C GLY D 594 -29.96 -12.77 -41.97
N ASP D 595 -29.39 -11.69 -42.52
CA ASP D 595 -29.57 -10.34 -42.01
C ASP D 595 -30.23 -9.48 -43.08
N THR D 596 -30.33 -8.18 -42.80
CA THR D 596 -31.05 -7.26 -43.66
C THR D 596 -30.20 -6.86 -44.86
N GLY D 597 -30.71 -7.10 -46.06
CA GLY D 597 -30.03 -6.67 -47.27
C GLY D 597 -28.81 -7.48 -47.65
N GLU D 598 -28.76 -8.75 -47.28
CA GLU D 598 -27.63 -9.59 -47.63
C GLU D 598 -27.69 -10.00 -49.09
N TYR D 599 -26.65 -10.69 -49.55
CA TYR D 599 -26.58 -11.13 -50.93
C TYR D 599 -27.50 -12.32 -51.16
N GLN D 600 -28.47 -12.15 -52.08
CA GLN D 600 -29.37 -13.22 -52.48
C GLN D 600 -29.11 -13.61 -53.92
N PRO D 601 -28.52 -14.77 -54.20
CA PRO D 601 -28.21 -15.13 -55.60
C PRO D 601 -29.47 -15.60 -56.34
N ALA D 602 -30.36 -14.67 -56.63
CA ALA D 602 -31.64 -15.00 -57.22
C ALA D 602 -31.58 -14.94 -58.74
N SER D 603 -32.57 -15.57 -59.37
CA SER D 603 -32.71 -15.55 -60.83
C SER D 603 -34.18 -15.52 -61.19
N GLY D 604 -34.45 -15.19 -62.45
CA GLY D 604 -35.82 -15.12 -62.93
C GLY D 604 -36.54 -13.84 -62.55
N ASP D 605 -36.81 -13.69 -61.25
CA ASP D 605 -37.57 -12.53 -60.79
C ASP D 605 -36.72 -11.26 -60.81
N HIS D 606 -35.53 -11.30 -60.22
CA HIS D 606 -34.68 -10.13 -60.12
C HIS D 606 -33.24 -10.59 -60.07
N PRO D 607 -32.28 -9.67 -60.32
CA PRO D 607 -30.87 -10.09 -60.36
C PRO D 607 -30.24 -10.25 -58.98
N GLU D 608 -28.96 -9.91 -58.87
CA GLU D 608 -28.21 -10.16 -57.64
C GLU D 608 -28.85 -9.49 -56.44
N THR D 609 -29.34 -8.25 -56.59
CA THR D 609 -30.04 -7.53 -55.54
C THR D 609 -29.27 -7.58 -54.21
N GLY D 610 -28.19 -6.80 -54.17
CA GLY D 610 -27.33 -6.75 -53.01
C GLY D 610 -25.84 -6.65 -53.34
N VAL D 611 -25.53 -6.34 -54.60
CA VAL D 611 -24.17 -6.03 -55.01
C VAL D 611 -24.02 -4.51 -55.03
N TYR D 612 -22.94 -4.01 -54.43
CA TYR D 612 -22.70 -2.58 -54.32
C TYR D 612 -21.46 -2.18 -55.11
N SER D 613 -21.50 -0.95 -55.64
CA SER D 613 -20.46 -0.46 -56.53
C SER D 613 -19.35 0.32 -55.82
N SER D 614 -19.50 0.59 -54.53
CA SER D 614 -18.48 1.32 -53.79
C SER D 614 -18.85 1.29 -52.31
N PRO D 615 -17.87 1.43 -51.42
CA PRO D 615 -18.19 1.55 -49.98
C PRO D 615 -19.06 2.76 -49.66
N ALA D 616 -18.93 3.86 -50.40
CA ALA D 616 -19.76 5.03 -50.14
C ALA D 616 -21.24 4.72 -50.37
N GLU D 617 -21.54 3.97 -51.42
CA GLU D 617 -22.93 3.56 -51.66
C GLU D 617 -23.43 2.65 -50.56
N ALA D 618 -22.57 1.75 -50.07
CA ALA D 618 -22.97 0.88 -48.98
C ALA D 618 -23.27 1.67 -47.71
N ILE D 619 -22.46 2.68 -47.42
CA ILE D 619 -22.70 3.51 -46.25
C ILE D 619 -24.01 4.30 -46.42
N MET D 620 -24.25 4.85 -47.61
CA MET D 620 -25.50 5.57 -47.85
C MET D 620 -26.71 4.65 -47.71
N ALA D 621 -26.57 3.38 -48.12
CA ALA D 621 -27.65 2.43 -47.95
C ALA D 621 -27.86 2.06 -46.48
N ALA D 622 -26.77 1.96 -45.72
CA ALA D 622 -26.87 1.63 -44.31
C ALA D 622 -27.42 2.79 -43.48
N ASP D 623 -27.29 4.02 -43.98
CA ASP D 623 -27.88 5.18 -43.31
C ASP D 623 -29.39 5.25 -43.48
N ARG D 624 -29.97 4.43 -44.36
CA ARG D 624 -31.39 4.42 -44.61
C ARG D 624 -32.10 3.22 -43.98
N GLY D 625 -31.36 2.30 -43.38
CA GLY D 625 -31.93 1.11 -42.79
C GLY D 625 -32.06 -0.08 -43.72
N VAL D 626 -31.74 0.09 -45.01
CA VAL D 626 -31.86 -1.02 -45.96
C VAL D 626 -30.81 -2.09 -45.67
N LEU D 627 -29.60 -1.69 -45.30
CA LEU D 627 -28.48 -2.61 -45.13
C LEU D 627 -27.98 -2.59 -43.71
N SER D 628 -27.63 -3.76 -43.19
CA SER D 628 -27.03 -3.89 -41.88
C SER D 628 -25.51 -3.96 -42.01
N VAL D 629 -24.82 -3.49 -40.98
CA VAL D 629 -23.35 -3.44 -41.00
C VAL D 629 -22.77 -4.85 -41.06
N ARG D 630 -23.43 -5.82 -40.43
CA ARG D 630 -22.91 -7.19 -40.31
C ARG D 630 -23.62 -8.16 -41.24
N ALA D 631 -24.00 -7.70 -42.44
CA ALA D 631 -24.67 -8.53 -43.43
C ALA D 631 -23.74 -8.75 -44.62
N LYS D 632 -23.65 -9.98 -45.08
CA LYS D 632 -22.74 -10.33 -46.17
C LYS D 632 -23.22 -9.72 -47.48
N ILE D 633 -22.31 -9.04 -48.19
CA ILE D 633 -22.62 -8.36 -49.44
C ILE D 633 -21.45 -8.55 -50.40
N LYS D 634 -21.61 -8.02 -51.62
CA LYS D 634 -20.54 -7.96 -52.60
C LYS D 634 -20.32 -6.51 -52.97
N VAL D 635 -19.09 -6.03 -52.79
CA VAL D 635 -18.76 -4.62 -52.97
C VAL D 635 -17.50 -4.52 -53.80
N ARG D 636 -17.45 -3.54 -54.70
CA ARG D 636 -16.29 -3.32 -55.54
C ARG D 636 -15.30 -2.43 -54.81
N LEU D 637 -14.12 -2.97 -54.49
CA LEU D 637 -13.09 -2.25 -53.78
C LEU D 637 -12.02 -1.78 -54.74
N THR D 638 -11.51 -0.58 -54.50
CA THR D 638 -10.51 0.04 -55.37
C THR D 638 -9.23 0.40 -54.65
N GLN D 639 -9.30 0.95 -53.45
CA GLN D 639 -8.14 1.43 -52.73
C GLN D 639 -7.66 0.47 -51.64
N LEU D 640 -8.15 -0.76 -51.63
CA LEU D 640 -7.73 -1.76 -50.64
C LEU D 640 -7.00 -2.90 -51.33
N ARG D 641 -5.88 -3.31 -50.73
CA ARG D 641 -5.03 -4.32 -51.34
C ARG D 641 -5.66 -5.71 -51.23
N PRO D 642 -5.74 -6.46 -52.32
CA PRO D 642 -6.37 -7.79 -52.25
C PRO D 642 -5.49 -8.77 -51.52
N PRO D 643 -6.04 -9.88 -51.05
CA PRO D 643 -5.22 -10.93 -50.44
C PRO D 643 -4.26 -11.52 -51.45
N VAL D 644 -3.33 -12.34 -50.95
CA VAL D 644 -2.24 -12.82 -51.79
C VAL D 644 -2.76 -13.66 -52.95
N GLU D 645 -3.68 -14.60 -52.66
CA GLU D 645 -4.17 -15.48 -53.70
C GLU D 645 -5.00 -14.71 -54.74
N ILE D 646 -5.83 -13.77 -54.29
CA ILE D 646 -6.62 -12.98 -55.24
C ILE D 646 -5.72 -12.12 -56.11
N GLU D 647 -4.68 -11.53 -55.50
CA GLU D 647 -3.74 -10.72 -56.27
C GLU D 647 -3.02 -11.54 -57.31
N ALA D 648 -2.57 -12.74 -56.93
CA ALA D 648 -1.89 -13.62 -57.88
C ALA D 648 -2.82 -14.04 -59.01
N GLU D 649 -4.09 -14.32 -58.69
CA GLU D 649 -5.02 -14.77 -59.71
C GLU D 649 -5.40 -13.65 -60.67
N LEU D 650 -5.51 -12.42 -60.17
CA LEU D 650 -6.00 -11.33 -61.02
C LEU D 650 -4.87 -10.55 -61.70
N PHE D 651 -3.98 -9.96 -60.90
CA PHE D 651 -2.96 -9.09 -61.44
C PHE D 651 -1.65 -9.82 -61.73
N GLY D 652 -1.28 -10.77 -60.87
CA GLY D 652 -0.14 -11.63 -61.13
C GLY D 652 1.20 -10.98 -60.85
N HIS D 653 1.61 -10.04 -61.69
CA HIS D 653 2.92 -9.42 -61.51
C HIS D 653 2.92 -8.48 -60.31
N SER D 654 1.88 -7.67 -60.16
CA SER D 654 1.74 -6.74 -59.05
C SER D 654 0.37 -6.08 -59.12
N GLY D 655 -0.15 -5.69 -57.96
CA GLY D 655 -1.41 -4.97 -57.89
C GLY D 655 -1.23 -3.49 -57.63
N TRP D 656 -1.38 -2.67 -58.66
CA TRP D 656 -1.24 -1.22 -58.53
C TRP D 656 -2.51 -0.65 -57.89
N GLN D 657 -2.64 -0.91 -56.59
CA GLN D 657 -3.85 -0.67 -55.82
C GLN D 657 -4.34 0.77 -55.75
N PRO D 658 -3.49 1.79 -55.95
CA PRO D 658 -4.02 3.15 -56.06
C PRO D 658 -5.26 3.29 -56.93
N GLY D 659 -5.36 2.51 -58.01
CA GLY D 659 -6.51 2.65 -58.89
C GLY D 659 -7.04 1.38 -59.53
N ASP D 660 -6.70 0.22 -58.99
CA ASP D 660 -7.12 -1.05 -59.56
C ASP D 660 -8.27 -1.64 -58.75
N ALA D 661 -9.31 -2.09 -59.45
CA ALA D 661 -10.55 -2.51 -58.82
C ALA D 661 -10.69 -4.03 -58.86
N TRP D 662 -11.22 -4.60 -57.78
CA TRP D 662 -11.49 -6.02 -57.70
C TRP D 662 -12.85 -6.21 -57.03
N MET D 663 -13.19 -7.46 -56.72
CA MET D 663 -14.47 -7.80 -56.11
C MET D 663 -14.24 -8.48 -54.76
N ALA D 664 -15.03 -8.08 -53.76
CA ALA D 664 -14.91 -8.63 -52.43
C ALA D 664 -16.26 -9.17 -51.98
N GLU D 665 -16.23 -10.33 -51.32
CA GLU D 665 -17.42 -10.93 -50.71
C GLU D 665 -17.21 -10.86 -49.19
N THR D 666 -17.63 -9.75 -48.61
CA THR D 666 -17.38 -9.47 -47.20
C THR D 666 -18.56 -8.68 -46.65
N THR D 667 -18.38 -8.11 -45.46
CA THR D 667 -19.37 -7.26 -44.83
C THR D 667 -18.88 -5.81 -44.86
N LEU D 668 -19.72 -4.89 -44.40
CA LEU D 668 -19.33 -3.49 -44.32
C LEU D 668 -18.35 -3.25 -43.17
N GLY D 669 -18.58 -3.91 -42.03
CA GLY D 669 -17.71 -3.72 -40.89
C GLY D 669 -16.27 -4.11 -41.16
N ARG D 670 -16.07 -5.16 -41.97
CA ARG D 670 -14.71 -5.57 -42.29
C ARG D 670 -14.03 -4.54 -43.18
N VAL D 671 -14.77 -3.90 -44.08
CA VAL D 671 -14.19 -2.84 -44.90
C VAL D 671 -13.83 -1.63 -44.05
N MET D 672 -14.73 -1.22 -43.15
CA MET D 672 -14.42 -0.10 -42.28
C MET D 672 -13.34 -0.43 -41.25
N PHE D 673 -13.08 -1.70 -40.99
CA PHE D 673 -11.94 -2.06 -40.17
C PHE D 673 -10.64 -2.00 -40.96
N ASN D 674 -10.66 -2.53 -42.19
CA ASN D 674 -9.46 -2.53 -43.01
C ASN D 674 -9.09 -1.13 -43.50
N GLU D 675 -10.03 -0.19 -43.46
CA GLU D 675 -9.67 1.19 -43.79
C GLU D 675 -8.88 1.88 -42.69
N LEU D 676 -8.59 1.18 -41.59
CA LEU D 676 -7.76 1.72 -40.52
C LEU D 676 -6.31 1.28 -40.61
N LEU D 677 -6.06 0.15 -41.26
CA LEU D 677 -4.71 -0.37 -41.43
C LEU D 677 -3.98 0.44 -42.51
N PRO D 678 -2.65 0.34 -42.58
CA PRO D 678 -1.90 1.10 -43.59
C PRO D 678 -2.35 0.77 -45.01
N LEU D 679 -1.87 1.59 -45.95
CA LEU D 679 -2.35 1.51 -47.33
C LEU D 679 -1.95 0.20 -47.99
N GLY D 680 -0.74 -0.26 -47.76
CA GLY D 680 -0.23 -1.42 -48.46
C GLY D 680 -0.46 -2.74 -47.75
N TYR D 681 -1.35 -2.74 -46.77
CA TYR D 681 -1.64 -3.97 -46.02
C TYR D 681 -2.74 -4.76 -46.70
N PRO D 682 -2.51 -6.03 -47.01
CA PRO D 682 -3.53 -6.83 -47.71
C PRO D 682 -4.78 -7.05 -46.88
N PHE D 683 -5.90 -7.22 -47.59
CA PHE D 683 -7.19 -7.41 -46.93
C PHE D 683 -7.17 -8.64 -46.02
N VAL D 684 -7.83 -8.52 -44.87
CA VAL D 684 -7.80 -9.54 -43.84
C VAL D 684 -8.99 -10.49 -43.97
N ASN D 685 -10.20 -9.96 -43.81
CA ASN D 685 -11.44 -10.74 -43.91
C ASN D 685 -11.50 -11.86 -42.86
N LYS D 686 -11.49 -11.45 -41.59
CA LYS D 686 -11.58 -12.38 -40.49
C LYS D 686 -12.26 -11.71 -39.31
N GLN D 687 -12.76 -12.53 -38.38
CA GLN D 687 -13.37 -12.03 -37.16
C GLN D 687 -12.27 -11.71 -36.14
N MET D 688 -12.41 -10.57 -35.47
CA MET D 688 -11.31 -10.00 -34.69
C MET D 688 -11.38 -10.47 -33.24
N HIS D 689 -10.99 -11.72 -33.03
CA HIS D 689 -10.66 -12.18 -31.70
C HIS D 689 -9.37 -11.51 -31.24
N LYS D 690 -9.14 -11.49 -29.92
CA LYS D 690 -7.98 -10.78 -29.39
C LYS D 690 -6.67 -11.33 -29.94
N LYS D 691 -6.60 -12.63 -30.19
CA LYS D 691 -5.39 -13.21 -30.77
C LYS D 691 -5.11 -12.66 -32.16
N VAL D 692 -6.16 -12.49 -32.96
CA VAL D 692 -5.99 -11.95 -34.31
C VAL D 692 -5.48 -10.51 -34.26
N GLN D 693 -6.04 -9.70 -33.35
CA GLN D 693 -5.57 -8.34 -33.19
C GLN D 693 -4.10 -8.30 -32.75
N ALA D 694 -3.73 -9.17 -31.81
CA ALA D 694 -2.34 -9.21 -31.37
C ALA D 694 -1.41 -9.60 -32.51
N ALA D 695 -1.82 -10.57 -33.33
CA ALA D 695 -1.01 -10.97 -34.48
C ALA D 695 -0.84 -9.84 -35.47
N ILE D 696 -1.92 -9.12 -35.76
CA ILE D 696 -1.83 -8.00 -36.70
C ILE D 696 -0.89 -6.93 -36.16
N ILE D 697 -1.01 -6.61 -34.87
CA ILE D 697 -0.15 -5.57 -34.29
C ILE D 697 1.30 -6.00 -34.31
N ASN D 698 1.57 -7.27 -34.02
CA ASN D 698 2.95 -7.77 -34.04
C ASN D 698 3.54 -7.70 -35.45
N ASP D 699 2.75 -8.09 -36.46
CA ASP D 699 3.21 -8.00 -37.83
C ASP D 699 3.51 -6.56 -38.22
N LEU D 700 2.62 -5.63 -37.87
CA LEU D 700 2.85 -4.23 -38.17
C LEU D 700 4.13 -3.72 -37.49
N ALA D 701 4.34 -4.11 -36.24
CA ALA D 701 5.52 -3.67 -35.51
C ALA D 701 6.80 -4.23 -36.12
N GLU D 702 6.75 -5.46 -36.63
CA GLU D 702 7.95 -6.09 -37.15
C GLU D 702 8.24 -5.77 -38.62
N ARG D 703 7.26 -5.25 -39.36
CA ARG D 703 7.48 -4.98 -40.78
C ARG D 703 7.36 -3.51 -41.17
N TYR D 704 7.03 -2.62 -40.25
CA TYR D 704 6.81 -1.21 -40.54
C TYR D 704 7.55 -0.34 -39.54
N PRO D 705 7.81 0.92 -39.88
CA PRO D 705 8.42 1.83 -38.91
C PRO D 705 7.58 1.98 -37.66
N MET D 706 8.16 2.60 -36.65
CA MET D 706 7.54 2.71 -35.34
C MET D 706 6.60 3.90 -35.21
N ILE D 707 6.41 4.68 -36.28
CA ILE D 707 5.47 5.79 -36.21
C ILE D 707 4.11 5.39 -36.76
N VAL D 708 4.06 4.52 -37.78
CA VAL D 708 2.77 4.08 -38.30
C VAL D 708 2.05 3.18 -37.32
N VAL D 709 2.79 2.42 -36.50
CA VAL D 709 2.15 1.60 -35.48
C VAL D 709 1.48 2.47 -34.43
N ALA D 710 2.16 3.53 -33.99
CA ALA D 710 1.58 4.46 -33.03
C ALA D 710 0.41 5.21 -33.63
N GLN D 711 0.46 5.51 -34.93
CA GLN D 711 -0.68 6.16 -35.57
C GLN D 711 -1.85 5.22 -35.82
N THR D 712 -1.60 3.91 -35.88
CA THR D 712 -2.65 2.93 -36.15
C THR D 712 -3.37 2.50 -34.88
N VAL D 713 -2.64 2.35 -33.78
CA VAL D 713 -3.29 1.95 -32.53
C VAL D 713 -4.26 3.04 -32.07
N ASP D 714 -3.91 4.30 -32.31
CA ASP D 714 -4.76 5.41 -31.87
C ASP D 714 -6.10 5.44 -32.60
N LYS D 715 -6.16 4.99 -33.84
CA LYS D 715 -7.43 4.96 -34.55
C LYS D 715 -8.16 3.63 -34.38
N LEU D 716 -7.43 2.57 -33.99
CA LEU D 716 -8.13 1.36 -33.55
C LEU D 716 -8.86 1.64 -32.25
N LYS D 717 -8.24 2.40 -31.35
CA LYS D 717 -8.89 2.71 -30.08
C LYS D 717 -10.16 3.52 -30.33
N ASP D 718 -10.10 4.46 -31.28
CA ASP D 718 -11.27 5.28 -31.62
C ASP D 718 -12.42 4.41 -32.12
N ALA D 719 -12.13 3.52 -33.07
CA ALA D 719 -13.20 2.67 -33.60
C ALA D 719 -13.75 1.72 -32.53
N GLY D 720 -12.87 1.17 -31.70
CA GLY D 720 -13.33 0.32 -30.62
C GLY D 720 -14.25 1.03 -29.65
N PHE D 721 -13.86 2.24 -29.23
CA PHE D 721 -14.70 2.99 -28.31
C PHE D 721 -16.02 3.43 -28.94
N TYR D 722 -16.00 3.75 -30.24
CA TYR D 722 -17.24 4.15 -30.90
C TYR D 722 -18.21 2.99 -31.01
N TRP D 723 -17.72 1.79 -31.33
CA TRP D 723 -18.61 0.66 -31.56
C TRP D 723 -18.88 -0.17 -30.31
N ALA D 724 -18.21 0.10 -29.19
CA ALA D 724 -18.54 -0.58 -27.94
C ALA D 724 -19.89 -0.14 -27.39
N THR D 725 -20.24 1.14 -27.58
CA THR D 725 -21.48 1.67 -27.01
C THR D 725 -22.71 1.34 -27.84
N ARG D 726 -22.54 0.87 -29.07
CA ARG D 726 -23.64 0.50 -29.94
C ARG D 726 -23.71 -1.01 -30.17
N SER D 727 -23.15 -1.81 -29.28
CA SER D 727 -23.15 -3.25 -29.40
C SER D 727 -24.18 -3.93 -28.51
N GLY D 728 -24.81 -3.19 -27.60
CA GLY D 728 -25.86 -3.75 -26.76
C GLY D 728 -25.40 -4.77 -25.74
N VAL D 729 -24.27 -4.53 -25.09
CA VAL D 729 -23.82 -5.37 -23.97
C VAL D 729 -24.30 -4.73 -22.68
N THR D 730 -25.18 -5.44 -21.97
CA THR D 730 -25.76 -4.93 -20.73
C THR D 730 -26.13 -6.12 -19.86
N VAL D 731 -26.24 -5.87 -18.56
CA VAL D 731 -26.48 -6.91 -17.57
C VAL D 731 -27.86 -6.71 -16.96
N SER D 732 -28.65 -7.78 -16.94
CA SER D 732 -29.93 -7.81 -16.24
C SER D 732 -30.12 -9.22 -15.70
N MET D 733 -31.04 -9.37 -14.76
CA MET D 733 -31.21 -10.67 -14.12
C MET D 733 -32.01 -11.63 -14.97
N ALA D 734 -32.36 -11.25 -16.21
CA ALA D 734 -33.05 -12.13 -17.14
C ALA D 734 -32.14 -12.54 -18.28
N ASP D 735 -30.84 -12.29 -18.16
CA ASP D 735 -29.83 -12.76 -19.08
C ASP D 735 -28.95 -13.85 -18.48
N VAL D 736 -28.97 -14.00 -17.16
CA VAL D 736 -28.21 -15.07 -16.48
C VAL D 736 -29.14 -16.28 -16.45
N LEU D 737 -29.24 -16.95 -17.59
CA LEU D 737 -30.09 -18.13 -17.70
C LEU D 737 -29.55 -19.28 -16.86
N VAL D 738 -30.45 -20.00 -16.22
CA VAL D 738 -30.08 -21.13 -15.36
C VAL D 738 -30.08 -22.41 -16.18
N PRO D 739 -29.41 -23.47 -15.74
CA PRO D 739 -29.48 -24.73 -16.47
C PRO D 739 -30.91 -25.26 -16.50
N PRO D 740 -31.30 -25.94 -17.57
CA PRO D 740 -32.69 -26.39 -17.67
C PRO D 740 -33.02 -27.54 -16.75
N ARG D 741 -32.24 -28.61 -16.80
CA ARG D 741 -32.45 -29.82 -16.00
C ARG D 741 -31.28 -30.00 -15.03
N LYS D 742 -31.36 -29.32 -13.88
CA LYS D 742 -30.29 -29.32 -12.91
C LYS D 742 -30.62 -30.15 -11.67
N LYS D 743 -31.88 -30.09 -11.22
CA LYS D 743 -32.26 -30.80 -10.00
C LYS D 743 -32.19 -32.31 -10.19
N GLU D 744 -32.44 -32.80 -11.41
CA GLU D 744 -32.31 -34.23 -11.66
C GLU D 744 -30.86 -34.67 -11.56
N ILE D 745 -29.96 -33.97 -12.24
CA ILE D 745 -28.53 -34.25 -12.12
C ILE D 745 -28.13 -34.29 -10.65
N LEU D 746 -28.56 -33.28 -9.88
CA LEU D 746 -28.15 -33.20 -8.49
C LEU D 746 -28.73 -34.36 -7.68
N ASP D 747 -29.99 -34.73 -7.95
CA ASP D 747 -30.60 -35.82 -7.20
C ASP D 747 -29.89 -37.15 -7.50
N HIS D 748 -29.53 -37.38 -8.77
CA HIS D 748 -28.77 -38.57 -9.10
C HIS D 748 -27.43 -38.60 -8.38
N TYR D 749 -26.69 -37.48 -8.42
CA TYR D 749 -25.39 -37.45 -7.78
C TYR D 749 -25.49 -37.27 -6.27
N GLU D 750 -26.70 -37.25 -5.72
CA GLU D 750 -26.90 -37.28 -4.28
C GLU D 750 -27.31 -38.67 -3.83
N GLU D 751 -28.01 -39.41 -4.68
CA GLU D 751 -28.27 -40.81 -4.39
C GLU D 751 -26.96 -41.61 -4.44
N ARG D 752 -26.13 -41.33 -5.46
CA ARG D 752 -24.84 -42.00 -5.54
C ARG D 752 -24.01 -41.76 -4.29
N ALA D 753 -24.26 -40.65 -3.59
CA ALA D 753 -23.52 -40.35 -2.35
C ALA D 753 -24.18 -40.98 -1.14
N ASP D 754 -25.52 -41.06 -1.12
CA ASP D 754 -26.15 -41.66 0.05
C ASP D 754 -25.91 -43.17 0.09
N LYS D 755 -25.63 -43.81 -1.04
CA LYS D 755 -25.23 -45.21 -0.97
C LYS D 755 -23.90 -45.34 -0.24
N VAL D 756 -22.91 -44.52 -0.60
CA VAL D 756 -21.62 -44.54 0.07
C VAL D 756 -21.81 -44.24 1.55
N GLU D 757 -22.73 -43.33 1.87
CA GLU D 757 -22.97 -42.98 3.26
C GLU D 757 -23.53 -44.16 4.04
N LYS D 758 -24.59 -44.79 3.51
CA LYS D 758 -25.10 -46.04 4.07
C LYS D 758 -23.97 -47.03 4.34
N GLN D 759 -23.18 -47.34 3.30
CA GLN D 759 -22.04 -48.24 3.44
C GLN D 759 -21.20 -47.88 4.66
N PHE D 760 -20.77 -46.62 4.74
CA PHE D 760 -19.93 -46.21 5.87
C PHE D 760 -20.66 -46.41 7.18
N GLN D 761 -21.96 -46.08 7.22
CA GLN D 761 -22.74 -46.27 8.45
C GLN D 761 -22.68 -47.71 8.93
N ARG D 762 -22.82 -48.66 8.01
CA ARG D 762 -22.63 -50.06 8.41
C ARG D 762 -21.16 -50.34 8.65
N GLY D 763 -20.36 -50.22 7.60
CA GLY D 763 -18.92 -50.32 7.70
C GLY D 763 -18.23 -51.05 6.57
N ALA D 764 -17.28 -50.35 5.94
CA ALA D 764 -16.48 -50.92 4.86
C ALA D 764 -15.21 -50.08 4.72
N LEU D 765 -15.40 -48.76 4.65
CA LEU D 765 -14.33 -47.79 4.55
C LEU D 765 -14.04 -47.20 5.92
N ASN D 766 -12.85 -46.62 6.09
CA ASN D 766 -12.61 -45.95 7.37
C ASN D 766 -13.18 -44.54 7.36
N HIS D 767 -12.36 -43.54 7.05
CA HIS D 767 -12.83 -42.17 6.89
C HIS D 767 -12.33 -41.51 5.60
N ASP D 768 -11.05 -41.70 5.27
CA ASP D 768 -10.49 -41.08 4.08
C ASP D 768 -11.09 -41.65 2.81
N GLU D 769 -11.42 -42.94 2.80
CA GLU D 769 -12.09 -43.52 1.64
C GLU D 769 -13.45 -42.86 1.43
N ARG D 770 -14.21 -42.67 2.52
CA ARG D 770 -15.48 -41.98 2.45
C ARG D 770 -15.30 -40.60 1.83
N ASN D 771 -14.51 -39.75 2.49
CA ASN D 771 -14.28 -38.40 1.97
C ASN D 771 -13.82 -38.40 0.52
N GLU D 772 -13.01 -39.39 0.13
CA GLU D 772 -12.48 -39.43 -1.23
C GLU D 772 -13.57 -39.76 -2.23
N ALA D 773 -14.47 -40.66 -1.89
CA ALA D 773 -15.52 -41.01 -2.85
C ALA D 773 -16.57 -39.91 -2.91
N LEU D 774 -16.77 -39.19 -1.81
CA LEU D 774 -17.68 -38.05 -1.84
C LEU D 774 -17.10 -36.94 -2.70
N VAL D 775 -15.79 -36.68 -2.59
CA VAL D 775 -15.13 -35.72 -3.44
C VAL D 775 -15.23 -36.15 -4.90
N GLU D 776 -15.13 -37.45 -5.17
CA GLU D 776 -15.13 -37.89 -6.56
C GLU D 776 -16.53 -37.93 -7.16
N ILE D 777 -17.57 -37.88 -6.33
CA ILE D 777 -18.92 -37.71 -6.86
C ILE D 777 -19.22 -36.23 -7.10
N TRP D 778 -18.80 -35.38 -6.16
CA TRP D 778 -19.10 -33.96 -6.25
C TRP D 778 -18.11 -33.22 -7.11
N LYS D 779 -17.16 -33.93 -7.72
CA LYS D 779 -16.30 -33.36 -8.74
C LYS D 779 -16.75 -33.74 -10.15
N GLU D 780 -17.67 -34.70 -10.27
CA GLU D 780 -18.31 -35.01 -11.54
C GLU D 780 -19.66 -34.33 -11.69
N ALA D 781 -20.31 -34.00 -10.56
CA ALA D 781 -21.59 -33.32 -10.69
C ALA D 781 -21.40 -31.89 -11.16
N THR D 782 -20.30 -31.24 -10.78
CA THR D 782 -20.05 -29.88 -11.22
C THR D 782 -19.67 -29.85 -12.69
N ASP D 783 -19.16 -30.96 -13.22
CA ASP D 783 -18.76 -30.99 -14.62
C ASP D 783 -19.97 -31.29 -15.50
N GLU D 784 -20.91 -32.07 -14.99
CA GLU D 784 -22.15 -32.23 -15.75
C GLU D 784 -22.96 -30.94 -15.77
N VAL D 785 -23.02 -30.23 -14.63
CA VAL D 785 -23.67 -28.92 -14.61
C VAL D 785 -22.97 -27.96 -15.57
N GLY D 786 -21.63 -27.95 -15.56
CA GLY D 786 -20.91 -27.10 -16.48
C GLY D 786 -21.21 -27.40 -17.94
N GLN D 787 -21.27 -28.67 -18.30
CA GLN D 787 -21.49 -29.01 -19.70
C GLN D 787 -22.94 -28.86 -20.11
N ALA D 788 -23.87 -28.76 -19.16
CA ALA D 788 -25.23 -28.39 -19.52
C ALA D 788 -25.37 -26.87 -19.66
N LEU D 789 -24.61 -26.12 -18.86
CA LEU D 789 -24.66 -24.66 -18.95
C LEU D 789 -23.96 -24.16 -20.20
N ARG D 790 -22.94 -24.88 -20.68
CA ARG D 790 -22.24 -24.45 -21.88
C ARG D 790 -22.95 -24.89 -23.15
N GLU D 791 -24.09 -25.57 -23.01
CA GLU D 791 -24.94 -25.93 -24.13
C GLU D 791 -26.27 -25.21 -24.13
N HIS D 792 -26.71 -24.69 -22.97
CA HIS D 792 -27.96 -23.94 -22.93
C HIS D 792 -27.77 -22.51 -23.44
N TYR D 793 -26.72 -21.84 -23.00
CA TYR D 793 -26.51 -20.43 -23.32
C TYR D 793 -26.42 -20.19 -24.83
N PRO D 794 -27.21 -19.26 -25.39
CA PRO D 794 -27.05 -18.88 -26.79
C PRO D 794 -25.76 -18.10 -26.98
N ASP D 795 -25.41 -17.88 -28.25
CA ASP D 795 -24.15 -17.24 -28.59
C ASP D 795 -24.26 -15.72 -28.75
N ASP D 796 -25.46 -15.14 -28.64
CA ASP D 796 -25.63 -13.70 -28.66
C ASP D 796 -26.00 -13.16 -27.27
N ASN D 797 -25.51 -13.81 -26.22
CA ASN D 797 -25.75 -13.35 -24.85
C ASN D 797 -24.66 -12.38 -24.42
N PRO D 798 -25.00 -11.31 -23.69
CA PRO D 798 -23.96 -10.38 -23.25
C PRO D 798 -22.91 -11.01 -22.37
N ILE D 799 -23.28 -12.00 -21.55
CA ILE D 799 -22.30 -12.65 -20.68
C ILE D 799 -21.38 -13.56 -21.48
N ILE D 800 -21.85 -14.07 -22.62
CA ILE D 800 -21.02 -14.99 -23.40
C ILE D 800 -20.04 -14.23 -24.29
N THR D 801 -20.48 -13.15 -24.93
CA THR D 801 -19.63 -12.42 -25.86
C THR D 801 -18.58 -11.55 -25.18
N ILE D 802 -18.47 -11.58 -23.86
CA ILE D 802 -17.42 -10.85 -23.16
C ILE D 802 -16.26 -11.80 -22.88
N VAL D 803 -16.57 -13.08 -22.67
CA VAL D 803 -15.53 -14.08 -22.48
C VAL D 803 -15.14 -14.78 -23.77
N ASP D 804 -16.02 -14.80 -24.78
CA ASP D 804 -15.68 -15.42 -26.05
C ASP D 804 -14.90 -14.49 -26.97
N SER D 805 -14.88 -13.20 -26.68
CA SER D 805 -14.10 -12.24 -27.45
C SER D 805 -12.71 -12.02 -26.88
N GLY D 806 -12.39 -12.63 -25.75
CA GLY D 806 -11.10 -12.49 -25.14
C GLY D 806 -10.92 -11.26 -24.28
N ALA D 807 -11.98 -10.48 -24.07
CA ALA D 807 -11.89 -9.27 -23.27
C ALA D 807 -11.50 -9.56 -21.83
N THR D 808 -12.39 -10.23 -21.08
CA THR D 808 -12.14 -10.56 -19.68
C THR D 808 -12.92 -11.81 -19.30
N GLY D 809 -12.47 -12.44 -18.22
CA GLY D 809 -13.23 -13.49 -17.57
C GLY D 809 -12.94 -14.88 -18.11
N ASN D 810 -13.42 -15.87 -17.35
CA ASN D 810 -13.35 -17.27 -17.71
C ASN D 810 -14.77 -17.83 -17.81
N PHE D 811 -14.87 -19.14 -17.97
CA PHE D 811 -16.15 -19.82 -17.85
C PHE D 811 -16.38 -20.41 -16.47
N THR D 812 -15.33 -20.52 -15.66
CA THR D 812 -15.51 -20.92 -14.26
C THR D 812 -16.37 -19.92 -13.51
N GLN D 813 -16.13 -18.63 -13.73
CA GLN D 813 -16.95 -17.60 -13.10
C GLN D 813 -18.38 -17.65 -13.62
N THR D 814 -18.57 -17.91 -14.91
CA THR D 814 -19.93 -18.02 -15.44
C THR D 814 -20.65 -19.24 -14.88
N ARG D 815 -19.93 -20.32 -14.61
CA ARG D 815 -20.56 -21.48 -13.99
C ARG D 815 -20.87 -21.21 -12.52
N THR D 816 -20.02 -20.46 -11.84
CA THR D 816 -20.29 -20.11 -10.45
C THR D 816 -21.50 -19.19 -10.34
N LEU D 817 -21.66 -18.27 -11.30
CA LEU D 817 -22.71 -17.28 -11.21
C LEU D 817 -24.07 -17.88 -11.55
N ALA D 818 -24.13 -18.80 -12.51
CA ALA D 818 -25.40 -19.32 -13.01
C ALA D 818 -25.58 -20.83 -12.84
N GLY D 819 -24.56 -21.56 -12.40
CA GLY D 819 -24.68 -22.99 -12.24
C GLY D 819 -24.65 -23.42 -10.80
N MET D 820 -23.49 -23.86 -10.32
CA MET D 820 -23.31 -24.21 -8.93
C MET D 820 -21.86 -23.93 -8.54
N LYS D 821 -21.66 -23.49 -7.30
CA LYS D 821 -20.32 -23.10 -6.86
C LYS D 821 -19.42 -24.32 -6.75
N GLY D 822 -19.90 -25.39 -6.12
CA GLY D 822 -19.14 -26.62 -6.03
C GLY D 822 -18.52 -26.89 -4.68
N LEU D 823 -17.32 -27.45 -4.69
CA LEU D 823 -16.63 -27.83 -3.46
C LEU D 823 -15.77 -26.67 -2.97
N VAL D 824 -15.74 -26.50 -1.65
CA VAL D 824 -14.95 -25.46 -1.01
C VAL D 824 -13.93 -26.14 -0.10
N THR D 825 -12.98 -25.33 0.38
CA THR D 825 -11.86 -25.85 1.16
C THR D 825 -11.91 -25.35 2.60
N ASN D 826 -11.48 -26.22 3.51
CA ASN D 826 -11.40 -25.92 4.93
C ASN D 826 -10.12 -25.13 5.21
N PRO D 827 -9.96 -24.58 6.42
CA PRO D 827 -8.75 -23.79 6.71
C PRO D 827 -7.45 -24.56 6.54
N LYS D 828 -7.47 -25.89 6.71
CA LYS D 828 -6.24 -26.65 6.52
C LYS D 828 -5.84 -26.72 5.06
N GLY D 829 -6.82 -26.79 4.15
CA GLY D 829 -6.52 -26.80 2.74
C GLY D 829 -7.10 -27.99 2.00
N GLU D 830 -7.99 -28.74 2.66
CA GLU D 830 -8.59 -29.92 2.09
C GLU D 830 -10.06 -29.66 1.78
N PHE D 831 -10.56 -30.33 0.74
CA PHE D 831 -11.94 -30.14 0.32
C PHE D 831 -12.91 -30.62 1.38
N ILE D 832 -14.03 -29.91 1.50
CA ILE D 832 -15.13 -30.29 2.40
C ILE D 832 -16.06 -31.23 1.64
N PRO D 833 -16.38 -32.41 2.19
CA PRO D 833 -17.19 -33.39 1.44
C PRO D 833 -18.61 -32.90 1.11
N ARG D 834 -19.08 -31.81 1.71
CA ARG D 834 -20.39 -31.28 1.36
C ARG D 834 -20.24 -30.10 0.40
N PRO D 835 -20.95 -30.10 -0.73
CA PRO D 835 -20.79 -29.02 -1.71
C PRO D 835 -21.73 -27.85 -1.48
N VAL D 836 -21.55 -26.81 -2.28
CA VAL D 836 -22.44 -25.64 -2.30
C VAL D 836 -23.29 -25.77 -3.55
N LYS D 837 -24.55 -26.18 -3.38
CA LYS D 837 -25.39 -26.51 -4.53
C LYS D 837 -26.07 -25.30 -5.15
N SER D 838 -25.97 -24.12 -4.55
CA SER D 838 -26.68 -22.95 -5.02
C SER D 838 -25.70 -21.98 -5.68
N SER D 839 -26.12 -21.41 -6.81
CA SER D 839 -25.34 -20.39 -7.47
C SER D 839 -25.49 -19.06 -6.76
N PHE D 840 -24.69 -18.08 -7.18
CA PHE D 840 -24.86 -16.73 -6.67
C PHE D 840 -26.08 -16.04 -7.25
N ARG D 841 -26.65 -16.57 -8.33
CA ARG D 841 -27.88 -16.01 -8.88
C ARG D 841 -29.11 -16.37 -8.06
N GLU D 842 -29.05 -17.45 -7.28
CA GLU D 842 -30.13 -17.82 -6.38
C GLU D 842 -29.87 -17.45 -4.94
N GLY D 843 -28.61 -17.20 -4.57
CA GLY D 843 -28.29 -16.81 -3.22
C GLY D 843 -27.93 -17.96 -2.32
N LEU D 844 -26.79 -17.87 -1.65
CA LEU D 844 -26.38 -18.90 -0.70
C LEU D 844 -27.14 -18.76 0.61
N THR D 845 -27.08 -19.81 1.41
CA THR D 845 -27.72 -19.82 2.71
C THR D 845 -26.72 -19.29 3.75
N VAL D 846 -27.06 -19.37 5.03
CA VAL D 846 -26.17 -18.86 6.07
C VAL D 846 -24.94 -19.74 6.19
N LEU D 847 -25.14 -21.06 6.22
CA LEU D 847 -24.02 -21.97 6.42
C LEU D 847 -23.12 -22.04 5.20
N GLU D 848 -23.71 -22.07 4.00
CA GLU D 848 -22.89 -22.06 2.79
C GLU D 848 -22.07 -20.78 2.68
N TYR D 849 -22.69 -19.65 3.00
CA TYR D 849 -21.96 -18.38 2.98
C TYR D 849 -20.85 -18.37 4.03
N PHE D 850 -21.10 -18.95 5.21
CA PHE D 850 -20.07 -18.99 6.24
C PHE D 850 -18.89 -19.85 5.82
N ILE D 851 -19.15 -21.04 5.28
CA ILE D 851 -18.07 -21.93 4.87
C ILE D 851 -17.42 -21.51 3.56
N ASN D 852 -18.02 -20.55 2.84
CA ASN D 852 -17.38 -19.98 1.67
C ASN D 852 -16.22 -19.03 2.03
N THR D 853 -16.17 -18.52 3.26
CA THR D 853 -15.17 -17.51 3.61
C THR D 853 -13.85 -18.11 4.09
N HIS D 854 -13.83 -19.43 4.36
CA HIS D 854 -12.63 -20.06 4.90
C HIS D 854 -11.50 -19.98 3.90
N GLY D 855 -11.82 -20.18 2.62
CA GLY D 855 -10.81 -20.14 1.60
C GLY D 855 -10.87 -18.85 0.82
N ALA D 856 -11.63 -17.87 1.32
CA ALA D 856 -11.68 -16.55 0.71
C ALA D 856 -10.85 -15.56 1.52
N ARG D 857 -10.53 -15.90 2.76
CA ARG D 857 -9.66 -15.06 3.57
C ARG D 857 -8.20 -15.43 3.31
N LYS D 858 -7.96 -16.72 3.11
CA LYS D 858 -6.62 -17.23 2.86
C LYS D 858 -6.03 -16.60 1.60
N GLY D 859 -6.87 -16.46 0.57
CA GLY D 859 -6.41 -15.82 -0.66
C GLY D 859 -5.85 -14.44 -0.39
N LEU D 860 -6.57 -13.63 0.39
CA LEU D 860 -6.12 -12.26 0.59
C LEU D 860 -4.89 -12.24 1.48
N ALA D 861 -4.85 -13.09 2.51
CA ALA D 861 -3.70 -13.04 3.41
C ALA D 861 -2.43 -13.50 2.69
N ASP D 862 -2.56 -14.51 1.82
CA ASP D 862 -1.38 -14.97 1.11
C ASP D 862 -1.00 -13.99 0.02
N THR D 863 -1.97 -13.33 -0.62
CA THR D 863 -1.63 -12.30 -1.58
C THR D 863 -0.84 -11.20 -0.89
N ALA D 864 -1.18 -10.92 0.38
CA ALA D 864 -0.51 -9.85 1.09
C ALA D 864 0.87 -10.28 1.57
N LEU D 865 1.12 -11.58 1.65
CA LEU D 865 2.39 -12.09 2.16
C LEU D 865 3.32 -12.60 1.06
N ARG D 866 2.85 -12.65 -0.18
CA ARG D 866 3.69 -13.04 -1.32
C ARG D 866 4.15 -11.84 -2.13
N THR D 867 3.94 -10.63 -1.61
CA THR D 867 4.40 -9.39 -2.21
C THR D 867 5.61 -8.84 -1.51
N ALA D 868 5.99 -9.44 -0.38
CA ALA D 868 7.10 -9.03 0.45
C ALA D 868 8.25 -10.02 0.35
N ASP D 869 8.03 -11.17 -0.27
CA ASP D 869 9.08 -12.16 -0.50
C ASP D 869 9.49 -12.21 -1.96
N SER D 870 8.79 -11.51 -2.85
CA SER D 870 9.17 -11.38 -4.25
C SER D 870 10.02 -10.14 -4.48
N GLY D 871 9.87 -9.12 -3.62
CA GLY D 871 10.62 -7.90 -3.79
C GLY D 871 12.00 -8.00 -3.20
N TYR D 872 12.20 -8.98 -2.33
CA TYR D 872 13.52 -9.20 -1.77
C TYR D 872 14.29 -10.08 -2.74
N LEU D 873 13.60 -11.00 -3.41
CA LEU D 873 14.24 -11.79 -4.44
C LEU D 873 14.68 -10.89 -5.59
N THR D 874 13.81 -9.94 -5.97
CA THR D 874 14.17 -8.99 -7.02
C THR D 874 15.36 -8.13 -6.62
N ARG D 875 15.36 -7.65 -5.36
CA ARG D 875 16.49 -6.84 -4.90
C ARG D 875 17.77 -7.64 -4.87
N ARG D 876 17.70 -8.93 -4.55
CA ARG D 876 18.88 -9.78 -4.56
C ARG D 876 19.35 -10.10 -5.97
N LEU D 877 18.43 -10.21 -6.92
CA LEU D 877 18.82 -10.48 -8.31
C LEU D 877 19.44 -9.26 -8.97
N VAL D 878 18.97 -8.05 -8.62
CA VAL D 878 19.49 -6.86 -9.26
C VAL D 878 20.96 -6.65 -8.90
N ASP D 879 21.33 -6.90 -7.64
CA ASP D 879 22.67 -6.56 -7.16
C ASP D 879 23.73 -7.48 -7.73
N VAL D 880 23.44 -8.76 -7.91
CA VAL D 880 24.44 -9.69 -8.42
C VAL D 880 24.72 -9.43 -9.90
N SER D 881 23.68 -9.24 -10.70
CA SER D 881 23.82 -8.96 -12.13
C SER D 881 23.64 -7.47 -12.40
N GLN D 882 24.58 -6.68 -11.88
CA GLN D 882 24.62 -5.25 -12.12
C GLN D 882 25.87 -4.80 -12.86
N ASP D 883 26.79 -5.72 -13.17
CA ASP D 883 28.03 -5.38 -13.84
C ASP D 883 28.11 -5.99 -15.24
N VAL D 884 27.00 -6.46 -15.78
CA VAL D 884 26.95 -7.04 -17.12
C VAL D 884 26.45 -5.95 -18.07
N ILE D 885 27.33 -5.54 -18.99
CA ILE D 885 27.05 -4.48 -19.95
C ILE D 885 27.68 -4.87 -21.28
N VAL D 886 26.97 -4.60 -22.37
CA VAL D 886 27.50 -4.84 -23.71
C VAL D 886 28.69 -3.91 -23.94
N ARG D 887 29.86 -4.50 -24.22
CA ARG D 887 31.08 -3.72 -24.33
C ARG D 887 31.67 -3.67 -25.73
N GLU D 888 31.51 -4.72 -26.53
CA GLU D 888 32.02 -4.71 -27.90
C GLU D 888 30.98 -5.23 -28.88
N HIS D 889 31.39 -5.44 -30.13
CA HIS D 889 30.47 -5.87 -31.17
C HIS D 889 30.59 -7.35 -31.51
N ASP D 890 31.79 -7.92 -31.38
CA ASP D 890 32.00 -9.32 -31.73
C ASP D 890 33.31 -9.80 -31.14
N CYS D 891 33.27 -10.93 -30.44
CA CYS D 891 34.47 -11.55 -29.89
C CYS D 891 35.06 -12.62 -30.80
N GLN D 892 34.39 -12.94 -31.90
CA GLN D 892 34.88 -13.91 -32.88
C GLN D 892 35.16 -15.28 -32.25
N THR D 893 34.31 -15.68 -31.31
CA THR D 893 34.45 -16.98 -30.67
C THR D 893 33.78 -18.05 -31.53
N GLU D 894 34.10 -19.31 -31.21
CA GLU D 894 33.57 -20.44 -31.95
C GLU D 894 32.69 -21.37 -31.12
N ARG D 895 32.57 -21.14 -29.82
CA ARG D 895 31.74 -22.00 -28.98
C ARG D 895 30.27 -21.64 -29.15
N GLY D 896 29.41 -22.46 -28.56
CA GLY D 896 27.99 -22.23 -28.64
C GLY D 896 27.24 -23.27 -27.86
N ILE D 897 25.92 -23.26 -28.00
CA ILE D 897 25.07 -24.24 -27.35
C ILE D 897 24.16 -24.87 -28.40
N VAL D 898 23.58 -26.01 -28.05
CA VAL D 898 22.75 -26.79 -28.95
C VAL D 898 21.28 -26.59 -28.58
N VAL D 899 20.44 -26.35 -29.58
CA VAL D 899 19.03 -26.09 -29.40
C VAL D 899 18.24 -27.20 -30.09
N GLU D 900 17.18 -27.67 -29.42
CA GLU D 900 16.47 -28.86 -29.89
C GLU D 900 15.79 -28.61 -31.22
N LEU D 901 14.87 -27.65 -31.28
CA LEU D 901 14.22 -27.22 -32.51
C LEU D 901 13.51 -28.39 -33.19
N ALA D 902 12.46 -28.87 -32.51
CA ALA D 902 11.50 -29.83 -33.03
C ALA D 902 12.09 -31.23 -33.09
N GLU D 903 11.22 -32.25 -33.07
CA GLU D 903 11.63 -33.64 -33.13
C GLU D 903 10.70 -34.39 -34.07
N ARG D 904 11.19 -35.52 -34.56
CA ARG D 904 10.47 -36.31 -35.56
C ARG D 904 9.73 -37.46 -34.91
N ALA D 905 8.55 -37.76 -35.43
CA ALA D 905 7.75 -38.89 -34.97
C ALA D 905 8.24 -40.17 -35.64
N PRO D 906 7.91 -41.34 -35.07
CA PRO D 906 8.31 -42.60 -35.69
C PRO D 906 7.80 -42.75 -37.12
N ASP D 907 6.61 -42.20 -37.42
CA ASP D 907 6.07 -42.29 -38.77
C ASP D 907 6.96 -41.54 -39.77
N GLY D 908 7.47 -40.39 -39.37
CA GLY D 908 8.33 -39.60 -40.24
C GLY D 908 7.84 -38.18 -40.46
N THR D 909 7.03 -37.68 -39.53
CA THR D 909 6.51 -36.32 -39.57
C THR D 909 7.07 -35.53 -38.39
N LEU D 910 7.64 -34.36 -38.66
CA LEU D 910 8.26 -33.58 -37.60
C LEU D 910 7.20 -32.95 -36.70
N ILE D 911 7.50 -32.91 -35.41
CA ILE D 911 6.66 -32.26 -34.40
C ILE D 911 7.41 -31.03 -33.89
N ARG D 912 6.82 -29.86 -34.12
CA ARG D 912 7.44 -28.62 -33.65
C ARG D 912 7.55 -28.60 -32.14
N ASP D 913 8.68 -28.12 -31.65
CA ASP D 913 8.92 -28.06 -30.21
C ASP D 913 7.91 -27.11 -29.56
N PRO D 914 7.23 -27.52 -28.49
CA PRO D 914 6.25 -26.62 -27.86
C PRO D 914 6.87 -25.33 -27.33
N TYR D 915 8.13 -25.37 -26.90
CA TYR D 915 8.82 -24.20 -26.37
C TYR D 915 9.95 -23.84 -27.32
N ILE D 916 9.61 -23.07 -28.36
CA ILE D 916 10.60 -22.64 -29.35
C ILE D 916 10.64 -21.14 -29.52
N GLU D 917 9.61 -20.39 -29.11
CA GLU D 917 9.66 -18.94 -29.19
C GLU D 917 10.59 -18.36 -28.13
N THR D 918 10.78 -19.06 -27.02
CA THR D 918 11.59 -18.58 -25.92
C THR D 918 12.91 -19.33 -25.78
N SER D 919 13.30 -20.11 -26.79
CA SER D 919 14.57 -20.82 -26.76
C SER D 919 15.38 -20.74 -28.03
N ALA D 920 14.76 -20.48 -29.19
CA ALA D 920 15.51 -20.50 -30.44
C ALA D 920 15.33 -19.22 -31.24
N TYR D 921 14.18 -18.56 -31.08
CA TYR D 921 13.97 -17.30 -31.78
C TYR D 921 14.88 -16.22 -31.21
N ALA D 922 15.29 -15.29 -32.08
CA ALA D 922 16.12 -14.15 -31.71
C ALA D 922 17.47 -14.61 -31.16
N ARG D 923 18.21 -15.32 -32.01
CA ARG D 923 19.53 -15.82 -31.67
C ARG D 923 20.41 -15.77 -32.90
N THR D 924 21.72 -15.87 -32.68
CA THR D 924 22.70 -15.82 -33.75
C THR D 924 23.32 -17.20 -33.92
N LEU D 925 23.41 -17.67 -35.17
CA LEU D 925 23.96 -18.99 -35.40
C LEU D 925 25.47 -19.01 -35.14
N GLY D 926 25.97 -20.17 -34.76
CA GLY D 926 27.39 -20.35 -34.51
C GLY D 926 28.08 -21.14 -35.59
N THR D 927 27.37 -22.12 -36.16
CA THR D 927 27.85 -22.92 -37.27
C THR D 927 26.77 -23.00 -38.33
N ASP D 928 27.20 -23.16 -39.58
CA ASP D 928 26.26 -23.22 -40.69
C ASP D 928 25.38 -24.46 -40.59
N ALA D 929 24.13 -24.32 -41.04
CA ALA D 929 23.16 -25.40 -41.00
C ALA D 929 23.22 -26.16 -42.31
N VAL D 930 23.75 -27.39 -42.27
CA VAL D 930 23.84 -28.25 -43.43
C VAL D 930 22.80 -29.35 -43.31
N ASP D 931 22.56 -30.04 -44.43
CA ASP D 931 21.56 -31.10 -44.48
C ASP D 931 21.98 -32.11 -45.53
N GLU D 932 21.86 -33.40 -45.18
CA GLU D 932 22.19 -34.54 -46.03
C GLU D 932 23.44 -34.28 -46.88
N ALA D 933 24.47 -33.76 -46.21
CA ALA D 933 25.76 -33.47 -46.84
C ALA D 933 25.60 -32.59 -48.09
N GLY D 934 24.66 -31.66 -48.03
CA GLY D 934 24.36 -30.82 -49.17
C GLY D 934 24.77 -29.38 -48.98
N ASN D 935 24.02 -28.47 -49.59
CA ASN D 935 24.33 -27.04 -49.53
C ASN D 935 23.92 -26.47 -48.18
N VAL D 936 24.04 -25.16 -48.03
CA VAL D 936 23.67 -24.46 -46.81
C VAL D 936 22.46 -23.59 -47.09
N ILE D 937 21.52 -23.55 -46.14
CA ILE D 937 20.31 -22.75 -46.27
C ILE D 937 20.49 -21.37 -45.64
N VAL D 938 21.07 -21.33 -44.44
CA VAL D 938 21.40 -20.08 -43.77
C VAL D 938 22.87 -20.14 -43.36
N GLU D 939 23.45 -18.97 -43.16
CA GLU D 939 24.87 -18.83 -42.90
C GLU D 939 25.14 -18.40 -41.47
N ARG D 940 26.40 -18.56 -41.07
CA ARG D 940 26.84 -18.19 -39.74
C ARG D 940 26.69 -16.68 -39.51
N GLY D 941 26.13 -16.32 -38.36
CA GLY D 941 25.97 -14.93 -38.00
C GLY D 941 24.71 -14.29 -38.52
N GLN D 942 23.59 -15.00 -38.44
CA GLN D 942 22.31 -14.50 -38.90
C GLN D 942 21.26 -14.70 -37.81
N ASP D 943 20.40 -13.69 -37.65
CA ASP D 943 19.33 -13.80 -36.66
C ASP D 943 18.32 -14.86 -37.07
N LEU D 944 17.66 -15.43 -36.09
CA LEU D 944 16.71 -16.52 -36.30
C LEU D 944 15.28 -15.98 -36.15
N GLY D 945 14.75 -15.47 -37.25
CA GLY D 945 13.35 -15.11 -37.33
C GLY D 945 12.51 -16.30 -37.71
N ASP D 946 11.24 -16.02 -38.02
CA ASP D 946 10.40 -17.13 -38.47
C ASP D 946 10.73 -17.62 -39.89
N PRO D 947 11.18 -16.77 -40.84
CA PRO D 947 11.55 -17.35 -42.15
C PRO D 947 12.71 -18.32 -42.06
N GLU D 948 13.76 -17.97 -41.30
CA GLU D 948 14.87 -18.88 -41.12
C GLU D 948 14.44 -20.17 -40.43
N ILE D 949 13.56 -20.04 -39.43
CA ILE D 949 13.11 -21.22 -38.69
C ILE D 949 12.34 -22.17 -39.62
N ASP D 950 11.42 -21.63 -40.41
CA ASP D 950 10.66 -22.50 -41.30
C ASP D 950 11.53 -23.06 -42.42
N ALA D 951 12.50 -22.29 -42.92
CA ALA D 951 13.42 -22.81 -43.92
C ALA D 951 14.24 -23.96 -43.37
N LEU D 952 14.71 -23.83 -42.13
CA LEU D 952 15.44 -24.93 -41.50
C LEU D 952 14.54 -26.15 -41.32
N LEU D 953 13.29 -25.93 -40.90
CA LEU D 953 12.40 -27.03 -40.61
C LEU D 953 11.96 -27.77 -41.87
N ALA D 954 11.80 -27.05 -42.98
CA ALA D 954 11.37 -27.64 -44.24
C ALA D 954 12.51 -28.26 -45.04
N ALA D 955 13.63 -28.58 -44.39
CA ALA D 955 14.75 -29.23 -45.05
C ALA D 955 15.29 -30.43 -44.31
N GLY D 956 14.69 -30.80 -43.18
CA GLY D 956 15.13 -31.97 -42.44
C GLY D 956 16.29 -31.70 -41.51
N ILE D 957 16.19 -30.64 -40.73
CA ILE D 957 17.21 -30.25 -39.75
C ILE D 957 16.53 -30.10 -38.41
N THR D 958 17.09 -30.73 -37.38
CA THR D 958 16.59 -30.59 -36.02
C THR D 958 17.59 -29.89 -35.11
N GLN D 959 18.80 -30.42 -34.98
CA GLN D 959 19.79 -29.83 -34.09
C GLN D 959 20.41 -28.59 -34.74
N VAL D 960 20.49 -27.50 -33.98
CA VAL D 960 21.14 -26.28 -34.44
C VAL D 960 22.06 -25.79 -33.32
N LYS D 961 23.08 -25.03 -33.71
CA LYS D 961 24.04 -24.46 -32.78
C LYS D 961 23.94 -22.95 -32.83
N VAL D 962 23.64 -22.34 -31.69
CA VAL D 962 23.45 -20.89 -31.60
C VAL D 962 24.56 -20.31 -30.74
N ARG D 963 24.60 -18.99 -30.66
CA ARG D 963 25.56 -18.28 -29.82
C ARG D 963 24.84 -17.71 -28.61
N SER D 964 25.35 -18.03 -27.42
CA SER D 964 24.70 -17.65 -26.18
C SER D 964 25.69 -16.92 -25.29
N VAL D 965 25.13 -16.14 -24.35
CA VAL D 965 25.93 -15.35 -23.43
C VAL D 965 26.74 -16.22 -22.48
N LEU D 966 26.33 -17.46 -22.27
CA LEU D 966 27.04 -18.35 -21.35
C LEU D 966 28.45 -18.68 -21.83
N THR D 967 28.73 -18.54 -23.11
CA THR D 967 30.02 -18.93 -23.69
C THR D 967 30.66 -17.77 -24.44
N CYS D 968 30.64 -16.58 -23.86
CA CYS D 968 31.28 -15.42 -24.45
C CYS D 968 32.73 -15.32 -23.99
N ALA D 969 33.58 -14.81 -24.87
CA ALA D 969 35.01 -14.69 -24.59
C ALA D 969 35.41 -13.31 -24.10
N THR D 970 34.47 -12.37 -23.98
CA THR D 970 34.81 -11.02 -23.55
C THR D 970 35.19 -11.01 -22.07
N SER D 971 36.25 -10.27 -21.75
CA SER D 971 36.75 -10.23 -20.37
C SER D 971 35.73 -9.58 -19.43
N THR D 972 35.38 -8.33 -19.69
CA THR D 972 34.44 -7.59 -18.86
C THR D 972 33.18 -7.32 -19.66
N GLY D 973 32.04 -7.72 -19.10
CA GLY D 973 30.78 -7.57 -19.82
C GLY D 973 30.64 -8.60 -20.91
N VAL D 974 29.74 -8.32 -21.85
CA VAL D 974 29.43 -9.23 -22.95
C VAL D 974 29.51 -8.44 -24.25
N CYS D 975 29.46 -9.17 -25.36
CA CYS D 975 29.46 -8.58 -26.69
C CYS D 975 28.06 -8.65 -27.29
N ALA D 976 27.84 -7.83 -28.32
CA ALA D 976 26.50 -7.67 -28.88
C ALA D 976 26.08 -8.89 -29.68
N THR D 977 27.00 -9.52 -30.41
CA THR D 977 26.64 -10.66 -31.24
C THR D 977 26.22 -11.87 -30.42
N CYS D 978 26.91 -12.14 -29.32
CA CYS D 978 26.57 -13.29 -28.49
C CYS D 978 25.21 -13.11 -27.82
N TYR D 979 24.92 -11.90 -27.32
CA TYR D 979 23.62 -11.67 -26.68
C TYR D 979 22.48 -11.87 -27.67
N GLY D 980 22.58 -11.27 -28.85
CA GLY D 980 21.57 -11.49 -29.87
C GLY D 980 20.78 -10.26 -30.25
N ARG D 981 19.46 -10.35 -30.15
CA ARG D 981 18.56 -9.28 -30.52
C ARG D 981 17.87 -8.73 -29.29
N SER D 982 17.72 -7.41 -29.25
CA SER D 982 17.01 -6.77 -28.15
C SER D 982 15.50 -6.95 -28.34
N MET D 983 14.83 -7.44 -27.29
CA MET D 983 13.41 -7.73 -27.40
C MET D 983 12.57 -6.47 -27.52
N ALA D 984 13.03 -5.35 -26.94
CA ALA D 984 12.22 -4.15 -26.91
C ALA D 984 12.17 -3.45 -28.25
N THR D 985 13.25 -3.52 -29.04
CA THR D 985 13.30 -2.81 -30.30
C THR D 985 13.28 -3.72 -31.52
N GLY D 986 13.71 -4.97 -31.40
CA GLY D 986 13.65 -5.90 -32.50
C GLY D 986 14.85 -5.92 -33.41
N LYS D 987 15.95 -5.28 -33.03
CA LYS D 987 17.18 -5.32 -33.82
C LYS D 987 18.34 -5.74 -32.93
N LEU D 988 19.56 -5.73 -33.46
CA LEU D 988 20.71 -6.11 -32.66
C LEU D 988 20.91 -5.11 -31.53
N VAL D 989 21.67 -5.54 -30.52
CA VAL D 989 21.81 -4.75 -29.30
C VAL D 989 22.80 -3.60 -29.55
N ASP D 990 22.73 -2.60 -28.68
CA ASP D 990 23.55 -1.41 -28.78
C ASP D 990 24.72 -1.48 -27.80
N ILE D 991 25.90 -1.09 -28.26
CA ILE D 991 27.08 -1.12 -27.39
C ILE D 991 26.89 -0.12 -26.26
N GLY D 992 26.82 -0.63 -25.04
CA GLY D 992 26.59 0.21 -23.87
C GLY D 992 25.31 -0.07 -23.14
N GLU D 993 24.46 -1.00 -23.60
CA GLU D 993 23.21 -1.24 -22.93
C GLU D 993 23.44 -2.00 -21.62
N ALA D 994 22.46 -1.93 -20.73
CA ALA D 994 22.54 -2.58 -19.42
C ALA D 994 21.68 -3.84 -19.40
N VAL D 995 22.12 -4.85 -20.15
CA VAL D 995 21.42 -6.12 -20.24
C VAL D 995 21.27 -6.80 -18.88
N GLY D 996 21.95 -6.32 -17.85
CA GLY D 996 21.95 -6.95 -16.55
C GLY D 996 20.73 -6.60 -15.71
N ILE D 997 20.33 -5.33 -15.75
CA ILE D 997 19.18 -4.90 -14.97
C ILE D 997 17.87 -5.36 -15.59
N VAL D 998 17.83 -5.51 -16.92
CA VAL D 998 16.58 -5.95 -17.55
C VAL D 998 16.33 -7.41 -17.23
N ALA D 999 17.39 -8.19 -16.99
CA ALA D 999 17.21 -9.60 -16.71
C ALA D 999 16.70 -9.77 -15.29
N ALA D 1000 17.01 -8.84 -14.41
CA ALA D 1000 16.52 -8.90 -13.03
C ALA D 1000 15.17 -8.23 -12.90
N GLN D 1001 14.83 -7.32 -13.80
CA GLN D 1001 13.52 -6.67 -13.81
C GLN D 1001 12.55 -7.38 -14.73
N SER D 1002 12.92 -8.56 -15.22
CA SER D 1002 12.03 -9.40 -16.01
C SER D 1002 11.61 -10.63 -15.25
N ILE D 1003 12.55 -11.29 -14.55
CA ILE D 1003 12.23 -12.54 -13.89
C ILE D 1003 11.45 -12.29 -12.61
N GLY D 1004 11.46 -11.05 -12.11
CA GLY D 1004 10.82 -10.73 -10.85
C GLY D 1004 9.53 -9.96 -10.99
N GLU D 1005 9.35 -9.31 -12.14
CA GLU D 1005 8.08 -8.64 -12.45
C GLU D 1005 6.87 -9.54 -12.28
N PRO D 1006 6.86 -10.79 -12.76
CA PRO D 1006 5.64 -11.62 -12.65
C PRO D 1006 5.81 -12.70 -11.60
N GLY D 1007 6.03 -12.29 -10.35
CA GLY D 1007 6.25 -13.25 -9.29
C GLY D 1007 5.17 -13.21 -8.23
N THR D 1008 4.23 -12.27 -8.37
CA THR D 1008 3.09 -12.20 -7.47
C THR D 1008 1.90 -12.98 -8.01
N GLN D 1009 2.04 -13.55 -9.20
CA GLN D 1009 1.03 -14.37 -9.86
C GLN D 1009 1.31 -15.85 -9.68
N LEU D 1010 2.39 -16.22 -9.00
CA LEU D 1010 2.80 -17.61 -8.84
C LEU D 1010 2.02 -18.21 -7.67
N THR D 1011 0.78 -18.59 -7.96
CA THR D 1011 -0.16 -19.11 -6.97
C THR D 1011 0.16 -20.57 -6.71
N MET D 1012 1.16 -20.80 -5.85
CA MET D 1012 1.51 -22.15 -5.43
C MET D 1012 1.96 -22.16 -3.97
N THR D 1025 8.63 -29.15 -4.27
CA THR D 1025 8.34 -27.72 -4.13
C THR D 1025 7.95 -27.10 -5.46
N GLY D 1026 7.19 -26.03 -5.39
CA GLY D 1026 6.78 -25.28 -6.57
C GLY D 1026 6.50 -23.85 -6.18
N GLY D 1027 6.64 -22.95 -7.15
CA GLY D 1027 6.48 -21.55 -6.84
C GLY D 1027 7.77 -20.90 -6.38
N LEU D 1028 7.63 -19.64 -5.95
CA LEU D 1028 8.76 -18.87 -5.43
C LEU D 1028 9.69 -19.70 -4.54
N PRO D 1029 9.20 -20.48 -3.54
CA PRO D 1029 10.10 -21.39 -2.80
C PRO D 1029 11.14 -22.08 -3.69
N ARG D 1030 10.63 -22.62 -4.80
CA ARG D 1030 11.48 -23.36 -5.72
C ARG D 1030 12.40 -22.41 -6.46
N VAL D 1031 11.83 -21.33 -7.00
CA VAL D 1031 12.67 -20.36 -7.71
C VAL D 1031 13.87 -19.98 -6.85
N GLN D 1032 13.64 -19.77 -5.56
CA GLN D 1032 14.75 -19.33 -4.72
C GLN D 1032 15.65 -20.49 -4.29
N GLU D 1033 15.16 -21.73 -4.37
CA GLU D 1033 16.05 -22.85 -4.09
C GLU D 1033 16.79 -23.28 -5.34
N LEU D 1034 16.59 -22.56 -6.44
CA LEU D 1034 17.33 -22.76 -7.67
C LEU D 1034 18.15 -21.53 -8.03
N PHE D 1035 17.95 -20.44 -7.30
CA PHE D 1035 18.72 -19.21 -7.43
C PHE D 1035 19.70 -19.19 -6.26
N GLU D 1036 19.21 -18.97 -5.05
CA GLU D 1036 20.08 -19.00 -3.88
C GLU D 1036 20.56 -20.42 -3.59
N ALA D 1037 21.04 -21.10 -4.65
CA ALA D 1037 21.47 -22.50 -4.68
C ALA D 1037 21.73 -23.12 -3.31
N ARG D 1038 20.80 -23.95 -2.85
CA ARG D 1038 20.92 -24.67 -1.59
C ARG D 1038 20.44 -26.09 -1.80
N VAL D 1039 20.68 -26.92 -0.79
CA VAL D 1039 20.27 -28.33 -0.88
C VAL D 1039 18.75 -28.41 -0.82
N PRO D 1040 18.11 -29.15 -1.74
CA PRO D 1040 16.64 -29.17 -1.79
C PRO D 1040 16.02 -29.92 -0.62
N ARG D 1041 14.73 -30.23 -0.72
CA ARG D 1041 14.06 -31.02 0.32
C ARG D 1041 14.28 -32.51 0.06
N GLY D 1042 13.62 -33.05 -0.97
CA GLY D 1042 13.86 -34.43 -1.31
C GLY D 1042 14.94 -34.61 -2.36
N LYS D 1043 16.18 -34.77 -1.92
CA LYS D 1043 17.31 -34.91 -2.84
C LYS D 1043 17.29 -36.31 -3.45
N ALA D 1044 17.20 -36.38 -4.77
CA ALA D 1044 17.26 -37.71 -5.39
C ALA D 1044 18.66 -37.98 -5.93
N PRO D 1045 19.28 -39.10 -5.58
CA PRO D 1045 20.65 -39.36 -6.02
C PRO D 1045 20.71 -39.54 -7.54
N ILE D 1046 21.92 -39.36 -8.08
CA ILE D 1046 22.17 -39.55 -9.51
C ILE D 1046 23.24 -40.62 -9.67
N ALA D 1047 23.27 -41.22 -10.86
CA ALA D 1047 24.18 -42.34 -11.13
C ALA D 1047 25.60 -41.83 -11.32
N ASP D 1048 26.49 -42.24 -10.42
CA ASP D 1048 27.88 -41.78 -10.46
C ASP D 1048 28.63 -42.33 -11.67
N VAL D 1049 28.52 -43.63 -11.91
CA VAL D 1049 29.23 -44.28 -13.02
C VAL D 1049 28.27 -45.22 -13.73
N THR D 1050 28.20 -45.09 -15.06
CA THR D 1050 27.31 -45.91 -15.88
C THR D 1050 27.46 -47.39 -15.52
N GLY D 1051 26.34 -48.02 -15.20
CA GLY D 1051 26.39 -49.41 -14.78
C GLY D 1051 25.00 -49.95 -14.54
N ARG D 1052 24.95 -51.27 -14.31
CA ARG D 1052 23.71 -51.93 -13.95
C ARG D 1052 23.37 -51.60 -12.50
N VAL D 1053 22.20 -52.03 -12.04
CA VAL D 1053 21.77 -51.64 -10.69
C VAL D 1053 21.65 -52.87 -9.81
N ARG D 1054 21.61 -52.62 -8.49
CA ARG D 1054 21.42 -53.64 -7.48
C ARG D 1054 20.21 -53.34 -6.60
N LEU D 1055 19.06 -53.06 -7.21
CA LEU D 1055 17.85 -52.71 -6.48
C LEU D 1055 17.28 -53.82 -5.58
N GLU D 1056 17.51 -53.70 -4.28
CA GLU D 1056 16.96 -54.63 -3.30
C GLU D 1056 15.87 -53.92 -2.50
N ASP D 1057 14.81 -54.67 -2.20
CA ASP D 1057 13.67 -54.17 -1.44
C ASP D 1057 13.81 -54.48 0.05
N GLY D 1058 13.75 -53.43 0.88
CA GLY D 1058 13.92 -53.54 2.29
C GLY D 1058 12.62 -53.29 3.04
N GLU D 1059 12.75 -52.96 4.33
CA GLU D 1059 11.55 -52.81 5.13
C GLU D 1059 10.95 -51.42 5.00
N ARG D 1060 11.74 -50.39 5.30
CA ARG D 1060 11.31 -49.01 5.14
C ARG D 1060 12.29 -48.19 4.30
N PHE D 1061 13.41 -48.77 3.89
CA PHE D 1061 14.43 -48.06 3.13
C PHE D 1061 15.04 -49.01 2.11
N TYR D 1062 15.14 -48.56 0.86
CA TYR D 1062 15.84 -49.36 -0.13
C TYR D 1062 17.34 -49.20 0.08
N LYS D 1063 18.14 -49.89 -0.73
CA LYS D 1063 19.60 -49.73 -0.68
C LYS D 1063 20.14 -50.26 -2.01
N ILE D 1064 20.38 -49.36 -2.96
CA ILE D 1064 21.01 -49.76 -4.20
C ILE D 1064 22.51 -49.60 -4.00
N THR D 1065 23.31 -50.09 -4.94
CA THR D 1065 24.75 -49.86 -4.88
C THR D 1065 25.32 -49.84 -6.30
N ILE D 1066 24.46 -50.17 -7.27
CA ILE D 1066 24.77 -50.15 -8.70
C ILE D 1066 25.82 -51.21 -9.03
N VAL D 1067 25.88 -51.63 -10.28
CA VAL D 1067 26.87 -52.59 -10.76
C VAL D 1067 27.92 -51.82 -11.56
N PRO D 1068 29.20 -52.01 -11.31
CA PRO D 1068 30.21 -51.31 -12.11
C PRO D 1068 30.40 -51.93 -13.47
N ASP D 1069 29.84 -51.32 -14.51
CA ASP D 1069 30.04 -51.79 -15.88
C ASP D 1069 31.32 -51.25 -16.48
N ASP D 1070 32.18 -50.65 -15.64
CA ASP D 1070 33.49 -50.18 -16.02
C ASP D 1070 34.62 -51.02 -15.44
N GLY D 1071 34.42 -51.61 -14.26
CA GLY D 1071 35.42 -52.48 -13.67
C GLY D 1071 36.07 -51.89 -12.43
N GLY D 1072 35.27 -51.58 -11.42
CA GLY D 1072 35.76 -51.01 -10.19
C GLY D 1072 34.86 -51.34 -9.02
N GLU D 1073 34.78 -50.42 -8.06
CA GLU D 1073 33.95 -50.59 -6.87
C GLU D 1073 32.59 -49.94 -7.03
N GLU D 1074 31.54 -50.67 -6.64
CA GLU D 1074 30.17 -50.16 -6.74
C GLU D 1074 29.99 -48.95 -5.82
N VAL D 1075 29.42 -47.88 -6.37
CA VAL D 1075 29.08 -46.69 -5.58
C VAL D 1075 27.89 -46.99 -4.68
N VAL D 1076 28.14 -47.18 -3.38
CA VAL D 1076 27.07 -47.56 -2.46
C VAL D 1076 26.13 -46.38 -2.26
N TYR D 1077 25.04 -46.37 -3.03
CA TYR D 1077 24.00 -45.35 -2.91
C TYR D 1077 22.80 -45.93 -2.16
N ASP D 1078 22.94 -46.06 -0.85
CA ASP D 1078 21.96 -46.75 -0.03
C ASP D 1078 21.30 -45.79 0.95
N LYS D 1079 20.43 -46.36 1.79
CA LYS D 1079 19.68 -45.69 2.85
C LYS D 1079 18.58 -44.75 2.34
N ILE D 1080 18.23 -44.81 1.05
CA ILE D 1080 17.12 -44.01 0.56
C ILE D 1080 15.82 -44.51 1.19
N SER D 1081 14.91 -43.58 1.47
CA SER D 1081 13.67 -43.92 2.14
C SER D 1081 12.66 -44.52 1.17
N LYS D 1082 11.58 -45.07 1.73
CA LYS D 1082 10.52 -45.64 0.92
C LYS D 1082 9.52 -44.59 0.44
N ARG D 1083 9.31 -43.54 1.24
CA ARG D 1083 8.33 -42.50 0.89
C ARG D 1083 8.52 -42.05 -0.54
N GLN D 1084 9.67 -41.45 -0.83
CA GLN D 1084 10.00 -41.07 -2.20
C GLN D 1084 9.99 -42.31 -3.10
N ARG D 1085 9.26 -42.21 -4.20
CA ARG D 1085 9.08 -43.32 -5.13
C ARG D 1085 10.31 -43.46 -6.02
N LEU D 1086 10.17 -44.25 -7.09
CA LEU D 1086 11.20 -44.43 -8.09
C LEU D 1086 10.75 -43.73 -9.37
N ARG D 1087 11.68 -43.57 -10.31
CA ARG D 1087 11.39 -42.77 -11.48
C ARG D 1087 11.09 -43.63 -12.70
N VAL D 1088 11.01 -42.97 -13.85
CA VAL D 1088 10.74 -43.61 -15.14
C VAL D 1088 11.57 -42.86 -16.18
N PHE D 1089 12.67 -43.44 -16.59
CA PHE D 1089 13.57 -42.81 -17.55
C PHE D 1089 13.21 -43.27 -18.95
N LYS D 1090 14.11 -43.04 -19.91
CA LYS D 1090 13.97 -43.55 -21.26
C LYS D 1090 14.96 -44.70 -21.42
N HIS D 1091 14.74 -45.77 -20.65
CA HIS D 1091 15.64 -46.92 -20.59
C HIS D 1091 15.94 -47.51 -21.96
N GLU D 1092 17.04 -48.27 -22.04
CA GLU D 1092 17.47 -48.89 -23.29
C GLU D 1092 16.41 -49.84 -23.85
N ASP D 1093 15.63 -50.49 -22.99
CA ASP D 1093 14.54 -51.35 -23.47
C ASP D 1093 13.49 -50.56 -24.24
N GLY D 1094 13.27 -49.30 -23.90
CA GLY D 1094 12.34 -48.52 -24.68
C GLY D 1094 10.99 -48.29 -24.02
N SER D 1095 11.00 -47.93 -22.74
CA SER D 1095 9.76 -47.72 -22.00
C SER D 1095 10.10 -47.05 -20.67
N GLU D 1096 9.04 -46.68 -19.94
CA GLU D 1096 9.17 -46.06 -18.63
C GLU D 1096 9.46 -47.10 -17.54
N ARG D 1097 10.69 -47.58 -17.53
CA ARG D 1097 11.09 -48.62 -16.59
C ARG D 1097 11.32 -48.02 -15.21
N VAL D 1098 10.73 -48.66 -14.19
CA VAL D 1098 10.97 -48.32 -12.80
C VAL D 1098 12.09 -49.21 -12.30
N LEU D 1099 13.20 -48.58 -11.87
CA LEU D 1099 14.44 -49.25 -11.46
C LEU D 1099 14.23 -50.68 -10.98
N SER D 1100 14.66 -51.64 -11.79
CA SER D 1100 14.58 -53.06 -11.48
C SER D 1100 16.00 -53.61 -11.43
N ASP D 1101 16.34 -54.27 -10.31
CA ASP D 1101 17.66 -54.89 -10.14
C ASP D 1101 18.09 -55.57 -11.44
N GLY D 1102 19.10 -54.99 -12.09
CA GLY D 1102 19.51 -55.45 -13.40
C GLY D 1102 19.05 -54.47 -14.47
N ASP D 1103 19.36 -53.19 -14.29
CA ASP D 1103 18.94 -52.14 -15.21
C ASP D 1103 20.13 -51.26 -15.56
N HIS D 1104 20.37 -51.07 -16.86
CA HIS D 1104 21.53 -50.34 -17.36
C HIS D 1104 21.27 -48.84 -17.35
N VAL D 1105 21.45 -48.23 -16.18
CA VAL D 1105 21.32 -46.78 -16.05
C VAL D 1105 22.62 -46.12 -16.45
N GLU D 1106 22.53 -44.91 -16.98
CA GLU D 1106 23.67 -44.18 -17.49
C GLU D 1106 24.08 -43.06 -16.53
N VAL D 1107 25.26 -42.50 -16.79
CA VAL D 1107 25.83 -41.45 -15.94
C VAL D 1107 24.92 -40.23 -15.97
N GLY D 1108 24.14 -40.03 -14.92
CA GLY D 1108 23.33 -38.83 -14.82
C GLY D 1108 21.89 -39.18 -14.48
N GLN D 1109 21.59 -40.47 -14.47
CA GLN D 1109 20.22 -40.94 -14.27
C GLN D 1109 19.76 -40.67 -12.84
N GLN D 1110 18.69 -39.90 -12.71
CA GLN D 1110 18.06 -39.64 -11.43
C GLN D 1110 17.37 -40.91 -10.95
N LEU D 1111 18.03 -41.65 -10.07
CA LEU D 1111 17.51 -42.92 -9.58
C LEU D 1111 16.07 -42.78 -9.06
N MET D 1112 15.91 -42.01 -7.99
CA MET D 1112 14.61 -41.83 -7.35
C MET D 1112 13.82 -40.71 -8.02
N GLU D 1113 12.90 -40.10 -7.27
CA GLU D 1113 11.99 -39.07 -7.78
C GLU D 1113 12.02 -37.92 -6.79
N GLY D 1114 12.56 -36.78 -7.22
CA GLY D 1114 12.70 -35.63 -6.35
C GLY D 1114 13.82 -34.73 -6.85
N SER D 1115 13.72 -33.42 -6.58
CA SER D 1115 14.69 -32.47 -7.10
C SER D 1115 16.11 -32.89 -6.74
N ALA D 1116 16.98 -32.87 -7.74
CA ALA D 1116 18.36 -33.29 -7.54
C ALA D 1116 19.15 -32.16 -6.89
N ASP D 1117 20.44 -32.39 -6.69
CA ASP D 1117 21.29 -31.42 -6.02
C ASP D 1117 22.21 -30.76 -7.04
N PRO D 1118 22.25 -29.43 -7.13
CA PRO D 1118 23.09 -28.79 -8.14
C PRO D 1118 24.58 -28.88 -7.87
N HIS D 1119 25.01 -29.41 -6.73
CA HIS D 1119 26.42 -29.51 -6.43
C HIS D 1119 27.00 -30.88 -6.72
N GLU D 1120 26.17 -31.92 -6.68
CA GLU D 1120 26.63 -33.26 -7.08
C GLU D 1120 26.65 -33.40 -8.59
N VAL D 1121 25.64 -32.85 -9.27
CA VAL D 1121 25.59 -32.91 -10.72
C VAL D 1121 26.74 -32.16 -11.35
N LEU D 1122 27.39 -31.27 -10.59
CA LEU D 1122 28.49 -30.51 -11.16
C LEU D 1122 29.73 -31.38 -11.26
N ARG D 1123 30.04 -32.07 -10.17
CA ARG D 1123 31.23 -32.91 -10.16
C ARG D 1123 31.01 -34.15 -11.01
N VAL D 1124 29.79 -34.71 -10.98
CA VAL D 1124 29.54 -35.92 -11.75
C VAL D 1124 29.58 -35.63 -13.26
N GLN D 1125 28.88 -34.59 -13.72
CA GLN D 1125 28.76 -34.36 -15.15
C GLN D 1125 29.75 -33.32 -15.70
N GLY D 1126 29.75 -32.11 -15.15
CA GLY D 1126 30.56 -31.05 -15.71
C GLY D 1126 29.82 -29.73 -15.73
N PRO D 1127 30.53 -28.65 -16.05
CA PRO D 1127 29.90 -27.32 -15.99
C PRO D 1127 28.79 -27.11 -17.00
N ARG D 1128 28.86 -27.76 -18.17
CA ARG D 1128 27.87 -27.48 -19.21
C ARG D 1128 26.50 -28.04 -18.88
N GLU D 1129 26.41 -29.12 -18.11
CA GLU D 1129 25.10 -29.70 -17.84
C GLU D 1129 24.37 -29.04 -16.68
N VAL D 1130 25.10 -28.39 -15.76
CA VAL D 1130 24.43 -27.69 -14.69
C VAL D 1130 23.69 -26.47 -15.22
N GLN D 1131 24.18 -25.89 -16.31
CA GLN D 1131 23.52 -24.71 -16.83
C GLN D 1131 22.24 -25.07 -17.56
N ILE D 1132 22.18 -26.28 -18.11
CA ILE D 1132 20.95 -26.74 -18.74
C ILE D 1132 19.95 -27.14 -17.67
N HIS D 1133 20.42 -27.85 -16.64
CA HIS D 1133 19.53 -28.24 -15.56
C HIS D 1133 18.93 -27.00 -14.89
N LEU D 1134 19.73 -25.96 -14.69
CA LEU D 1134 19.23 -24.76 -14.02
C LEU D 1134 18.29 -23.97 -14.92
N VAL D 1135 18.69 -23.67 -16.16
CA VAL D 1135 17.83 -22.91 -17.06
C VAL D 1135 16.57 -23.67 -17.45
N ARG D 1136 16.51 -24.97 -17.18
CA ARG D 1136 15.29 -25.72 -17.45
C ARG D 1136 14.39 -25.81 -16.21
N GLU D 1137 14.99 -26.11 -15.05
CA GLU D 1137 14.21 -26.17 -13.82
C GLU D 1137 13.64 -24.81 -13.43
N VAL D 1138 14.31 -23.72 -13.82
CA VAL D 1138 13.74 -22.40 -13.55
C VAL D 1138 12.60 -22.09 -14.51
N GLN D 1139 12.73 -22.50 -15.78
CA GLN D 1139 11.70 -22.18 -16.75
C GLN D 1139 10.45 -23.02 -16.56
N GLU D 1140 10.56 -24.22 -16.00
CA GLU D 1140 9.38 -25.04 -15.76
C GLU D 1140 8.41 -24.35 -14.80
N VAL D 1141 8.93 -23.73 -13.74
CA VAL D 1141 8.08 -23.08 -12.75
C VAL D 1141 7.29 -21.94 -13.39
N TYR D 1142 7.95 -21.15 -14.24
CA TYR D 1142 7.28 -20.01 -14.87
C TYR D 1142 6.33 -20.46 -15.97
N ARG D 1143 6.67 -21.55 -16.67
CA ARG D 1143 5.81 -22.05 -17.74
C ARG D 1143 4.59 -22.78 -17.23
N ALA D 1144 4.62 -23.28 -15.98
CA ALA D 1144 3.45 -23.95 -15.43
C ALA D 1144 2.27 -22.99 -15.32
N GLN D 1145 2.51 -21.76 -14.88
CA GLN D 1145 1.44 -20.77 -14.71
C GLN D 1145 1.22 -19.89 -15.93
N GLY D 1146 1.94 -20.14 -17.02
CA GLY D 1146 1.68 -19.42 -18.26
C GLY D 1146 2.35 -18.06 -18.37
N VAL D 1147 3.60 -17.94 -17.95
CA VAL D 1147 4.37 -16.71 -18.08
C VAL D 1147 5.51 -16.98 -19.05
N SER D 1148 5.67 -16.10 -20.03
CA SER D 1148 6.65 -16.27 -21.10
C SER D 1148 7.84 -15.34 -20.87
N ILE D 1149 9.00 -15.91 -20.59
CA ILE D 1149 10.26 -15.19 -20.48
C ILE D 1149 11.29 -15.89 -21.35
N HIS D 1150 12.07 -15.11 -22.11
CA HIS D 1150 13.10 -15.69 -22.96
C HIS D 1150 14.20 -16.32 -22.13
N ASP D 1151 14.87 -17.33 -22.70
CA ASP D 1151 15.96 -18.00 -22.00
C ASP D 1151 17.18 -17.11 -21.86
N LYS D 1152 17.34 -16.09 -22.70
CA LYS D 1152 18.50 -15.22 -22.61
C LYS D 1152 18.48 -14.34 -21.38
N HIS D 1153 17.36 -14.26 -20.66
CA HIS D 1153 17.29 -13.46 -19.45
C HIS D 1153 17.73 -14.24 -18.21
N ILE D 1154 17.56 -15.56 -18.21
CA ILE D 1154 18.02 -16.38 -17.10
C ILE D 1154 19.49 -16.78 -17.27
N GLU D 1155 19.97 -16.83 -18.52
CA GLU D 1155 21.37 -17.16 -18.75
C GLU D 1155 22.29 -16.06 -18.23
N VAL D 1156 21.85 -14.80 -18.30
CA VAL D 1156 22.67 -13.71 -17.77
C VAL D 1156 22.91 -13.88 -16.28
N ILE D 1157 21.90 -14.33 -15.55
CA ILE D 1157 22.04 -14.51 -14.11
C ILE D 1157 22.76 -15.82 -13.77
N VAL D 1158 22.54 -16.87 -14.55
CA VAL D 1158 23.25 -18.13 -14.31
C VAL D 1158 24.74 -17.96 -14.59
N ARG D 1159 25.10 -17.13 -15.57
CA ARG D 1159 26.49 -16.90 -15.90
C ARG D 1159 27.28 -16.35 -14.71
N GLN D 1160 26.64 -15.54 -13.86
CA GLN D 1160 27.31 -14.95 -12.71
C GLN D 1160 27.43 -15.90 -11.53
N MET D 1161 26.71 -17.02 -11.54
CA MET D 1161 26.77 -17.99 -10.47
C MET D 1161 27.95 -18.95 -10.60
N LEU D 1162 28.59 -19.01 -11.77
CA LEU D 1162 29.74 -19.89 -12.03
C LEU D 1162 30.89 -19.03 -12.54
N ARG D 1163 31.63 -18.42 -11.62
CA ARG D 1163 32.73 -17.55 -12.00
C ARG D 1163 33.96 -17.69 -11.12
N ARG D 1164 33.97 -18.63 -10.18
CA ARG D 1164 35.04 -18.75 -9.20
C ARG D 1164 35.54 -20.17 -9.12
N VAL D 1165 36.73 -20.32 -8.57
CA VAL D 1165 37.43 -21.61 -8.48
C VAL D 1165 37.93 -21.79 -7.06
N THR D 1166 37.82 -23.01 -6.55
CA THR D 1166 38.27 -23.34 -5.20
C THR D 1166 39.63 -24.03 -5.26
N ILE D 1167 40.60 -23.49 -4.53
CA ILE D 1167 41.96 -24.01 -4.54
C ILE D 1167 42.01 -25.30 -3.72
N ILE D 1168 42.67 -26.32 -4.27
CA ILE D 1168 42.91 -27.57 -3.54
C ILE D 1168 44.26 -27.45 -2.85
N ASP D 1169 45.31 -27.24 -3.64
CA ASP D 1169 46.65 -27.01 -3.12
C ASP D 1169 47.26 -25.83 -3.87
N SER D 1170 47.95 -24.96 -3.12
CA SER D 1170 48.45 -23.72 -3.68
C SER D 1170 49.93 -23.79 -4.07
N GLY D 1171 50.70 -24.67 -3.45
CA GLY D 1171 52.12 -24.74 -3.74
C GLY D 1171 52.84 -23.46 -3.37
N SER D 1172 53.25 -22.70 -4.37
CA SER D 1172 53.96 -21.43 -4.18
C SER D 1172 53.29 -20.33 -5.01
N THR D 1173 51.96 -20.24 -4.91
CA THR D 1173 51.19 -19.27 -5.67
C THR D 1173 50.57 -18.20 -4.80
N GLU D 1174 50.87 -18.19 -3.50
CA GLU D 1174 50.33 -17.21 -2.55
C GLU D 1174 48.81 -17.28 -2.51
N PHE D 1175 48.29 -18.47 -2.21
CA PHE D 1175 46.86 -18.69 -2.09
C PHE D 1175 46.60 -19.58 -0.88
N LEU D 1176 45.45 -19.37 -0.25
CA LEU D 1176 45.02 -20.21 0.86
C LEU D 1176 44.12 -21.31 0.34
N PRO D 1177 44.44 -22.59 0.57
CA PRO D 1177 43.64 -23.66 -0.04
C PRO D 1177 42.25 -23.76 0.57
N GLY D 1178 41.24 -23.38 -0.20
CA GLY D 1178 39.86 -23.44 0.26
C GLY D 1178 39.10 -22.17 -0.02
N SER D 1179 39.79 -21.16 -0.56
CA SER D 1179 39.19 -19.88 -0.85
C SER D 1179 38.50 -19.89 -2.21
N LEU D 1180 37.91 -18.76 -2.57
CA LEU D 1180 37.18 -18.59 -3.83
C LEU D 1180 37.77 -17.41 -4.58
N ILE D 1181 38.40 -17.69 -5.73
CA ILE D 1181 39.04 -16.65 -6.53
C ILE D 1181 38.52 -16.73 -7.95
N ASP D 1182 38.61 -15.60 -8.65
CA ASP D 1182 38.12 -15.51 -10.01
C ASP D 1182 38.97 -16.35 -10.96
N ARG D 1183 38.34 -16.81 -12.05
CA ARG D 1183 39.04 -17.64 -13.02
C ARG D 1183 40.14 -16.86 -13.74
N ALA D 1184 39.87 -15.59 -14.06
CA ALA D 1184 40.87 -14.79 -14.77
C ALA D 1184 42.12 -14.61 -13.93
N GLU D 1185 41.97 -14.20 -12.68
CA GLU D 1185 43.11 -14.05 -11.79
C GLU D 1185 43.82 -15.37 -11.56
N PHE D 1186 43.05 -16.45 -11.39
CA PHE D 1186 43.63 -17.76 -11.18
C PHE D 1186 44.52 -18.17 -12.34
N GLU D 1187 44.01 -18.06 -13.57
CA GLU D 1187 44.82 -18.47 -14.72
C GLU D 1187 45.98 -17.51 -14.96
N ALA D 1188 45.81 -16.22 -14.68
CA ALA D 1188 46.93 -15.30 -14.81
C ALA D 1188 48.05 -15.65 -13.85
N GLU D 1189 47.72 -15.94 -12.59
CA GLU D 1189 48.73 -16.34 -11.62
C GLU D 1189 49.38 -17.66 -12.00
N ASN D 1190 48.57 -18.62 -12.47
CA ASN D 1190 49.12 -19.92 -12.86
C ASN D 1190 50.06 -19.79 -14.07
N ARG D 1191 49.77 -18.87 -14.98
CA ARG D 1191 50.68 -18.65 -16.10
C ARG D 1191 51.93 -17.88 -15.69
N ARG D 1192 51.79 -16.96 -14.74
CA ARG D 1192 52.95 -16.19 -14.28
C ARG D 1192 53.93 -17.08 -13.50
N VAL D 1193 53.41 -17.96 -12.65
CA VAL D 1193 54.29 -18.75 -11.78
C VAL D 1193 55.06 -19.78 -12.59
N VAL D 1194 54.39 -20.47 -13.52
CA VAL D 1194 55.07 -21.51 -14.28
C VAL D 1194 56.13 -20.90 -15.21
N ALA D 1195 55.95 -19.65 -15.62
CA ALA D 1195 56.89 -19.03 -16.54
C ALA D 1195 58.24 -18.72 -15.89
N GLU D 1196 58.30 -18.61 -14.56
CA GLU D 1196 59.54 -18.28 -13.88
C GLU D 1196 60.05 -19.43 -13.01
N GLY D 1197 59.26 -19.89 -12.05
CA GLY D 1197 59.69 -20.98 -11.19
C GLY D 1197 59.16 -22.33 -11.63
N GLY D 1198 57.85 -22.41 -11.81
CA GLY D 1198 57.21 -23.60 -12.33
C GLY D 1198 56.45 -24.35 -11.26
N GLU D 1199 55.14 -24.11 -11.19
CA GLU D 1199 54.22 -24.88 -10.37
C GLU D 1199 52.78 -24.59 -10.79
N PRO D 1200 52.01 -25.60 -11.15
CA PRO D 1200 50.59 -25.38 -11.42
C PRO D 1200 49.74 -25.55 -10.17
N ALA D 1201 48.91 -24.56 -9.86
CA ALA D 1201 47.99 -24.68 -8.74
C ALA D 1201 46.76 -25.47 -9.16
N ALA D 1202 46.07 -26.01 -8.16
CA ALA D 1202 44.89 -26.83 -8.38
C ALA D 1202 43.63 -26.01 -8.13
N GLY D 1203 42.56 -26.36 -8.85
CA GLY D 1203 41.30 -25.68 -8.68
C GLY D 1203 40.15 -26.35 -9.39
N ARG D 1204 39.02 -26.46 -8.70
CA ARG D 1204 37.82 -27.04 -9.28
C ARG D 1204 36.70 -26.01 -9.33
N PRO D 1205 35.84 -26.07 -10.34
CA PRO D 1205 34.77 -25.09 -10.45
C PRO D 1205 33.81 -25.20 -9.28
N VAL D 1206 33.16 -24.08 -8.94
CA VAL D 1206 32.25 -24.05 -7.80
C VAL D 1206 30.98 -23.31 -8.23
N LEU D 1207 29.92 -23.53 -7.46
CA LEU D 1207 28.63 -22.89 -7.67
C LEU D 1207 28.23 -22.15 -6.41
N MET D 1208 27.84 -20.88 -6.55
CA MET D 1208 27.48 -20.04 -5.43
C MET D 1208 26.05 -19.53 -5.60
N GLY D 1209 25.53 -18.93 -4.53
CA GLY D 1209 24.23 -18.31 -4.54
C GLY D 1209 24.29 -16.88 -5.05
N ILE D 1210 23.14 -16.20 -4.97
CA ILE D 1210 23.08 -14.81 -5.38
C ILE D 1210 23.38 -13.84 -4.24
N THR D 1211 23.43 -14.31 -3.00
CA THR D 1211 23.86 -13.47 -1.89
C THR D 1211 25.32 -13.64 -1.55
N LYS D 1212 25.89 -14.83 -1.75
CA LYS D 1212 27.31 -15.02 -1.49
C LYS D 1212 28.15 -14.50 -2.64
N ALA D 1213 27.61 -14.44 -3.85
CA ALA D 1213 28.33 -13.82 -4.95
C ALA D 1213 28.27 -12.30 -4.86
N SER D 1214 27.18 -11.76 -4.32
CA SER D 1214 27.06 -10.31 -4.17
C SER D 1214 27.83 -9.79 -2.98
N LEU D 1215 27.93 -10.57 -1.90
CA LEU D 1215 28.66 -10.12 -0.72
C LEU D 1215 30.16 -10.35 -0.81
N ALA D 1216 30.64 -10.97 -1.89
CA ALA D 1216 32.05 -11.28 -2.07
C ALA D 1216 32.62 -10.56 -3.29
N THR D 1217 32.15 -9.34 -3.52
CA THR D 1217 32.67 -8.54 -4.62
C THR D 1217 33.96 -7.83 -4.19
N ASP D 1218 34.55 -7.09 -5.13
CA ASP D 1218 35.84 -6.42 -4.91
C ASP D 1218 35.68 -4.93 -4.64
N SER D 1219 34.64 -4.55 -3.91
CA SER D 1219 34.41 -3.14 -3.56
C SER D 1219 33.60 -3.09 -2.28
N TRP D 1220 34.16 -2.49 -1.23
CA TRP D 1220 33.46 -2.45 0.05
C TRP D 1220 32.28 -1.49 0.03
N LEU D 1221 32.30 -0.49 -0.85
CA LEU D 1221 31.19 0.45 -0.91
C LEU D 1221 29.92 -0.20 -1.45
N SER D 1222 30.06 -1.07 -2.45
CA SER D 1222 28.89 -1.74 -3.01
C SER D 1222 28.38 -2.87 -2.13
N ALA D 1223 29.26 -3.51 -1.35
CA ALA D 1223 28.83 -4.58 -0.47
C ALA D 1223 28.30 -4.05 0.86
N ALA D 1224 28.77 -2.89 1.31
CA ALA D 1224 28.29 -2.33 2.57
C ALA D 1224 26.86 -1.83 2.46
N SER D 1225 26.41 -1.45 1.27
CA SER D 1225 25.06 -0.94 1.08
C SER D 1225 24.07 -2.04 0.72
N PHE D 1226 24.51 -3.30 0.64
CA PHE D 1226 23.61 -4.40 0.35
C PHE D 1226 23.10 -5.06 1.63
N GLN D 1227 24.01 -5.64 2.42
CA GLN D 1227 23.66 -6.32 3.65
C GLN D 1227 24.88 -6.38 4.55
N GLU D 1228 24.64 -6.59 5.84
CA GLU D 1228 25.67 -6.86 6.82
C GLU D 1228 26.77 -5.79 6.80
N THR D 1229 26.36 -4.57 7.14
CA THR D 1229 27.29 -3.44 7.06
C THR D 1229 28.45 -3.60 8.04
N THR D 1230 28.15 -4.04 9.26
CA THR D 1230 29.19 -4.11 10.29
C THR D 1230 30.28 -5.13 9.93
N ARG D 1231 29.87 -6.30 9.43
CA ARG D 1231 30.84 -7.34 9.11
C ARG D 1231 31.73 -6.93 7.95
N VAL D 1232 31.15 -6.39 6.89
CA VAL D 1232 31.94 -5.99 5.73
C VAL D 1232 32.84 -4.83 6.08
N LEU D 1233 32.37 -3.88 6.90
CA LEU D 1233 33.21 -2.76 7.30
C LEU D 1233 34.39 -3.24 8.16
N THR D 1234 34.14 -4.19 9.06
CA THR D 1234 35.23 -4.73 9.89
C THR D 1234 36.26 -5.45 9.03
N ASP D 1235 35.80 -6.28 8.10
CA ASP D 1235 36.73 -7.01 7.25
C ASP D 1235 37.54 -6.07 6.37
N ALA D 1236 36.89 -5.05 5.81
CA ALA D 1236 37.60 -4.08 4.98
C ALA D 1236 38.62 -3.29 5.80
N ALA D 1237 38.26 -2.90 7.02
CA ALA D 1237 39.20 -2.17 7.87
C ALA D 1237 40.41 -3.02 8.22
N ILE D 1238 40.18 -4.30 8.56
CA ILE D 1238 41.31 -5.17 8.89
C ILE D 1238 42.20 -5.39 7.67
N ASN D 1239 41.60 -5.62 6.50
CA ASN D 1239 42.37 -5.95 5.31
C ASN D 1239 42.92 -4.73 4.58
N CYS D 1240 42.49 -3.52 4.95
CA CYS D 1240 42.93 -2.28 4.32
C CYS D 1240 42.63 -2.31 2.81
N ARG D 1241 41.37 -2.50 2.49
CA ARG D 1241 40.94 -2.63 1.11
C ARG D 1241 40.81 -1.25 0.45
N SER D 1242 40.87 -1.25 -0.88
CA SER D 1242 40.75 -0.04 -1.68
C SER D 1242 39.67 -0.22 -2.73
N ASP D 1243 38.88 0.84 -2.95
CA ASP D 1243 37.79 0.84 -3.90
C ASP D 1243 38.17 1.71 -5.09
N LYS D 1244 37.98 1.19 -6.29
CA LYS D 1244 38.34 1.91 -7.50
C LYS D 1244 37.20 2.72 -8.10
N LEU D 1245 35.99 2.63 -7.54
CA LEU D 1245 34.84 3.39 -7.97
C LEU D 1245 34.59 3.22 -9.48
N ASN D 1246 34.30 1.97 -9.85
CA ASN D 1246 34.11 1.61 -11.26
C ASN D 1246 32.85 0.76 -11.43
N GLY D 1247 31.76 1.14 -10.76
CA GLY D 1247 30.51 0.43 -10.88
C GLY D 1247 29.33 1.39 -10.92
N LEU D 1248 28.14 0.81 -11.11
CA LEU D 1248 26.94 1.62 -11.18
C LEU D 1248 26.58 2.19 -9.82
N LYS D 1249 26.60 1.35 -8.77
CA LYS D 1249 26.17 1.79 -7.45
C LYS D 1249 27.12 2.83 -6.88
N GLU D 1250 28.43 2.62 -7.02
CA GLU D 1250 29.40 3.58 -6.48
C GLU D 1250 29.32 4.91 -7.20
N ASN D 1251 29.18 4.89 -8.53
CA ASN D 1251 29.06 6.13 -9.28
C ASN D 1251 27.77 6.86 -8.94
N VAL D 1252 26.70 6.12 -8.65
CA VAL D 1252 25.48 6.77 -8.16
C VAL D 1252 25.71 7.39 -6.79
N ILE D 1253 26.42 6.68 -5.91
CA ILE D 1253 26.59 7.14 -4.53
C ILE D 1253 27.44 8.41 -4.49
N ILE D 1254 28.58 8.41 -5.18
CA ILE D 1254 29.48 9.57 -5.11
C ILE D 1254 29.06 10.72 -6.00
N GLY D 1255 28.12 10.50 -6.92
CA GLY D 1255 27.60 11.58 -7.74
C GLY D 1255 28.33 11.76 -9.06
N LYS D 1256 28.46 10.68 -9.82
CA LYS D 1256 29.14 10.72 -11.11
C LYS D 1256 28.28 10.02 -12.17
N LEU D 1257 28.71 10.12 -13.42
CA LEU D 1257 28.00 9.49 -14.53
C LEU D 1257 28.25 7.99 -14.55
N ILE D 1258 27.17 7.22 -14.62
CA ILE D 1258 27.25 5.76 -14.63
C ILE D 1258 27.91 5.33 -15.94
N PRO D 1259 28.66 4.21 -15.95
CA PRO D 1259 29.34 3.75 -17.16
C PRO D 1259 28.46 2.89 -18.06
N ALA D 1260 27.28 3.40 -18.41
CA ALA D 1260 26.38 2.70 -19.31
C ALA D 1260 25.54 3.72 -20.05
N GLY D 1261 25.01 3.28 -21.19
CA GLY D 1261 24.17 4.17 -21.99
C GLY D 1261 24.97 5.34 -22.53
N THR D 1262 24.49 6.55 -22.25
CA THR D 1262 25.12 7.76 -22.77
C THR D 1262 26.29 8.23 -21.92
N GLY D 1263 26.61 7.54 -20.83
CA GLY D 1263 27.72 7.86 -19.96
C GLY D 1263 29.04 7.19 -20.29
N ILE D 1264 29.15 6.49 -21.41
CA ILE D 1264 30.38 5.81 -21.78
C ILE D 1264 31.19 6.71 -22.70
N ASN D 1265 32.48 6.38 -22.85
CA ASN D 1265 33.43 7.31 -23.45
C ASN D 1265 33.11 7.58 -24.91
N ARG D 1266 32.68 6.57 -25.66
CA ARG D 1266 32.45 6.75 -27.09
C ARG D 1266 31.39 7.81 -27.35
N TYR D 1267 30.30 7.79 -26.59
CA TYR D 1267 29.19 8.70 -26.80
C TYR D 1267 29.36 10.04 -26.08
N ARG D 1268 30.16 10.09 -25.02
CA ARG D 1268 30.30 11.31 -24.25
C ARG D 1268 31.26 12.31 -24.87
N ASN D 1269 32.09 11.88 -25.83
CA ASN D 1269 33.12 12.72 -26.44
C ASN D 1269 32.84 13.00 -27.90
N ILE D 1270 31.56 13.07 -28.28
CA ILE D 1270 31.19 13.37 -29.65
C ILE D 1270 31.41 14.84 -29.94
N ALA D 1271 32.05 15.14 -31.07
CA ALA D 1271 32.27 16.51 -31.51
C ALA D 1271 31.46 16.78 -32.76
N VAL D 1272 30.65 17.84 -32.72
CA VAL D 1272 29.71 18.17 -33.79
C VAL D 1272 30.01 19.58 -34.28
N GLN D 1273 30.09 19.74 -35.60
CA GLN D 1273 30.30 21.03 -36.25
C GLN D 1273 29.55 21.04 -37.57
N PRO D 1274 29.10 22.21 -38.03
CA PRO D 1274 28.40 22.26 -39.31
C PRO D 1274 29.30 21.88 -40.47
N THR D 1275 28.69 21.29 -41.50
CA THR D 1275 29.42 20.90 -42.68
C THR D 1275 29.91 22.13 -43.44
N GLU D 1276 30.92 21.91 -44.28
CA GLU D 1276 31.57 23.03 -44.96
C GLU D 1276 30.61 23.74 -45.91
N GLU D 1277 29.82 22.99 -46.68
CA GLU D 1277 28.92 23.59 -47.65
C GLU D 1277 27.84 24.44 -46.98
N ALA D 1278 27.24 23.94 -45.90
CA ALA D 1278 26.22 24.71 -45.20
C ALA D 1278 26.81 25.96 -44.57
N ARG D 1279 28.02 25.86 -43.99
CA ARG D 1279 28.66 27.03 -43.40
C ARG D 1279 28.98 28.07 -44.46
N ALA D 1280 29.44 27.62 -45.64
CA ALA D 1280 29.72 28.56 -46.73
C ALA D 1280 28.45 29.22 -47.24
N ALA D 1281 27.37 28.45 -47.38
CA ALA D 1281 26.12 29.01 -47.91
C ALA D 1281 25.56 30.06 -46.96
N ALA D 1282 25.58 29.80 -45.67
CA ALA D 1282 25.10 30.75 -44.67
C ALA D 1282 26.24 31.44 -43.95
N GLY E 27 7.73 6.97 -45.83
CA GLY E 27 6.65 6.11 -45.42
C GLY E 27 5.29 6.58 -45.90
N GLY E 28 4.24 5.87 -45.49
CA GLY E 28 2.89 6.26 -45.84
C GLY E 28 2.11 6.76 -44.65
N TYR E 29 2.79 7.52 -43.78
CA TYR E 29 2.19 8.04 -42.57
C TYR E 29 1.57 9.42 -42.83
N ASP E 30 0.65 9.80 -41.94
CA ASP E 30 0.14 11.15 -41.93
C ASP E 30 1.15 12.09 -41.28
N THR E 31 0.92 13.39 -41.40
CA THR E 31 1.88 14.35 -40.90
C THR E 31 1.99 14.25 -39.38
N PRO E 32 3.20 14.21 -38.83
CA PRO E 32 3.35 14.22 -37.37
C PRO E 32 3.03 15.58 -36.78
N LEU E 33 2.67 15.58 -35.51
CA LEU E 33 2.33 16.81 -34.80
C LEU E 33 3.14 16.91 -33.52
N GLY E 34 3.60 18.12 -33.23
CA GLY E 34 4.24 18.43 -31.97
C GLY E 34 5.62 17.85 -31.75
N ILE E 35 5.73 16.96 -30.76
CA ILE E 35 7.02 16.44 -30.32
C ILE E 35 7.50 15.26 -31.14
N THR E 36 6.65 14.68 -32.00
CA THR E 36 7.02 13.54 -32.82
C THR E 36 7.50 13.94 -34.21
N ASN E 37 7.91 15.20 -34.39
CA ASN E 37 8.45 15.68 -35.64
C ASN E 37 9.85 16.22 -35.41
N PRO E 38 10.86 15.79 -36.20
CA PRO E 38 10.81 14.84 -37.32
C PRO E 38 10.70 13.39 -36.86
N PRO E 39 10.20 12.51 -37.71
CA PRO E 39 10.09 11.10 -37.33
C PRO E 39 11.46 10.51 -37.01
N ILE E 40 11.51 9.70 -35.95
CA ILE E 40 12.80 9.22 -35.46
C ILE E 40 13.35 8.07 -36.30
N ASP E 41 12.50 7.39 -37.08
CA ASP E 41 12.99 6.33 -37.94
C ASP E 41 13.86 6.84 -39.07
N GLU E 42 13.75 8.13 -39.41
CA GLU E 42 14.68 8.76 -40.34
C GLU E 42 15.82 9.48 -39.65
N LEU E 43 15.59 9.98 -38.43
CA LEU E 43 16.68 10.57 -37.67
C LEU E 43 17.72 9.53 -37.28
N LEU E 44 17.31 8.27 -37.14
CA LEU E 44 18.22 7.20 -36.76
C LEU E 44 19.00 6.63 -37.93
N ASP E 45 18.75 7.13 -39.15
CA ASP E 45 19.52 6.70 -40.32
C ASP E 45 20.77 7.53 -40.55
N ARG E 46 20.95 8.61 -39.80
CA ARG E 46 22.12 9.47 -39.90
C ARG E 46 23.14 9.20 -38.80
N VAL E 47 22.84 8.27 -37.89
CA VAL E 47 23.62 8.05 -36.69
C VAL E 47 23.81 6.55 -36.51
N SER E 48 24.73 6.18 -35.61
CA SER E 48 25.07 4.78 -35.41
C SER E 48 24.10 4.08 -34.45
N SER E 49 23.64 4.80 -33.41
CA SER E 49 22.71 4.23 -32.45
C SER E 49 21.90 5.35 -31.83
N LYS E 50 20.96 4.98 -30.96
CA LYS E 50 20.10 5.97 -30.32
C LYS E 50 20.78 6.65 -29.14
N TYR E 51 21.98 6.22 -28.76
CA TYR E 51 22.71 6.87 -27.69
C TYR E 51 23.60 8.00 -28.17
N ALA E 52 23.91 8.05 -29.46
CA ALA E 52 24.71 9.13 -30.03
C ALA E 52 23.85 10.29 -30.50
N LEU E 53 22.60 10.04 -30.87
CA LEU E 53 21.70 11.11 -31.27
C LEU E 53 21.45 12.07 -30.11
N VAL E 54 21.35 11.54 -28.90
CA VAL E 54 21.11 12.39 -27.73
C VAL E 54 22.24 13.40 -27.58
N ILE E 55 23.49 12.94 -27.65
CA ILE E 55 24.62 13.84 -27.45
C ILE E 55 24.76 14.79 -28.64
N TYR E 56 24.51 14.30 -29.85
CA TYR E 56 24.53 15.14 -31.04
C TYR E 56 23.58 16.33 -30.88
N ALA E 57 22.31 16.04 -30.57
CA ALA E 57 21.32 17.09 -30.44
C ALA E 57 21.61 17.99 -29.25
N ALA E 58 22.04 17.42 -28.12
CA ALA E 58 22.27 18.20 -26.92
C ALA E 58 23.51 19.06 -27.00
N LYS E 59 24.43 18.77 -27.92
CA LYS E 59 25.56 19.67 -28.12
C LYS E 59 25.29 20.73 -29.19
N ARG E 60 24.43 20.42 -30.16
CA ARG E 60 24.04 21.46 -31.10
C ARG E 60 23.13 22.48 -30.43
N ALA E 61 22.26 22.03 -29.52
CA ALA E 61 21.37 22.96 -28.82
C ALA E 61 22.18 23.93 -27.97
N ARG E 62 23.21 23.42 -27.30
CA ARG E 62 24.07 24.29 -26.49
C ARG E 62 24.82 25.29 -27.36
N GLN E 63 25.28 24.86 -28.54
CA GLN E 63 25.94 25.81 -29.43
C GLN E 63 24.97 26.90 -29.88
N ILE E 64 23.73 26.53 -30.22
CA ILE E 64 22.74 27.52 -30.64
C ILE E 64 22.44 28.50 -29.51
N ASN E 65 22.29 28.00 -28.29
CA ASN E 65 22.01 28.87 -27.15
C ASN E 65 23.17 29.82 -26.88
N ASP E 66 24.40 29.33 -26.99
CA ASP E 66 25.56 30.20 -26.82
C ASP E 66 25.59 31.29 -27.88
N TYR E 67 25.28 30.93 -29.13
CA TYR E 67 25.20 31.93 -30.18
C TYR E 67 24.15 32.98 -29.88
N TYR E 68 22.97 32.55 -29.41
CA TYR E 68 21.90 33.50 -29.10
C TYR E 68 22.29 34.44 -27.98
N ASN E 69 22.95 33.92 -26.95
CA ASN E 69 23.27 34.71 -25.77
C ASN E 69 24.60 35.45 -25.87
N GLN E 70 25.36 35.24 -26.94
CA GLN E 70 26.59 35.99 -27.18
C GLN E 70 26.52 36.94 -28.36
N LEU E 71 25.46 36.86 -29.18
CA LEU E 71 25.37 37.72 -30.35
C LEU E 71 25.05 39.16 -29.95
N GLY E 72 24.24 39.35 -28.92
CA GLY E 72 23.85 40.67 -28.47
C GLY E 72 24.83 41.39 -27.58
N GLU E 73 25.98 40.78 -27.27
CA GLU E 73 26.95 41.38 -26.37
C GLU E 73 28.27 41.72 -27.05
N GLY E 74 28.91 40.76 -27.72
CA GLY E 74 30.21 40.99 -28.32
C GLY E 74 30.41 40.14 -29.55
N ILE E 75 31.63 39.64 -29.74
CA ILE E 75 32.01 38.85 -30.89
C ILE E 75 32.24 37.42 -30.44
N LEU E 76 31.66 36.46 -31.16
CA LEU E 76 31.73 35.05 -30.81
C LEU E 76 32.26 34.26 -32.00
N GLU E 77 32.36 32.94 -31.82
CA GLU E 77 32.95 32.06 -32.82
C GLU E 77 32.00 30.96 -33.27
N TYR E 78 30.79 30.89 -32.71
CA TYR E 78 29.86 29.83 -33.04
C TYR E 78 29.02 30.22 -34.26
N VAL E 79 28.22 29.27 -34.73
CA VAL E 79 27.39 29.45 -35.92
C VAL E 79 25.92 29.46 -35.50
N GLY E 80 25.15 30.36 -36.11
CA GLY E 80 23.75 30.47 -35.80
C GLY E 80 22.95 29.36 -36.45
N PRO E 81 21.63 29.39 -36.22
CA PRO E 81 20.76 28.37 -36.81
C PRO E 81 20.90 28.26 -38.32
N LEU E 82 21.32 27.09 -38.79
CA LEU E 82 21.51 26.86 -40.22
C LEU E 82 20.19 26.71 -40.97
N VAL E 83 19.06 26.60 -40.25
CA VAL E 83 17.75 26.51 -40.85
C VAL E 83 16.87 27.58 -40.24
N GLU E 84 15.85 27.99 -40.98
CA GLU E 84 15.03 29.12 -40.55
C GLU E 84 14.19 28.73 -39.33
N PRO E 85 14.31 29.44 -38.22
CA PRO E 85 13.51 29.12 -37.03
C PRO E 85 12.07 29.60 -37.18
N GLY E 86 11.30 29.36 -36.13
CA GLY E 86 9.91 29.79 -36.05
C GLY E 86 9.76 31.09 -35.32
N LEU E 87 8.66 31.22 -34.57
CA LEU E 87 8.42 32.42 -33.78
C LEU E 87 9.13 32.34 -32.44
N GLN E 88 8.80 31.33 -31.64
CA GLN E 88 9.50 31.05 -30.38
C GLN E 88 9.74 29.53 -30.33
N GLU E 89 10.87 29.11 -30.86
CA GLU E 89 11.20 27.70 -30.97
C GLU E 89 12.38 27.36 -30.06
N LYS E 90 12.30 26.19 -29.42
CA LYS E 90 13.39 25.75 -28.58
C LYS E 90 14.60 25.37 -29.43
N PRO E 91 15.81 25.60 -28.93
CA PRO E 91 17.01 25.23 -29.71
C PRO E 91 17.12 23.74 -29.98
N LEU E 92 16.51 22.88 -29.14
CA LEU E 92 16.54 21.44 -29.41
C LEU E 92 15.78 21.10 -30.68
N SER E 93 14.64 21.75 -30.92
CA SER E 93 13.88 21.49 -32.14
C SER E 93 14.66 21.94 -33.37
N ILE E 94 15.32 23.10 -33.30
CA ILE E 94 16.14 23.55 -34.42
C ILE E 94 17.30 22.59 -34.65
N ALA E 95 17.92 22.10 -33.57
CA ALA E 95 19.01 21.14 -33.71
C ALA E 95 18.55 19.86 -34.38
N LEU E 96 17.38 19.35 -33.99
CA LEU E 96 16.87 18.13 -34.60
C LEU E 96 16.51 18.35 -36.06
N ARG E 97 15.95 19.51 -36.39
CA ARG E 97 15.65 19.81 -37.79
C ARG E 97 16.93 19.93 -38.61
N GLU E 98 17.99 20.50 -38.03
CA GLU E 98 19.28 20.55 -38.71
C GLU E 98 19.85 19.16 -38.94
N ILE E 99 19.73 18.29 -37.95
CA ILE E 99 20.20 16.91 -38.10
C ILE E 99 19.44 16.20 -39.21
N HIS E 100 18.12 16.39 -39.25
CA HIS E 100 17.31 15.69 -40.25
C HIS E 100 17.58 16.17 -41.66
N ALA E 101 18.04 17.41 -41.82
CA ALA E 101 18.27 17.99 -43.14
C ALA E 101 19.69 17.74 -43.66
N ASP E 102 20.52 17.01 -42.91
CA ASP E 102 21.85 16.63 -43.36
C ASP E 102 22.75 17.86 -43.56
N LEU E 103 22.71 18.77 -42.59
CA LEU E 103 23.50 19.99 -42.65
C LEU E 103 24.67 20.00 -41.67
N LEU E 104 24.83 18.94 -40.87
CA LEU E 104 25.84 18.85 -39.84
C LEU E 104 26.68 17.59 -40.04
N GLU E 105 27.74 17.47 -39.25
CA GLU E 105 28.61 16.31 -39.28
C GLU E 105 29.25 16.15 -37.92
N HIS E 106 29.58 14.92 -37.57
CA HIS E 106 30.10 14.60 -36.25
C HIS E 106 31.05 13.42 -36.34
N THR E 107 31.93 13.33 -35.34
CA THR E 107 32.84 12.20 -35.21
C THR E 107 32.64 11.59 -33.83
N GLU E 108 32.94 10.29 -33.73
CA GLU E 108 32.70 9.54 -32.50
C GLU E 108 34.01 9.32 -31.75
N GLY E 109 33.95 9.42 -30.43
CA GLY E 109 35.11 9.22 -29.59
C GLY E 109 35.48 7.76 -29.44
N LYS F 3 33.29 -9.85 58.06
CA LYS F 3 34.40 -10.09 58.97
C LYS F 3 35.40 -8.95 58.93
N ASN F 4 35.39 -8.20 57.84
CA ASN F 4 36.25 -7.03 57.68
C ASN F 4 35.46 -5.91 57.02
N TRP F 5 36.06 -4.73 57.02
CA TRP F 5 35.51 -3.54 56.37
C TRP F 5 35.23 -3.78 54.89
N TYR F 6 33.98 -3.58 54.49
CA TYR F 6 33.54 -3.78 53.11
C TYR F 6 33.22 -2.44 52.46
N VAL F 7 32.79 -2.49 51.21
CA VAL F 7 32.43 -1.27 50.48
C VAL F 7 31.04 -1.41 49.87
N VAL F 8 30.34 -0.28 49.80
CA VAL F 8 28.99 -0.18 49.26
C VAL F 8 28.98 1.02 48.32
N HIS F 9 28.14 0.97 47.29
CA HIS F 9 28.16 2.00 46.26
C HIS F 9 26.80 2.70 46.22
N THR F 10 26.79 3.97 46.64
CA THR F 10 25.59 4.80 46.65
C THR F 10 25.54 5.63 45.37
N TYR F 11 24.58 6.55 45.31
CA TYR F 11 24.42 7.42 44.14
C TYR F 11 25.44 8.56 44.25
N SER F 12 25.27 9.59 43.43
CA SER F 12 26.10 10.80 43.51
C SER F 12 25.40 11.80 44.42
N GLY F 13 26.01 12.09 45.57
CA GLY F 13 25.42 13.00 46.52
C GLY F 13 24.55 12.35 47.57
N TYR F 14 24.35 11.04 47.50
CA TYR F 14 23.43 10.33 48.39
C TYR F 14 24.16 9.53 49.46
N GLU F 15 25.33 10.02 49.91
N GLU F 15 25.33 10.02 49.91
CA GLU F 15 26.10 9.29 50.90
CA GLU F 15 26.10 9.29 50.90
C GLU F 15 25.55 9.48 52.31
C GLU F 15 25.55 9.48 52.31
N ASN F 16 25.28 10.73 52.70
CA ASN F 16 24.82 10.99 54.05
C ASN F 16 23.40 10.48 54.28
N LYS F 17 22.60 10.38 53.22
CA LYS F 17 21.28 9.79 53.36
C LYS F 17 21.34 8.28 53.45
N VAL F 18 22.31 7.64 52.79
CA VAL F 18 22.48 6.21 52.97
C VAL F 18 23.00 5.91 54.37
N LYS F 19 23.93 6.75 54.86
CA LYS F 19 24.41 6.59 56.22
C LYS F 19 23.28 6.74 57.23
N ALA F 20 22.41 7.73 57.04
CA ALA F 20 21.32 7.96 57.99
C ALA F 20 20.32 6.81 57.95
N ASN F 21 19.86 6.45 56.74
CA ASN F 21 18.90 5.37 56.61
C ASN F 21 19.46 4.06 57.16
N LEU F 22 20.76 3.83 56.98
CA LEU F 22 21.35 2.59 57.47
C LEU F 22 21.44 2.59 58.99
N GLU F 23 21.84 3.72 59.58
CA GLU F 23 21.90 3.78 61.03
C GLU F 23 20.52 3.65 61.65
N LYS F 24 19.49 4.14 60.96
CA LYS F 24 18.12 3.96 61.45
C LYS F 24 17.67 2.51 61.31
N ARG F 25 17.96 1.88 60.18
CA ARG F 25 17.55 0.50 59.94
C ARG F 25 18.44 -0.50 60.67
N VAL F 26 19.47 -0.04 61.38
CA VAL F 26 20.24 -0.95 62.22
C VAL F 26 19.34 -1.49 63.33
N GLU F 27 18.57 -0.60 63.95
CA GLU F 27 17.68 -0.97 65.05
C GLU F 27 16.23 -1.11 64.59
N SER F 28 15.73 -0.13 63.82
CA SER F 28 14.34 -0.18 63.35
C SER F 28 14.02 -1.52 62.70
N MET F 29 14.92 -2.03 61.86
CA MET F 29 14.75 -3.32 61.22
C MET F 29 14.76 -4.41 62.30
N GLY F 30 15.93 -4.65 62.89
CA GLY F 30 16.03 -5.63 63.96
C GLY F 30 17.35 -6.35 64.06
N MET F 31 18.29 -6.05 63.16
CA MET F 31 19.58 -6.73 63.15
C MET F 31 20.58 -5.77 63.79
N GLN F 32 20.66 -5.81 65.11
CA GLN F 32 21.50 -4.90 65.87
C GLN F 32 22.89 -5.45 66.16
N ASP F 33 23.15 -6.72 65.85
CA ASP F 33 24.43 -7.35 66.12
C ASP F 33 25.17 -7.72 64.84
N LYS F 34 24.63 -7.33 63.69
CA LYS F 34 25.29 -7.60 62.40
C LYS F 34 26.15 -6.40 62.02
N ILE F 35 25.53 -5.30 61.61
CA ILE F 35 26.29 -4.10 61.31
C ILE F 35 26.81 -3.49 62.60
N PHE F 36 27.90 -2.74 62.49
CA PHE F 36 28.54 -2.17 63.67
C PHE F 36 28.79 -0.69 63.50
N ARG F 37 29.56 -0.32 62.48
CA ARG F 37 29.98 1.06 62.28
C ARG F 37 29.84 1.43 60.81
N VAL F 38 29.25 2.59 60.54
CA VAL F 38 29.09 3.10 59.18
C VAL F 38 29.91 4.37 59.08
N VAL F 39 30.82 4.41 58.12
CA VAL F 39 31.73 5.53 57.92
C VAL F 39 31.64 5.99 56.48
N VAL F 40 31.21 7.24 56.28
CA VAL F 40 31.20 7.85 54.95
C VAL F 40 32.52 8.62 54.81
N PRO F 41 33.48 8.10 54.04
CA PRO F 41 34.80 8.75 53.97
C PRO F 41 34.70 10.21 53.55
N GLU F 42 35.42 11.07 54.26
CA GLU F 42 35.37 12.51 54.05
C GLU F 42 36.69 13.10 54.52
N GLU F 43 37.10 14.21 53.90
CA GLU F 43 38.36 14.85 54.24
C GLU F 43 38.18 16.35 54.23
N GLU F 44 38.77 17.02 55.22
CA GLU F 44 38.62 18.46 55.38
C GLU F 44 39.44 19.15 54.28
N GLU F 45 38.75 19.66 53.27
CA GLU F 45 39.41 20.41 52.20
C GLU F 45 39.81 21.80 52.67
N THR F 46 41.11 22.04 52.76
CA THR F 46 41.60 23.33 53.24
C THR F 46 41.34 24.37 52.16
N ASP F 47 40.57 25.40 52.50
CA ASP F 47 40.23 26.44 51.54
C ASP F 47 39.49 27.55 52.27
N ILE F 48 39.70 28.78 51.81
CA ILE F 48 39.05 29.95 52.41
C ILE F 48 38.84 30.99 51.32
N LYS F 49 37.80 31.80 51.49
CA LYS F 49 37.48 32.90 50.58
C LYS F 49 37.70 34.21 51.34
N ASN F 50 38.96 34.63 51.42
CA ASN F 50 39.36 35.85 52.13
C ASN F 50 38.96 35.82 53.61
N GLY F 51 38.85 34.62 54.17
CA GLY F 51 38.51 34.47 55.57
C GLY F 51 37.31 33.57 55.79
N LYS F 52 36.23 33.81 55.04
CA LYS F 52 35.07 32.93 55.13
C LYS F 52 35.43 31.54 54.65
N LYS F 53 35.17 30.53 55.48
CA LYS F 53 35.58 29.19 55.11
C LYS F 53 34.43 28.47 54.41
N LYS F 54 34.75 27.36 53.78
CA LYS F 54 33.75 26.53 53.14
C LYS F 54 33.88 25.06 53.50
N VAL F 55 35.12 24.54 53.51
CA VAL F 55 35.42 23.13 53.75
C VAL F 55 34.54 22.30 52.82
N VAL F 56 34.90 22.28 51.53
CA VAL F 56 34.14 21.52 50.55
C VAL F 56 34.02 20.07 51.01
N LYS F 57 32.82 19.51 50.94
CA LYS F 57 32.65 18.13 51.38
C LYS F 57 33.26 17.21 50.34
N LYS F 58 34.59 17.25 50.21
CA LYS F 58 35.31 16.39 49.27
C LYS F 58 35.37 14.98 49.86
N LYS F 59 34.39 14.16 49.50
CA LYS F 59 34.44 12.76 49.87
C LYS F 59 35.62 12.09 49.18
N VAL F 60 36.51 11.49 49.96
CA VAL F 60 37.71 10.90 49.39
C VAL F 60 37.38 9.73 48.48
N PHE F 61 36.11 9.31 48.45
CA PHE F 61 35.65 8.26 47.55
C PHE F 61 34.23 8.61 47.16
N PRO F 62 34.07 9.46 46.14
CA PRO F 62 32.72 9.94 45.81
C PRO F 62 31.85 8.85 45.22
N GLY F 63 30.88 8.39 46.00
CA GLY F 63 29.92 7.39 45.57
C GLY F 63 29.96 6.14 46.41
N TYR F 64 30.91 6.00 47.33
CA TYR F 64 31.09 4.79 48.09
C TYR F 64 31.02 5.10 49.59
N VAL F 65 30.63 4.09 50.36
CA VAL F 65 30.54 4.20 51.81
C VAL F 65 31.04 2.91 52.43
N LEU F 66 32.26 2.92 52.96
CA LEU F 66 32.76 1.76 53.68
C LEU F 66 31.91 1.50 54.91
N VAL F 67 31.74 0.22 55.25
CA VAL F 67 30.87 -0.14 56.36
C VAL F 67 31.38 -1.41 57.02
N GLU F 68 31.85 -1.29 58.26
CA GLU F 68 32.35 -2.46 58.97
C GLU F 68 31.16 -3.34 59.34
N ILE F 69 31.21 -4.60 58.95
CA ILE F 69 30.05 -5.48 59.12
C ILE F 69 30.50 -6.93 59.09
N VAL F 70 29.68 -7.80 59.69
CA VAL F 70 29.86 -9.24 59.58
C VAL F 70 28.91 -9.63 58.45
N MET F 71 29.28 -10.64 57.68
CA MET F 71 28.46 -10.93 56.51
C MET F 71 28.17 -12.40 56.41
N THR F 72 26.88 -12.76 56.34
CA THR F 72 26.52 -14.16 56.22
C THR F 72 25.33 -14.31 55.29
N ASP F 73 24.11 -13.95 55.72
CA ASP F 73 22.98 -13.99 54.79
C ASP F 73 22.12 -12.73 54.69
N ASP F 74 21.50 -12.38 55.82
CA ASP F 74 20.72 -11.17 56.09
C ASP F 74 21.52 -9.87 56.09
N SER F 75 22.80 -9.91 56.39
CA SER F 75 23.61 -8.70 56.28
C SER F 75 23.69 -8.19 54.85
N TRP F 76 23.98 -9.05 53.87
CA TRP F 76 23.92 -8.61 52.49
C TRP F 76 22.57 -7.98 52.16
N TYR F 77 21.48 -8.61 52.61
CA TYR F 77 20.13 -8.13 52.30
C TYR F 77 19.85 -6.74 52.87
N VAL F 78 20.19 -6.50 54.14
CA VAL F 78 19.85 -5.22 54.75
C VAL F 78 20.65 -4.08 54.13
N VAL F 79 21.92 -4.32 53.81
CA VAL F 79 22.79 -3.25 53.31
C VAL F 79 22.80 -3.30 51.78
N ARG F 80 21.71 -3.80 51.19
CA ARG F 80 21.52 -3.76 49.75
C ARG F 80 20.15 -3.24 49.34
N ASN F 81 19.19 -3.15 50.25
CA ASN F 81 17.88 -2.62 49.92
C ASN F 81 17.64 -1.26 50.55
N THR F 82 18.63 -0.72 51.24
CA THR F 82 18.54 0.63 51.80
C THR F 82 18.16 1.63 50.70
N PRO F 83 17.23 2.54 50.96
CA PRO F 83 16.85 3.53 49.95
C PRO F 83 17.99 4.43 49.50
N GLY F 84 18.83 3.93 48.59
CA GLY F 84 19.94 4.70 48.06
C GLY F 84 21.14 3.89 47.59
N VAL F 85 21.49 2.82 48.29
CA VAL F 85 22.66 2.04 47.89
C VAL F 85 22.37 1.32 46.58
N THR F 86 23.39 1.23 45.73
CA THR F 86 23.25 0.54 44.44
C THR F 86 23.79 -0.88 44.47
N GLY F 87 24.88 -1.14 45.19
CA GLY F 87 25.37 -2.50 45.29
C GLY F 87 26.52 -2.59 46.28
N PHE F 88 27.07 -3.80 46.36
CA PHE F 88 28.22 -4.07 47.23
C PHE F 88 29.49 -4.16 46.37
N VAL F 89 29.96 -2.98 45.94
CA VAL F 89 31.18 -2.87 45.15
C VAL F 89 32.28 -3.75 45.73
N GLY F 90 32.75 -4.70 44.93
CA GLY F 90 33.78 -5.63 45.32
C GLY F 90 33.37 -7.03 44.94
N SER F 91 34.14 -7.71 44.10
CA SER F 91 33.70 -9.02 43.63
C SER F 91 34.78 -9.66 42.77
N ALA F 92 34.71 -10.99 42.67
CA ALA F 92 35.64 -11.80 41.91
C ALA F 92 35.01 -12.28 40.62
N GLY F 93 34.02 -11.56 40.10
CA GLY F 93 33.38 -11.87 38.84
C GLY F 93 31.89 -12.13 38.96
N SER F 94 31.46 -12.73 40.07
CA SER F 94 30.05 -13.07 40.26
C SER F 94 29.52 -12.64 41.63
N GLY F 95 30.26 -11.80 42.35
CA GLY F 95 29.94 -11.38 43.70
C GLY F 95 29.34 -12.41 44.63
N SER F 96 29.96 -13.59 44.72
CA SER F 96 29.41 -14.66 45.54
C SER F 96 29.86 -14.58 47.00
N LYS F 97 30.86 -13.74 47.29
CA LYS F 97 31.39 -13.48 48.62
C LYS F 97 32.27 -12.24 48.54
N PRO F 98 31.68 -11.03 48.61
CA PRO F 98 32.46 -9.78 48.50
C PRO F 98 33.85 -9.83 49.11
N THR F 99 34.84 -9.32 48.39
CA THR F 99 36.21 -9.33 48.87
C THR F 99 36.42 -8.18 49.85
N PRO F 100 36.96 -8.45 51.03
CA PRO F 100 37.11 -7.39 52.04
C PRO F 100 38.34 -6.53 51.76
N LEU F 101 38.27 -5.30 52.26
CA LEU F 101 39.38 -4.38 52.12
C LEU F 101 40.60 -4.91 52.87
N LEU F 102 41.77 -4.61 52.33
CA LEU F 102 43.01 -5.16 52.90
C LEU F 102 43.42 -4.33 54.12
N PRO F 103 43.80 -4.99 55.23
CA PRO F 103 44.22 -4.30 56.45
C PRO F 103 44.94 -2.97 56.23
N GLY F 104 46.04 -2.99 55.49
CA GLY F 104 46.84 -1.80 55.28
C GLY F 104 46.01 -0.65 54.74
N GLU F 105 45.51 -0.79 53.51
CA GLU F 105 44.72 0.26 52.89
C GLU F 105 43.57 0.71 53.77
N ALA F 106 42.92 -0.23 54.45
CA ALA F 106 41.80 0.14 55.32
C ALA F 106 42.29 1.04 56.45
N GLU F 107 43.46 0.74 57.02
CA GLU F 107 43.98 1.55 58.10
C GLU F 107 44.37 2.94 57.61
N THR F 108 45.02 3.01 56.44
CA THR F 108 45.44 4.31 55.95
C THR F 108 44.26 5.14 55.43
N ILE F 109 43.13 4.50 55.15
CA ILE F 109 41.92 5.25 54.83
C ILE F 109 41.26 5.75 56.11
N LEU F 110 41.16 4.90 57.12
CA LEU F 110 40.58 5.34 58.39
C LEU F 110 41.42 6.41 59.08
N LYS F 111 42.74 6.41 58.84
CA LYS F 111 43.60 7.37 59.49
C LYS F 111 43.58 8.74 58.81
N ARG F 112 43.28 8.80 57.52
CA ARG F 112 43.16 10.07 56.83
C ARG F 112 41.94 10.83 57.36
MG MG J . -6.43 0.46 -8.35
ZN ZN K . 30.72 -12.81 -27.50
ZN ZN L . 36.19 37.58 21.75
#